data_5O68
#
_entry.id   5O68
#
_cell.length_a   80.587
_cell.length_b   125.708
_cell.length_c   142.667
_cell.angle_alpha   87.09
_cell.angle_beta   84.70
_cell.angle_gamma   89.92
#
_symmetry.space_group_name_H-M   'P 1'
#
loop_
_entity.id
_entity.type
_entity.pdbx_description
1 polymer FapF
2 non-polymer (HYDROXYETHYLOXY)TRI(ETHYLOXY)OCTANE
3 non-polymer 'LAURYL DIMETHYLAMINE-N-OXIDE'
#
_entity_poly.entity_id   1
_entity_poly.type   'polypeptide(L)'
_entity_poly.pdbx_seq_one_letter_code
;TSHHHHHHGTKDDSEPAQSVSNLYNEASGFFGNGKFSFETGITYARYDARQLTLNGFLALDSIFLGNINLDRIKADNWTL
DLTGAYNLDNRWQFDVNVPVVYRESTYQSGGASGGDPQATSEESVSRDPTIGDVNFGIAYKFLDESATMPDAVVSVRVKA
PTGKEPFGIKLVRSTANDNLYVPESLPTGNGVWSITPGLSMVKTFDPAVLFGSVSYTHNLEDSFDDISSDVNQKVGGKVR
LGDSFQFGVGVAFALNERMSMSFSVSDLIQRKSKLKPDGGGWQSIVSSDANAGYFNVGMTIAASENLTIVPNLAIGMTDD
APDFTFSLKFPYYF
;
_entity_poly.pdbx_strand_id   A,B,C,D,E,F,G,H,I,J,K,L
#
loop_
_chem_comp.id
_chem_comp.type
_chem_comp.name
_chem_comp.formula
C8E non-polymer (HYDROXYETHYLOXY)TRI(ETHYLOXY)OCTANE 'C16 H34 O5'
LDA non-polymer 'LAURYL DIMETHYLAMINE-N-OXIDE' 'C14 H31 N O'
#
# COMPACT_ATOMS: atom_id res chain seq x y z
N PRO A 16 10.58 25.37 -57.22
CA PRO A 16 9.19 25.27 -56.76
C PRO A 16 9.02 25.78 -55.32
N ALA A 17 8.61 27.05 -55.20
CA ALA A 17 8.60 27.74 -53.90
C ALA A 17 7.74 27.02 -52.87
N GLN A 18 8.13 27.17 -51.62
CA GLN A 18 7.55 26.37 -50.54
C GLN A 18 6.06 26.58 -50.26
N SER A 19 5.56 27.78 -50.54
CA SER A 19 4.11 28.06 -50.46
C SER A 19 3.30 27.15 -51.36
N VAL A 20 3.75 27.04 -52.61
CA VAL A 20 3.12 26.19 -53.62
C VAL A 20 3.24 24.69 -53.25
N SER A 21 4.47 24.28 -52.89
CA SER A 21 4.74 22.89 -52.57
C SER A 21 4.14 22.43 -51.25
N ASN A 22 4.11 23.28 -50.22
CA ASN A 22 3.31 23.01 -49.01
C ASN A 22 1.78 22.94 -49.30
N LEU A 23 1.31 23.92 -50.06
CA LEU A 23 -0.07 23.95 -50.54
C LEU A 23 -0.44 22.66 -51.26
N TYR A 24 0.38 22.22 -52.21
CA TYR A 24 0.15 20.96 -52.96
C TYR A 24 0.18 19.70 -52.08
N ASN A 25 1.11 19.62 -51.14
CA ASN A 25 1.18 18.48 -50.23
C ASN A 25 -0.13 18.38 -49.49
N GLU A 26 -0.48 19.45 -48.80
CA GLU A 26 -1.70 19.54 -47.99
C GLU A 26 -2.97 19.13 -48.73
N ALA A 27 -3.16 19.68 -49.92
CA ALA A 27 -4.30 19.39 -50.75
C ALA A 27 -4.21 17.98 -51.30
N SER A 28 -3.11 17.65 -51.99
CA SER A 28 -2.99 16.37 -52.74
C SER A 28 -2.87 15.11 -51.88
N GLY A 29 -2.57 15.27 -50.59
CA GLY A 29 -2.52 14.13 -49.64
C GLY A 29 -1.31 13.25 -49.82
N PHE A 30 -0.27 13.84 -50.39
CA PHE A 30 0.83 13.14 -50.98
C PHE A 30 2.06 13.96 -50.68
N PHE A 31 2.64 13.70 -49.48
CA PHE A 31 3.86 14.37 -48.97
C PHE A 31 5.03 14.05 -49.89
N GLY A 32 5.09 14.83 -50.97
CA GLY A 32 6.03 14.68 -52.08
C GLY A 32 6.78 15.97 -52.34
N ASN A 33 7.41 16.48 -51.27
CA ASN A 33 8.45 17.52 -51.32
C ASN A 33 9.86 16.91 -51.15
N GLY A 34 10.02 15.96 -50.21
CA GLY A 34 11.30 15.26 -49.95
C GLY A 34 11.28 13.74 -50.18
N LYS A 35 12.03 12.98 -49.35
CA LYS A 35 12.05 11.50 -49.45
C LYS A 35 11.42 10.80 -48.22
N PHE A 36 11.56 11.36 -47.03
CA PHE A 36 10.82 10.84 -45.87
C PHE A 36 10.08 11.99 -45.25
N SER A 37 9.16 11.72 -44.34
CA SER A 37 8.41 12.78 -43.65
C SER A 37 7.69 12.30 -42.39
N PHE A 38 7.91 13.04 -41.31
CA PHE A 38 7.28 12.81 -40.03
C PHE A 38 6.54 14.09 -39.70
N GLU A 39 5.43 13.98 -38.96
CA GLU A 39 4.49 15.09 -38.76
C GLU A 39 3.78 14.92 -37.43
N THR A 40 3.87 15.93 -36.59
CA THR A 40 3.04 15.98 -35.39
C THR A 40 1.84 16.88 -35.63
N GLY A 41 0.66 16.41 -35.25
CA GLY A 41 -0.56 17.21 -35.31
C GLY A 41 -1.28 17.22 -33.97
N ILE A 42 -1.90 18.34 -33.64
CA ILE A 42 -2.74 18.44 -32.45
C ILE A 42 -4.09 19.08 -32.87
N THR A 43 -5.20 18.43 -32.49
CA THR A 43 -6.53 18.78 -32.99
C THR A 43 -7.56 18.86 -31.85
N TYR A 44 -8.01 20.08 -31.52
CA TYR A 44 -9.10 20.28 -30.58
C TYR A 44 -10.42 20.21 -31.33
N ALA A 45 -11.42 19.57 -30.72
CA ALA A 45 -12.80 19.59 -31.22
C ALA A 45 -13.83 19.78 -30.09
N ARG A 46 -14.91 20.48 -30.39
CA ARG A 46 -15.88 20.94 -29.39
C ARG A 46 -17.29 20.49 -29.84
N TYR A 47 -17.89 19.59 -29.05
CA TYR A 47 -19.22 18.99 -29.33
C TYR A 47 -20.30 19.61 -28.41
N ASP A 48 -21.41 20.06 -29.00
CA ASP A 48 -22.55 20.57 -28.23
C ASP A 48 -23.88 20.06 -28.79
N ILE A 73 -25.26 17.01 -23.48
CA ILE A 73 -23.85 16.67 -23.66
C ILE A 73 -22.95 17.82 -24.20
N LYS A 74 -22.23 18.48 -23.27
CA LYS A 74 -21.04 19.28 -23.60
C LYS A 74 -19.86 18.30 -23.72
N ALA A 75 -18.92 18.56 -24.64
CA ALA A 75 -17.78 17.63 -24.85
C ALA A 75 -16.53 18.23 -25.51
N ASP A 76 -15.39 18.12 -24.79
CA ASP A 76 -14.06 18.60 -25.22
C ASP A 76 -13.11 17.43 -25.56
N ASN A 77 -12.64 17.38 -26.80
CA ASN A 77 -11.83 16.26 -27.31
C ASN A 77 -10.58 16.78 -27.98
N TRP A 78 -9.43 16.38 -27.46
CA TRP A 78 -8.12 16.68 -28.08
C TRP A 78 -7.58 15.43 -28.74
N THR A 79 -6.71 15.62 -29.73
CA THR A 79 -6.20 14.52 -30.52
C THR A 79 -4.78 14.77 -31.00
N LEU A 80 -3.80 14.11 -30.39
CA LEU A 80 -2.43 14.12 -30.92
C LEU A 80 -2.29 13.07 -32.03
N ASP A 81 -1.96 13.50 -33.23
CA ASP A 81 -1.61 12.59 -34.31
C ASP A 81 -0.09 12.49 -34.44
N LEU A 82 0.37 11.29 -34.81
CA LEU A 82 1.76 11.02 -35.15
C LEU A 82 1.77 10.31 -36.50
N THR A 83 2.55 10.80 -37.47
CA THR A 83 2.44 10.27 -38.85
C THR A 83 3.73 10.33 -39.65
N GLY A 84 4.19 9.17 -40.11
CA GLY A 84 5.46 9.04 -40.80
C GLY A 84 5.17 8.57 -42.19
N ALA A 85 5.94 9.04 -43.17
CA ALA A 85 5.81 8.58 -44.57
C ALA A 85 7.13 8.59 -45.32
N TYR A 86 7.32 7.60 -46.20
CA TYR A 86 8.52 7.54 -47.06
C TYR A 86 8.08 7.53 -48.53
N ASN A 87 9.01 7.91 -49.42
CA ASN A 87 8.77 7.97 -50.87
C ASN A 87 9.75 7.09 -51.69
N LEU A 88 9.20 6.36 -52.66
CA LEU A 88 9.98 5.58 -53.64
C LEU A 88 9.60 6.03 -55.07
N ASP A 89 10.62 6.36 -55.87
CA ASP A 89 10.52 6.75 -57.32
C ASP A 89 9.76 8.07 -57.61
N ASN A 90 9.73 8.99 -56.65
CA ASN A 90 8.91 10.23 -56.72
C ASN A 90 7.38 10.04 -56.83
N ARG A 91 6.93 8.78 -56.91
CA ARG A 91 5.64 8.38 -57.48
C ARG A 91 4.78 7.56 -56.50
N TRP A 92 5.40 6.73 -55.65
CA TRP A 92 4.70 5.96 -54.62
C TRP A 92 4.97 6.50 -53.21
N GLN A 93 3.95 6.46 -52.36
CA GLN A 93 4.04 6.89 -50.96
C GLN A 93 3.38 5.87 -50.02
N PHE A 94 4.05 5.62 -48.89
CA PHE A 94 3.58 4.72 -47.82
C PHE A 94 3.66 5.46 -46.49
N ASP A 95 2.72 5.22 -45.57
CA ASP A 95 2.69 5.94 -44.28
C ASP A 95 1.84 5.29 -43.20
N VAL A 96 2.28 5.42 -41.95
CA VAL A 96 1.47 5.04 -40.80
C VAL A 96 1.06 6.31 -40.06
N ASN A 97 -0.07 6.20 -39.38
CA ASN A 97 -0.61 7.25 -38.54
C ASN A 97 -1.06 6.63 -37.22
N VAL A 98 -0.67 7.25 -36.13
CA VAL A 98 -1.05 6.80 -34.81
C VAL A 98 -1.79 7.93 -34.09
N PRO A 99 -3.10 7.76 -33.85
CA PRO A 99 -3.82 8.82 -33.16
C PRO A 99 -3.83 8.60 -31.66
N VAL A 100 -3.92 9.68 -30.91
CA VAL A 100 -3.84 9.62 -29.46
C VAL A 100 -4.88 10.57 -28.91
N VAL A 101 -5.69 10.07 -27.98
CA VAL A 101 -6.99 10.62 -27.72
C VAL A 101 -7.27 10.82 -26.25
N TYR A 102 -7.36 12.09 -25.86
CA TYR A 102 -7.96 12.51 -24.60
C TYR A 102 -9.37 13.01 -24.95
N ARG A 103 -10.28 12.89 -23.98
CA ARG A 103 -11.72 13.06 -24.23
C ARG A 103 -12.50 13.26 -22.92
N GLU A 104 -13.05 14.45 -22.70
CA GLU A 104 -13.90 14.71 -21.52
C GLU A 104 -15.31 15.10 -21.96
N SER A 105 -16.30 14.26 -21.65
CA SER A 105 -17.72 14.49 -21.95
C SER A 105 -18.50 14.77 -20.67
N THR A 106 -19.41 15.75 -20.70
CA THR A 106 -20.22 16.19 -19.54
C THR A 106 -21.74 16.02 -19.78
N TYR A 107 -22.43 15.29 -18.90
CA TYR A 107 -23.86 14.92 -19.04
C TYR A 107 -24.69 15.53 -17.92
N SER A 121 -28.06 17.90 -12.00
CA SER A 121 -28.31 18.25 -13.39
C SER A 121 -27.15 17.90 -14.35
N GLU A 122 -25.90 17.85 -13.86
CA GLU A 122 -24.74 17.45 -14.69
C GLU A 122 -23.59 16.71 -13.97
N GLU A 123 -22.94 15.84 -14.74
CA GLU A 123 -21.92 14.87 -14.28
C GLU A 123 -20.88 14.69 -15.40
N SER A 124 -19.60 14.50 -15.04
CA SER A 124 -18.50 14.45 -16.01
C SER A 124 -17.99 13.04 -16.21
N VAL A 125 -17.40 12.80 -17.38
CA VAL A 125 -16.80 11.49 -17.76
C VAL A 125 -15.47 11.75 -18.49
N SER A 126 -14.53 10.82 -18.36
CA SER A 126 -13.20 11.02 -18.97
C SER A 126 -12.61 9.78 -19.64
N ARG A 127 -11.62 10.06 -20.47
CA ARG A 127 -10.80 9.05 -21.16
C ARG A 127 -9.42 9.67 -21.34
N ASP A 128 -8.41 9.11 -20.67
CA ASP A 128 -7.06 9.69 -20.65
C ASP A 128 -6.22 9.20 -21.83
N PRO A 129 -5.21 10.00 -22.26
CA PRO A 129 -4.59 9.78 -23.58
C PRO A 129 -4.27 8.33 -23.94
N THR A 130 -5.18 7.68 -24.66
CA THR A 130 -4.98 6.34 -25.22
C THR A 130 -4.88 6.46 -26.74
N ILE A 131 -4.39 5.43 -27.42
CA ILE A 131 -4.67 5.30 -28.87
C ILE A 131 -6.20 5.12 -29.02
N GLY A 132 -6.81 5.37 -30.16
CA GLY A 132 -6.20 5.58 -31.47
C GLY A 132 -6.68 4.40 -32.28
N ASP A 133 -7.25 4.63 -33.46
CA ASP A 133 -7.31 3.60 -34.49
C ASP A 133 -6.18 3.85 -35.46
N VAL A 134 -5.20 2.95 -35.44
CA VAL A 134 -4.02 3.05 -36.28
C VAL A 134 -4.46 2.75 -37.71
N ASN A 135 -3.94 3.54 -38.63
CA ASN A 135 -4.24 3.40 -40.06
C ASN A 135 -2.98 3.58 -40.84
N PHE A 136 -2.90 2.86 -41.96
CA PHE A 136 -1.79 2.99 -42.87
C PHE A 136 -2.34 3.25 -44.24
N GLY A 137 -1.66 4.10 -45.00
CA GLY A 137 -2.06 4.41 -46.36
C GLY A 137 -1.06 3.93 -47.37
N ILE A 138 -1.52 3.64 -48.59
CA ILE A 138 -0.65 3.57 -49.75
C ILE A 138 -1.25 4.56 -50.72
N ALA A 139 -0.40 5.27 -51.47
CA ALA A 139 -0.85 6.28 -52.44
C ALA A 139 -0.05 6.25 -53.74
N TYR A 140 -0.73 6.61 -54.82
CA TYR A 140 -0.14 6.52 -56.15
C TYR A 140 -0.51 7.70 -57.07
N LYS A 141 0.50 8.50 -57.43
CA LYS A 141 0.31 9.66 -58.29
C LYS A 141 0.22 9.23 -59.76
N PHE A 142 -0.99 8.89 -60.20
CA PHE A 142 -1.14 8.39 -61.58
C PHE A 142 -1.06 9.44 -62.68
N LEU A 143 -1.30 10.71 -62.34
CA LEU A 143 -1.16 11.81 -63.32
C LEU A 143 -0.32 12.92 -62.75
N ASP A 144 0.73 13.31 -63.47
CA ASP A 144 1.51 14.52 -63.17
C ASP A 144 0.91 15.67 -63.96
N GLU A 145 0.78 16.83 -63.32
CA GLU A 145 0.08 17.98 -63.93
C GLU A 145 0.78 18.52 -65.20
N SER A 146 -0.06 18.98 -66.14
CA SER A 146 0.37 19.64 -67.36
C SER A 146 -0.61 20.76 -67.59
N ALA A 147 -0.48 21.47 -68.70
CA ALA A 147 -1.50 22.44 -69.12
C ALA A 147 -2.85 21.75 -69.30
N THR A 148 -2.88 20.65 -70.06
CA THR A 148 -4.11 19.88 -70.30
C THR A 148 -4.59 19.04 -69.10
N MET A 149 -3.66 18.58 -68.24
CA MET A 149 -3.99 17.61 -67.16
C MET A 149 -3.91 18.20 -65.75
N PRO A 150 -4.55 17.54 -64.77
CA PRO A 150 -4.33 17.89 -63.39
C PRO A 150 -3.32 16.96 -62.77
N ASP A 151 -2.99 17.22 -61.51
CA ASP A 151 -2.31 16.28 -60.65
C ASP A 151 -3.41 15.37 -60.15
N ALA A 152 -3.12 14.08 -60.04
CA ALA A 152 -4.12 13.09 -59.60
C ALA A 152 -3.47 11.95 -58.82
N VAL A 153 -4.16 11.53 -57.77
CA VAL A 153 -3.63 10.58 -56.82
C VAL A 153 -4.74 9.64 -56.35
N VAL A 154 -4.58 8.35 -56.66
CA VAL A 154 -5.42 7.30 -56.10
C VAL A 154 -4.72 6.80 -54.86
N SER A 155 -5.48 6.32 -53.89
CA SER A 155 -4.92 5.81 -52.64
C SER A 155 -5.84 4.79 -52.00
N VAL A 156 -5.32 4.10 -50.99
CA VAL A 156 -6.09 3.18 -50.19
C VAL A 156 -5.64 3.28 -48.74
N ARG A 157 -6.61 3.37 -47.84
CA ARG A 157 -6.35 3.60 -46.43
C ARG A 157 -7.09 2.53 -45.62
N VAL A 158 -6.33 1.52 -45.24
CA VAL A 158 -6.78 0.49 -44.30
C VAL A 158 -6.62 1.05 -42.89
N LYS A 159 -7.63 0.82 -42.05
CA LYS A 159 -7.61 1.31 -40.67
C LYS A 159 -8.07 0.20 -39.78
N ALA A 160 -7.37 0.03 -38.65
CA ALA A 160 -7.60 -1.09 -37.74
C ALA A 160 -8.13 -0.69 -36.35
N PRO A 161 -8.96 -1.56 -35.73
CA PRO A 161 -9.67 -1.30 -34.49
C PRO A 161 -8.78 -1.40 -33.24
N THR A 162 -7.78 -0.53 -33.15
CA THR A 162 -6.80 -0.59 -32.06
C THR A 162 -7.39 0.12 -30.85
N GLY A 163 -8.09 1.24 -31.08
CA GLY A 163 -8.76 2.01 -30.03
C GLY A 163 -9.78 1.23 -29.22
N LYS A 164 -10.22 1.86 -28.12
CA LYS A 164 -11.18 1.26 -27.21
C LYS A 164 -12.54 1.19 -27.93
N GLU A 165 -13.16 0.02 -27.90
CA GLU A 165 -14.42 -0.25 -28.60
C GLU A 165 -15.61 0.48 -27.93
N PRO A 166 -16.57 1.03 -28.74
CA PRO A 166 -17.77 1.66 -28.16
C PRO A 166 -18.81 0.67 -27.67
N PHE A 167 -18.70 -0.60 -28.08
CA PHE A 167 -19.66 -1.66 -27.73
C PHE A 167 -19.31 -2.21 -26.35
N GLY A 168 -20.33 -2.63 -25.61
CA GLY A 168 -20.15 -3.16 -24.26
C GLY A 168 -19.97 -2.12 -23.15
N ILE A 169 -20.08 -0.85 -23.51
CA ILE A 169 -19.94 0.23 -22.54
C ILE A 169 -21.24 0.35 -21.71
N LYS A 170 -21.20 -0.08 -20.45
CA LYS A 170 -22.39 -0.05 -19.58
C LYS A 170 -22.73 1.39 -19.10
N LEU A 171 -23.83 1.57 -18.33
CA LEU A 171 -24.38 2.93 -17.97
C LEU A 171 -24.66 3.25 -16.46
N VAL A 172 -23.65 3.07 -15.61
CA VAL A 172 -23.69 3.54 -14.21
C VAL A 172 -23.57 5.07 -14.12
N TYR A 181 -28.39 9.12 -17.04
CA TYR A 181 -27.29 8.13 -16.98
C TYR A 181 -26.05 8.58 -17.76
N VAL A 182 -24.88 8.18 -17.26
CA VAL A 182 -23.58 8.56 -17.83
C VAL A 182 -22.72 7.30 -18.02
N PRO A 183 -22.13 7.11 -19.24
CA PRO A 183 -21.15 6.03 -19.51
C PRO A 183 -20.04 5.79 -18.44
N GLU A 184 -19.64 4.54 -18.26
CA GLU A 184 -18.51 4.18 -17.39
C GLU A 184 -17.16 4.40 -18.06
N SER A 185 -17.16 4.51 -19.39
CA SER A 185 -16.01 5.01 -20.14
C SER A 185 -16.45 5.58 -21.51
N LEU A 186 -15.52 6.26 -22.18
CA LEU A 186 -15.71 6.75 -23.54
C LEU A 186 -14.80 5.94 -24.48
N PRO A 187 -15.24 5.72 -25.74
CA PRO A 187 -14.43 5.00 -26.74
C PRO A 187 -13.27 5.82 -27.29
N THR A 188 -12.55 5.24 -28.24
CA THR A 188 -11.48 5.94 -28.98
C THR A 188 -11.33 5.42 -30.44
N GLY A 189 -12.38 4.83 -30.98
CA GLY A 189 -12.27 4.09 -32.22
C GLY A 189 -13.55 3.32 -32.38
N ASN A 190 -14.01 3.14 -33.61
CA ASN A 190 -15.35 2.56 -33.84
C ASN A 190 -15.41 1.02 -33.71
N GLY A 191 -14.24 0.38 -33.61
CA GLY A 191 -14.16 -1.03 -33.23
C GLY A 191 -14.11 -2.01 -34.39
N VAL A 192 -14.12 -1.51 -35.61
CA VAL A 192 -14.07 -2.37 -36.80
C VAL A 192 -12.94 -2.00 -37.76
N TRP A 193 -12.73 -2.89 -38.74
CA TRP A 193 -11.77 -2.67 -39.80
C TRP A 193 -12.45 -1.87 -40.88
N SER A 194 -11.75 -0.87 -41.41
CA SER A 194 -12.21 -0.10 -42.55
C SER A 194 -11.24 -0.30 -43.69
N ILE A 195 -11.70 -0.13 -44.91
CA ILE A 195 -10.81 0.07 -46.06
C ILE A 195 -11.41 1.19 -46.92
N THR A 196 -10.60 2.23 -47.15
CA THR A 196 -11.05 3.47 -47.79
C THR A 196 -10.25 3.76 -49.05
N PRO A 197 -10.78 3.38 -50.21
CA PRO A 197 -10.21 3.94 -51.43
C PRO A 197 -10.62 5.41 -51.63
N GLY A 198 -9.76 6.17 -52.31
CA GLY A 198 -9.92 7.61 -52.46
C GLY A 198 -9.16 8.16 -53.65
N LEU A 199 -9.71 9.25 -54.20
CA LEU A 199 -9.16 10.00 -55.33
C LEU A 199 -9.01 11.50 -54.97
N SER A 200 -7.97 12.17 -55.50
CA SER A 200 -7.82 13.62 -55.30
C SER A 200 -7.21 14.37 -56.48
N MET A 201 -7.92 15.38 -56.97
CA MET A 201 -7.38 16.27 -57.98
C MET A 201 -6.80 17.52 -57.39
N VAL A 202 -5.77 18.03 -58.04
CA VAL A 202 -5.23 19.35 -57.77
C VAL A 202 -4.68 19.93 -59.07
N LYS A 203 -5.02 21.18 -59.34
CA LYS A 203 -4.48 21.85 -60.50
C LYS A 203 -4.38 23.33 -60.22
N THR A 204 -3.18 23.82 -60.40
CA THR A 204 -2.91 25.22 -60.48
C THR A 204 -3.53 25.76 -61.75
N PHE A 205 -4.39 26.76 -61.57
CA PHE A 205 -4.78 27.73 -62.59
C PHE A 205 -4.40 29.12 -62.03
N ASP A 206 -3.14 29.51 -62.23
CA ASP A 206 -2.57 30.78 -61.69
C ASP A 206 -3.60 31.89 -61.40
N PRO A 207 -3.81 32.35 -60.17
CA PRO A 207 -3.11 32.00 -58.92
C PRO A 207 -3.92 31.13 -57.95
N ALA A 208 -5.10 30.72 -58.40
CA ALA A 208 -5.93 29.78 -57.66
C ALA A 208 -5.47 28.35 -57.98
N VAL A 209 -5.17 27.57 -56.94
CA VAL A 209 -5.05 26.14 -57.09
C VAL A 209 -6.40 25.59 -56.69
N LEU A 210 -7.13 25.08 -57.68
CA LEU A 210 -8.33 24.31 -57.41
C LEU A 210 -7.93 22.86 -57.09
N PHE A 211 -8.72 22.24 -56.23
CA PHE A 211 -8.44 20.90 -55.76
C PHE A 211 -9.71 20.27 -55.22
N GLY A 212 -9.77 18.94 -55.25
CA GLY A 212 -10.97 18.20 -54.81
C GLY A 212 -10.70 16.75 -54.54
N SER A 213 -11.70 16.03 -54.02
CA SER A 213 -11.48 14.68 -53.50
C SER A 213 -12.75 13.90 -53.17
N VAL A 214 -12.76 12.63 -53.57
CA VAL A 214 -13.83 11.70 -53.23
C VAL A 214 -13.21 10.50 -52.54
N SER A 215 -13.96 9.85 -51.68
CA SER A 215 -13.57 8.55 -51.15
C SER A 215 -14.78 7.81 -50.63
N TYR A 216 -14.63 6.49 -50.53
CA TYR A 216 -15.64 5.60 -50.02
C TYR A 216 -14.99 4.65 -48.99
N THR A 217 -15.67 4.48 -47.85
CA THR A 217 -15.18 3.71 -46.72
C THR A 217 -16.11 2.53 -46.49
N HIS A 218 -15.74 1.36 -46.99
CA HIS A 218 -16.39 0.14 -46.55
C HIS A 218 -15.86 -0.20 -45.16
N ASN A 219 -16.74 -0.45 -44.19
CA ASN A 219 -16.34 -1.15 -42.95
C ASN A 219 -16.52 -2.66 -43.12
N LEU A 220 -15.69 -3.44 -42.43
CA LEU A 220 -15.75 -4.90 -42.47
C LEU A 220 -16.57 -5.36 -41.26
N GLU A 221 -17.43 -6.36 -41.46
CA GLU A 221 -18.32 -6.88 -40.40
C GLU A 221 -17.45 -7.60 -39.36
N ASP A 222 -17.68 -7.32 -38.09
CA ASP A 222 -16.96 -7.99 -37.01
C ASP A 222 -17.98 -8.48 -35.95
N SER A 223 -17.57 -9.35 -35.03
CA SER A 223 -18.42 -9.83 -33.92
C SER A 223 -17.85 -9.33 -32.58
N PHE A 224 -18.67 -9.34 -31.51
CA PHE A 224 -18.26 -8.81 -30.19
C PHE A 224 -18.84 -9.58 -29.02
N ASP A 225 -18.01 -9.80 -27.99
CA ASP A 225 -18.41 -10.55 -26.80
C ASP A 225 -19.70 -9.99 -26.22
N ASP A 226 -19.71 -8.68 -25.98
CA ASP A 226 -20.84 -7.99 -25.32
C ASP A 226 -21.22 -6.73 -26.14
N ILE A 227 -22.52 -6.57 -26.45
CA ILE A 227 -23.03 -5.36 -27.12
C ILE A 227 -24.21 -4.69 -26.41
N SER A 228 -24.45 -5.05 -25.14
CA SER A 228 -25.53 -4.46 -24.36
C SER A 228 -24.97 -3.29 -23.57
N SER A 229 -25.57 -2.12 -23.75
CA SER A 229 -25.28 -0.97 -22.88
C SER A 229 -25.88 -1.15 -21.47
N ASP A 230 -26.86 -2.05 -21.33
CA ASP A 230 -27.49 -2.35 -20.04
C ASP A 230 -26.51 -3.01 -19.06
N VAL A 231 -26.52 -2.49 -17.83
CA VAL A 231 -25.58 -2.93 -16.79
C VAL A 231 -25.77 -4.39 -16.31
N ASN A 232 -26.86 -5.07 -16.71
CA ASN A 232 -27.07 -6.52 -16.45
C ASN A 232 -27.47 -7.32 -17.69
N GLN A 233 -26.49 -7.65 -18.53
CA GLN A 233 -26.73 -8.50 -19.71
C GLN A 233 -25.45 -8.61 -20.51
N LYS A 234 -25.02 -9.84 -20.82
CA LYS A 234 -23.84 -10.07 -21.66
C LYS A 234 -24.29 -10.43 -23.06
N VAL A 235 -25.24 -9.67 -23.60
CA VAL A 235 -25.88 -10.00 -24.88
C VAL A 235 -24.90 -9.78 -26.04
N GLY A 236 -24.26 -10.86 -26.48
CA GLY A 236 -23.34 -10.83 -27.62
C GLY A 236 -24.04 -10.69 -28.97
N GLY A 237 -23.35 -10.10 -29.94
CA GLY A 237 -23.87 -9.91 -31.29
C GLY A 237 -22.79 -9.65 -32.31
N LYS A 238 -23.20 -9.16 -33.47
CA LYS A 238 -22.25 -8.77 -34.52
C LYS A 238 -22.78 -7.55 -35.25
N VAL A 239 -21.87 -6.77 -35.83
CA VAL A 239 -22.15 -5.44 -36.34
C VAL A 239 -21.60 -5.17 -37.75
N ARG A 240 -22.50 -4.77 -38.66
CA ARG A 240 -22.15 -4.07 -39.91
C ARG A 240 -22.29 -2.57 -39.67
N LEU A 241 -21.20 -1.89 -39.31
CA LEU A 241 -21.18 -0.41 -39.32
C LEU A 241 -21.23 0.03 -40.78
N GLY A 242 -22.32 0.68 -41.17
CA GLY A 242 -22.61 0.92 -42.57
C GLY A 242 -21.63 1.84 -43.25
N ASP A 243 -21.62 1.80 -44.57
CA ASP A 243 -20.60 2.46 -45.36
C ASP A 243 -20.72 3.99 -45.36
N SER A 244 -19.66 4.65 -45.84
CA SER A 244 -19.66 6.09 -46.01
C SER A 244 -19.03 6.58 -47.33
N PHE A 245 -19.63 7.63 -47.88
CA PHE A 245 -19.14 8.34 -49.05
C PHE A 245 -18.65 9.68 -48.48
N GLN A 246 -17.50 10.18 -48.95
CA GLN A 246 -16.91 11.46 -48.46
C GLN A 246 -16.44 12.34 -49.59
N PHE A 247 -17.01 13.53 -49.67
CA PHE A 247 -16.80 14.43 -50.81
C PHE A 247 -16.29 15.76 -50.29
N GLY A 248 -15.37 16.36 -51.03
CA GLY A 248 -14.90 17.68 -50.69
C GLY A 248 -14.10 18.39 -51.76
N VAL A 249 -14.29 19.71 -51.82
CA VAL A 249 -13.56 20.58 -52.73
C VAL A 249 -13.19 21.92 -52.13
N GLY A 250 -12.34 22.64 -52.85
CA GLY A 250 -11.88 23.94 -52.42
C GLY A 250 -10.77 24.54 -53.28
N VAL A 251 -10.34 25.73 -52.87
CA VAL A 251 -9.41 26.53 -53.66
C VAL A 251 -8.35 27.11 -52.75
N ALA A 252 -7.09 27.10 -53.21
CA ALA A 252 -5.96 27.62 -52.43
C ALA A 252 -5.07 28.58 -53.23
N PHE A 253 -4.47 29.50 -52.50
CA PHE A 253 -3.63 30.54 -53.08
C PHE A 253 -2.27 30.53 -52.39
N ALA A 254 -1.24 30.72 -53.19
CA ALA A 254 0.10 30.97 -52.69
C ALA A 254 0.25 32.48 -52.39
N LEU A 255 -0.03 32.89 -51.16
CA LEU A 255 0.05 34.31 -50.76
C LEU A 255 1.43 34.98 -50.90
N ASN A 256 2.51 34.26 -50.66
CA ASN A 256 3.87 34.78 -50.83
C ASN A 256 4.86 33.62 -50.94
N GLU A 257 6.16 33.85 -51.01
CA GLU A 257 7.12 32.74 -51.14
C GLU A 257 6.95 31.65 -50.06
N ARG A 258 6.53 32.05 -48.85
CA ARG A 258 6.42 31.15 -47.68
C ARG A 258 5.00 30.71 -47.30
N MET A 259 4.00 31.58 -47.52
CA MET A 259 2.62 31.36 -47.03
C MET A 259 1.65 30.99 -48.11
N SER A 260 0.67 30.17 -47.73
CA SER A 260 -0.39 29.80 -48.62
C SER A 260 -1.68 29.77 -47.79
N MET A 261 -2.82 30.11 -48.40
CA MET A 261 -4.12 30.05 -47.73
C MET A 261 -5.13 29.22 -48.54
N SER A 262 -6.09 28.63 -47.83
CA SER A 262 -7.10 27.74 -48.43
C SER A 262 -8.51 27.90 -47.85
N PHE A 263 -9.48 27.91 -48.75
CA PHE A 263 -10.88 27.78 -48.40
C PHE A 263 -11.34 26.46 -48.99
N SER A 264 -12.17 25.74 -48.24
CA SER A 264 -12.66 24.42 -48.69
C SER A 264 -13.90 23.96 -47.95
N VAL A 265 -14.63 23.06 -48.60
CA VAL A 265 -15.85 22.47 -48.02
C VAL A 265 -15.84 20.96 -48.23
N SER A 266 -16.25 20.23 -47.20
CA SER A 266 -16.30 18.78 -47.27
C SER A 266 -17.52 18.27 -46.54
N ASP A 267 -17.99 17.14 -47.01
CA ASP A 267 -19.16 16.53 -46.46
C ASP A 267 -19.01 15.03 -46.49
N LEU A 268 -19.60 14.41 -45.48
CA LEU A 268 -19.41 13.00 -45.15
C LEU A 268 -20.77 12.38 -44.85
N ILE A 269 -21.07 11.31 -45.55
CA ILE A 269 -22.36 10.66 -45.43
C ILE A 269 -22.15 9.25 -44.94
N GLN A 270 -22.76 8.88 -43.83
CA GLN A 270 -22.74 7.50 -43.34
C GLN A 270 -24.12 6.80 -43.38
N ARG A 271 -24.14 5.60 -43.95
CA ARG A 271 -25.36 5.00 -44.48
C ARG A 271 -26.05 4.00 -43.55
N LYS A 272 -25.95 4.19 -42.23
CA LYS A 272 -26.79 3.47 -41.23
C LYS A 272 -26.30 2.09 -40.78
N SER A 273 -26.25 1.89 -39.48
CA SER A 273 -25.57 0.77 -38.90
C SER A 273 -26.53 -0.34 -38.49
N LYS A 274 -26.43 -1.48 -39.19
CA LYS A 274 -27.13 -2.73 -38.84
C LYS A 274 -26.46 -3.45 -37.67
N LEU A 275 -27.22 -4.25 -36.95
CA LEU A 275 -26.75 -4.94 -35.73
C LEU A 275 -27.49 -6.28 -35.60
N LYS A 276 -26.86 -7.29 -34.99
CA LYS A 276 -27.47 -8.63 -34.90
C LYS A 276 -27.17 -9.34 -33.57
N PRO A 277 -28.13 -9.31 -32.62
CA PRO A 277 -27.87 -10.01 -31.36
C PRO A 277 -28.03 -11.53 -31.52
N ASP A 278 -27.42 -12.31 -30.63
CA ASP A 278 -27.49 -13.78 -30.70
C ASP A 278 -28.81 -14.26 -30.14
N GLY A 280 -31.56 -13.69 -32.49
CA GLY A 280 -31.90 -12.39 -33.06
C GLY A 280 -31.67 -12.24 -34.56
N GLY A 281 -32.20 -11.16 -35.13
CA GLY A 281 -32.03 -10.83 -36.55
C GLY A 281 -31.55 -9.40 -36.74
N TRP A 282 -31.14 -9.08 -37.97
CA TRP A 282 -30.60 -7.75 -38.33
C TRP A 282 -31.54 -6.60 -37.98
N GLN A 283 -31.36 -6.03 -36.79
CA GLN A 283 -32.11 -4.86 -36.35
C GLN A 283 -31.21 -3.62 -36.44
N SER A 284 -31.41 -2.79 -37.47
CA SER A 284 -30.55 -1.62 -37.73
C SER A 284 -30.72 -0.52 -36.66
N ILE A 285 -29.58 0.05 -36.25
CA ILE A 285 -29.53 1.08 -35.22
C ILE A 285 -30.14 2.37 -35.77
N VAL A 286 -31.24 2.84 -35.17
CA VAL A 286 -31.86 4.12 -35.56
C VAL A 286 -31.01 5.28 -35.04
N SER A 287 -31.13 6.43 -35.69
CA SER A 287 -30.31 7.63 -35.41
C SER A 287 -28.82 7.47 -35.78
N SER A 288 -28.45 6.40 -36.49
CA SER A 288 -27.04 6.03 -36.71
C SER A 288 -26.46 6.55 -38.02
N ASP A 289 -27.31 6.84 -39.00
CA ASP A 289 -26.85 7.39 -40.29
C ASP A 289 -26.44 8.82 -40.05
N ALA A 290 -25.47 9.32 -40.80
CA ALA A 290 -24.88 10.61 -40.47
C ALA A 290 -24.50 11.47 -41.65
N ASN A 291 -24.81 12.76 -41.53
CA ASN A 291 -24.29 13.76 -42.43
C ASN A 291 -23.35 14.68 -41.65
N ALA A 292 -22.23 15.04 -42.24
CA ALA A 292 -21.26 15.81 -41.52
C ALA A 292 -20.58 16.80 -42.42
N GLY A 293 -20.98 18.06 -42.26
CA GLY A 293 -20.61 19.13 -43.16
C GLY A 293 -19.54 19.96 -42.53
N TYR A 294 -18.47 20.20 -43.27
CA TYR A 294 -17.38 20.96 -42.74
C TYR A 294 -17.09 22.11 -43.67
N PHE A 295 -16.76 23.25 -43.07
CA PHE A 295 -16.23 24.40 -43.81
C PHE A 295 -14.92 24.75 -43.19
N ASN A 296 -13.90 24.87 -44.02
CA ASN A 296 -12.52 25.04 -43.58
C ASN A 296 -11.77 26.24 -44.14
N VAL A 297 -11.24 27.07 -43.22
CA VAL A 297 -10.17 28.04 -43.56
C VAL A 297 -8.83 27.57 -42.94
N GLY A 298 -7.79 27.53 -43.79
CA GLY A 298 -6.42 27.11 -43.42
C GLY A 298 -5.27 27.65 -44.30
N MET A 299 -4.14 27.97 -43.65
CA MET A 299 -2.77 28.12 -44.22
C MET A 299 -2.09 26.85 -43.66
N THR A 300 -0.85 26.38 -43.89
CA THR A 300 0.36 26.79 -44.66
C THR A 300 1.19 28.02 -44.35
N ILE A 301 2.11 27.81 -43.39
CA ILE A 301 3.20 28.74 -43.00
C ILE A 301 4.55 27.98 -43.04
N ALA A 302 5.45 28.33 -43.96
CA ALA A 302 6.80 27.75 -43.97
C ALA A 302 7.74 28.32 -42.87
N ALA A 303 8.44 27.41 -42.18
CA ALA A 303 9.28 27.69 -40.99
C ALA A 303 10.82 27.59 -41.21
N SER A 304 11.30 26.48 -41.79
CA SER A 304 12.77 26.20 -41.88
C SER A 304 13.21 25.67 -43.25
N ASN A 306 12.51 22.71 -44.08
CA ASN A 306 11.99 21.40 -43.74
C ASN A 306 10.81 21.46 -42.76
N LEU A 307 10.85 22.39 -41.78
CA LEU A 307 9.77 22.57 -40.76
C LEU A 307 8.63 23.42 -41.31
N THR A 308 7.41 23.14 -40.89
CA THR A 308 6.22 23.81 -41.43
C THR A 308 5.05 23.76 -40.43
N ILE A 309 4.26 24.83 -40.39
CA ILE A 309 3.05 24.88 -39.57
C ILE A 309 1.83 25.04 -40.48
N VAL A 310 0.81 24.25 -40.17
CA VAL A 310 -0.38 24.15 -40.96
C VAL A 310 -1.54 24.26 -40.00
N PRO A 311 -2.07 25.47 -39.83
CA PRO A 311 -3.27 25.65 -39.01
C PRO A 311 -4.56 25.48 -39.81
N ASN A 312 -5.60 24.95 -39.18
CA ASN A 312 -6.90 24.87 -39.84
C ASN A 312 -8.12 25.00 -38.89
N LEU A 313 -9.15 25.72 -39.35
CA LEU A 313 -10.44 25.77 -38.68
C LEU A 313 -11.43 24.97 -39.53
N ALA A 314 -12.36 24.27 -38.83
CA ALA A 314 -13.42 23.45 -39.44
C ALA A 314 -14.73 23.80 -38.77
N ILE A 315 -15.53 24.63 -39.45
CA ILE A 315 -16.84 25.04 -38.94
C ILE A 315 -17.86 23.94 -39.24
N GLY A 316 -18.52 23.49 -38.17
CA GLY A 316 -19.40 22.33 -38.22
C GLY A 316 -20.76 22.73 -38.69
N MET A 317 -21.05 22.42 -39.94
CA MET A 317 -22.29 22.84 -40.57
C MET A 317 -23.48 21.93 -40.17
N THR A 318 -23.21 20.66 -39.83
CA THR A 318 -24.26 19.68 -39.51
C THR A 318 -24.37 19.39 -38.00
N ASP A 319 -25.49 18.80 -37.60
CA ASP A 319 -25.67 18.34 -36.21
C ASP A 319 -24.62 17.29 -35.80
N ASP A 320 -24.32 16.36 -36.70
CA ASP A 320 -23.39 15.26 -36.41
C ASP A 320 -21.92 15.67 -36.46
N ALA A 321 -21.59 16.76 -37.13
CA ALA A 321 -20.22 17.30 -37.06
C ALA A 321 -20.09 18.11 -35.77
N PRO A 322 -18.87 18.17 -35.20
CA PRO A 322 -18.69 18.98 -33.99
C PRO A 322 -18.84 20.48 -34.30
N ASP A 323 -19.15 21.27 -33.28
CA ASP A 323 -19.44 22.70 -33.47
C ASP A 323 -18.34 23.46 -34.27
N PHE A 324 -17.08 23.19 -33.90
CA PHE A 324 -15.89 23.62 -34.67
C PHE A 324 -14.69 22.74 -34.29
N THR A 325 -13.58 22.88 -35.04
CA THR A 325 -12.40 22.05 -34.83
C THR A 325 -11.13 22.76 -35.29
N PHE A 326 -10.21 23.01 -34.34
CA PHE A 326 -8.91 23.67 -34.61
C PHE A 326 -7.73 22.69 -34.72
N SER A 327 -7.18 22.56 -35.93
CA SER A 327 -6.06 21.68 -36.22
C SER A 327 -4.78 22.51 -36.28
N LEU A 328 -3.69 21.94 -35.75
CA LEU A 328 -2.35 22.55 -35.74
C LEU A 328 -1.26 21.50 -36.04
N LYS A 329 -0.93 21.36 -37.32
CA LYS A 329 -0.07 20.29 -37.80
C LYS A 329 1.32 20.81 -38.13
N PHE A 330 2.30 19.93 -37.97
CA PHE A 330 3.70 20.31 -38.05
C PHE A 330 4.43 19.30 -38.93
N PRO A 331 4.20 19.37 -40.23
CA PRO A 331 4.91 18.44 -41.12
C PRO A 331 6.40 18.76 -41.28
N TYR A 332 7.24 17.78 -40.93
CA TYR A 332 8.71 17.89 -40.98
C TYR A 332 9.30 16.89 -42.00
N TYR A 333 10.16 17.33 -42.91
CA TYR A 333 10.63 16.50 -44.04
C TYR A 333 12.15 16.29 -44.01
N PHE A 334 12.62 15.03 -43.97
CA PHE A 334 14.07 14.74 -43.94
C PHE A 334 14.59 14.80 -45.37
N ALA B 17 -12.95 41.02 -70.28
CA ALA B 17 -12.57 40.52 -68.92
C ALA B 17 -13.58 39.48 -68.46
N GLN B 18 -13.46 38.28 -69.03
CA GLN B 18 -14.52 37.23 -68.94
C GLN B 18 -15.07 36.94 -67.55
N SER B 19 -14.19 37.01 -66.54
CA SER B 19 -14.58 36.84 -65.14
C SER B 19 -15.25 38.08 -64.48
N VAL B 20 -14.83 39.28 -64.90
CA VAL B 20 -15.46 40.52 -64.46
C VAL B 20 -16.93 40.32 -64.81
N SER B 21 -17.21 40.00 -66.07
CA SER B 21 -18.59 39.87 -66.56
C SER B 21 -19.32 38.67 -65.97
N ASN B 22 -18.66 37.53 -65.76
CA ASN B 22 -19.30 36.44 -65.02
C ASN B 22 -19.63 36.79 -63.56
N LEU B 23 -18.82 37.64 -62.92
CA LEU B 23 -19.05 38.10 -61.52
C LEU B 23 -20.32 38.97 -61.42
N TYR B 24 -20.51 39.78 -62.46
CA TYR B 24 -21.56 40.81 -62.49
C TYR B 24 -22.90 40.18 -62.78
N ASN B 25 -22.93 39.33 -63.79
CA ASN B 25 -24.07 38.47 -64.06
C ASN B 25 -24.55 37.87 -62.75
N GLU B 26 -23.63 37.23 -62.04
CA GLU B 26 -23.94 36.57 -60.78
C GLU B 26 -24.36 37.56 -59.65
N ALA B 27 -23.61 38.64 -59.50
CA ALA B 27 -23.87 39.59 -58.43
C ALA B 27 -25.20 40.37 -58.65
N SER B 28 -25.41 40.79 -59.90
CA SER B 28 -26.51 41.67 -60.28
C SER B 28 -27.84 40.96 -60.50
N GLY B 29 -27.76 39.73 -60.98
CA GLY B 29 -28.92 39.03 -61.55
C GLY B 29 -29.25 39.52 -62.95
N PHE B 30 -28.27 40.09 -63.65
CA PHE B 30 -28.49 40.71 -64.96
C PHE B 30 -27.46 40.24 -66.01
N PHE B 31 -27.84 39.21 -66.77
CA PHE B 31 -27.02 38.60 -67.84
C PHE B 31 -26.58 39.70 -68.81
N GLY B 32 -25.30 40.08 -68.76
CA GLY B 32 -24.72 41.02 -69.72
C GLY B 32 -24.21 40.31 -70.97
N ASN B 33 -23.52 39.18 -70.79
CA ASN B 33 -22.87 38.42 -71.88
C ASN B 33 -23.85 37.91 -72.91
N LYS B 35 -27.50 37.89 -75.34
CA LYS B 35 -28.88 37.93 -75.84
C LYS B 35 -29.82 36.93 -75.13
N PHE B 36 -29.57 35.62 -75.31
CA PHE B 36 -30.41 34.59 -74.71
C PHE B 36 -29.59 33.80 -73.73
N SER B 37 -30.23 33.30 -72.66
CA SER B 37 -29.51 32.49 -71.65
C SER B 37 -30.34 31.32 -71.10
N PHE B 38 -29.71 30.15 -71.03
CA PHE B 38 -30.31 28.94 -70.48
C PHE B 38 -29.43 28.55 -69.32
N GLU B 39 -30.04 28.15 -68.20
CA GLU B 39 -29.31 27.89 -66.95
C GLU B 39 -29.89 26.69 -66.22
N THR B 40 -29.11 25.63 -66.13
CA THR B 40 -29.49 24.43 -65.41
C THR B 40 -28.77 24.42 -64.06
N GLY B 41 -29.55 24.17 -63.00
CA GLY B 41 -29.12 24.44 -61.63
C GLY B 41 -29.46 23.37 -60.61
N ILE B 42 -28.49 22.46 -60.38
CA ILE B 42 -28.62 21.42 -59.35
C ILE B 42 -28.22 21.99 -57.99
N THR B 43 -29.06 21.79 -56.98
CA THR B 43 -28.82 22.26 -55.62
C THR B 43 -29.16 21.17 -54.62
N TYR B 44 -28.34 21.05 -53.58
CA TYR B 44 -28.59 20.16 -52.44
C TYR B 44 -28.74 21.03 -51.24
N ALA B 45 -29.49 20.57 -50.25
CA ALA B 45 -29.70 21.31 -49.01
C ALA B 45 -30.04 20.36 -47.91
N ARG B 46 -29.41 20.59 -46.78
CA ARG B 46 -29.47 19.66 -45.69
C ARG B 46 -30.12 20.38 -44.50
N TYR B 47 -31.28 19.88 -44.07
CA TYR B 47 -32.00 20.34 -42.85
C TYR B 47 -31.86 19.28 -41.78
N ASP B 48 -31.92 19.68 -40.52
CA ASP B 48 -31.63 18.77 -39.40
C ASP B 48 -32.01 19.40 -38.06
N ALA B 49 -33.31 19.50 -37.82
CA ALA B 49 -33.85 20.11 -36.58
C ALA B 49 -35.30 19.68 -36.33
N ILE B 73 -36.28 15.36 -36.66
CA ILE B 73 -36.62 15.67 -38.05
C ILE B 73 -35.37 16.01 -38.88
N LYS B 74 -34.88 15.04 -39.66
CA LYS B 74 -33.74 15.23 -40.59
C LYS B 74 -34.34 15.27 -41.99
N ALA B 75 -33.72 16.00 -42.92
CA ALA B 75 -34.28 16.15 -44.27
C ALA B 75 -33.24 16.44 -45.35
N ASP B 76 -33.38 15.82 -46.51
CA ASP B 76 -32.43 15.96 -47.60
C ASP B 76 -33.18 16.42 -48.86
N ASN B 77 -33.00 17.69 -49.22
CA ASN B 77 -33.77 18.33 -50.28
C ASN B 77 -32.94 18.63 -51.51
N TRP B 78 -33.26 17.97 -52.63
CA TRP B 78 -32.62 18.22 -53.93
C TRP B 78 -33.51 19.05 -54.85
N THR B 79 -32.96 20.12 -55.43
CA THR B 79 -33.70 20.98 -56.34
C THR B 79 -32.97 21.03 -57.67
N LEU B 80 -33.73 21.08 -58.75
CA LEU B 80 -33.21 21.29 -60.08
C LEU B 80 -33.98 22.44 -60.69
N ASP B 81 -33.26 23.41 -61.23
CA ASP B 81 -33.84 24.64 -61.80
C ASP B 81 -33.49 24.70 -63.26
N LEU B 82 -34.51 24.80 -64.10
CA LEU B 82 -34.32 25.16 -65.52
C LEU B 82 -34.73 26.63 -65.62
N THR B 83 -33.85 27.47 -66.17
CA THR B 83 -34.13 28.91 -66.32
C THR B 83 -33.76 29.39 -67.69
N GLY B 84 -34.63 30.18 -68.30
CA GLY B 84 -34.41 30.75 -69.63
C GLY B 84 -34.62 32.24 -69.61
N ALA B 85 -33.78 32.98 -70.32
CA ALA B 85 -33.74 34.42 -70.16
C ALA B 85 -33.36 35.14 -71.45
N TYR B 86 -34.08 36.25 -71.71
CA TYR B 86 -33.81 37.16 -72.82
C TYR B 86 -33.22 38.46 -72.27
N ASN B 87 -32.27 39.04 -73.02
CA ASN B 87 -31.66 40.35 -72.67
C ASN B 87 -31.51 41.38 -73.80
N LEU B 88 -32.11 42.56 -73.57
CA LEU B 88 -32.32 43.58 -74.59
C LEU B 88 -31.44 44.83 -74.38
N ASP B 89 -30.44 44.99 -75.26
CA ASP B 89 -29.51 46.13 -75.24
C ASP B 89 -28.89 46.40 -73.86
N ASN B 90 -28.46 45.31 -73.21
CA ASN B 90 -28.01 45.29 -71.80
C ASN B 90 -28.83 46.17 -70.85
N ARG B 91 -30.13 46.33 -71.15
CA ARG B 91 -31.04 47.30 -70.49
C ARG B 91 -32.30 46.64 -69.87
N TRP B 92 -32.95 45.76 -70.63
CA TRP B 92 -34.15 45.01 -70.21
C TRP B 92 -33.90 43.48 -70.23
N GLN B 93 -34.52 42.79 -69.27
CA GLN B 93 -34.38 41.35 -69.13
C GLN B 93 -35.66 40.67 -68.60
N PHE B 94 -36.11 39.66 -69.33
CA PHE B 94 -37.28 38.85 -68.97
C PHE B 94 -36.72 37.48 -68.81
N ASP B 95 -37.30 36.70 -67.90
CA ASP B 95 -36.86 35.32 -67.74
C ASP B 95 -37.85 34.48 -66.97
N VAL B 96 -37.70 33.16 -67.13
CA VAL B 96 -38.57 32.15 -66.53
C VAL B 96 -37.75 31.02 -65.87
N ASN B 97 -38.21 30.62 -64.69
CA ASN B 97 -37.57 29.60 -63.90
C ASN B 97 -38.55 28.48 -63.66
N VAL B 98 -38.12 27.24 -63.91
CA VAL B 98 -38.89 26.01 -63.58
C VAL B 98 -38.13 25.07 -62.61
N PRO B 99 -38.37 25.24 -61.30
CA PRO B 99 -37.83 24.31 -60.30
C PRO B 99 -38.46 22.92 -60.35
N VAL B 100 -37.74 21.95 -59.80
CA VAL B 100 -38.10 20.52 -59.85
C VAL B 100 -37.56 19.92 -58.53
N VAL B 101 -38.39 19.29 -57.72
CA VAL B 101 -38.11 19.16 -56.28
C VAL B 101 -38.15 17.70 -55.78
N TYR B 102 -36.98 17.07 -55.70
CA TYR B 102 -36.84 15.83 -54.97
C TYR B 102 -36.81 16.22 -53.48
N ARG B 103 -37.36 15.40 -52.59
CA ARG B 103 -37.35 15.67 -51.15
C ARG B 103 -37.48 14.40 -50.35
N GLU B 104 -36.88 14.39 -49.16
CA GLU B 104 -36.87 13.19 -48.33
C GLU B 104 -36.65 13.59 -46.87
N SER B 105 -37.63 13.32 -46.02
CA SER B 105 -37.59 13.71 -44.62
C SER B 105 -37.77 12.48 -43.74
N THR B 106 -37.46 12.64 -42.44
CA THR B 106 -37.30 11.51 -41.53
C THR B 106 -37.72 11.95 -40.12
N TYR B 107 -38.82 11.39 -39.62
CA TYR B 107 -39.51 11.91 -38.43
C TYR B 107 -39.46 10.94 -37.26
N THR B 120 -36.97 4.98 -30.00
CA THR B 120 -36.48 3.75 -30.61
C THR B 120 -36.60 3.81 -32.16
N SER B 121 -37.82 3.77 -32.69
CA SER B 121 -38.06 3.73 -34.16
C SER B 121 -38.41 5.12 -34.73
N GLU B 122 -38.51 5.22 -36.06
CA GLU B 122 -38.75 6.50 -36.75
C GLU B 122 -39.01 6.36 -38.28
N GLU B 123 -40.23 6.67 -38.73
CA GLU B 123 -40.63 6.54 -40.16
C GLU B 123 -40.00 7.65 -41.03
N SER B 124 -40.06 7.46 -42.36
CA SER B 124 -39.63 8.45 -43.37
C SER B 124 -40.75 8.82 -44.37
N VAL B 125 -40.64 10.01 -44.97
CA VAL B 125 -41.53 10.47 -46.03
C VAL B 125 -40.67 10.89 -47.21
N SER B 126 -41.21 10.77 -48.41
CA SER B 126 -40.50 11.05 -49.66
C SER B 126 -41.40 11.87 -50.62
N ARG B 127 -40.86 12.28 -51.76
CA ARG B 127 -41.57 13.13 -52.71
C ARG B 127 -40.79 13.17 -54.03
N ASP B 128 -41.30 12.42 -55.00
CA ASP B 128 -40.58 12.14 -56.23
C ASP B 128 -40.57 13.43 -57.08
N PRO B 129 -39.72 13.52 -58.13
CA PRO B 129 -39.60 14.69 -59.03
C PRO B 129 -40.91 15.37 -59.49
N THR B 130 -41.41 16.18 -58.58
CA THR B 130 -42.58 17.00 -58.72
C THR B 130 -42.07 18.39 -59.01
N ILE B 131 -42.70 19.13 -59.92
CA ILE B 131 -42.21 20.50 -60.16
C ILE B 131 -42.71 21.45 -59.08
N GLY B 132 -41.88 22.43 -58.77
CA GLY B 132 -42.19 23.46 -57.79
C GLY B 132 -42.79 24.72 -58.38
N ASP B 133 -42.71 25.81 -57.61
CA ASP B 133 -43.39 27.05 -57.95
C ASP B 133 -42.68 27.83 -59.04
N VAL B 134 -43.27 27.80 -60.22
CA VAL B 134 -42.78 28.50 -61.39
C VAL B 134 -42.78 30.02 -61.14
N ASN B 135 -41.94 30.74 -61.87
CA ASN B 135 -41.85 32.19 -61.72
C ASN B 135 -41.22 32.94 -62.90
N PHE B 136 -41.81 34.09 -63.19
CA PHE B 136 -41.41 35.01 -64.27
C PHE B 136 -40.78 36.24 -63.62
N GLY B 137 -39.78 36.79 -64.29
CA GLY B 137 -39.02 37.91 -63.75
C GLY B 137 -38.67 38.99 -64.77
N ILE B 138 -38.93 40.24 -64.41
CA ILE B 138 -38.66 41.43 -65.25
C ILE B 138 -37.65 42.24 -64.47
N ALA B 139 -36.54 42.58 -65.11
CA ALA B 139 -35.50 43.38 -64.46
C ALA B 139 -35.11 44.50 -65.41
N TYR B 140 -34.95 45.68 -64.82
CA TYR B 140 -34.58 46.90 -65.54
C TYR B 140 -33.35 47.50 -64.85
N LYS B 141 -32.27 47.68 -65.63
CA LYS B 141 -30.99 48.22 -65.17
C LYS B 141 -30.94 49.73 -65.42
N PHE B 142 -31.12 50.52 -64.38
CA PHE B 142 -31.39 51.96 -64.54
C PHE B 142 -30.19 52.90 -64.37
N LEU B 143 -29.11 52.43 -63.72
CA LEU B 143 -27.79 53.11 -63.72
C LEU B 143 -26.72 52.22 -64.37
N ASP B 144 -25.83 52.84 -65.13
CA ASP B 144 -24.59 52.21 -65.59
C ASP B 144 -23.49 52.53 -64.60
N GLU B 145 -22.58 51.59 -64.35
CA GLU B 145 -21.40 51.92 -63.54
C GLU B 145 -20.62 53.04 -64.22
N SER B 146 -20.17 53.98 -63.40
CA SER B 146 -19.24 55.05 -63.81
C SER B 146 -18.23 55.28 -62.66
N ALA B 147 -17.34 56.26 -62.83
CA ALA B 147 -16.47 56.68 -61.73
C ALA B 147 -17.30 57.04 -60.50
N THR B 148 -18.27 57.90 -60.72
CA THR B 148 -19.06 58.46 -59.63
C THR B 148 -20.07 57.46 -59.04
N MET B 149 -20.59 56.52 -59.85
CA MET B 149 -21.86 55.83 -59.55
C MET B 149 -21.91 54.32 -59.81
N PRO B 150 -22.81 53.61 -59.11
CA PRO B 150 -22.80 52.15 -59.14
C PRO B 150 -23.43 51.54 -60.39
N ASP B 151 -23.66 50.22 -60.35
CA ASP B 151 -24.40 49.47 -61.36
C ASP B 151 -25.72 48.99 -60.75
N ALA B 152 -26.81 49.67 -61.06
CA ALA B 152 -28.10 49.46 -60.39
C ALA B 152 -29.10 48.72 -61.29
N VAL B 153 -29.81 47.76 -60.68
CA VAL B 153 -30.84 46.98 -61.33
C VAL B 153 -32.05 46.87 -60.42
N VAL B 154 -33.22 47.19 -60.96
CA VAL B 154 -34.49 47.03 -60.24
C VAL B 154 -35.30 45.96 -60.97
N SER B 155 -36.16 45.26 -60.24
CA SER B 155 -36.72 44.00 -60.71
C SER B 155 -38.00 43.58 -59.99
N VAL B 156 -38.84 42.79 -60.68
CA VAL B 156 -39.97 42.11 -60.03
C VAL B 156 -39.90 40.60 -60.28
N ARG B 157 -40.33 39.84 -59.28
CA ARG B 157 -40.34 38.40 -59.32
C ARG B 157 -41.78 37.93 -59.05
N VAL B 158 -42.47 37.57 -60.11
CA VAL B 158 -43.85 37.07 -59.99
C VAL B 158 -43.79 35.55 -59.91
N LYS B 159 -44.27 35.02 -58.79
CA LYS B 159 -44.07 33.63 -58.46
C LYS B 159 -45.42 32.95 -58.27
N ALA B 160 -45.70 31.95 -59.12
CA ALA B 160 -47.03 31.35 -59.23
C ALA B 160 -47.14 29.96 -58.58
N PRO B 161 -48.20 29.72 -57.80
CA PRO B 161 -48.32 28.51 -56.96
C PRO B 161 -48.61 27.22 -57.71
N THR B 162 -47.73 26.85 -58.63
CA THR B 162 -47.85 25.59 -59.34
C THR B 162 -47.59 24.37 -58.44
N GLY B 163 -46.63 24.47 -57.52
CA GLY B 163 -46.28 23.34 -56.65
C GLY B 163 -47.33 22.85 -55.67
N LYS B 164 -47.06 21.69 -55.07
CA LYS B 164 -47.97 21.04 -54.12
C LYS B 164 -48.07 21.81 -52.81
N GLU B 165 -49.22 22.44 -52.60
CA GLU B 165 -49.53 23.19 -51.38
C GLU B 165 -49.21 22.41 -50.10
N PRO B 166 -48.71 23.10 -49.06
CA PRO B 166 -48.46 22.45 -47.78
C PRO B 166 -49.73 22.23 -46.99
N PHE B 167 -50.76 23.07 -47.24
CA PHE B 167 -51.99 23.06 -46.45
C PHE B 167 -52.84 21.89 -46.91
N GLY B 168 -53.58 21.32 -45.95
CA GLY B 168 -54.42 20.14 -46.18
C GLY B 168 -53.74 18.83 -45.87
N ILE B 169 -52.42 18.78 -46.07
CA ILE B 169 -51.63 17.55 -45.96
C ILE B 169 -51.92 17.01 -44.59
N LYS B 170 -52.68 15.93 -44.55
CA LYS B 170 -53.12 15.32 -43.30
C LYS B 170 -51.91 14.61 -42.68
N LEU B 171 -51.66 14.88 -41.38
CA LEU B 171 -50.53 14.31 -40.63
C LEU B 171 -50.92 12.91 -40.07
N VAL B 172 -50.54 11.85 -40.79
CA VAL B 172 -50.95 10.44 -40.50
C VAL B 172 -50.32 9.78 -39.23
N ARG B 173 -50.70 10.28 -38.05
CA ARG B 173 -50.16 9.81 -36.74
C ARG B 173 -50.74 8.45 -36.34
N VAL B 182 -45.91 12.37 -38.25
CA VAL B 182 -45.38 12.15 -39.60
C VAL B 182 -46.38 12.51 -40.73
N PRO B 183 -45.98 13.34 -41.72
CA PRO B 183 -46.92 13.70 -42.80
C PRO B 183 -47.28 12.58 -43.78
N GLU B 184 -48.46 12.72 -44.41
CA GLU B 184 -48.86 11.95 -45.63
C GLU B 184 -48.00 12.31 -46.84
N SER B 185 -47.52 13.55 -46.89
CA SER B 185 -46.70 14.01 -48.01
C SER B 185 -45.91 15.29 -47.71
N LEU B 186 -45.01 15.58 -48.62
CA LEU B 186 -44.13 16.72 -48.50
C LEU B 186 -44.56 17.74 -49.57
N PRO B 187 -44.70 19.02 -49.21
CA PRO B 187 -44.97 20.07 -50.23
C PRO B 187 -43.84 20.33 -51.22
N THR B 188 -44.07 21.28 -52.12
CA THR B 188 -43.10 21.64 -53.15
C THR B 188 -43.20 23.18 -53.48
N GLY B 189 -43.77 23.93 -52.54
CA GLY B 189 -44.26 25.29 -52.78
C GLY B 189 -45.23 25.70 -51.67
N ASN B 190 -45.63 26.98 -51.65
CA ASN B 190 -46.42 27.56 -50.53
C ASN B 190 -47.89 27.82 -50.84
N GLY B 191 -48.24 27.62 -52.10
CA GLY B 191 -49.63 27.55 -52.49
C GLY B 191 -50.24 28.87 -52.82
N VAL B 192 -49.46 29.93 -52.71
CA VAL B 192 -49.98 31.26 -52.93
C VAL B 192 -49.17 31.94 -54.01
N TRP B 193 -49.76 32.94 -54.62
CA TRP B 193 -49.02 33.83 -55.51
C TRP B 193 -48.14 34.76 -54.68
N SER B 194 -47.09 35.27 -55.31
CA SER B 194 -46.30 36.35 -54.73
C SER B 194 -45.49 37.12 -55.75
N ILE B 195 -45.52 38.42 -55.55
CA ILE B 195 -44.73 39.37 -56.34
C ILE B 195 -43.68 39.91 -55.36
N THR B 196 -42.42 39.89 -55.80
CA THR B 196 -41.26 40.33 -55.01
C THR B 196 -40.47 41.38 -55.80
N PRO B 197 -40.60 42.68 -55.44
CA PRO B 197 -39.73 43.70 -56.02
C PRO B 197 -38.36 43.73 -55.36
N GLY B 198 -37.31 44.01 -56.15
CA GLY B 198 -35.96 44.05 -55.62
C GLY B 198 -35.01 45.02 -56.27
N LEU B 199 -34.01 45.43 -55.50
CA LEU B 199 -32.87 46.21 -55.98
C LEU B 199 -31.54 45.43 -55.75
N SER B 200 -30.58 45.64 -56.66
CA SER B 200 -29.21 45.15 -56.52
C SER B 200 -28.24 46.16 -57.13
N MET B 201 -27.22 46.52 -56.35
CA MET B 201 -26.18 47.47 -56.76
C MET B 201 -24.83 46.76 -56.76
N VAL B 202 -23.96 47.15 -57.71
CA VAL B 202 -22.62 46.57 -57.86
C VAL B 202 -21.64 47.63 -58.32
N LYS B 203 -20.56 47.83 -57.56
CA LYS B 203 -19.55 48.86 -57.86
C LYS B 203 -18.13 48.37 -57.61
N THR B 204 -17.22 48.63 -58.55
CA THR B 204 -15.82 48.22 -58.42
C THR B 204 -15.07 49.24 -57.56
N PHE B 205 -14.14 48.72 -56.76
CA PHE B 205 -13.13 49.50 -56.09
C PHE B 205 -11.88 48.67 -56.24
N ASP B 206 -11.52 48.48 -57.51
CA ASP B 206 -10.51 47.54 -58.03
C ASP B 206 -9.37 47.12 -57.05
N PRO B 207 -9.12 45.83 -56.78
CA PRO B 207 -9.78 44.65 -57.38
C PRO B 207 -11.02 44.11 -56.61
N ALA B 208 -11.45 44.84 -55.58
CA ALA B 208 -12.64 44.46 -54.80
C ALA B 208 -13.89 44.97 -55.50
N VAL B 209 -14.81 44.06 -55.85
CA VAL B 209 -16.12 44.45 -56.34
C VAL B 209 -17.10 44.32 -55.19
N LEU B 210 -17.57 45.46 -54.73
CA LEU B 210 -18.64 45.48 -53.74
C LEU B 210 -19.97 45.23 -54.44
N PHE B 211 -20.85 44.55 -53.70
CA PHE B 211 -22.24 44.38 -54.09
C PHE B 211 -23.22 44.30 -52.92
N GLY B 212 -24.45 44.70 -53.24
CA GLY B 212 -25.59 44.69 -52.33
C GLY B 212 -26.87 44.36 -53.07
N SER B 213 -27.93 44.18 -52.29
CA SER B 213 -29.17 43.59 -52.76
C SER B 213 -30.27 43.61 -51.67
N VAL B 214 -31.44 44.14 -52.03
CA VAL B 214 -32.57 44.20 -51.11
C VAL B 214 -33.88 43.88 -51.83
N SER B 215 -34.76 43.10 -51.19
CA SER B 215 -36.09 42.79 -51.75
C SER B 215 -37.15 42.50 -50.67
N TYR B 216 -38.41 42.62 -51.11
CA TYR B 216 -39.63 42.51 -50.30
C TYR B 216 -40.50 41.50 -51.00
N THR B 217 -41.17 40.60 -50.27
CA THR B 217 -42.07 39.61 -50.91
C THR B 217 -43.48 39.76 -50.41
N HIS B 218 -44.35 40.24 -51.29
CA HIS B 218 -45.76 40.36 -50.95
C HIS B 218 -46.46 39.08 -51.39
N ASN B 219 -46.99 38.33 -50.42
CA ASN B 219 -47.84 37.16 -50.68
C ASN B 219 -49.31 37.55 -50.70
N LEU B 220 -50.02 37.02 -51.71
CA LEU B 220 -51.43 37.30 -51.91
C LEU B 220 -52.27 36.27 -51.13
N GLU B 221 -53.48 36.68 -50.77
CA GLU B 221 -54.40 35.83 -50.03
C GLU B 221 -54.94 34.81 -51.00
N ASP B 222 -55.20 33.60 -50.52
CA ASP B 222 -55.78 32.55 -51.36
C ASP B 222 -56.69 31.68 -50.49
N SER B 223 -57.62 31.01 -51.17
CA SER B 223 -58.60 30.10 -50.55
C SER B 223 -58.20 28.65 -50.82
N PHE B 224 -58.50 27.77 -49.87
CA PHE B 224 -58.20 26.35 -50.01
C PHE B 224 -59.37 25.47 -49.55
N ASP B 225 -59.57 24.37 -50.29
CA ASP B 225 -60.57 23.34 -49.98
C ASP B 225 -60.41 22.84 -48.55
N ASP B 226 -59.16 22.71 -48.12
CA ASP B 226 -58.82 22.17 -46.82
C ASP B 226 -57.54 22.83 -46.31
N ILE B 227 -57.61 23.47 -45.13
CA ILE B 227 -56.41 23.99 -44.43
C ILE B 227 -56.04 23.11 -43.23
N SER B 228 -56.69 21.98 -43.03
CA SER B 228 -56.45 21.16 -41.85
C SER B 228 -55.41 20.05 -42.02
N SER B 229 -54.60 19.92 -40.98
CA SER B 229 -53.59 18.89 -40.87
C SER B 229 -54.21 17.61 -40.37
N ASP B 230 -55.41 17.69 -39.81
CA ASP B 230 -56.15 16.50 -39.37
C ASP B 230 -56.39 15.53 -40.57
N VAL B 231 -56.31 14.21 -40.32
CA VAL B 231 -56.81 13.22 -41.31
C VAL B 231 -58.32 13.12 -41.16
N ASN B 232 -58.79 13.13 -39.92
CA ASN B 232 -60.22 12.99 -39.64
C ASN B 232 -61.10 14.18 -40.02
N GLN B 233 -60.52 15.34 -40.34
CA GLN B 233 -61.32 16.53 -40.65
C GLN B 233 -60.92 17.22 -41.92
N LYS B 234 -61.90 17.93 -42.47
CA LYS B 234 -61.74 18.80 -43.60
C LYS B 234 -62.39 20.15 -43.27
N VAL B 235 -61.54 21.13 -42.88
CA VAL B 235 -61.94 22.54 -42.73
C VAL B 235 -61.24 23.32 -43.83
N GLY B 236 -62.00 23.82 -44.79
CA GLY B 236 -61.50 24.76 -45.78
C GLY B 236 -61.36 26.13 -45.15
N GLY B 237 -60.60 26.99 -45.80
CA GLY B 237 -60.26 28.30 -45.24
C GLY B 237 -59.41 29.14 -46.17
N LYS B 238 -59.05 30.33 -45.71
CA LYS B 238 -58.14 31.20 -46.46
C LYS B 238 -56.84 31.43 -45.67
N VAL B 239 -55.79 31.86 -46.37
CA VAL B 239 -54.52 32.13 -45.71
C VAL B 239 -53.91 33.42 -46.20
N ARG B 240 -53.29 34.14 -45.28
CA ARG B 240 -52.34 35.19 -45.58
C ARG B 240 -50.99 34.72 -45.03
N LEU B 241 -50.08 34.34 -45.93
CA LEU B 241 -48.67 34.15 -45.56
C LEU B 241 -48.07 35.52 -45.27
N GLY B 242 -47.38 35.63 -44.14
CA GLY B 242 -46.74 36.89 -43.75
C GLY B 242 -45.66 37.29 -44.75
N ASP B 243 -45.60 38.57 -45.06
CA ASP B 243 -44.69 39.06 -46.08
C ASP B 243 -43.28 39.01 -45.53
N SER B 244 -42.29 39.16 -46.40
CA SER B 244 -40.89 39.01 -46.00
C SER B 244 -39.93 40.02 -46.65
N PHE B 245 -38.89 40.36 -45.89
CA PHE B 245 -37.90 41.36 -46.25
C PHE B 245 -36.59 40.57 -46.45
N GLN B 246 -35.76 40.97 -47.44
CA GLN B 246 -34.50 40.25 -47.75
C GLN B 246 -33.29 41.19 -48.05
N PHE B 247 -32.44 41.46 -47.05
CA PHE B 247 -31.18 42.23 -47.22
C PHE B 247 -29.95 41.30 -47.33
N GLY B 248 -29.00 41.65 -48.22
CA GLY B 248 -27.69 40.96 -48.30
C GLY B 248 -26.57 41.71 -49.02
N VAL B 249 -25.34 41.62 -48.49
CA VAL B 249 -24.15 42.25 -49.12
C VAL B 249 -22.94 41.32 -49.24
N GLY B 250 -21.95 41.79 -50.02
CA GLY B 250 -20.79 41.00 -50.33
C GLY B 250 -19.79 41.59 -51.31
N VAL B 251 -18.69 40.87 -51.43
CA VAL B 251 -17.49 41.31 -52.10
C VAL B 251 -17.10 40.23 -53.08
N ALA B 252 -16.47 40.59 -54.17
CA ALA B 252 -16.03 39.58 -55.14
C ALA B 252 -14.80 40.02 -55.90
N PHE B 253 -13.91 39.08 -56.17
CA PHE B 253 -12.65 39.37 -56.84
C PHE B 253 -12.53 38.56 -58.14
N ALA B 254 -11.85 39.09 -59.15
CA ALA B 254 -11.43 38.29 -60.30
C ALA B 254 -10.03 37.74 -60.04
N LEU B 255 -9.91 36.42 -59.94
CA LEU B 255 -8.64 35.80 -59.60
C LEU B 255 -7.76 35.73 -60.84
N ASN B 256 -8.38 35.57 -62.02
CA ASN B 256 -7.66 35.53 -63.31
C ASN B 256 -8.65 35.83 -64.46
N GLU B 257 -8.24 35.65 -65.71
CA GLU B 257 -9.13 35.89 -66.88
C GLU B 257 -10.40 35.02 -66.95
N ARG B 258 -10.40 33.85 -66.28
CA ARG B 258 -11.53 32.89 -66.25
C ARG B 258 -12.32 32.81 -64.91
N MET B 259 -11.68 33.10 -63.78
CA MET B 259 -12.26 32.79 -62.44
C MET B 259 -12.58 33.99 -61.54
N SER B 260 -13.63 33.84 -60.75
CA SER B 260 -13.93 34.79 -59.66
C SER B 260 -14.23 34.03 -58.37
N MET B 261 -14.08 34.71 -57.24
CA MET B 261 -14.47 34.17 -55.93
C MET B 261 -15.45 35.17 -55.28
N SER B 262 -16.26 34.75 -54.30
CA SER B 262 -17.22 35.66 -53.63
C SER B 262 -17.36 35.35 -52.15
N PHE B 263 -17.45 36.38 -51.32
CA PHE B 263 -17.82 36.17 -49.93
C PHE B 263 -19.04 37.03 -49.69
N SER B 264 -20.14 36.44 -49.21
CA SER B 264 -21.36 37.23 -49.04
C SER B 264 -22.18 36.83 -47.80
N VAL B 265 -23.03 37.75 -47.38
CA VAL B 265 -23.93 37.53 -46.26
C VAL B 265 -25.36 37.92 -46.64
N SER B 266 -26.35 37.26 -46.03
CA SER B 266 -27.73 37.57 -46.31
C SER B 266 -28.68 37.18 -45.21
N ASP B 267 -29.76 37.96 -45.12
CA ASP B 267 -30.81 37.70 -44.17
C ASP B 267 -32.22 37.86 -44.80
N LEU B 268 -33.11 36.95 -44.38
CA LEU B 268 -34.51 36.94 -44.77
C LEU B 268 -35.34 36.96 -43.50
N ILE B 269 -36.16 38.00 -43.34
CA ILE B 269 -37.06 38.10 -42.21
C ILE B 269 -38.43 37.88 -42.79
N GLN B 270 -39.27 37.17 -42.07
CA GLN B 270 -40.64 36.89 -42.49
C GLN B 270 -41.66 37.20 -41.40
N ARG B 271 -42.66 38.00 -41.75
CA ARG B 271 -43.78 38.29 -40.86
C ARG B 271 -44.58 36.99 -40.66
N LYS B 272 -45.38 36.91 -39.59
CA LYS B 272 -46.11 35.67 -39.21
C LYS B 272 -47.26 35.34 -40.17
N SER B 273 -47.66 34.06 -40.21
CA SER B 273 -48.72 33.60 -41.11
C SER B 273 -50.06 33.49 -40.37
N LYS B 274 -51.15 33.88 -41.06
CA LYS B 274 -52.52 33.76 -40.54
C LYS B 274 -53.43 32.85 -41.41
N LEU B 275 -54.26 32.07 -40.72
CA LEU B 275 -55.32 31.25 -41.33
C LEU B 275 -56.65 31.90 -41.00
N LYS B 276 -57.66 31.67 -41.84
CA LYS B 276 -59.05 31.86 -41.44
C LYS B 276 -59.85 30.60 -41.80
N PRO B 277 -60.17 29.76 -40.78
CA PRO B 277 -61.13 28.70 -41.03
C PRO B 277 -62.52 29.27 -41.35
N ASP B 278 -63.40 28.45 -41.94
CA ASP B 278 -64.80 28.83 -42.17
C ASP B 278 -65.60 28.35 -40.97
N GLY B 279 -66.54 29.13 -40.43
CA GLY B 279 -66.72 30.56 -40.63
C GLY B 279 -66.31 31.19 -39.30
N GLY B 280 -65.03 31.06 -38.99
CA GLY B 280 -64.42 31.67 -37.81
C GLY B 280 -63.68 32.94 -38.16
N GLY B 281 -62.68 33.30 -37.34
CA GLY B 281 -61.91 34.53 -37.49
C GLY B 281 -60.44 34.25 -37.74
N TRP B 282 -59.73 35.25 -38.30
CA TRP B 282 -58.30 35.15 -38.59
C TRP B 282 -57.53 34.82 -37.32
N GLN B 283 -56.58 33.87 -37.42
CA GLN B 283 -55.78 33.43 -36.29
C GLN B 283 -54.33 33.22 -36.76
N SER B 284 -53.39 34.02 -36.26
CA SER B 284 -51.97 33.87 -36.59
C SER B 284 -51.36 32.64 -35.92
N ILE B 285 -50.40 32.03 -36.61
CA ILE B 285 -49.81 30.75 -36.21
C ILE B 285 -48.54 31.03 -35.42
N VAL B 286 -48.44 30.52 -34.19
CA VAL B 286 -47.23 30.71 -33.38
C VAL B 286 -45.99 30.08 -34.05
N SER B 287 -44.85 30.75 -33.91
CA SER B 287 -43.56 30.30 -34.46
C SER B 287 -43.55 30.00 -35.97
N SER B 288 -44.37 30.74 -36.71
CA SER B 288 -44.50 30.60 -38.16
C SER B 288 -43.55 31.52 -38.89
N ASP B 289 -43.51 32.77 -38.43
CA ASP B 289 -42.48 33.77 -38.80
C ASP B 289 -41.07 33.25 -38.66
N ALA B 290 -40.11 33.88 -39.34
CA ALA B 290 -38.73 33.41 -39.30
C ALA B 290 -37.70 34.47 -39.65
N ASN B 291 -36.47 34.15 -39.28
CA ASN B 291 -35.30 34.90 -39.69
C ASN B 291 -34.31 33.88 -40.18
N ALA B 292 -34.24 33.72 -41.50
CA ALA B 292 -33.32 32.79 -42.13
C ALA B 292 -32.06 33.56 -42.48
N GLY B 293 -30.94 33.20 -41.85
CA GLY B 293 -29.63 33.83 -42.10
C GLY B 293 -28.70 32.89 -42.84
N TYR B 294 -27.88 33.46 -43.73
CA TYR B 294 -26.94 32.69 -44.58
C TYR B 294 -25.56 33.36 -44.84
N PHE B 295 -24.49 32.57 -44.74
CA PHE B 295 -23.13 32.96 -45.17
C PHE B 295 -22.71 32.24 -46.46
N ASN B 296 -22.36 32.98 -47.49
CA ASN B 296 -22.04 32.35 -48.76
C ASN B 296 -20.57 32.40 -49.07
N VAL B 297 -20.05 31.30 -49.61
CA VAL B 297 -18.76 31.27 -50.33
C VAL B 297 -19.01 30.72 -51.74
N GLY B 298 -18.38 31.31 -52.73
CA GLY B 298 -18.69 30.99 -54.14
C GLY B 298 -17.58 31.25 -55.12
N MET B 299 -17.78 30.80 -56.35
CA MET B 299 -16.87 31.09 -57.44
C MET B 299 -17.63 31.21 -58.77
N THR B 300 -16.98 31.85 -59.74
CA THR B 300 -17.34 31.81 -61.14
C THR B 300 -16.26 30.92 -61.75
N ILE B 301 -16.59 30.08 -62.73
CA ILE B 301 -15.56 29.44 -63.60
C ILE B 301 -16.02 29.39 -65.07
N ALA B 302 -15.52 30.32 -65.87
CA ALA B 302 -15.71 30.28 -67.31
C ALA B 302 -15.11 28.98 -67.91
N ALA B 303 -15.97 28.13 -68.47
CA ALA B 303 -15.59 26.79 -68.91
C ALA B 303 -15.24 26.74 -70.40
N SER B 304 -16.10 27.34 -71.23
CA SER B 304 -15.86 27.51 -72.65
C SER B 304 -16.14 28.96 -73.09
N GLU B 305 -16.11 29.90 -72.13
CA GLU B 305 -16.33 31.32 -72.41
C GLU B 305 -17.63 31.53 -73.24
N ASN B 306 -18.71 31.06 -72.63
CA ASN B 306 -19.99 30.76 -73.30
C ASN B 306 -20.76 29.89 -72.29
N LEU B 307 -20.14 28.76 -71.90
CA LEU B 307 -20.53 28.02 -70.70
C LEU B 307 -19.82 28.62 -69.49
N THR B 308 -20.52 28.68 -68.36
CA THR B 308 -19.95 29.15 -67.10
C THR B 308 -20.38 28.22 -65.96
N ILE B 309 -19.41 27.69 -65.20
CA ILE B 309 -19.70 26.84 -64.05
C ILE B 309 -19.73 27.71 -62.79
N VAL B 310 -20.84 27.72 -62.06
CA VAL B 310 -20.99 28.59 -60.88
C VAL B 310 -21.26 27.75 -59.62
N PRO B 311 -20.21 27.36 -58.87
CA PRO B 311 -20.42 26.67 -57.59
C PRO B 311 -20.62 27.65 -56.45
N ASN B 312 -21.39 27.28 -55.45
CA ASN B 312 -21.62 28.14 -54.30
C ASN B 312 -21.99 27.36 -53.03
N LEU B 313 -21.16 27.42 -51.98
CA LEU B 313 -21.57 26.91 -50.67
C LEU B 313 -22.44 27.98 -50.03
N ALA B 314 -23.36 27.57 -49.17
CA ALA B 314 -24.16 28.49 -48.37
C ALA B 314 -24.38 27.94 -46.97
N ILE B 315 -23.76 28.55 -45.97
CA ILE B 315 -23.82 28.05 -44.60
C ILE B 315 -24.94 28.79 -43.91
N GLY B 316 -25.91 28.03 -43.45
CA GLY B 316 -26.96 28.55 -42.60
C GLY B 316 -26.40 28.97 -41.26
N MET B 317 -26.86 30.11 -40.79
CA MET B 317 -26.50 30.61 -39.49
C MET B 317 -27.61 30.37 -38.46
N THR B 318 -28.86 30.56 -38.89
CA THR B 318 -30.07 30.42 -38.05
C THR B 318 -30.90 29.13 -38.23
N ASP B 319 -31.47 28.65 -37.13
CA ASP B 319 -32.33 27.43 -37.11
C ASP B 319 -33.39 27.45 -38.24
N ASP B 320 -33.89 28.63 -38.59
CA ASP B 320 -34.83 28.79 -39.71
C ASP B 320 -34.26 28.51 -41.10
N ALA B 321 -32.96 28.24 -41.23
CA ALA B 321 -32.35 28.07 -42.54
C ALA B 321 -31.63 26.73 -42.64
N PRO B 322 -31.48 26.22 -43.88
CA PRO B 322 -30.83 24.92 -44.07
C PRO B 322 -29.32 24.87 -43.68
N ASP B 323 -28.97 23.91 -42.80
CA ASP B 323 -27.60 23.66 -42.32
C ASP B 323 -26.51 23.96 -43.34
N PHE B 324 -26.62 23.44 -44.56
CA PHE B 324 -25.86 24.04 -45.66
C PHE B 324 -26.59 23.89 -46.98
N THR B 325 -26.04 24.46 -48.04
CA THR B 325 -26.65 24.34 -49.36
C THR B 325 -25.57 24.50 -50.43
N PHE B 326 -25.22 23.40 -51.12
CA PHE B 326 -24.31 23.44 -52.28
C PHE B 326 -25.14 23.61 -53.52
N SER B 327 -24.58 24.33 -54.48
CA SER B 327 -25.29 24.78 -55.65
C SER B 327 -24.31 24.62 -56.80
N LEU B 328 -24.83 24.30 -57.98
CA LEU B 328 -24.04 24.28 -59.21
C LEU B 328 -24.89 24.89 -60.28
N LYS B 329 -24.39 25.93 -60.94
CA LYS B 329 -25.15 26.55 -61.99
C LYS B 329 -24.31 26.60 -63.26
N PHE B 330 -24.97 26.31 -64.38
CA PHE B 330 -24.34 26.22 -65.69
C PHE B 330 -25.02 27.20 -66.63
N PRO B 331 -24.79 28.51 -66.42
CA PRO B 331 -25.18 29.45 -67.46
C PRO B 331 -24.57 29.12 -68.83
N TYR B 332 -25.46 29.06 -69.84
CA TYR B 332 -25.11 28.91 -71.24
C TYR B 332 -25.65 30.17 -71.94
N TYR B 333 -24.80 30.82 -72.71
CA TYR B 333 -25.03 32.22 -73.08
C TYR B 333 -25.26 32.48 -74.55
N PHE B 334 -25.22 31.48 -75.43
CA PHE B 334 -25.39 31.70 -76.89
C PHE B 334 -24.29 32.62 -77.50
N PRO C 16 2.15 55.37 -44.43
CA PRO C 16 1.21 54.85 -45.43
C PRO C 16 1.09 53.31 -45.43
N ALA C 17 0.08 52.70 -46.06
CA ALA C 17 -1.05 53.36 -46.76
C ALA C 17 -2.30 53.35 -45.86
N GLN C 18 -3.36 54.02 -46.33
CA GLN C 18 -4.57 54.26 -45.51
C GLN C 18 -5.29 52.96 -45.10
N SER C 19 -5.19 51.94 -45.94
CA SER C 19 -5.75 50.59 -45.64
C SER C 19 -4.92 49.85 -44.58
N VAL C 20 -3.62 49.71 -44.84
CA VAL C 20 -2.69 49.06 -43.91
C VAL C 20 -2.78 49.75 -42.55
N SER C 21 -3.00 51.07 -42.54
CA SER C 21 -3.35 51.75 -41.28
C SER C 21 -4.61 51.14 -40.62
N ASN C 22 -5.76 51.33 -41.26
CA ASN C 22 -7.07 50.85 -40.73
C ASN C 22 -7.13 49.31 -40.44
N LEU C 23 -6.35 48.56 -41.20
CA LEU C 23 -6.11 47.14 -41.00
C LEU C 23 -5.57 46.90 -39.61
N TYR C 24 -4.50 47.62 -39.28
CA TYR C 24 -3.88 47.47 -37.97
C TYR C 24 -4.89 47.87 -36.91
N ASN C 25 -5.50 49.05 -37.04
CA ASN C 25 -6.31 49.63 -35.95
C ASN C 25 -7.51 48.77 -35.51
N GLU C 26 -7.95 47.83 -36.34
CA GLU C 26 -9.01 46.89 -35.93
C GLU C 26 -8.37 45.69 -35.28
N ALA C 27 -7.36 45.11 -35.92
CA ALA C 27 -6.63 43.95 -35.39
C ALA C 27 -6.02 44.20 -34.01
N SER C 28 -5.37 45.36 -33.87
CA SER C 28 -4.58 45.72 -32.71
C SER C 28 -5.38 46.39 -31.59
N GLY C 29 -6.47 47.05 -31.96
CA GLY C 29 -7.27 47.81 -31.00
C GLY C 29 -6.56 49.06 -30.53
N PHE C 30 -5.85 49.72 -31.46
CA PHE C 30 -4.90 50.79 -31.13
C PHE C 30 -4.82 51.86 -32.23
N PHE C 31 -5.18 53.11 -31.89
CA PHE C 31 -5.26 54.20 -32.87
C PHE C 31 -3.86 54.68 -33.28
N GLY C 32 -3.22 53.95 -34.20
CA GLY C 32 -1.94 54.37 -34.78
C GLY C 32 -2.19 55.24 -36.00
N ASN C 33 -1.77 56.50 -35.92
CA ASN C 33 -2.01 57.53 -36.95
C ASN C 33 -3.17 58.47 -36.56
N GLY C 34 -3.09 59.05 -35.37
CA GLY C 34 -4.13 59.96 -34.86
C GLY C 34 -3.96 60.41 -33.42
N LYS C 35 -4.48 61.59 -33.11
CA LYS C 35 -4.42 62.12 -31.75
C LYS C 35 -5.72 61.77 -30.99
N PHE C 36 -6.79 62.57 -31.13
CA PHE C 36 -8.10 62.24 -30.52
C PHE C 36 -8.88 61.33 -31.52
N SER C 37 -9.58 60.30 -31.01
CA SER C 37 -10.43 59.41 -31.84
C SER C 37 -11.78 59.11 -31.22
N PHE C 38 -12.81 59.04 -32.07
CA PHE C 38 -14.19 58.80 -31.67
C PHE C 38 -14.83 57.86 -32.66
N GLU C 39 -15.43 56.78 -32.17
CA GLU C 39 -15.95 55.67 -32.97
C GLU C 39 -17.38 55.36 -32.52
N THR C 40 -18.31 55.49 -33.46
CA THR C 40 -19.69 55.13 -33.20
C THR C 40 -20.10 54.00 -34.13
N GLY C 41 -20.72 53.00 -33.51
CA GLY C 41 -21.08 51.75 -34.15
C GLY C 41 -22.37 51.13 -33.62
N ILE C 42 -23.04 50.41 -34.51
CA ILE C 42 -24.33 49.76 -34.27
C ILE C 42 -24.12 48.25 -34.49
N THR C 43 -24.65 47.41 -33.59
CA THR C 43 -24.48 45.93 -33.72
C THR C 43 -25.77 45.18 -33.50
N TYR C 44 -26.14 44.36 -34.49
CA TYR C 44 -27.30 43.44 -34.41
C TYR C 44 -26.85 41.99 -34.12
N ALA C 45 -27.56 41.28 -33.23
CA ALA C 45 -27.28 39.85 -32.95
C ALA C 45 -28.54 39.04 -32.72
N ARG C 46 -28.67 37.95 -33.48
CA ARG C 46 -29.82 37.04 -33.41
C ARG C 46 -29.47 35.86 -32.53
N TYR C 47 -30.34 35.51 -31.60
CA TYR C 47 -30.22 34.23 -30.87
C TYR C 47 -31.43 33.29 -31.09
N ASP C 48 -31.16 31.97 -31.04
CA ASP C 48 -32.20 30.91 -31.07
C ASP C 48 -31.68 29.67 -30.36
N LYS C 74 -36.45 32.81 -28.96
CA LYS C 74 -35.90 33.75 -29.95
C LYS C 74 -35.61 35.15 -29.35
N ALA C 75 -34.47 35.75 -29.68
CA ALA C 75 -34.13 37.10 -29.18
C ALA C 75 -33.48 37.97 -30.27
N ASP C 76 -33.73 39.29 -30.17
CA ASP C 76 -33.11 40.28 -31.04
C ASP C 76 -32.42 41.35 -30.22
N ASN C 77 -31.10 41.45 -30.36
CA ASN C 77 -30.32 42.45 -29.65
C ASN C 77 -29.64 43.42 -30.60
N TRP C 78 -29.85 44.72 -30.37
CA TRP C 78 -29.02 45.76 -30.96
C TRP C 78 -28.22 46.45 -29.86
N THR C 79 -26.98 46.84 -30.19
CA THR C 79 -26.15 47.62 -29.29
C THR C 79 -25.50 48.79 -30.04
N LEU C 80 -25.63 49.99 -29.46
CA LEU C 80 -25.02 51.20 -29.99
C LEU C 80 -23.83 51.48 -29.11
N ASP C 81 -22.63 51.47 -29.71
CA ASP C 81 -21.38 51.68 -28.98
C ASP C 81 -20.76 53.04 -29.29
N LEU C 82 -20.80 53.94 -28.32
CA LEU C 82 -20.10 55.21 -28.40
C LEU C 82 -18.77 55.05 -27.69
N THR C 83 -17.70 55.12 -28.48
CA THR C 83 -16.30 55.06 -27.98
C THR C 83 -15.58 56.40 -28.24
N GLY C 84 -15.01 56.99 -27.18
CA GLY C 84 -14.01 58.05 -27.31
C GLY C 84 -12.61 57.47 -27.07
N ALA C 85 -11.57 58.21 -27.47
CA ALA C 85 -10.19 57.73 -27.36
C ALA C 85 -9.14 58.83 -27.56
N TYR C 86 -8.06 58.79 -26.75
CA TYR C 86 -6.80 59.56 -26.97
C TYR C 86 -5.60 58.60 -27.14
N ASN C 87 -4.69 58.87 -28.09
CA ASN C 87 -3.43 58.11 -28.22
C ASN C 87 -2.15 58.96 -28.22
N LEU C 88 -1.23 58.68 -27.27
CA LEU C 88 0.06 59.41 -27.12
C LEU C 88 1.26 58.70 -27.79
N ASP C 89 1.54 59.08 -29.04
CA ASP C 89 2.83 58.83 -29.71
C ASP C 89 3.09 57.37 -30.11
N ASN C 90 2.09 56.71 -30.69
CA ASN C 90 2.12 55.25 -30.95
C ASN C 90 2.64 54.48 -29.73
N ARG C 91 2.17 54.84 -28.53
CA ARG C 91 2.75 54.31 -27.29
C ARG C 91 1.76 54.06 -26.16
N TRP C 92 0.93 55.05 -25.84
CA TRP C 92 -0.18 54.86 -24.90
C TRP C 92 -1.50 55.31 -25.53
N GLN C 93 -2.58 54.58 -25.26
CA GLN C 93 -3.93 54.94 -25.69
C GLN C 93 -4.92 54.75 -24.55
N PHE C 94 -5.82 55.71 -24.39
CA PHE C 94 -6.85 55.69 -23.37
C PHE C 94 -8.17 55.88 -24.12
N ASP C 95 -9.23 55.22 -23.63
CA ASP C 95 -10.51 55.11 -24.36
C ASP C 95 -11.71 54.89 -23.45
N VAL C 96 -12.83 55.58 -23.73
CA VAL C 96 -14.10 55.38 -23.01
C VAL C 96 -15.20 54.90 -23.97
N ASN C 97 -15.88 53.83 -23.56
CA ASN C 97 -16.97 53.20 -24.31
C ASN C 97 -18.25 53.15 -23.47
N VAL C 98 -19.34 53.60 -24.09
CA VAL C 98 -20.64 53.51 -23.47
C VAL C 98 -21.53 52.71 -24.41
N PRO C 99 -22.00 51.55 -23.94
CA PRO C 99 -22.98 50.74 -24.67
C PRO C 99 -24.39 51.17 -24.34
N VAL C 100 -25.25 51.21 -25.36
CA VAL C 100 -26.67 51.52 -25.18
C VAL C 100 -27.42 50.42 -25.90
N VAL C 101 -28.31 49.73 -25.18
CA VAL C 101 -28.78 48.42 -25.58
C VAL C 101 -30.27 48.41 -25.76
N TYR C 102 -30.73 47.84 -26.89
CA TYR C 102 -32.16 47.61 -27.16
C TYR C 102 -32.40 46.12 -27.47
N ARG C 103 -33.35 45.49 -26.75
CA ARG C 103 -33.57 44.03 -26.79
C ARG C 103 -35.04 43.62 -26.88
N GLU C 104 -35.31 42.50 -27.57
CA GLU C 104 -36.65 41.90 -27.67
C GLU C 104 -36.59 40.37 -27.61
N SER C 105 -36.68 39.82 -26.40
CA SER C 105 -36.66 38.37 -26.16
C SER C 105 -38.07 37.87 -26.30
N THR C 106 -38.32 37.17 -27.40
CA THR C 106 -39.64 36.62 -27.73
C THR C 106 -39.80 35.18 -27.20
N TYR C 107 -40.53 35.07 -26.09
CA TYR C 107 -40.86 33.76 -25.51
C TYR C 107 -42.12 33.23 -26.19
N SER C 124 -43.34 37.46 -24.97
CA SER C 124 -42.69 38.58 -25.66
C SER C 124 -42.31 39.80 -24.77
N VAL C 125 -41.05 39.83 -24.30
CA VAL C 125 -40.54 40.90 -23.41
C VAL C 125 -39.59 41.85 -24.15
N SER C 126 -39.66 43.12 -23.78
CA SER C 126 -38.79 44.15 -24.35
C SER C 126 -37.95 44.85 -23.26
N ARG C 127 -36.91 45.54 -23.72
CA ARG C 127 -36.12 46.43 -22.88
C ARG C 127 -35.73 47.58 -23.79
N ASP C 128 -36.50 48.68 -23.72
CA ASP C 128 -36.28 49.92 -24.52
C ASP C 128 -34.81 50.36 -24.37
N PRO C 129 -34.28 51.19 -25.30
CA PRO C 129 -32.87 51.57 -25.23
C PRO C 129 -32.44 52.12 -23.85
N THR C 130 -31.40 51.52 -23.24
CA THR C 130 -30.86 51.91 -21.91
C THR C 130 -29.36 51.64 -21.81
N ILE C 131 -28.66 52.46 -21.03
CA ILE C 131 -27.19 52.38 -20.91
C ILE C 131 -26.81 50.97 -20.46
N GLY C 132 -25.72 50.43 -21.01
CA GLY C 132 -25.24 49.10 -20.65
C GLY C 132 -24.18 49.20 -19.58
N ASP C 133 -23.07 48.47 -19.74
CA ASP C 133 -21.94 48.49 -18.81
C ASP C 133 -20.86 49.38 -19.36
N VAL C 134 -20.81 50.64 -18.92
CA VAL C 134 -19.79 51.60 -19.31
C VAL C 134 -18.42 51.11 -18.85
N ASN C 135 -17.45 51.21 -19.74
CA ASN C 135 -16.11 50.67 -19.53
C ASN C 135 -15.07 51.67 -20.06
N PHE C 136 -13.84 51.59 -19.52
CA PHE C 136 -12.71 52.31 -20.09
C PHE C 136 -11.45 51.45 -20.07
N GLY C 137 -10.45 51.89 -20.82
CA GLY C 137 -9.35 51.05 -21.23
C GLY C 137 -8.04 51.81 -21.36
N ILE C 138 -7.09 51.45 -20.50
CA ILE C 138 -5.73 51.94 -20.61
C ILE C 138 -5.06 50.92 -21.49
N ALA C 139 -4.28 51.36 -22.46
CA ALA C 139 -3.62 50.44 -23.37
C ALA C 139 -2.25 50.99 -23.77
N TYR C 140 -1.25 50.11 -23.83
CA TYR C 140 0.20 50.48 -23.92
C TYR C 140 0.99 49.59 -24.91
N LYS C 141 1.52 50.20 -25.96
CA LYS C 141 2.37 49.49 -26.92
C LYS C 141 3.77 49.27 -26.33
N PHE C 142 4.26 48.04 -26.37
CA PHE C 142 5.59 47.69 -25.79
C PHE C 142 6.59 47.09 -26.77
N LEU C 143 6.18 46.88 -28.00
CA LEU C 143 7.08 46.48 -29.07
C LEU C 143 6.54 47.12 -30.32
N ASP C 144 7.36 47.89 -31.03
CA ASP C 144 7.00 48.38 -32.35
C ASP C 144 7.65 47.39 -33.31
N GLU C 145 6.96 47.14 -34.41
CA GLU C 145 7.36 46.07 -35.29
C GLU C 145 8.57 46.50 -36.13
N SER C 146 9.48 45.54 -36.30
CA SER C 146 10.64 45.64 -37.17
C SER C 146 10.53 44.49 -38.15
N ALA C 147 11.58 44.21 -38.90
CA ALA C 147 11.65 42.95 -39.66
C ALA C 147 11.53 41.78 -38.67
N THR C 148 12.14 41.92 -37.49
CA THR C 148 12.14 40.84 -36.51
C THR C 148 10.82 40.87 -35.70
N MET C 149 10.53 42.00 -35.04
CA MET C 149 9.51 42.07 -33.98
C MET C 149 8.06 42.11 -34.51
N PRO C 150 7.06 41.93 -33.62
CA PRO C 150 5.68 42.27 -33.90
C PRO C 150 5.22 43.59 -33.24
N ASP C 151 4.15 44.20 -33.73
CA ASP C 151 3.50 45.28 -32.98
C ASP C 151 2.77 44.63 -31.80
N ALA C 152 3.46 44.43 -30.70
CA ALA C 152 2.78 43.97 -29.49
C ALA C 152 2.11 45.13 -28.75
N VAL C 153 0.98 44.84 -28.10
CA VAL C 153 0.27 45.75 -27.17
C VAL C 153 -0.34 45.02 -25.96
N VAL C 154 -0.19 45.61 -24.77
CA VAL C 154 -0.77 45.08 -23.55
C VAL C 154 -1.89 46.04 -23.21
N SER C 155 -2.94 45.53 -22.57
CA SER C 155 -4.17 46.28 -22.36
C SER C 155 -4.82 45.89 -21.05
N VAL C 156 -5.51 46.82 -20.42
CA VAL C 156 -6.32 46.53 -19.25
C VAL C 156 -7.61 47.34 -19.38
N ARG C 157 -8.74 46.65 -19.32
CA ARG C 157 -10.06 47.26 -19.42
C ARG C 157 -10.78 47.03 -18.12
N VAL C 158 -11.19 48.13 -17.50
CA VAL C 158 -12.13 48.05 -16.41
C VAL C 158 -13.49 48.27 -17.00
N LYS C 159 -14.43 47.43 -16.58
CA LYS C 159 -15.82 47.49 -16.97
C LYS C 159 -16.60 47.61 -15.69
N ALA C 160 -17.27 48.75 -15.50
CA ALA C 160 -18.04 49.04 -14.30
C ALA C 160 -19.51 48.71 -14.54
N PRO C 161 -20.25 48.27 -13.48
CA PRO C 161 -21.63 47.78 -13.66
C PRO C 161 -22.71 48.90 -13.72
N THR C 162 -22.67 49.69 -14.79
CA THR C 162 -23.64 50.76 -14.99
C THR C 162 -24.98 50.24 -15.59
N GLY C 163 -24.94 49.03 -16.18
CA GLY C 163 -26.13 48.39 -16.73
C GLY C 163 -27.00 47.75 -15.65
N LYS C 164 -28.28 47.57 -15.97
CA LYS C 164 -29.28 46.92 -15.11
C LYS C 164 -28.91 45.47 -14.84
N GLU C 165 -28.82 45.11 -13.56
CA GLU C 165 -28.26 43.81 -13.16
C GLU C 165 -29.28 42.71 -13.43
N PRO C 166 -28.83 41.50 -13.78
CA PRO C 166 -29.78 40.44 -14.09
C PRO C 166 -30.31 39.66 -12.89
N PHE C 167 -29.69 39.85 -11.72
CA PHE C 167 -29.96 38.99 -10.56
C PHE C 167 -31.31 39.28 -9.90
N GLY C 168 -31.70 40.55 -9.86
CA GLY C 168 -33.01 40.91 -9.32
C GLY C 168 -34.22 40.30 -10.02
N ILE C 169 -34.17 40.22 -11.35
CA ILE C 169 -35.35 39.94 -12.18
C ILE C 169 -36.01 38.63 -11.74
N LYS C 170 -37.34 38.69 -11.57
CA LYS C 170 -38.13 37.55 -11.09
C LYS C 170 -38.88 36.89 -12.27
N LEU C 171 -39.02 35.56 -12.23
CA LEU C 171 -39.59 34.78 -13.36
C LEU C 171 -41.14 34.79 -13.36
N VAL C 182 -41.67 34.34 -19.71
CA VAL C 182 -41.85 35.78 -19.50
C VAL C 182 -41.39 36.17 -18.09
N PRO C 183 -40.16 36.71 -17.96
CA PRO C 183 -39.71 37.46 -16.78
C PRO C 183 -39.99 38.98 -16.88
N GLU C 184 -40.01 39.68 -15.72
CA GLU C 184 -40.43 41.10 -15.63
C GLU C 184 -39.75 42.02 -16.65
N SER C 185 -38.43 41.97 -16.68
CA SER C 185 -37.62 42.82 -17.55
C SER C 185 -36.41 42.06 -18.05
N LEU C 186 -35.70 42.62 -19.04
CA LEU C 186 -34.43 42.05 -19.50
C LEU C 186 -33.26 42.88 -19.01
N PRO C 187 -32.13 42.22 -18.64
CA PRO C 187 -30.95 42.94 -18.16
C PRO C 187 -30.20 43.59 -19.31
N THR C 188 -29.27 44.48 -18.97
CA THR C 188 -28.38 45.06 -19.97
C THR C 188 -26.92 45.15 -19.47
N GLY C 189 -26.56 44.24 -18.57
CA GLY C 189 -25.22 44.17 -18.03
C GLY C 189 -25.10 43.12 -16.94
N ASN C 190 -23.94 42.49 -16.85
CA ASN C 190 -23.71 41.47 -15.84
C ASN C 190 -23.87 41.93 -14.39
N GLY C 191 -23.71 43.24 -14.14
CA GLY C 191 -23.93 43.82 -12.80
C GLY C 191 -22.87 43.61 -11.74
N VAL C 192 -21.63 43.41 -12.17
CA VAL C 192 -20.46 43.44 -11.28
C VAL C 192 -19.30 44.13 -12.03
N TRP C 193 -18.23 44.47 -11.30
CA TRP C 193 -17.00 45.08 -11.89
C TRP C 193 -16.07 44.03 -12.46
N SER C 194 -15.22 44.42 -13.40
CA SER C 194 -14.25 43.49 -13.92
C SER C 194 -13.02 44.13 -14.55
N ILE C 195 -11.85 43.88 -13.92
CA ILE C 195 -10.53 44.19 -14.50
C ILE C 195 -10.30 43.08 -15.51
N THR C 196 -9.69 43.45 -16.64
CA THR C 196 -9.65 42.62 -17.84
C THR C 196 -8.36 42.93 -18.66
N PRO C 197 -7.25 42.23 -18.36
CA PRO C 197 -6.00 42.49 -19.06
C PRO C 197 -5.89 41.65 -20.33
N GLY C 198 -4.99 42.03 -21.24
CA GLY C 198 -4.78 41.26 -22.47
C GLY C 198 -3.70 41.74 -23.42
N LEU C 199 -3.16 40.77 -24.18
CA LEU C 199 -2.04 40.96 -25.12
C LEU C 199 -2.48 40.84 -26.58
N SER C 200 -1.98 41.71 -27.47
CA SER C 200 -2.17 41.59 -28.91
C SER C 200 -0.86 41.47 -29.73
N MET C 201 -0.91 40.77 -30.86
CA MET C 201 0.17 40.78 -31.89
C MET C 201 -0.41 41.14 -33.22
N VAL C 202 0.37 41.87 -34.01
CA VAL C 202 0.15 42.00 -35.43
C VAL C 202 1.52 42.04 -36.11
N LYS C 203 1.60 41.49 -37.32
CA LYS C 203 2.85 41.46 -38.06
C LYS C 203 2.60 41.15 -39.52
N THR C 204 3.27 41.90 -40.36
CA THR C 204 3.12 41.78 -41.77
C THR C 204 4.14 40.82 -42.31
N PHE C 205 3.65 39.74 -42.91
CA PHE C 205 4.42 38.92 -43.81
C PHE C 205 3.80 39.14 -45.18
N ASP C 206 4.23 40.24 -45.77
CA ASP C 206 3.84 40.68 -47.12
C ASP C 206 3.36 39.52 -48.01
N PRO C 207 2.08 39.47 -48.44
CA PRO C 207 1.03 40.47 -48.18
C PRO C 207 0.10 40.14 -47.02
N ALA C 208 0.40 39.06 -46.29
CA ALA C 208 -0.43 38.60 -45.19
C ALA C 208 -0.11 39.34 -43.90
N VAL C 209 -1.10 39.96 -43.27
CA VAL C 209 -0.94 40.51 -41.93
C VAL C 209 -1.53 39.50 -40.94
N LEU C 210 -0.67 38.77 -40.24
CA LEU C 210 -1.14 37.81 -39.22
C LEU C 210 -1.44 38.62 -37.95
N PHE C 211 -2.35 38.11 -37.12
CA PHE C 211 -2.75 38.82 -35.88
C PHE C 211 -3.48 37.95 -34.88
N GLY C 212 -3.35 38.31 -33.60
CA GLY C 212 -3.87 37.48 -32.53
C GLY C 212 -3.96 38.15 -31.18
N SER C 213 -4.78 37.59 -30.31
CA SER C 213 -5.25 38.22 -29.06
C SER C 213 -5.33 37.18 -27.96
N VAL C 214 -5.21 37.61 -26.71
CA VAL C 214 -5.30 36.75 -25.55
C VAL C 214 -5.78 37.58 -24.39
N SER C 215 -6.77 37.13 -23.63
CA SER C 215 -7.14 37.84 -22.41
C SER C 215 -7.84 37.00 -21.34
N TYR C 216 -7.54 37.34 -20.09
CA TYR C 216 -8.23 36.84 -18.93
C TYR C 216 -9.24 37.92 -18.52
N THR C 217 -10.19 37.56 -17.67
CA THR C 217 -11.21 38.49 -17.21
C THR C 217 -11.64 38.19 -15.80
N HIS C 218 -11.04 38.88 -14.83
CA HIS C 218 -11.42 38.69 -13.43
C HIS C 218 -12.69 39.47 -13.11
N ASN C 219 -13.70 38.75 -12.62
CA ASN C 219 -14.93 39.35 -12.14
C ASN C 219 -14.90 39.54 -10.62
N LEU C 220 -15.31 40.72 -10.17
CA LEU C 220 -15.38 41.05 -8.74
C LEU C 220 -16.68 40.54 -8.09
N GLU C 221 -16.62 40.24 -6.78
CA GLU C 221 -17.81 39.79 -6.00
C GLU C 221 -18.67 40.99 -5.64
N ASP C 222 -19.96 40.77 -5.41
CA ASP C 222 -20.89 41.84 -4.97
C ASP C 222 -22.02 41.21 -4.15
N SER C 223 -22.72 42.00 -3.34
CA SER C 223 -23.95 41.56 -2.63
C SER C 223 -25.22 42.08 -3.36
N PHE C 224 -26.35 41.39 -3.16
CA PHE C 224 -27.63 41.77 -3.79
C PHE C 224 -28.82 41.37 -2.90
N SER C 229 -36.30 35.40 -9.10
CA SER C 229 -36.06 34.04 -8.64
C SER C 229 -37.39 33.29 -8.59
N VAL C 231 -39.84 34.68 -6.94
CA VAL C 231 -40.84 35.74 -6.91
C VAL C 231 -41.72 35.64 -5.67
N ASN C 232 -42.16 34.43 -5.34
CA ASN C 232 -42.96 34.20 -4.14
C ASN C 232 -42.19 34.62 -2.86
N GLN C 233 -40.89 34.28 -2.82
CA GLN C 233 -39.95 34.72 -1.76
C GLN C 233 -39.00 35.81 -2.29
N LYS C 234 -38.07 36.28 -1.44
CA LYS C 234 -37.03 37.27 -1.84
C LYS C 234 -35.76 37.18 -0.96
N VAL C 235 -34.84 36.26 -1.32
CA VAL C 235 -33.54 36.08 -0.66
C VAL C 235 -32.51 37.07 -1.18
N GLY C 236 -31.36 37.19 -0.51
CA GLY C 236 -30.35 38.19 -0.89
C GLY C 236 -28.97 37.91 -0.35
N GLY C 237 -27.96 37.94 -1.23
CA GLY C 237 -26.59 37.54 -0.86
C GLY C 237 -25.48 37.82 -1.88
N LYS C 238 -24.33 37.20 -1.64
CA LYS C 238 -23.12 37.41 -2.44
C LYS C 238 -23.12 36.56 -3.72
N VAL C 239 -22.47 37.05 -4.78
CA VAL C 239 -22.36 36.33 -6.06
C VAL C 239 -20.95 36.48 -6.64
N ARG C 240 -20.46 35.40 -7.27
CA ARG C 240 -19.15 35.36 -7.94
C ARG C 240 -19.29 34.89 -9.39
N LEU C 241 -19.25 35.82 -10.33
CA LEU C 241 -19.33 35.47 -11.75
C LEU C 241 -18.04 34.83 -12.25
N GLY C 242 -18.18 33.85 -13.12
CA GLY C 242 -17.06 33.05 -13.57
C GLY C 242 -16.03 33.88 -14.28
N ASP C 243 -14.76 33.55 -14.07
CA ASP C 243 -13.66 34.22 -14.79
C ASP C 243 -13.61 33.69 -16.21
N SER C 244 -12.98 34.46 -17.10
CA SER C 244 -13.07 34.17 -18.52
C SER C 244 -11.75 34.42 -19.23
N PHE C 245 -11.26 33.37 -19.88
CA PHE C 245 -10.09 33.42 -20.76
C PHE C 245 -10.63 33.57 -22.18
N GLN C 246 -9.95 34.35 -23.01
CA GLN C 246 -10.34 34.59 -24.43
C GLN C 246 -9.13 34.61 -25.32
N PHE C 247 -9.28 34.14 -26.55
CA PHE C 247 -8.18 34.15 -27.52
C PHE C 247 -8.67 33.99 -28.95
N GLY C 248 -7.96 34.63 -29.87
CA GLY C 248 -8.27 34.54 -31.29
C GLY C 248 -7.06 34.74 -32.18
N VAL C 249 -7.27 34.52 -33.46
CA VAL C 249 -6.20 34.53 -34.44
C VAL C 249 -6.87 34.89 -35.77
N GLY C 250 -6.11 35.47 -36.67
CA GLY C 250 -6.61 35.74 -38.01
C GLY C 250 -5.62 36.37 -38.96
N VAL C 251 -5.77 36.10 -40.24
CA VAL C 251 -4.97 36.76 -41.28
C VAL C 251 -5.82 37.91 -41.82
N ALA C 252 -5.16 39.00 -42.23
CA ALA C 252 -5.82 40.10 -42.92
C ALA C 252 -5.08 40.45 -44.20
N PHE C 253 -5.75 41.18 -45.08
CA PHE C 253 -5.16 41.61 -46.34
C PHE C 253 -5.44 43.08 -46.64
N ALA C 254 -4.47 43.73 -47.26
CA ALA C 254 -4.61 45.08 -47.78
C ALA C 254 -5.01 44.92 -49.22
N LEU C 255 -6.28 45.20 -49.55
CA LEU C 255 -6.83 44.90 -50.88
C LEU C 255 -6.47 45.97 -51.88
N ASN C 256 -6.67 47.22 -51.50
CA ASN C 256 -6.18 48.36 -52.28
C ASN C 256 -5.97 49.56 -51.35
N GLU C 257 -5.62 50.71 -51.92
CA GLU C 257 -5.38 51.92 -51.11
C GLU C 257 -6.44 52.17 -50.02
N ARG C 258 -7.73 52.05 -50.36
CA ARG C 258 -8.83 52.38 -49.45
C ARG C 258 -9.40 51.23 -48.60
N MET C 259 -9.24 49.98 -49.05
CA MET C 259 -9.87 48.87 -48.32
C MET C 259 -9.05 47.61 -48.04
N SER C 260 -9.43 46.96 -46.95
CA SER C 260 -8.83 45.75 -46.44
C SER C 260 -9.91 44.70 -46.20
N MET C 261 -9.46 43.44 -46.11
CA MET C 261 -10.33 42.32 -45.74
C MET C 261 -9.69 41.41 -44.68
N SER C 262 -10.51 40.92 -43.76
CA SER C 262 -10.06 40.10 -42.66
C SER C 262 -10.75 38.73 -42.63
N PHE C 263 -10.21 37.84 -41.81
CA PHE C 263 -10.77 36.53 -41.51
C PHE C 263 -10.20 36.21 -40.17
N SER C 264 -11.00 35.76 -39.22
CA SER C 264 -10.46 35.45 -37.90
C SER C 264 -11.35 34.50 -37.13
N VAL C 265 -10.81 34.01 -36.02
CA VAL C 265 -11.48 33.03 -35.17
C VAL C 265 -11.19 33.37 -33.74
N SER C 266 -12.10 33.02 -32.86
CA SER C 266 -11.88 33.25 -31.45
C SER C 266 -12.77 32.33 -30.65
N ASP C 267 -12.35 32.03 -29.42
CA ASP C 267 -13.16 31.25 -28.51
C ASP C 267 -13.14 31.82 -27.08
N LEU C 268 -14.28 32.29 -26.59
CA LEU C 268 -14.43 32.74 -25.20
C LEU C 268 -14.70 31.53 -24.29
N ILE C 269 -13.99 31.44 -23.16
CA ILE C 269 -14.14 30.30 -22.22
C ILE C 269 -14.48 30.80 -20.81
N GLN C 270 -15.77 30.82 -20.53
CA GLN C 270 -16.33 31.31 -19.26
C GLN C 270 -16.30 30.22 -18.19
N ARG C 271 -15.54 30.41 -17.11
CA ARG C 271 -15.54 29.47 -15.97
C ARG C 271 -16.89 29.52 -15.23
N LYS C 272 -17.18 28.52 -14.38
CA LYS C 272 -18.48 28.44 -13.67
C LYS C 272 -18.72 29.57 -12.64
N SER C 273 -19.97 29.73 -12.17
CA SER C 273 -20.38 30.87 -11.32
C SER C 273 -21.02 30.43 -9.97
N LYS C 274 -20.32 30.69 -8.87
CA LYS C 274 -20.84 30.35 -7.54
C LYS C 274 -21.88 31.41 -7.08
N LEU C 275 -22.80 31.01 -6.19
CA LEU C 275 -23.79 31.92 -5.57
C LEU C 275 -24.09 31.49 -4.12
N LYS C 276 -24.00 32.43 -3.17
CA LYS C 276 -24.13 32.13 -1.73
C LYS C 276 -25.27 32.94 -1.09
N PRO C 277 -26.42 32.28 -0.80
CA PRO C 277 -27.53 32.99 -0.14
C PRO C 277 -27.27 33.30 1.34
N ASP C 278 -27.94 34.32 1.88
CA ASP C 278 -27.73 34.78 3.26
C ASP C 278 -28.45 33.87 4.26
N GLY C 280 -26.05 31.09 4.25
CA GLY C 280 -26.02 29.89 3.41
C GLY C 280 -24.61 29.48 3.06
N GLY C 281 -24.45 28.84 1.90
CA GLY C 281 -23.14 28.39 1.42
C GLY C 281 -23.00 28.41 -0.09
N TRP C 282 -21.77 28.54 -0.57
CA TRP C 282 -21.47 28.69 -2.01
C TRP C 282 -21.94 27.47 -2.85
N GLN C 283 -22.92 27.71 -3.73
CA GLN C 283 -23.44 26.72 -4.67
C GLN C 283 -23.11 27.10 -6.13
N SER C 284 -22.38 26.23 -6.83
CA SER C 284 -22.16 26.38 -8.28
C SER C 284 -23.49 26.27 -9.01
N ILE C 285 -23.71 27.17 -9.97
CA ILE C 285 -24.79 27.04 -10.95
C ILE C 285 -24.30 26.07 -12.03
N VAL C 286 -24.92 24.88 -12.12
CA VAL C 286 -24.75 24.00 -13.29
C VAL C 286 -25.32 24.76 -14.49
N SER C 287 -24.56 24.81 -15.60
CA SER C 287 -24.91 25.53 -16.86
C SER C 287 -24.21 26.89 -17.08
N SER C 288 -23.88 27.61 -16.01
CA SER C 288 -23.32 28.96 -16.14
C SER C 288 -21.99 28.99 -16.90
N ASP C 289 -21.27 27.86 -16.87
CA ASP C 289 -20.03 27.65 -17.65
C ASP C 289 -20.32 27.75 -19.13
N ALA C 290 -19.38 28.24 -19.92
CA ALA C 290 -19.66 28.44 -21.34
C ALA C 290 -18.44 28.47 -22.22
N ASN C 291 -18.66 28.18 -23.49
CA ASN C 291 -17.65 28.25 -24.52
C ASN C 291 -18.30 28.91 -25.74
N ALA C 292 -17.84 30.11 -26.11
CA ALA C 292 -18.44 30.86 -27.25
C ALA C 292 -17.49 30.99 -28.44
N GLY C 293 -17.56 30.01 -29.34
CA GLY C 293 -16.76 30.02 -30.54
C GLY C 293 -17.35 31.03 -31.50
N TYR C 294 -16.50 31.82 -32.16
CA TYR C 294 -16.91 32.75 -33.22
C TYR C 294 -16.02 32.66 -34.45
N PHE C 295 -16.59 32.88 -35.63
CA PHE C 295 -15.83 33.00 -36.89
C PHE C 295 -16.22 34.29 -37.62
N ASN C 296 -15.24 35.12 -37.98
CA ASN C 296 -15.51 36.50 -38.43
C ASN C 296 -14.96 36.82 -39.82
N VAL C 297 -15.76 37.48 -40.64
CA VAL C 297 -15.31 38.03 -41.92
C VAL C 297 -15.57 39.54 -41.85
N GLY C 298 -14.57 40.33 -42.21
CA GLY C 298 -14.58 41.76 -41.92
C GLY C 298 -13.97 42.57 -43.02
N MET C 299 -14.14 43.88 -42.93
CA MET C 299 -13.56 44.81 -43.87
C MET C 299 -13.33 46.15 -43.19
N THR C 300 -12.38 46.89 -43.74
CA THR C 300 -12.25 48.31 -43.48
C THR C 300 -12.28 48.99 -44.84
N ILE C 301 -13.16 49.96 -44.97
CA ILE C 301 -13.24 50.78 -46.17
C ILE C 301 -13.09 52.22 -45.75
N ALA C 302 -12.15 52.90 -46.41
CA ALA C 302 -11.80 54.27 -46.11
C ALA C 302 -12.73 55.22 -46.87
N ALA C 303 -13.49 56.01 -46.12
CA ALA C 303 -14.41 57.00 -46.69
C ALA C 303 -13.71 58.36 -46.89
N SER C 304 -13.67 59.18 -45.84
CA SER C 304 -12.99 60.47 -45.87
C SER C 304 -11.48 60.23 -45.65
N GLU C 305 -10.76 61.32 -45.37
CA GLU C 305 -9.38 61.26 -44.87
C GLU C 305 -9.31 60.59 -43.48
N ASN C 306 -10.36 60.76 -42.67
CA ASN C 306 -10.40 60.35 -41.24
C ASN C 306 -11.56 59.41 -40.80
N LEU C 307 -12.47 59.06 -41.71
CA LEU C 307 -13.62 58.19 -41.42
C LEU C 307 -13.42 56.83 -42.09
N THR C 308 -13.32 55.78 -41.29
CA THR C 308 -13.38 54.39 -41.75
C THR C 308 -14.82 53.82 -41.60
N ILE C 309 -15.21 52.91 -42.50
CA ILE C 309 -16.43 52.12 -42.32
C ILE C 309 -15.98 50.69 -42.12
N VAL C 310 -16.44 50.11 -41.00
CA VAL C 310 -15.99 48.82 -40.51
C VAL C 310 -17.20 47.91 -40.37
N PRO C 311 -17.51 47.15 -41.44
CA PRO C 311 -18.50 46.07 -41.36
C PRO C 311 -17.86 44.73 -40.97
N ASN C 312 -18.61 43.91 -40.22
CA ASN C 312 -18.12 42.63 -39.77
C ASN C 312 -19.18 41.59 -39.40
N LEU C 313 -19.27 40.56 -40.22
CA LEU C 313 -20.05 39.38 -39.92
C LEU C 313 -19.31 38.55 -38.90
N ALA C 314 -20.04 38.01 -37.93
CA ALA C 314 -19.50 37.14 -36.89
C ALA C 314 -20.39 35.90 -36.68
N ILE C 315 -20.12 34.88 -37.50
CA ILE C 315 -20.87 33.62 -37.47
C ILE C 315 -20.56 32.88 -36.17
N GLY C 316 -21.56 32.66 -35.34
CA GLY C 316 -21.39 31.84 -34.14
C GLY C 316 -21.15 30.37 -34.44
N MET C 317 -20.32 29.73 -33.65
CA MET C 317 -19.95 28.34 -33.91
C MET C 317 -20.62 27.40 -32.91
N THR C 318 -20.59 27.76 -31.63
CA THR C 318 -21.17 26.94 -30.60
C THR C 318 -22.55 27.48 -30.26
N ASP C 319 -23.25 26.74 -29.39
CA ASP C 319 -24.60 27.09 -28.92
C ASP C 319 -24.65 28.37 -28.08
N ASP C 320 -23.51 28.77 -27.50
CA ASP C 320 -23.45 29.93 -26.59
C ASP C 320 -23.10 31.25 -27.27
N ALA C 321 -22.69 31.19 -28.53
CA ALA C 321 -22.68 32.38 -29.34
C ALA C 321 -24.09 32.67 -29.81
N PRO C 322 -24.35 33.90 -30.26
CA PRO C 322 -25.52 34.12 -31.10
C PRO C 322 -25.34 33.41 -32.44
N ASP C 323 -26.46 32.98 -33.02
CA ASP C 323 -26.46 32.40 -34.36
C ASP C 323 -25.61 33.25 -35.30
N PHE C 324 -25.80 34.58 -35.24
CA PHE C 324 -24.95 35.51 -35.99
C PHE C 324 -24.96 36.95 -35.41
N THR C 325 -24.05 37.77 -35.92
CA THR C 325 -23.92 39.16 -35.51
C THR C 325 -23.30 40.01 -36.60
N PHE C 326 -24.07 40.94 -37.15
CA PHE C 326 -23.49 42.02 -37.95
C PHE C 326 -23.12 43.21 -37.02
N SER C 327 -22.03 43.89 -37.39
CA SER C 327 -21.60 45.15 -36.77
C SER C 327 -21.17 46.11 -37.88
N LEU C 328 -21.76 47.30 -37.87
CA LEU C 328 -21.19 48.48 -38.58
C LEU C 328 -20.61 49.41 -37.55
N LYS C 329 -19.35 49.81 -37.73
CA LYS C 329 -18.73 50.83 -36.90
C LYS C 329 -18.10 51.91 -37.76
N PHE C 330 -18.07 53.12 -37.21
CA PHE C 330 -17.55 54.28 -37.91
C PHE C 330 -16.54 55.03 -37.01
N PRO C 331 -15.25 54.59 -37.02
CA PRO C 331 -14.24 55.38 -36.33
C PRO C 331 -13.86 56.64 -37.11
N TYR C 332 -14.05 57.79 -36.46
CA TYR C 332 -13.55 59.08 -36.93
C TYR C 332 -12.30 59.46 -36.12
N TYR C 333 -11.24 59.88 -36.83
CA TYR C 333 -10.00 60.33 -36.20
C TYR C 333 -9.93 61.86 -36.24
N PHE C 334 -10.22 62.49 -35.09
CA PHE C 334 -10.24 63.96 -34.91
C PHE C 334 -8.90 64.44 -34.35
N PRO D 16 25.76 -41.91 4.44
CA PRO D 16 24.39 -42.02 4.99
C PRO D 16 24.24 -41.40 6.39
N ALA D 17 23.53 -40.27 6.49
CA ALA D 17 23.39 -39.53 7.76
C ALA D 17 22.89 -40.40 8.89
N GLN D 18 23.17 -39.97 10.11
CA GLN D 18 22.80 -40.75 11.29
C GLN D 18 21.29 -40.77 11.47
N SER D 19 20.67 -39.59 11.38
CA SER D 19 19.21 -39.47 11.44
C SER D 19 18.53 -40.42 10.47
N VAL D 20 19.03 -40.48 9.23
CA VAL D 20 18.39 -41.26 8.14
C VAL D 20 18.44 -42.78 8.36
N SER D 21 19.65 -43.27 8.67
CA SER D 21 19.84 -44.65 9.09
C SER D 21 19.19 -44.97 10.42
N ASN D 22 19.14 -44.02 11.35
CA ASN D 22 18.25 -44.18 12.53
C ASN D 22 16.75 -44.14 12.18
N LEU D 23 16.31 -43.24 11.27
CA LEU D 23 14.89 -43.18 10.84
C LEU D 23 14.49 -44.52 10.24
N TYR D 24 15.34 -45.08 9.36
CA TYR D 24 15.11 -46.42 8.76
C TYR D 24 15.14 -47.59 9.74
N ASN D 25 15.96 -47.50 10.79
CA ASN D 25 16.00 -48.52 11.84
C ASN D 25 14.63 -48.75 12.48
N GLU D 26 14.18 -47.82 13.33
CA GLU D 26 12.91 -47.99 14.07
C GLU D 26 11.77 -48.18 13.08
N ALA D 27 11.91 -47.67 11.87
CA ALA D 27 10.91 -47.93 10.84
C ALA D 27 11.03 -49.33 10.28
N SER D 28 12.13 -49.64 9.59
CA SER D 28 12.23 -50.95 8.90
C SER D 28 12.33 -52.12 9.87
N GLY D 29 12.76 -51.85 11.11
CA GLY D 29 12.89 -52.86 12.15
C GLY D 29 14.11 -53.77 12.00
N PHE D 30 15.07 -53.35 11.15
CA PHE D 30 16.17 -54.19 10.67
C PHE D 30 17.44 -53.43 10.98
N PHE D 31 18.10 -53.83 12.07
CA PHE D 31 19.03 -52.98 12.79
C PHE D 31 20.40 -52.98 12.13
N GLY D 32 20.46 -52.29 10.98
CA GLY D 32 21.56 -52.37 10.01
C GLY D 32 22.48 -51.16 9.84
N ASN D 33 22.74 -50.42 10.94
CA ASN D 33 23.86 -49.47 10.99
C ASN D 33 25.21 -50.22 10.89
N GLY D 34 25.30 -51.34 11.60
CA GLY D 34 26.47 -52.26 11.57
C GLY D 34 26.07 -53.73 11.66
N LYS D 35 26.90 -54.55 12.34
CA LYS D 35 26.72 -56.02 12.40
C LYS D 35 26.30 -56.65 13.74
N PHE D 36 26.27 -55.88 14.84
CA PHE D 36 25.78 -56.40 16.13
C PHE D 36 25.06 -55.31 16.92
N SER D 37 23.77 -55.47 17.14
CA SER D 37 22.99 -54.48 17.88
C SER D 37 22.58 -55.06 19.19
N PHE D 38 22.84 -54.32 20.27
CA PHE D 38 22.29 -54.64 21.58
C PHE D 38 21.55 -53.40 22.03
N GLU D 39 20.32 -53.57 22.50
CA GLU D 39 19.42 -52.46 22.81
C GLU D 39 18.79 -52.60 24.19
N THR D 40 19.02 -51.60 25.04
CA THR D 40 18.30 -51.48 26.30
C THR D 40 17.06 -50.63 26.05
N GLY D 41 15.94 -51.03 26.64
CA GLY D 41 14.71 -50.24 26.59
C GLY D 41 13.97 -50.26 27.91
N ILE D 42 13.44 -49.10 28.28
CA ILE D 42 12.61 -48.93 29.47
C ILE D 42 11.26 -48.30 29.02
N THR D 43 10.14 -48.94 29.38
CA THR D 43 8.79 -48.50 28.97
C THR D 43 7.81 -48.36 30.16
N TYR D 44 7.14 -47.21 30.26
CA TYR D 44 6.06 -46.98 31.20
C TYR D 44 4.72 -46.86 30.49
N ALA D 45 3.77 -47.72 30.86
CA ALA D 45 2.39 -47.71 30.38
C ALA D 45 1.37 -47.69 31.53
N ARG D 46 0.24 -47.02 31.31
CA ARG D 46 -0.72 -46.70 32.37
C ARG D 46 -2.17 -46.95 31.91
N TYR D 47 -2.96 -47.61 32.77
CA TYR D 47 -4.35 -48.03 32.50
C TYR D 47 -5.39 -47.32 33.40
N ASP D 48 -6.57 -47.05 32.84
CA ASP D 48 -7.56 -46.12 33.44
C ASP D 48 -8.26 -46.67 34.67
N ILE D 73 -10.12 -50.11 38.39
CA ILE D 73 -8.76 -50.60 38.16
C ILE D 73 -7.78 -49.50 37.65
N LYS D 74 -7.03 -48.90 38.58
CA LYS D 74 -5.87 -48.06 38.28
C LYS D 74 -4.66 -49.00 38.13
N ALA D 75 -3.79 -48.77 37.14
CA ALA D 75 -2.60 -49.62 36.97
C ALA D 75 -1.40 -48.90 36.34
N ASP D 76 -0.28 -48.90 37.08
CA ASP D 76 1.01 -48.34 36.64
C ASP D 76 1.92 -49.53 36.38
N ASN D 77 2.48 -49.62 35.17
CA ASN D 77 3.24 -50.80 34.68
C ASN D 77 4.54 -50.48 33.95
N TRP D 78 5.70 -50.94 34.46
CA TRP D 78 6.99 -50.73 33.78
C TRP D 78 7.56 -51.99 33.18
N THR D 79 8.25 -51.82 32.04
CA THR D 79 8.91 -52.93 31.35
C THR D 79 10.31 -52.53 30.87
N LEU D 80 11.25 -53.47 31.00
CA LEU D 80 12.63 -53.27 30.64
C LEU D 80 13.03 -54.30 29.59
N ASP D 81 13.01 -53.90 28.32
CA ASP D 81 13.45 -54.80 27.26
C ASP D 81 14.96 -54.77 27.12
N LEU D 82 15.54 -55.97 27.04
CA LEU D 82 16.92 -56.16 26.64
C LEU D 82 16.85 -56.88 25.30
N THR D 83 17.55 -56.38 24.27
CA THR D 83 17.42 -56.94 22.93
C THR D 83 18.79 -56.97 22.25
N GLY D 84 19.06 -58.04 21.51
CA GLY D 84 20.32 -58.19 20.80
C GLY D 84 20.07 -58.79 19.44
N ALA D 85 20.75 -58.29 18.40
CA ALA D 85 20.54 -58.77 17.04
C ALA D 85 21.85 -58.91 16.29
N TYR D 86 21.91 -59.89 15.39
CA TYR D 86 23.08 -60.14 14.55
C TYR D 86 22.62 -59.94 13.10
N ASN D 87 23.42 -59.20 12.32
CA ASN D 87 23.14 -58.94 10.89
C ASN D 87 24.11 -59.73 10.01
N LEU D 88 23.57 -60.55 9.11
CA LEU D 88 24.36 -61.26 8.09
C LEU D 88 24.26 -60.57 6.72
N ASP D 89 25.31 -60.71 5.89
CA ASP D 89 25.48 -60.11 4.53
C ASP D 89 24.69 -58.82 4.20
N ASN D 90 24.55 -57.93 5.18
CA ASN D 90 23.72 -56.70 5.08
C ASN D 90 22.23 -56.97 4.74
N ARG D 91 21.75 -58.16 5.12
CA ARG D 91 20.60 -58.82 4.47
C ARG D 91 19.74 -59.71 5.38
N TRP D 92 20.38 -60.60 6.14
CA TRP D 92 19.70 -61.45 7.13
C TRP D 92 19.86 -60.89 8.55
N GLN D 93 18.85 -61.10 9.39
CA GLN D 93 18.94 -60.65 10.76
C GLN D 93 18.25 -61.61 11.72
N PHE D 94 18.94 -61.89 12.83
CA PHE D 94 18.48 -62.76 13.90
C PHE D 94 18.61 -62.00 15.23
N ASP D 95 17.68 -62.25 16.15
CA ASP D 95 17.69 -61.54 17.43
C ASP D 95 16.77 -62.14 18.48
N VAL D 96 17.08 -61.82 19.72
CA VAL D 96 16.27 -62.18 20.89
C VAL D 96 15.97 -60.93 21.71
N ASN D 97 14.93 -61.06 22.52
CA ASN D 97 14.40 -59.98 23.36
C ASN D 97 13.97 -60.61 24.65
N VAL D 98 14.19 -59.92 25.76
CA VAL D 98 13.79 -60.43 27.08
C VAL D 98 13.01 -59.37 27.83
N PRO D 99 11.68 -59.35 27.69
CA PRO D 99 10.96 -58.35 28.47
C PRO D 99 11.12 -58.65 29.93
N VAL D 100 11.24 -57.62 30.74
CA VAL D 100 11.29 -57.76 32.19
C VAL D 100 10.29 -56.76 32.76
N VAL D 101 9.39 -57.25 33.61
CA VAL D 101 8.13 -56.57 33.88
C VAL D 101 7.87 -56.30 35.35
N TYR D 102 7.59 -55.04 35.68
CA TYR D 102 7.05 -54.67 37.00
C TYR D 102 5.61 -54.13 36.80
N ARG D 103 4.69 -54.61 37.63
CA ARG D 103 3.25 -54.33 37.53
C ARG D 103 2.73 -53.83 38.86
N GLU D 104 1.72 -52.97 38.84
CA GLU D 104 0.98 -52.66 40.07
C GLU D 104 -0.46 -52.19 39.80
N SER D 105 -1.35 -53.18 39.64
CA SER D 105 -2.78 -52.93 39.51
C SER D 105 -3.35 -52.60 40.89
N THR D 106 -4.28 -51.64 40.94
CA THR D 106 -4.94 -51.20 42.17
C THR D 106 -6.44 -51.03 41.93
N TYR D 107 -7.27 -51.44 42.89
CA TYR D 107 -8.72 -51.68 42.66
C TYR D 107 -9.67 -50.71 43.39
N SER D 121 -11.86 -49.74 50.63
CA SER D 121 -12.34 -49.63 49.25
C SER D 121 -11.18 -49.57 48.21
N GLU D 122 -9.94 -49.59 48.69
CA GLU D 122 -8.73 -49.58 47.86
C GLU D 122 -7.82 -50.76 48.23
N GLU D 123 -7.70 -51.72 47.33
CA GLU D 123 -6.74 -52.82 47.49
C GLU D 123 -5.80 -52.79 46.30
N SER D 124 -4.52 -53.08 46.57
CA SER D 124 -3.47 -53.03 45.54
C SER D 124 -2.65 -54.32 45.53
N VAL D 125 -2.24 -54.69 44.33
CA VAL D 125 -1.50 -55.90 44.07
C VAL D 125 -0.31 -55.51 43.23
N SER D 126 0.80 -56.23 43.37
CA SER D 126 1.97 -55.95 42.54
C SER D 126 2.61 -57.23 42.04
N ARG D 127 3.52 -57.05 41.07
CA ARG D 127 4.43 -58.09 40.62
C ARG D 127 5.80 -57.44 40.51
N ASP D 128 6.77 -58.00 41.23
CA ASP D 128 8.13 -57.44 41.27
C ASP D 128 8.96 -57.96 40.09
N PRO D 129 9.96 -57.16 39.64
CA PRO D 129 10.61 -57.44 38.34
C PRO D 129 10.86 -58.92 38.06
N THR D 130 10.07 -59.47 37.15
CA THR D 130 10.23 -60.83 36.63
C THR D 130 10.26 -60.74 35.12
N ILE D 131 10.75 -61.80 34.48
CA ILE D 131 10.42 -62.01 33.05
C ILE D 131 8.88 -62.21 32.98
N GLY D 132 8.20 -61.93 31.86
CA GLY D 132 8.75 -61.67 30.54
C GLY D 132 8.40 -62.87 29.69
N ASP D 133 7.87 -62.64 28.48
CA ASP D 133 7.80 -63.71 27.48
C ASP D 133 8.85 -63.47 26.43
N VAL D 134 9.73 -64.45 26.27
CA VAL D 134 10.87 -64.29 25.39
C VAL D 134 10.45 -64.62 23.97
N ASN D 135 10.93 -63.78 23.06
CA ASN D 135 10.60 -63.90 21.67
C ASN D 135 11.90 -63.82 20.93
N PHE D 136 11.92 -64.35 19.71
CA PHE D 136 13.11 -64.24 18.91
C PHE D 136 12.76 -64.25 17.45
N GLY D 137 13.38 -63.31 16.74
CA GLY D 137 12.94 -62.98 15.40
C GLY D 137 13.98 -63.32 14.38
N ILE D 138 13.52 -63.75 13.21
CA ILE D 138 14.36 -63.86 12.03
C ILE D 138 13.80 -62.79 11.09
N ALA D 139 14.68 -62.17 10.30
CA ALA D 139 14.27 -61.11 9.38
C ALA D 139 15.16 -61.04 8.15
N TYR D 140 14.52 -60.86 7.00
CA TYR D 140 15.17 -60.94 5.70
C TYR D 140 14.73 -59.73 4.89
N LYS D 141 15.70 -58.96 4.39
CA LYS D 141 15.43 -57.81 3.53
C LYS D 141 15.36 -58.27 2.05
N PHE D 142 14.15 -58.39 1.50
CA PHE D 142 14.01 -58.94 0.15
C PHE D 142 14.07 -57.91 -0.97
N LEU D 143 13.68 -56.67 -0.66
CA LEU D 143 13.79 -55.55 -1.60
C LEU D 143 14.67 -54.43 -1.05
N ASP D 144 15.63 -54.02 -1.86
CA ASP D 144 16.48 -52.87 -1.57
C ASP D 144 15.88 -51.66 -2.25
N GLU D 145 15.76 -50.57 -1.51
CA GLU D 145 15.24 -49.33 -2.06
C GLU D 145 15.98 -48.78 -3.31
N SER D 146 15.18 -48.42 -4.30
CA SER D 146 15.56 -47.65 -5.47
C SER D 146 14.52 -46.54 -5.58
N ALA D 147 14.49 -45.82 -6.70
CA ALA D 147 13.42 -44.83 -6.94
C ALA D 147 12.06 -45.48 -7.23
N THR D 148 12.06 -46.52 -8.08
CA THR D 148 10.84 -47.27 -8.43
C THR D 148 10.38 -48.25 -7.34
N MET D 149 11.34 -48.83 -6.59
CA MET D 149 11.06 -49.80 -5.47
C MET D 149 11.24 -49.15 -4.07
N PRO D 150 10.74 -49.80 -2.99
CA PRO D 150 11.01 -49.40 -1.61
C PRO D 150 12.05 -50.29 -0.90
N ASP D 151 12.29 -50.01 0.38
CA ASP D 151 12.94 -50.95 1.25
C ASP D 151 11.82 -51.74 1.91
N ALA D 152 11.86 -53.06 1.74
CA ALA D 152 10.84 -53.95 2.32
C ALA D 152 11.50 -55.14 2.99
N VAL D 153 10.86 -55.60 4.05
CA VAL D 153 11.43 -56.55 4.98
C VAL D 153 10.36 -57.56 5.46
N VAL D 154 10.58 -58.84 5.14
CA VAL D 154 9.80 -59.95 5.70
C VAL D 154 10.45 -60.45 7.00
N SER D 155 9.65 -60.97 7.93
CA SER D 155 10.18 -61.44 9.23
C SER D 155 9.28 -62.46 9.91
N VAL D 156 9.79 -63.10 10.95
CA VAL D 156 9.02 -64.08 11.71
C VAL D 156 9.45 -64.01 13.16
N ARG D 157 8.47 -63.96 14.06
CA ARG D 157 8.74 -63.74 15.48
C ARG D 157 8.02 -64.81 16.32
N VAL D 158 8.78 -65.87 16.59
CA VAL D 158 8.37 -66.94 17.46
C VAL D 158 8.48 -66.39 18.88
N LYS D 159 7.56 -66.82 19.76
CA LYS D 159 7.48 -66.24 21.08
C LYS D 159 6.93 -67.21 22.10
N ALA D 160 7.69 -67.41 23.16
CA ALA D 160 7.49 -68.51 24.09
C ALA D 160 6.82 -68.09 25.40
N PRO D 161 6.06 -69.02 26.03
CA PRO D 161 5.34 -68.75 27.28
C PRO D 161 6.26 -68.83 28.47
N THR D 162 7.19 -67.90 28.52
CA THR D 162 8.28 -67.91 29.49
C THR D 162 7.85 -67.29 30.82
N GLY D 163 7.01 -66.25 30.77
CA GLY D 163 6.55 -65.51 31.95
C GLY D 163 5.35 -66.11 32.64
N LYS D 164 4.94 -65.48 33.75
CA LYS D 164 3.80 -65.93 34.57
C LYS D 164 2.52 -65.85 33.74
N GLU D 165 1.74 -66.93 33.78
CA GLU D 165 0.55 -67.05 32.94
C GLU D 165 -0.71 -66.74 33.76
N PRO D 166 -1.75 -66.19 33.09
CA PRO D 166 -2.96 -65.75 33.79
C PRO D 166 -3.81 -66.87 34.38
N PHE D 167 -3.87 -68.02 33.70
CA PHE D 167 -4.87 -69.07 33.97
C PHE D 167 -4.65 -69.67 35.33
N GLY D 168 -5.73 -69.89 36.07
CA GLY D 168 -5.65 -70.45 37.41
C GLY D 168 -5.08 -69.56 38.49
N ILE D 169 -4.81 -68.28 38.17
CA ILE D 169 -4.56 -67.27 39.19
C ILE D 169 -5.91 -67.06 39.89
N LYS D 170 -5.89 -67.11 41.21
CA LYS D 170 -7.11 -67.17 42.00
C LYS D 170 -7.58 -65.76 42.45
N LEU D 171 -8.68 -65.71 43.21
CA LEU D 171 -9.22 -64.48 43.83
C LEU D 171 -9.47 -64.69 45.34
N PRO D 183 -7.29 -60.54 43.30
CA PRO D 183 -6.28 -61.28 42.54
C PRO D 183 -5.04 -61.60 43.39
N GLU D 184 -4.60 -62.86 43.37
CA GLU D 184 -3.44 -63.30 44.18
C GLU D 184 -2.11 -62.84 43.60
N SER D 185 -2.05 -62.82 42.26
CA SER D 185 -0.87 -62.39 41.52
C SER D 185 -1.23 -61.87 40.13
N LEU D 186 -0.42 -60.95 39.65
CA LEU D 186 -0.56 -60.45 38.30
C LEU D 186 0.29 -61.33 37.39
N PRO D 187 -0.13 -61.48 36.13
CA PRO D 187 0.62 -62.25 35.15
C PRO D 187 1.78 -61.48 34.57
N THR D 188 2.46 -62.09 33.60
CA THR D 188 3.52 -61.41 32.86
C THR D 188 3.69 -61.92 31.42
N GLY D 189 2.68 -62.58 30.88
CA GLY D 189 2.79 -63.31 29.60
C GLY D 189 1.46 -63.96 29.27
N ASN D 190 1.12 -64.11 27.99
CA ASN D 190 -0.19 -64.67 27.66
C ASN D 190 -0.34 -66.18 28.03
N GLY D 191 0.79 -66.87 28.15
CA GLY D 191 0.81 -68.26 28.58
C GLY D 191 0.96 -69.26 27.46
N VAL D 192 1.06 -68.79 26.21
CA VAL D 192 1.21 -69.67 25.04
C VAL D 192 2.32 -69.25 24.06
N TRP D 193 2.63 -70.17 23.14
CA TRP D 193 3.55 -69.92 22.04
C TRP D 193 2.82 -69.15 20.98
N SER D 194 3.54 -68.31 20.23
CA SER D 194 2.91 -67.52 19.16
C SER D 194 3.87 -67.18 18.02
N ILE D 195 3.74 -67.94 16.93
CA ILE D 195 4.43 -67.66 15.67
C ILE D 195 3.79 -66.43 15.00
N THR D 196 4.60 -65.50 14.46
CA THR D 196 4.11 -64.18 14.01
C THR D 196 4.84 -63.60 12.79
N PRO D 197 4.34 -63.87 11.57
CA PRO D 197 4.88 -63.20 10.39
C PRO D 197 4.51 -61.71 10.25
N GLY D 198 5.42 -60.96 9.63
CA GLY D 198 5.29 -59.53 9.44
C GLY D 198 5.99 -59.03 8.18
N LEU D 199 5.36 -58.05 7.53
CA LEU D 199 5.94 -57.27 6.46
C LEU D 199 6.15 -55.80 6.92
N SER D 200 7.21 -55.18 6.39
CA SER D 200 7.59 -53.79 6.69
C SER D 200 8.18 -53.08 5.46
N MET D 201 7.31 -52.51 4.65
CA MET D 201 7.73 -51.62 3.57
C MET D 201 8.08 -50.23 4.17
N VAL D 202 9.07 -49.54 3.59
CA VAL D 202 9.60 -48.24 4.06
C VAL D 202 10.25 -47.49 2.90
N LYS D 203 9.78 -46.27 2.59
CA LYS D 203 10.34 -45.46 1.48
C LYS D 203 10.50 -43.94 1.71
N THR D 204 11.69 -43.45 1.35
CA THR D 204 12.04 -42.03 1.28
C THR D 204 11.32 -41.33 0.11
N PHE D 205 10.67 -40.22 0.41
CA PHE D 205 10.14 -39.32 -0.60
C PHE D 205 10.51 -37.92 -0.12
N ASP D 206 11.66 -37.43 -0.57
CA ASP D 206 12.35 -36.29 0.07
C ASP D 206 11.38 -35.18 0.45
N PRO D 207 11.23 -34.80 1.72
CA PRO D 207 11.91 -35.32 2.90
C PRO D 207 11.00 -36.16 3.81
N ALA D 208 9.91 -36.66 3.25
CA ALA D 208 9.01 -37.51 3.99
C ALA D 208 9.38 -38.95 3.75
N VAL D 209 9.73 -39.63 4.83
CA VAL D 209 9.87 -41.07 4.79
C VAL D 209 8.48 -41.61 5.11
N LEU D 210 7.82 -42.19 4.11
CA LEU D 210 6.58 -42.98 4.31
C LEU D 210 6.94 -44.42 4.70
N PHE D 211 6.27 -44.94 5.70
CA PHE D 211 6.54 -46.29 6.14
C PHE D 211 5.26 -46.97 6.59
N GLY D 212 5.37 -48.28 6.73
CA GLY D 212 4.22 -49.09 7.08
C GLY D 212 4.59 -50.52 7.37
N SER D 213 3.64 -51.22 7.95
CA SER D 213 3.86 -52.58 8.39
C SER D 213 2.56 -53.31 8.69
N VAL D 214 2.61 -54.63 8.53
CA VAL D 214 1.48 -55.50 8.81
C VAL D 214 2.07 -56.75 9.42
N SER D 215 1.29 -57.42 10.26
CA SER D 215 1.71 -58.68 10.79
C SER D 215 0.53 -59.49 11.24
N TYR D 216 0.73 -60.80 11.22
CA TYR D 216 -0.30 -61.76 11.57
C TYR D 216 0.25 -62.61 12.68
N THR D 217 -0.51 -62.74 13.77
CA THR D 217 -0.11 -63.52 14.94
C THR D 217 -1.04 -64.71 15.14
N HIS D 218 -0.52 -65.90 14.87
CA HIS D 218 -1.18 -67.16 15.18
C HIS D 218 -0.62 -67.64 16.53
N ASN D 219 -1.49 -67.72 17.54
CA ASN D 219 -1.17 -68.45 18.79
C ASN D 219 -1.33 -69.96 18.59
N LEU D 220 -0.69 -70.73 19.47
CA LEU D 220 -0.76 -72.18 19.43
C LEU D 220 -1.60 -72.67 20.58
N GLU D 221 -2.30 -73.79 20.34
CA GLU D 221 -3.23 -74.33 21.32
C GLU D 221 -2.38 -74.93 22.42
N ASP D 222 -2.65 -74.55 23.67
CA ASP D 222 -1.96 -75.12 24.83
C ASP D 222 -3.00 -75.59 25.87
N SER D 223 -2.59 -76.53 26.71
CA SER D 223 -3.44 -77.07 27.80
C SER D 223 -2.86 -76.68 29.17
N PHE D 224 -3.70 -76.68 30.21
CA PHE D 224 -3.33 -76.14 31.52
C PHE D 224 -3.94 -76.91 32.70
N ASP D 225 -3.13 -77.11 33.75
CA ASP D 225 -3.54 -77.82 34.98
C ASP D 225 -4.81 -77.26 35.62
N ASP D 226 -4.83 -75.94 35.80
CA ASP D 226 -5.97 -75.21 36.41
C ASP D 226 -6.46 -74.04 35.51
N ILE D 227 -7.78 -73.84 35.51
CA ILE D 227 -8.45 -72.72 34.81
C ILE D 227 -9.48 -71.95 35.68
N SER D 228 -10.02 -72.55 36.74
CA SER D 228 -10.89 -71.83 37.68
C SER D 228 -10.07 -70.82 38.46
N SER D 229 -10.57 -69.59 38.54
CA SER D 229 -10.04 -68.56 39.43
C SER D 229 -10.80 -68.51 40.78
N ASP D 230 -11.81 -69.37 40.96
CA ASP D 230 -12.45 -69.58 42.27
C ASP D 230 -11.43 -70.26 43.17
N VAL D 231 -11.12 -69.59 44.29
CA VAL D 231 -10.04 -70.00 45.21
C VAL D 231 -10.18 -71.44 45.78
N ASN D 232 -11.42 -71.95 45.87
CA ASN D 232 -11.70 -73.32 46.33
C ASN D 232 -12.27 -74.23 45.21
N GLN D 233 -11.45 -74.48 44.17
CA GLN D 233 -11.78 -75.41 43.06
C GLN D 233 -10.73 -75.40 41.95
N LYS D 234 -10.05 -76.53 41.74
CA LYS D 234 -9.19 -76.76 40.55
C LYS D 234 -10.06 -77.28 39.41
N VAL D 235 -9.87 -76.74 38.20
CA VAL D 235 -10.66 -77.15 37.02
C VAL D 235 -9.83 -77.04 35.72
N GLY D 236 -9.24 -78.17 35.30
CA GLY D 236 -8.39 -78.19 34.11
C GLY D 236 -9.12 -78.03 32.78
N GLY D 237 -8.45 -77.38 31.83
CA GLY D 237 -8.94 -77.26 30.45
C GLY D 237 -7.83 -76.88 29.49
N LYS D 238 -8.16 -76.75 28.20
CA LYS D 238 -7.21 -76.26 27.21
C LYS D 238 -7.71 -74.96 26.55
N VAL D 239 -6.76 -74.05 26.28
CA VAL D 239 -7.04 -72.71 25.80
C VAL D 239 -6.63 -72.54 24.34
N ARG D 240 -7.51 -71.88 23.58
CA ARG D 240 -7.25 -71.49 22.20
C ARG D 240 -7.39 -69.97 22.11
N LEU D 241 -6.43 -69.24 22.68
CA LEU D 241 -6.36 -67.78 22.55
C LEU D 241 -6.54 -67.39 21.10
N GLY D 242 -7.36 -66.37 20.85
CA GLY D 242 -7.68 -65.98 19.49
C GLY D 242 -6.47 -65.42 18.79
N ASP D 243 -6.46 -65.55 17.47
CA ASP D 243 -5.39 -64.99 16.66
C ASP D 243 -5.35 -63.45 16.75
N SER D 244 -4.49 -62.81 15.95
CA SER D 244 -4.36 -61.36 16.00
C SER D 244 -3.79 -60.80 14.69
N PHE D 245 -4.41 -59.74 14.19
CA PHE D 245 -3.95 -59.00 13.00
C PHE D 245 -3.46 -57.62 13.50
N GLN D 246 -2.32 -57.13 13.01
CA GLN D 246 -1.75 -55.84 13.44
C GLN D 246 -1.23 -55.07 12.27
N PHE D 247 -1.72 -53.85 12.09
CA PHE D 247 -1.26 -53.02 11.00
C PHE D 247 -0.96 -51.60 11.46
N GLY D 248 -0.15 -50.90 10.69
CA GLY D 248 0.12 -49.50 10.98
C GLY D 248 0.94 -48.78 9.95
N VAL D 249 0.81 -47.47 9.96
CA VAL D 249 1.53 -46.60 9.04
C VAL D 249 1.94 -45.29 9.71
N GLY D 250 2.95 -44.65 9.12
CA GLY D 250 3.45 -43.37 9.61
C GLY D 250 4.40 -42.68 8.64
N VAL D 251 4.64 -41.40 8.90
CA VAL D 251 5.58 -40.63 8.11
C VAL D 251 6.62 -40.10 9.05
N ALA D 252 7.87 -40.19 8.60
CA ALA D 252 9.03 -39.84 9.40
C ALA D 252 9.88 -38.82 8.68
N PHE D 253 10.60 -38.01 9.48
CA PHE D 253 11.38 -36.87 9.01
C PHE D 253 12.83 -36.84 9.56
N ALA D 254 13.76 -36.50 8.66
CA ALA D 254 15.16 -36.21 9.00
C ALA D 254 15.30 -34.74 9.33
N LEU D 255 14.98 -34.38 10.57
CA LEU D 255 15.06 -32.97 11.03
C LEU D 255 16.44 -32.31 10.89
N ASN D 256 17.50 -33.03 11.31
CA ASN D 256 18.87 -32.51 11.23
C ASN D 256 19.97 -33.58 11.23
N GLU D 257 21.18 -33.15 10.91
CA GLU D 257 22.42 -33.90 11.17
C GLU D 257 22.20 -35.18 11.97
N ARG D 258 21.81 -35.01 13.24
CA ARG D 258 21.72 -36.09 14.23
C ARG D 258 20.28 -36.57 14.51
N MET D 259 19.28 -35.71 14.34
CA MET D 259 17.92 -35.98 14.85
C MET D 259 16.83 -36.38 13.84
N SER D 260 15.84 -37.12 14.33
CA SER D 260 14.71 -37.62 13.53
C SER D 260 13.41 -37.61 14.35
N MET D 261 12.28 -37.44 13.65
CA MET D 261 10.94 -37.36 14.24
C MET D 261 9.91 -38.12 13.42
N SER D 262 9.01 -38.84 14.10
CA SER D 262 7.95 -39.60 13.41
C SER D 262 6.53 -39.42 13.99
N PHE D 263 5.59 -39.36 13.04
CA PHE D 263 4.16 -39.41 13.29
C PHE D 263 3.67 -40.71 12.67
N SER D 264 2.97 -41.51 13.47
CA SER D 264 2.50 -42.82 13.04
C SER D 264 1.17 -43.19 13.69
N VAL D 265 0.61 -44.32 13.26
CA VAL D 265 -0.66 -44.83 13.83
C VAL D 265 -0.78 -46.31 13.52
N SER D 266 -1.32 -47.05 14.49
CA SER D 266 -1.30 -48.50 14.43
C SER D 266 -2.49 -49.10 15.14
N ASP D 267 -3.00 -50.21 14.59
CA ASP D 267 -4.15 -50.88 15.15
C ASP D 267 -3.96 -52.37 15.17
N LEU D 268 -4.30 -52.99 16.30
CA LEU D 268 -4.27 -54.45 16.48
C LEU D 268 -5.65 -54.93 16.82
N ILE D 269 -6.21 -55.83 16.01
CA ILE D 269 -7.49 -56.51 16.33
C ILE D 269 -7.26 -57.97 16.73
N GLN D 270 -7.84 -58.36 17.86
CA GLN D 270 -7.71 -59.73 18.35
C GLN D 270 -9.08 -60.43 18.40
N ARG D 271 -9.19 -61.48 17.58
CA ARG D 271 -10.31 -62.44 17.55
C ARG D 271 -10.51 -63.09 18.93
N LYS D 272 -11.70 -63.64 19.19
CA LYS D 272 -12.06 -64.05 20.56
C LYS D 272 -11.25 -65.24 21.12
N SER D 273 -11.12 -65.32 22.44
CA SER D 273 -10.45 -66.45 23.08
C SER D 273 -11.45 -67.54 23.50
N LYS D 274 -11.57 -68.57 22.67
CA LYS D 274 -12.27 -69.83 23.01
C LYS D 274 -11.55 -70.65 24.10
N LEU D 275 -12.32 -71.42 24.84
CA LEU D 275 -11.87 -72.08 26.07
C LEU D 275 -12.59 -73.42 26.15
N LYS D 276 -11.89 -74.49 26.46
CA LYS D 276 -12.54 -75.79 26.63
C LYS D 276 -12.14 -76.39 27.96
N PRO D 277 -13.09 -76.54 28.88
CA PRO D 277 -12.70 -77.31 30.05
C PRO D 277 -12.71 -78.81 29.75
N ASP D 278 -11.86 -79.54 30.45
CA ASP D 278 -11.92 -81.00 30.49
C ASP D 278 -13.25 -81.36 31.16
N GLY D 279 -14.11 -82.07 30.43
CA GLY D 279 -15.49 -82.37 30.88
C GLY D 279 -16.53 -81.64 30.07
N GLY D 280 -16.41 -80.32 30.01
CA GLY D 280 -17.31 -79.48 29.20
C GLY D 280 -17.01 -79.52 27.71
N GLY D 281 -17.54 -78.51 27.00
CA GLY D 281 -17.28 -78.33 25.58
C GLY D 281 -16.75 -76.93 25.34
N TRP D 282 -16.46 -76.62 24.08
CA TRP D 282 -15.93 -75.29 23.68
C TRP D 282 -16.92 -74.18 23.96
N GLN D 283 -16.42 -73.10 24.55
CA GLN D 283 -17.16 -71.87 24.67
C GLN D 283 -16.21 -70.68 24.51
N SER D 284 -16.74 -69.57 24.02
CA SER D 284 -15.94 -68.36 23.89
C SER D 284 -15.90 -67.61 25.22
N ILE D 285 -14.71 -67.09 25.57
CA ILE D 285 -14.54 -66.18 26.71
C ILE D 285 -15.13 -64.83 26.29
N VAL D 286 -16.36 -64.52 26.77
CA VAL D 286 -17.09 -63.31 26.40
C VAL D 286 -16.34 -62.08 26.88
N SER D 287 -16.18 -61.09 26.01
CA SER D 287 -15.38 -59.86 26.28
C SER D 287 -13.88 -60.00 26.03
N SER D 288 -13.43 -61.17 25.56
CA SER D 288 -12.00 -61.42 25.32
C SER D 288 -11.48 -60.83 24.00
N ASP D 289 -12.36 -60.62 23.02
CA ASP D 289 -11.93 -60.05 21.71
C ASP D 289 -11.51 -58.59 21.88
N ALA D 290 -10.68 -58.10 20.98
CA ALA D 290 -10.11 -56.76 21.19
C ALA D 290 -9.82 -55.95 19.94
N ASN D 291 -9.78 -54.64 20.15
CA ASN D 291 -9.15 -53.68 19.26
C ASN D 291 -8.39 -52.61 20.03
N ALA D 292 -7.21 -52.29 19.51
CA ALA D 292 -6.18 -51.56 20.24
C ALA D 292 -5.49 -50.52 19.34
N GLY D 293 -5.90 -49.26 19.50
CA GLY D 293 -5.51 -48.18 18.58
C GLY D 293 -4.46 -47.33 19.24
N TYR D 294 -3.37 -47.09 18.53
CA TYR D 294 -2.29 -46.24 19.03
C TYR D 294 -1.99 -45.12 18.03
N PHE D 295 -1.83 -43.91 18.58
CA PHE D 295 -1.22 -42.79 17.85
C PHE D 295 0.11 -42.53 18.55
N ASN D 296 1.18 -42.53 17.75
CA ASN D 296 2.57 -42.42 18.21
C ASN D 296 3.34 -41.18 17.72
N VAL D 297 3.81 -40.37 18.69
CA VAL D 297 4.82 -39.33 18.43
C VAL D 297 6.17 -39.77 19.02
N GLY D 298 7.20 -39.76 18.17
CA GLY D 298 8.51 -40.33 18.49
C GLY D 298 9.68 -39.69 17.74
N MET D 299 10.86 -39.84 18.33
CA MET D 299 12.06 -39.22 17.80
C MET D 299 13.22 -40.21 17.78
N THR D 300 14.29 -39.75 17.13
CA THR D 300 15.59 -40.37 17.15
C THR D 300 16.60 -39.27 17.50
N ILE D 301 17.49 -39.58 18.44
CA ILE D 301 18.54 -38.67 18.92
C ILE D 301 19.90 -39.37 18.74
N ALA D 302 20.74 -38.90 17.82
CA ALA D 302 22.11 -39.42 17.75
C ALA D 302 22.92 -38.97 18.99
N ALA D 303 23.47 -39.94 19.70
CA ALA D 303 24.19 -39.70 20.95
C ALA D 303 25.71 -39.64 20.70
N SER D 304 26.21 -40.66 20.03
CA SER D 304 27.59 -40.72 19.55
C SER D 304 27.51 -41.45 18.22
N GLU D 305 28.64 -41.89 17.69
CA GLU D 305 28.62 -43.03 16.78
C GLU D 305 28.39 -44.21 17.73
N ASN D 306 27.51 -45.13 17.34
CA ASN D 306 27.14 -46.34 18.10
C ASN D 306 25.96 -46.17 19.10
N LEU D 307 25.98 -45.15 19.98
CA LEU D 307 24.81 -44.91 20.89
C LEU D 307 23.75 -44.02 20.22
N THR D 308 22.48 -44.26 20.57
CA THR D 308 21.33 -43.48 20.08
C THR D 308 20.23 -43.49 21.16
N ILE D 309 19.42 -42.42 21.23
CA ILE D 309 18.26 -42.37 22.12
C ILE D 309 16.98 -42.18 21.31
N VAL D 310 16.03 -43.10 21.53
CA VAL D 310 14.78 -43.15 20.79
C VAL D 310 13.62 -43.06 21.76
N PRO D 311 13.12 -41.83 22.01
CA PRO D 311 11.94 -41.70 22.86
C PRO D 311 10.66 -41.87 22.03
N ASN D 312 9.59 -42.36 22.66
CA ASN D 312 8.28 -42.47 22.01
C ASN D 312 7.07 -42.31 22.96
N LEU D 313 6.01 -41.67 22.44
CA LEU D 313 4.71 -41.54 23.12
C LEU D 313 3.69 -42.25 22.29
N ALA D 314 2.86 -43.05 22.97
CA ALA D 314 1.83 -43.88 22.34
C ALA D 314 0.53 -43.52 23.02
N ILE D 315 -0.32 -42.81 22.29
CA ILE D 315 -1.59 -42.35 22.84
C ILE D 315 -2.63 -43.39 22.47
N GLY D 316 -3.35 -43.85 23.51
CA GLY D 316 -4.28 -44.98 23.40
C GLY D 316 -5.67 -44.57 22.99
N MET D 317 -6.01 -44.84 21.74
CA MET D 317 -7.25 -44.37 21.16
C MET D 317 -8.43 -45.20 21.70
N THR D 318 -8.29 -46.53 21.76
CA THR D 318 -9.37 -47.47 22.16
C THR D 318 -9.29 -47.90 23.62
N ASP D 319 -10.40 -48.38 24.17
CA ASP D 319 -10.50 -48.88 25.56
C ASP D 319 -9.48 -49.94 25.97
N ASP D 320 -9.19 -50.88 25.07
CA ASP D 320 -8.33 -52.05 25.36
C ASP D 320 -6.83 -51.74 25.33
N ALA D 321 -6.46 -50.54 24.87
CA ALA D 321 -5.07 -50.06 24.90
C ALA D 321 -4.88 -49.18 26.12
N PRO D 322 -3.63 -49.06 26.61
CA PRO D 322 -3.41 -48.18 27.78
C PRO D 322 -3.63 -46.71 27.45
N ASP D 323 -3.85 -45.90 28.48
CA ASP D 323 -4.14 -44.49 28.26
C ASP D 323 -2.98 -43.82 27.48
N PHE D 324 -1.77 -44.00 28.01
CA PHE D 324 -0.52 -43.61 27.32
C PHE D 324 0.62 -44.60 27.64
N THR D 325 1.59 -44.65 26.75
CA THR D 325 2.77 -45.45 26.93
C THR D 325 3.99 -44.58 26.60
N PHE D 326 4.84 -44.32 27.60
CA PHE D 326 6.11 -43.62 27.41
C PHE D 326 7.30 -44.60 27.31
N SER D 327 7.96 -44.57 26.16
CA SER D 327 9.08 -45.44 25.83
C SER D 327 10.37 -44.62 25.71
N LEU D 328 11.48 -45.29 26.05
CA LEU D 328 12.84 -44.73 25.98
C LEU D 328 13.87 -45.82 25.59
N LYS D 329 14.14 -45.98 24.30
CA LYS D 329 15.12 -46.96 23.80
C LYS D 329 16.55 -46.37 23.71
N PHE D 330 17.55 -47.28 23.75
CA PHE D 330 18.99 -46.93 23.79
C PHE D 330 19.84 -47.89 22.95
N PRO D 331 19.58 -48.00 21.63
CA PRO D 331 20.29 -48.97 20.77
C PRO D 331 21.79 -48.76 20.52
N TYR D 332 22.60 -49.72 20.99
CA TYR D 332 24.07 -49.73 20.90
C TYR D 332 24.44 -50.55 19.66
N TYR D 333 25.38 -50.09 18.83
CA TYR D 333 25.83 -50.81 17.61
C TYR D 333 27.34 -51.05 17.58
N PHE D 334 27.79 -52.30 17.71
CA PHE D 334 29.25 -52.59 17.80
C PHE D 334 29.83 -52.46 16.39
N ALA E 17 1.96 -26.40 -8.58
CA ALA E 17 2.32 -26.99 -7.26
C ALA E 17 2.05 -28.51 -7.17
N GLN E 18 0.79 -28.90 -7.32
CA GLN E 18 0.27 -30.30 -7.15
C GLN E 18 -0.09 -30.55 -5.71
N SER E 19 0.91 -30.56 -4.82
CA SER E 19 0.68 -30.71 -3.37
C SER E 19 0.05 -29.49 -2.69
N VAL E 20 0.28 -28.30 -3.26
CA VAL E 20 -0.39 -27.07 -2.79
C VAL E 20 -1.85 -27.13 -3.22
N SER E 21 -2.10 -27.52 -4.48
CA SER E 21 -3.46 -27.61 -5.01
C SER E 21 -4.30 -28.59 -4.19
N ASN E 22 -3.77 -29.80 -4.02
CA ASN E 22 -4.42 -30.80 -3.18
C ASN E 22 -4.66 -30.40 -1.71
N LEU E 23 -3.78 -29.56 -1.15
CA LEU E 23 -3.90 -29.09 0.26
C LEU E 23 -5.11 -28.18 0.42
N TYR E 24 -5.27 -27.28 -0.55
CA TYR E 24 -6.40 -26.35 -0.58
C TYR E 24 -7.70 -27.09 -0.85
N ASN E 25 -7.68 -27.99 -1.83
CA ASN E 25 -8.83 -28.83 -2.17
C ASN E 25 -9.50 -29.44 -0.93
N GLU E 26 -8.69 -30.06 -0.08
CA GLU E 26 -9.22 -30.75 1.10
C GLU E 26 -9.47 -29.82 2.32
N ALA E 27 -8.77 -28.69 2.38
CA ALA E 27 -8.98 -27.72 3.46
C ALA E 27 -10.23 -26.89 3.19
N SER E 28 -10.27 -26.37 1.97
CA SER E 28 -11.36 -25.53 1.49
C SER E 28 -12.67 -26.29 1.32
N GLY E 29 -12.58 -27.58 1.02
CA GLY E 29 -13.74 -28.32 0.53
C GLY E 29 -14.15 -27.82 -0.85
N PHE E 30 -13.18 -27.26 -1.58
CA PHE E 30 -13.41 -26.61 -2.88
C PHE E 30 -12.34 -27.06 -3.89
N PHE E 31 -12.60 -28.24 -4.46
CA PHE E 31 -11.64 -28.94 -5.29
C PHE E 31 -11.62 -28.32 -6.66
N GLY E 32 -10.92 -27.20 -6.78
CA GLY E 32 -10.75 -26.54 -8.07
C GLY E 32 -9.60 -27.00 -8.96
N ASN E 33 -9.37 -28.32 -9.04
CA ASN E 33 -8.33 -28.90 -9.91
C ASN E 33 -8.69 -28.92 -11.40
N GLY E 34 -9.96 -28.65 -11.73
CA GLY E 34 -10.45 -28.60 -13.11
C GLY E 34 -11.97 -28.50 -13.17
N LYS E 35 -12.59 -29.28 -14.06
CA LYS E 35 -14.03 -29.16 -14.32
C LYS E 35 -14.80 -30.17 -13.47
N PHE E 36 -14.84 -31.43 -13.91
CA PHE E 36 -15.63 -32.48 -13.25
C PHE E 36 -14.66 -33.31 -12.39
N SER E 37 -15.19 -33.97 -11.36
CA SER E 37 -14.38 -34.66 -10.35
C SER E 37 -15.17 -35.77 -9.58
N PHE E 38 -14.58 -36.97 -9.52
CA PHE E 38 -15.17 -38.16 -8.87
C PHE E 38 -14.30 -38.68 -7.73
N GLU E 39 -14.91 -38.93 -6.57
CA GLU E 39 -14.19 -39.32 -5.35
C GLU E 39 -14.77 -40.56 -4.69
N THR E 40 -13.92 -41.56 -4.50
CA THR E 40 -14.28 -42.78 -3.79
C THR E 40 -13.55 -42.79 -2.47
N GLY E 41 -14.29 -43.03 -1.38
CA GLY E 41 -13.73 -42.94 -0.05
C GLY E 41 -14.12 -44.11 0.82
N ILE E 42 -13.17 -44.67 1.56
CA ILE E 42 -13.42 -45.80 2.47
C ILE E 42 -13.02 -45.36 3.87
N THR E 43 -13.96 -45.45 4.81
CA THR E 43 -13.79 -44.97 6.17
C THR E 43 -14.08 -46.11 7.12
N TYR E 44 -13.32 -46.20 8.21
CA TYR E 44 -13.60 -47.13 9.31
C TYR E 44 -13.62 -46.33 10.60
N ALA E 45 -14.53 -46.66 11.50
CA ALA E 45 -14.58 -46.05 12.81
C ALA E 45 -14.65 -47.13 13.88
N ARG E 46 -14.53 -46.73 15.13
CA ARG E 46 -14.58 -47.67 16.24
C ARG E 46 -15.15 -46.97 17.44
N TYR E 47 -16.30 -47.45 17.91
CA TYR E 47 -16.92 -46.98 19.13
C TYR E 47 -16.68 -48.03 20.20
N ASP E 48 -16.69 -47.59 21.47
CA ASP E 48 -16.43 -48.46 22.62
C ASP E 48 -17.05 -47.92 23.93
N ALA E 49 -18.39 -47.83 23.95
CA ALA E 49 -19.12 -47.27 25.10
C ALA E 49 -19.11 -48.21 26.29
N ILE E 73 -20.90 -52.54 24.79
CA ILE E 73 -21.28 -51.93 23.51
C ILE E 73 -20.05 -51.56 22.62
N LYS E 74 -19.56 -52.52 21.85
CA LYS E 74 -18.55 -52.28 20.79
C LYS E 74 -19.30 -51.91 19.52
N ALA E 75 -18.63 -51.26 18.57
CA ALA E 75 -19.18 -51.03 17.22
C ALA E 75 -18.09 -50.89 16.16
N ASP E 76 -18.22 -51.59 15.04
CA ASP E 76 -17.27 -51.46 13.91
C ASP E 76 -18.00 -50.90 12.68
N ASN E 77 -17.80 -49.60 12.41
CA ASN E 77 -18.58 -48.91 11.39
C ASN E 77 -17.79 -48.57 10.12
N TRP E 78 -18.08 -49.29 9.05
CA TRP E 78 -17.54 -49.01 7.73
C TRP E 78 -18.45 -48.13 6.86
N THR E 79 -17.84 -47.39 5.93
CA THR E 79 -18.57 -46.43 5.13
C THR E 79 -17.86 -46.22 3.78
N LEU E 80 -18.49 -46.68 2.70
CA LEU E 80 -18.05 -46.37 1.35
C LEU E 80 -18.83 -45.12 0.97
N ASP E 81 -18.17 -44.25 0.21
CA ASP E 81 -18.73 -42.98 -0.25
C ASP E 81 -18.36 -42.85 -1.69
N LEU E 82 -19.33 -42.51 -2.52
CA LEU E 82 -19.09 -42.07 -3.88
C LEU E 82 -19.54 -40.63 -3.92
N THR E 83 -18.69 -39.75 -4.45
CA THR E 83 -18.95 -38.32 -4.45
C THR E 83 -18.52 -37.83 -5.82
N GLY E 84 -19.46 -37.29 -6.58
CA GLY E 84 -19.20 -36.68 -7.89
C GLY E 84 -19.41 -35.20 -7.79
N ALA E 85 -18.68 -34.42 -8.59
CA ALA E 85 -18.64 -32.98 -8.37
C ALA E 85 -18.26 -32.19 -9.60
N TYR E 86 -19.10 -31.19 -9.95
CA TYR E 86 -18.79 -30.18 -10.97
C TYR E 86 -18.27 -28.85 -10.34
N ASN E 87 -17.29 -28.23 -11.01
CA ASN E 87 -16.68 -26.96 -10.57
C ASN E 87 -16.45 -25.91 -11.70
N LEU E 88 -17.27 -24.87 -11.69
CA LEU E 88 -17.31 -23.85 -12.76
C LEU E 88 -16.35 -22.66 -12.51
N ASP E 89 -15.67 -22.21 -13.57
CA ASP E 89 -14.69 -21.10 -13.54
C ASP E 89 -14.10 -20.75 -12.16
N ASN E 90 -13.57 -21.78 -11.49
CA ASN E 90 -13.03 -21.71 -10.12
C ASN E 90 -13.81 -20.83 -9.13
N ARG E 91 -15.14 -20.82 -9.30
CA ARG E 91 -16.06 -19.95 -8.57
C ARG E 91 -17.24 -20.70 -7.92
N TRP E 92 -17.88 -21.59 -8.69
CA TRP E 92 -19.08 -22.34 -8.29
C TRP E 92 -18.90 -23.85 -8.33
N GLN E 93 -19.48 -24.56 -7.37
CA GLN E 93 -19.27 -26.01 -7.23
C GLN E 93 -20.49 -26.73 -6.68
N PHE E 94 -20.89 -27.76 -7.43
CA PHE E 94 -22.03 -28.61 -7.11
C PHE E 94 -21.45 -29.97 -6.93
N ASP E 95 -21.92 -30.68 -5.93
CA ASP E 95 -21.55 -32.07 -5.76
C ASP E 95 -22.66 -32.90 -5.15
N VAL E 96 -22.55 -34.21 -5.37
CA VAL E 96 -23.46 -35.21 -4.85
C VAL E 96 -22.65 -36.30 -4.13
N ASN E 97 -23.21 -36.82 -3.04
CA ASN E 97 -22.51 -37.79 -2.23
C ASN E 97 -23.43 -38.87 -1.68
N VAL E 98 -23.14 -40.12 -2.07
CA VAL E 98 -23.92 -41.29 -1.70
C VAL E 98 -23.17 -42.13 -0.65
N PRO E 99 -23.50 -41.93 0.64
CA PRO E 99 -22.92 -42.83 1.66
C PRO E 99 -23.46 -44.25 1.58
N VAL E 100 -22.60 -45.25 1.81
CA VAL E 100 -23.03 -46.65 1.92
C VAL E 100 -22.51 -47.23 3.23
N VAL E 101 -23.42 -47.67 4.09
CA VAL E 101 -23.11 -48.02 5.47
C VAL E 101 -23.08 -49.54 5.66
N TYR E 102 -21.92 -50.06 6.08
CA TYR E 102 -21.83 -51.36 6.74
C TYR E 102 -21.68 -51.02 8.23
N ARG E 103 -22.31 -51.80 9.10
CA ARG E 103 -22.12 -51.65 10.55
C ARG E 103 -22.19 -52.99 11.27
N GLU E 104 -21.68 -53.02 12.49
CA GLU E 104 -21.78 -54.18 13.36
C GLU E 104 -21.78 -53.66 14.77
N SER E 105 -22.34 -54.43 15.69
CA SER E 105 -22.35 -54.04 17.10
C SER E 105 -22.34 -55.26 17.99
N THR E 106 -22.17 -55.01 19.29
CA THR E 106 -21.96 -56.03 20.30
C THR E 106 -22.42 -55.47 21.62
N TYR E 107 -23.40 -56.11 22.27
CA TYR E 107 -24.01 -55.58 23.49
C TYR E 107 -23.87 -56.53 24.67
N SER E 121 -22.33 -62.74 29.23
CA SER E 121 -23.27 -62.95 28.11
C SER E 121 -23.29 -61.79 27.08
N GLU E 122 -23.05 -62.13 25.81
CA GLU E 122 -22.98 -61.15 24.70
C GLU E 122 -24.19 -61.28 23.74
N GLU E 123 -24.19 -60.44 22.70
CA GLU E 123 -24.97 -60.67 21.46
C GLU E 123 -24.62 -59.58 20.44
N SER E 124 -24.73 -59.90 19.15
CA SER E 124 -24.38 -58.97 18.06
C SER E 124 -25.56 -58.58 17.14
N VAL E 125 -25.40 -57.43 16.47
CA VAL E 125 -26.39 -56.88 15.52
C VAL E 125 -25.67 -56.46 14.23
N SER E 126 -25.89 -57.20 13.16
CA SER E 126 -25.29 -56.89 11.85
C SER E 126 -26.07 -55.75 11.13
N ARG E 127 -25.62 -55.42 9.92
CA ARG E 127 -26.23 -54.36 9.09
C ARG E 127 -25.45 -54.26 7.78
N ASP E 128 -25.86 -55.07 6.80
CA ASP E 128 -25.14 -55.19 5.53
C ASP E 128 -25.22 -53.87 4.75
N PRO E 129 -24.47 -53.72 3.63
CA PRO E 129 -24.42 -52.44 2.89
C PRO E 129 -25.78 -51.85 2.49
N THR E 130 -26.23 -50.88 3.27
CA THR E 130 -27.47 -50.12 3.02
C THR E 130 -27.11 -48.63 2.89
N ILE E 131 -27.65 -47.95 1.88
CA ILE E 131 -27.25 -46.57 1.64
C ILE E 131 -27.88 -45.69 2.71
N GLY E 132 -27.17 -44.61 3.01
CA GLY E 132 -27.51 -43.70 4.08
C GLY E 132 -28.12 -42.38 3.62
N ASP E 133 -27.65 -41.28 4.22
CA ASP E 133 -28.16 -39.95 3.92
C ASP E 133 -27.35 -39.32 2.80
N VAL E 134 -27.86 -39.58 1.60
CA VAL E 134 -27.52 -38.88 0.37
C VAL E 134 -27.55 -37.37 0.63
N ASN E 135 -26.61 -36.66 0.02
CA ASN E 135 -26.52 -35.21 0.12
C ASN E 135 -26.01 -34.49 -1.14
N PHE E 136 -26.51 -33.27 -1.28
CA PHE E 136 -26.22 -32.38 -2.39
C PHE E 136 -25.64 -31.14 -1.74
N GLY E 137 -24.56 -30.67 -2.35
CA GLY E 137 -23.81 -29.58 -1.81
C GLY E 137 -23.53 -28.53 -2.86
N ILE E 138 -23.77 -27.28 -2.46
CA ILE E 138 -23.56 -26.14 -3.34
C ILE E 138 -22.63 -25.15 -2.66
N ALA E 139 -21.69 -24.62 -3.43
CA ALA E 139 -20.57 -23.89 -2.86
C ALA E 139 -20.09 -22.79 -3.78
N TYR E 140 -19.82 -21.63 -3.17
CA TYR E 140 -19.44 -20.41 -3.87
C TYR E 140 -18.14 -19.89 -3.20
N LYS E 141 -17.10 -19.64 -4.01
CA LYS E 141 -15.85 -19.05 -3.53
C LYS E 141 -15.91 -17.54 -3.69
N PHE E 142 -15.93 -16.82 -2.56
CA PHE E 142 -16.28 -15.38 -2.56
C PHE E 142 -15.14 -14.37 -2.24
N LEU E 143 -13.95 -14.85 -1.89
CA LEU E 143 -12.73 -14.01 -1.87
C LEU E 143 -11.58 -14.88 -2.38
N ASP E 144 -10.77 -14.35 -3.29
CA ASP E 144 -9.55 -15.03 -3.78
C ASP E 144 -8.34 -14.61 -2.94
N GLU E 145 -7.43 -15.53 -2.65
CA GLU E 145 -6.28 -15.20 -1.79
C GLU E 145 -5.40 -14.11 -2.41
N SER E 146 -4.90 -13.22 -1.55
CA SER E 146 -3.91 -12.17 -1.89
C SER E 146 -2.98 -11.93 -0.68
N ALA E 147 -2.17 -10.88 -0.74
CA ALA E 147 -1.39 -10.44 0.42
C ALA E 147 -2.27 -9.96 1.58
N THR E 148 -3.28 -9.16 1.27
CA THR E 148 -4.23 -8.66 2.28
C THR E 148 -5.13 -9.79 2.80
N MET E 149 -5.67 -10.60 1.88
CA MET E 149 -6.90 -11.37 2.14
C MET E 149 -6.77 -12.90 1.98
N PRO E 150 -7.62 -13.66 2.68
CA PRO E 150 -7.59 -15.11 2.60
C PRO E 150 -8.23 -15.67 1.32
N ASP E 151 -8.43 -16.99 1.28
CA ASP E 151 -9.22 -17.70 0.26
C ASP E 151 -10.50 -18.29 0.89
N ALA E 152 -11.62 -17.58 0.73
CA ALA E 152 -12.88 -17.89 1.42
C ALA E 152 -13.93 -18.60 0.54
N VAL E 153 -14.57 -19.63 1.10
CA VAL E 153 -15.64 -20.36 0.45
C VAL E 153 -16.82 -20.51 1.40
N VAL E 154 -17.98 -20.09 0.90
CA VAL E 154 -19.27 -20.26 1.57
C VAL E 154 -20.03 -21.32 0.77
N SER E 155 -20.93 -22.03 1.46
CA SER E 155 -21.57 -23.22 0.88
C SER E 155 -22.74 -23.72 1.71
N VAL E 156 -23.61 -24.51 1.08
CA VAL E 156 -24.71 -25.16 1.82
C VAL E 156 -24.84 -26.64 1.45
N ARG E 157 -25.07 -27.45 2.48
CA ARG E 157 -25.19 -28.90 2.40
C ARG E 157 -26.62 -29.27 2.78
N VAL E 158 -27.38 -29.68 1.75
CA VAL E 158 -28.75 -30.16 1.96
C VAL E 158 -28.72 -31.69 1.91
N LYS E 159 -29.15 -32.29 3.02
CA LYS E 159 -28.98 -33.72 3.25
C LYS E 159 -30.32 -34.41 3.47
N ALA E 160 -30.61 -35.39 2.61
CA ALA E 160 -31.92 -36.01 2.53
C ALA E 160 -31.98 -37.25 3.44
N PRO E 161 -33.20 -37.64 3.89
CA PRO E 161 -33.41 -38.83 4.73
C PRO E 161 -33.54 -40.16 3.99
N THR E 162 -32.73 -40.36 2.93
CA THR E 162 -32.56 -41.64 2.28
C THR E 162 -32.08 -42.78 3.19
N GLY E 163 -31.27 -42.50 4.23
CA GLY E 163 -30.80 -43.57 5.15
C GLY E 163 -31.92 -44.20 5.95
N LYS E 164 -31.69 -45.41 6.45
CA LYS E 164 -32.66 -46.07 7.35
C LYS E 164 -32.77 -45.30 8.65
N GLU E 165 -33.96 -44.75 8.91
CA GLU E 165 -34.25 -43.94 10.10
C GLU E 165 -33.97 -44.72 11.40
N PRO E 166 -33.57 -44.02 12.47
CA PRO E 166 -33.29 -44.69 13.73
C PRO E 166 -34.52 -44.98 14.55
N PHE E 167 -35.64 -44.31 14.27
CA PHE E 167 -36.82 -44.34 15.13
C PHE E 167 -37.74 -45.50 14.79
N GLY E 168 -38.34 -46.06 15.83
CA GLY E 168 -39.22 -47.18 15.69
C GLY E 168 -38.50 -48.50 15.84
N ILE E 169 -37.17 -48.52 15.92
CA ILE E 169 -36.44 -49.78 16.07
C ILE E 169 -36.73 -50.27 17.46
N LYS E 170 -37.00 -51.58 17.55
CA LYS E 170 -37.52 -52.19 18.76
C LYS E 170 -36.42 -52.82 19.61
N LEU E 171 -36.45 -52.48 20.91
CA LEU E 171 -35.63 -53.12 21.93
C LEU E 171 -36.10 -54.58 22.17
N VAL E 172 -35.51 -55.52 21.41
CA VAL E 172 -35.70 -56.96 21.54
C VAL E 172 -34.57 -57.59 22.37
N VAL E 182 -31.00 -55.00 23.67
CA VAL E 182 -30.40 -55.17 22.33
C VAL E 182 -31.36 -54.82 21.16
N PRO E 183 -30.96 -53.88 20.26
CA PRO E 183 -31.82 -53.56 19.11
C PRO E 183 -31.93 -54.67 18.07
N GLU E 184 -32.89 -54.53 17.17
CA GLU E 184 -33.14 -55.50 16.09
C GLU E 184 -32.56 -55.09 14.74
N SER E 185 -32.27 -53.80 14.61
CA SER E 185 -31.58 -53.27 13.45
C SER E 185 -30.81 -52.04 13.90
N LEU E 186 -29.79 -51.70 13.14
CA LEU E 186 -28.97 -50.55 13.42
C LEU E 186 -29.35 -49.50 12.41
N PRO E 187 -29.49 -48.22 12.83
CA PRO E 187 -29.86 -47.18 11.88
C PRO E 187 -28.82 -46.91 10.81
N THR E 188 -29.12 -45.96 9.94
CA THR E 188 -28.19 -45.57 8.87
C THR E 188 -28.21 -44.02 8.47
N GLY E 189 -29.24 -43.28 8.89
CA GLY E 189 -29.29 -41.80 8.87
C GLY E 189 -30.09 -41.36 10.10
N ASN E 190 -30.59 -40.15 10.14
CA ASN E 190 -31.39 -39.71 11.32
C ASN E 190 -32.89 -39.41 11.07
N GLY E 191 -33.38 -39.70 9.86
CA GLY E 191 -34.82 -39.63 9.54
C GLY E 191 -35.30 -38.36 8.87
N VAL E 192 -34.45 -37.34 8.84
CA VAL E 192 -34.88 -35.96 8.59
C VAL E 192 -34.08 -35.25 7.50
N TRP E 193 -34.61 -34.15 7.02
CA TRP E 193 -33.85 -33.24 6.16
C TRP E 193 -32.97 -32.36 7.03
N SER E 194 -31.77 -32.05 6.54
CA SER E 194 -30.86 -31.12 7.20
C SER E 194 -30.42 -30.12 6.16
N ILE E 195 -30.56 -28.85 6.49
CA ILE E 195 -29.88 -27.84 5.72
C ILE E 195 -28.75 -27.33 6.61
N THR E 196 -27.53 -27.35 6.06
CA THR E 196 -26.31 -26.98 6.78
C THR E 196 -25.50 -25.98 5.94
N PRO E 197 -25.62 -24.68 6.27
CA PRO E 197 -24.76 -23.69 5.63
C PRO E 197 -23.40 -23.61 6.34
N GLY E 198 -22.35 -23.38 5.54
CA GLY E 198 -20.99 -23.42 6.02
C GLY E 198 -20.05 -22.48 5.28
N LEU E 199 -18.91 -22.25 5.94
CA LEU E 199 -17.88 -21.31 5.53
C LEU E 199 -16.52 -21.91 5.88
N SER E 200 -15.55 -21.75 4.98
CA SER E 200 -14.13 -22.09 5.22
C SER E 200 -13.13 -21.10 4.58
N MET E 201 -12.06 -20.79 5.31
CA MET E 201 -11.02 -19.89 4.83
C MET E 201 -9.67 -20.59 4.90
N VAL E 202 -8.80 -20.22 3.98
CA VAL E 202 -7.44 -20.72 3.92
C VAL E 202 -6.52 -19.60 3.43
N LYS E 203 -5.44 -19.33 4.17
CA LYS E 203 -4.43 -18.33 3.81
C LYS E 203 -3.04 -18.86 4.07
N THR E 204 -2.10 -18.51 3.21
CA THR E 204 -0.71 -18.97 3.31
C THR E 204 0.14 -18.02 4.17
N PHE E 205 1.10 -18.60 4.86
CA PHE E 205 2.13 -17.90 5.61
C PHE E 205 3.37 -18.76 5.47
N ASP E 206 3.84 -18.87 4.22
CA ASP E 206 4.87 -19.84 3.76
C ASP E 206 5.86 -20.35 4.83
N PRO E 207 6.05 -21.68 5.03
CA PRO E 207 5.36 -22.79 4.37
C PRO E 207 4.19 -23.36 5.16
N ALA E 208 3.80 -22.67 6.24
CA ALA E 208 2.57 -22.97 6.94
C ALA E 208 1.41 -22.49 6.10
N VAL E 209 0.31 -23.26 6.07
CA VAL E 209 -0.97 -22.80 5.51
C VAL E 209 -2.04 -22.93 6.60
N LEU E 210 -2.53 -21.79 7.09
CA LEU E 210 -3.61 -21.84 8.09
C LEU E 210 -4.91 -22.01 7.37
N PHE E 211 -5.88 -22.56 8.11
CA PHE E 211 -7.26 -22.78 7.62
C PHE E 211 -8.30 -22.91 8.74
N GLY E 212 -9.51 -22.52 8.39
CA GLY E 212 -10.63 -22.51 9.32
C GLY E 212 -11.89 -22.87 8.58
N SER E 213 -12.91 -23.17 9.35
CA SER E 213 -14.06 -23.92 8.88
C SER E 213 -15.16 -23.72 9.93
N VAL E 214 -16.28 -23.14 9.52
CA VAL E 214 -17.41 -23.00 10.45
C VAL E 214 -18.70 -23.26 9.72
N SER E 215 -19.59 -24.01 10.40
CA SER E 215 -20.84 -24.49 9.82
C SER E 215 -21.84 -24.85 10.89
N TYR E 216 -23.09 -24.88 10.46
CA TYR E 216 -24.27 -24.91 11.32
C TYR E 216 -25.29 -25.84 10.67
N THR E 217 -25.93 -26.72 11.44
CA THR E 217 -26.86 -27.70 10.86
C THR E 217 -28.28 -27.49 11.37
N HIS E 218 -29.15 -26.98 10.50
CA HIS E 218 -30.58 -26.89 10.81
C HIS E 218 -31.29 -28.15 10.33
N ASN E 219 -31.73 -28.99 11.29
CA ASN E 219 -32.58 -30.14 11.02
C ASN E 219 -34.06 -29.77 10.98
N LEU E 220 -34.78 -30.43 10.08
CA LEU E 220 -36.20 -30.19 9.90
C LEU E 220 -37.00 -31.16 10.77
N GLU E 221 -38.20 -30.73 11.09
CA GLU E 221 -39.13 -31.54 11.88
C GLU E 221 -39.61 -32.66 10.98
N ASP E 222 -40.16 -33.71 11.56
CA ASP E 222 -40.80 -34.72 10.75
C ASP E 222 -41.72 -35.53 11.58
N SER E 223 -42.70 -36.12 10.90
CA SER E 223 -43.68 -37.04 11.45
C SER E 223 -43.21 -38.47 11.13
N PHE E 224 -43.47 -39.38 12.06
CA PHE E 224 -43.13 -40.79 11.89
C PHE E 224 -44.26 -41.69 12.38
N ASP E 225 -44.40 -42.84 11.70
CA ASP E 225 -45.39 -43.88 12.02
C ASP E 225 -45.14 -44.45 13.42
N ASP E 226 -43.86 -44.61 13.77
CA ASP E 226 -43.45 -45.27 15.01
C ASP E 226 -42.13 -44.66 15.53
N ILE E 227 -42.21 -43.99 16.68
CA ILE E 227 -41.05 -43.48 17.40
C ILE E 227 -40.59 -44.43 18.48
N SER E 228 -41.54 -45.14 19.09
CA SER E 228 -41.31 -46.04 20.23
C SER E 228 -40.29 -47.17 19.95
N SER E 229 -39.54 -47.50 20.99
CA SER E 229 -38.62 -48.64 20.99
C SER E 229 -39.22 -49.88 21.64
N ASP E 230 -40.49 -49.79 22.06
CA ASP E 230 -41.22 -50.87 22.70
C ASP E 230 -41.73 -51.78 21.59
N VAL E 231 -41.45 -53.09 21.64
CA VAL E 231 -41.95 -54.02 20.59
C VAL E 231 -43.47 -54.13 20.72
N ASN E 232 -43.96 -54.10 21.95
CA ASN E 232 -45.39 -54.25 22.22
C ASN E 232 -46.27 -53.03 21.86
N GLN E 233 -45.71 -52.00 21.22
CA GLN E 233 -46.45 -50.76 20.93
C GLN E 233 -45.99 -50.08 19.67
N LYS E 234 -46.97 -49.54 18.95
CA LYS E 234 -46.74 -48.67 17.83
C LYS E 234 -47.27 -47.31 18.31
N VAL E 235 -46.39 -46.32 18.46
CA VAL E 235 -46.78 -44.93 18.81
C VAL E 235 -46.12 -43.96 17.84
N GLY E 236 -46.94 -43.33 17.01
CA GLY E 236 -46.48 -42.34 16.03
C GLY E 236 -46.27 -41.01 16.72
N GLY E 237 -45.51 -40.15 16.05
CA GLY E 237 -45.14 -38.88 16.63
C GLY E 237 -44.34 -38.08 15.65
N LYS E 238 -44.09 -36.82 16.00
CA LYS E 238 -43.21 -35.96 15.22
C LYS E 238 -41.91 -35.82 16.01
N VAL E 239 -40.81 -35.48 15.35
CA VAL E 239 -39.55 -35.28 16.05
C VAL E 239 -38.82 -34.03 15.58
N ARG E 240 -38.10 -33.41 16.51
CA ARG E 240 -37.12 -32.39 16.19
C ARG E 240 -35.79 -32.85 16.82
N LEU E 241 -34.78 -33.02 15.97
CA LEU E 241 -33.39 -33.26 16.42
C LEU E 241 -32.69 -31.92 16.58
N GLY E 242 -32.12 -31.70 17.77
CA GLY E 242 -31.52 -30.42 18.11
C GLY E 242 -30.42 -30.08 17.16
N ASP E 243 -30.38 -28.81 16.78
CA ASP E 243 -29.44 -28.36 15.76
C ASP E 243 -28.04 -28.32 16.31
N SER E 244 -27.08 -28.31 15.41
CA SER E 244 -25.69 -28.45 15.79
C SER E 244 -24.83 -27.36 15.18
N PHE E 245 -23.78 -27.01 15.91
CA PHE E 245 -22.83 -25.99 15.56
C PHE E 245 -21.52 -26.74 15.38
N GLN E 246 -20.78 -26.44 14.31
CA GLN E 246 -19.55 -27.18 13.96
C GLN E 246 -18.44 -26.24 13.53
N PHE E 247 -17.30 -26.31 14.22
CA PHE E 247 -16.13 -25.49 13.88
C PHE E 247 -14.82 -26.25 14.04
N GLY E 248 -13.82 -25.84 13.25
CA GLY E 248 -12.48 -26.37 13.34
C GLY E 248 -11.47 -25.44 12.73
N VAL E 249 -10.22 -25.58 13.19
CA VAL E 249 -9.05 -24.91 12.58
C VAL E 249 -7.88 -25.87 12.55
N GLY E 250 -6.95 -25.58 11.62
CA GLY E 250 -5.72 -26.34 11.49
C GLY E 250 -4.65 -25.66 10.65
N VAL E 251 -3.51 -26.33 10.54
CA VAL E 251 -2.37 -25.81 9.79
C VAL E 251 -1.95 -26.93 8.86
N ALA E 252 -1.19 -26.63 7.81
CA ALA E 252 -0.74 -27.66 6.85
C ALA E 252 0.42 -27.18 5.99
N PHE E 253 1.21 -28.11 5.50
CA PHE E 253 2.47 -27.81 4.84
C PHE E 253 2.61 -28.70 3.63
N ALA E 254 3.09 -28.15 2.52
CA ALA E 254 3.47 -28.96 1.38
C ALA E 254 4.87 -29.42 1.65
N LEU E 255 5.11 -30.73 1.63
CA LEU E 255 6.44 -31.28 1.93
C LEU E 255 7.28 -31.49 0.68
N ASN E 256 6.65 -31.52 -0.50
CA ASN E 256 7.33 -31.60 -1.80
C ASN E 256 6.30 -31.40 -2.92
N GLU E 257 6.72 -31.49 -4.18
CA GLU E 257 5.82 -31.28 -5.33
C GLU E 257 4.75 -32.39 -5.59
N ARG E 258 4.59 -33.33 -4.64
CA ARG E 258 3.50 -34.34 -4.67
C ARG E 258 2.74 -34.57 -3.34
N MET E 259 3.36 -34.34 -2.18
CA MET E 259 2.64 -34.59 -0.91
C MET E 259 2.65 -33.46 0.14
N SER E 260 1.73 -33.58 1.10
CA SER E 260 1.51 -32.58 2.12
C SER E 260 1.02 -33.26 3.38
N MET E 261 1.08 -32.57 4.51
CA MET E 261 0.66 -33.14 5.77
C MET E 261 -0.12 -32.07 6.53
N SER E 262 -1.11 -32.47 7.32
CA SER E 262 -1.92 -31.51 8.05
C SER E 262 -2.17 -31.94 9.46
N PHE E 263 -2.29 -30.98 10.36
CA PHE E 263 -2.77 -31.20 11.72
C PHE E 263 -3.99 -30.34 11.90
N SER E 264 -5.01 -30.84 12.59
CA SER E 264 -6.19 -30.01 12.84
C SER E 264 -7.05 -30.48 14.02
N VAL E 265 -7.87 -29.56 14.52
CA VAL E 265 -8.78 -29.85 15.63
C VAL E 265 -10.16 -29.31 15.29
N SER E 266 -11.20 -29.89 15.89
CA SER E 266 -12.60 -29.49 15.60
C SER E 266 -13.60 -29.94 16.68
N ASP E 267 -14.76 -29.29 16.72
CA ASP E 267 -15.77 -29.58 17.73
C ASP E 267 -17.19 -29.41 17.16
N LEU E 268 -18.07 -30.27 17.63
CA LEU E 268 -19.42 -30.36 17.13
C LEU E 268 -20.33 -30.39 18.32
N ILE E 269 -20.86 -29.22 18.67
CA ILE E 269 -21.82 -29.13 19.75
C ILE E 269 -23.19 -29.32 19.12
N GLN E 270 -24.08 -30.06 19.80
CA GLN E 270 -25.47 -30.10 19.36
C GLN E 270 -26.53 -30.14 20.45
N ARG E 271 -27.63 -29.44 20.14
CA ARG E 271 -28.72 -29.17 21.07
C ARG E 271 -29.52 -30.44 21.25
N LYS E 272 -30.29 -30.50 22.34
CA LYS E 272 -31.05 -31.71 22.67
C LYS E 272 -32.15 -31.96 21.64
N SER E 273 -32.61 -33.21 21.56
CA SER E 273 -33.66 -33.61 20.61
C SER E 273 -34.99 -33.77 21.35
N LYS E 274 -36.07 -33.36 20.68
CA LYS E 274 -37.44 -33.40 21.20
C LYS E 274 -38.36 -34.28 20.33
N LEU E 275 -39.16 -35.11 21.01
CA LEU E 275 -40.21 -35.94 20.42
C LEU E 275 -41.58 -35.37 20.80
N LYS E 276 -42.55 -35.49 19.89
CA LYS E 276 -43.96 -35.24 20.19
C LYS E 276 -44.77 -36.50 19.85
N PRO E 277 -44.87 -37.43 20.82
CA PRO E 277 -45.79 -38.57 20.65
C PRO E 277 -47.23 -38.09 20.67
N ASP E 278 -47.93 -38.21 19.54
CA ASP E 278 -49.36 -37.87 19.50
C ASP E 278 -50.21 -38.77 20.44
N GLY E 279 -51.28 -38.26 21.01
CA GLY E 279 -51.49 -36.83 21.29
C GLY E 279 -50.82 -36.55 22.63
N GLY E 280 -49.76 -35.75 22.61
CA GLY E 280 -49.02 -35.35 23.82
C GLY E 280 -48.19 -34.10 23.55
N GLY E 281 -47.62 -33.52 24.60
CA GLY E 281 -46.72 -32.37 24.43
C GLY E 281 -45.34 -32.79 23.90
N TRP E 282 -44.57 -31.81 23.43
CA TRP E 282 -43.15 -32.01 23.11
C TRP E 282 -42.38 -32.46 24.35
N GLN E 283 -41.39 -33.33 24.18
CA GLN E 283 -40.58 -33.85 25.29
C GLN E 283 -39.11 -34.03 24.86
N SER E 284 -38.20 -33.23 25.43
CA SER E 284 -36.75 -33.37 25.21
C SER E 284 -36.22 -34.64 25.89
N ILE E 285 -35.26 -35.29 25.25
CA ILE E 285 -34.71 -36.56 25.74
C ILE E 285 -33.35 -36.28 26.39
N VAL E 286 -33.19 -36.69 27.65
CA VAL E 286 -31.93 -36.52 28.39
C VAL E 286 -30.77 -37.15 27.61
N SER E 287 -29.63 -36.44 27.60
CA SER E 287 -28.41 -36.88 26.90
C SER E 287 -28.56 -37.18 25.38
N SER E 288 -29.49 -36.48 24.73
CA SER E 288 -29.51 -36.43 23.30
C SER E 288 -28.55 -35.36 22.79
N ASP E 289 -28.31 -34.34 23.62
CA ASP E 289 -27.35 -33.26 23.28
C ASP E 289 -25.94 -33.78 23.38
N ALA E 290 -25.05 -33.35 22.49
CA ALA E 290 -23.71 -33.94 22.40
C ALA E 290 -22.58 -32.94 22.16
N ASN E 291 -21.35 -33.43 22.31
CA ASN E 291 -20.13 -32.68 22.10
C ASN E 291 -19.03 -33.59 21.54
N ALA E 292 -18.71 -33.46 20.26
CA ALA E 292 -17.80 -34.42 19.59
C ALA E 292 -16.49 -33.80 19.07
N GLY E 293 -15.39 -34.03 19.81
CA GLY E 293 -14.08 -33.51 19.46
C GLY E 293 -13.24 -34.41 18.58
N TYR E 294 -12.42 -33.81 17.72
CA TYR E 294 -11.48 -34.52 16.85
C TYR E 294 -10.13 -33.82 16.74
N PHE E 295 -9.06 -34.62 16.82
CA PHE E 295 -7.70 -34.20 16.45
C PHE E 295 -7.39 -34.95 15.18
N ASN E 296 -6.77 -34.29 14.21
CA ASN E 296 -6.55 -34.92 12.92
C ASN E 296 -5.15 -34.78 12.44
N VAL E 297 -4.58 -35.91 12.07
CA VAL E 297 -3.35 -35.99 11.31
C VAL E 297 -3.82 -36.43 9.94
N GLY E 298 -3.28 -35.84 8.89
CA GLY E 298 -3.73 -36.13 7.51
C GLY E 298 -2.62 -35.99 6.50
N MET E 299 -2.88 -36.45 5.27
CA MET E 299 -1.94 -36.23 4.19
C MET E 299 -2.64 -35.97 2.85
N THR E 300 -1.87 -35.47 1.91
CA THR E 300 -2.18 -35.50 0.50
C THR E 300 -1.06 -36.33 -0.06
N ILE E 301 -1.32 -37.15 -1.07
CA ILE E 301 -0.26 -37.85 -1.82
C ILE E 301 -0.66 -37.97 -3.28
N ALA E 302 -0.24 -36.99 -4.07
CA ALA E 302 -0.42 -37.08 -5.51
C ALA E 302 0.14 -38.40 -6.08
N ALA E 303 -0.76 -39.33 -6.39
CA ALA E 303 -0.40 -40.62 -7.01
C ALA E 303 -0.09 -40.46 -8.52
N SER E 304 -0.88 -39.63 -9.19
CA SER E 304 -0.66 -39.28 -10.60
C SER E 304 -1.04 -37.82 -10.92
N GLU E 305 -0.90 -36.91 -9.93
CA GLU E 305 -1.42 -35.50 -10.00
C GLU E 305 -2.61 -35.37 -11.00
N ASN E 306 -3.71 -35.98 -10.58
CA ASN E 306 -4.85 -36.41 -11.40
C ASN E 306 -5.63 -37.43 -10.49
N LEU E 307 -4.99 -38.57 -10.16
CA LEU E 307 -5.38 -39.34 -8.98
C LEU E 307 -4.65 -38.76 -7.75
N THR E 308 -5.31 -38.85 -6.60
CA THR E 308 -4.78 -38.34 -5.34
C THR E 308 -5.23 -39.22 -4.19
N ILE E 309 -4.27 -39.72 -3.42
CA ILE E 309 -4.61 -40.53 -2.25
C ILE E 309 -4.58 -39.65 -1.04
N VAL E 310 -5.57 -39.79 -0.17
CA VAL E 310 -5.67 -38.91 0.99
C VAL E 310 -6.07 -39.72 2.18
N PRO E 311 -5.11 -40.01 3.05
CA PRO E 311 -5.43 -40.68 4.31
C PRO E 311 -5.63 -39.68 5.43
N ASN E 312 -6.38 -40.07 6.43
CA ASN E 312 -6.55 -39.26 7.60
C ASN E 312 -6.98 -40.09 8.80
N LEU E 313 -6.43 -39.77 9.96
CA LEU E 313 -6.88 -40.30 11.22
C LEU E 313 -7.54 -39.11 11.92
N ALA E 314 -8.74 -39.33 12.46
CA ALA E 314 -9.36 -38.35 13.36
C ALA E 314 -9.40 -39.05 14.68
N ILE E 315 -8.50 -38.70 15.57
CA ILE E 315 -8.56 -39.22 16.94
C ILE E 315 -9.79 -38.57 17.54
N GLY E 316 -10.65 -39.42 18.11
CA GLY E 316 -11.81 -38.95 18.84
C GLY E 316 -11.36 -38.43 20.18
N MET E 317 -11.96 -37.33 20.58
CA MET E 317 -11.53 -36.61 21.75
C MET E 317 -12.53 -36.67 22.91
N THR E 318 -13.75 -37.13 22.62
CA THR E 318 -14.86 -37.18 23.60
C THR E 318 -15.61 -38.50 23.48
N ASP E 319 -16.43 -38.79 24.49
CA ASP E 319 -17.29 -39.99 24.51
C ASP E 319 -18.30 -40.03 23.32
N ASP E 320 -18.76 -38.85 22.90
CA ASP E 320 -19.70 -38.70 21.79
C ASP E 320 -19.09 -38.82 20.41
N ALA E 321 -17.77 -38.91 20.33
CA ALA E 321 -17.09 -39.05 19.07
C ALA E 321 -16.53 -40.43 18.97
N PRO E 322 -16.42 -40.95 17.74
CA PRO E 322 -15.84 -42.27 17.54
C PRO E 322 -14.42 -42.35 18.09
N ASP E 323 -14.19 -43.21 19.10
CA ASP E 323 -12.83 -43.43 19.68
C ASP E 323 -11.69 -43.06 18.69
N PHE E 324 -11.71 -43.64 17.49
CA PHE E 324 -10.90 -43.13 16.38
C PHE E 324 -11.55 -43.38 15.00
N THR E 325 -10.92 -42.90 13.93
CA THR E 325 -11.47 -43.04 12.58
C THR E 325 -10.42 -42.93 11.47
N PHE E 326 -10.17 -44.03 10.76
CA PHE E 326 -9.33 -44.06 9.54
C PHE E 326 -10.16 -43.68 8.35
N SER E 327 -9.53 -43.09 7.34
CA SER E 327 -10.18 -42.78 6.07
C SER E 327 -9.20 -42.91 4.92
N LEU E 328 -9.68 -43.28 3.75
CA LEU E 328 -8.91 -43.15 2.51
C LEU E 328 -9.81 -42.51 1.49
N LYS E 329 -9.31 -41.50 0.80
CA LYS E 329 -10.08 -40.85 -0.24
C LYS E 329 -9.22 -40.78 -1.49
N PHE E 330 -9.87 -41.04 -2.63
CA PHE E 330 -9.20 -41.11 -3.92
C PHE E 330 -9.85 -40.12 -4.90
N PRO E 331 -9.62 -38.80 -4.68
CA PRO E 331 -10.03 -37.87 -5.70
C PRO E 331 -9.38 -38.15 -7.04
N TYR E 332 -10.21 -38.57 -7.99
CA TYR E 332 -9.88 -38.62 -9.40
C TYR E 332 -10.39 -37.29 -9.97
N TYR E 333 -9.57 -36.56 -10.71
CA TYR E 333 -9.90 -35.21 -11.17
C TYR E 333 -10.16 -35.07 -12.65
N PHE E 334 -9.91 -36.13 -13.44
CA PHE E 334 -10.07 -36.14 -14.92
C PHE E 334 -8.83 -35.53 -15.61
N ALA F 17 15.29 -14.14 15.59
CA ALA F 17 13.99 -13.93 14.86
C ALA F 17 12.81 -13.93 15.81
N GLN F 18 11.76 -13.18 15.45
CA GLN F 18 10.61 -12.94 16.33
C GLN F 18 9.99 -14.25 16.85
N SER F 19 9.86 -15.24 15.96
CA SER F 19 9.24 -16.56 16.26
C SER F 19 10.05 -17.39 17.23
N VAL F 20 11.37 -17.41 17.05
CA VAL F 20 12.26 -18.14 17.94
C VAL F 20 12.17 -17.57 19.34
N SER F 21 12.06 -16.24 19.46
CA SER F 21 11.80 -15.60 20.75
C SER F 21 10.50 -16.12 21.37
N ASN F 22 9.42 -16.15 20.59
CA ASN F 22 8.15 -16.63 21.09
C ASN F 22 8.10 -18.13 21.41
N LEU F 23 8.77 -18.96 20.58
CA LEU F 23 8.88 -20.42 20.83
C LEU F 23 9.41 -20.57 22.24
N TYR F 24 10.53 -19.88 22.50
CA TYR F 24 11.20 -19.93 23.79
C TYR F 24 10.31 -19.42 24.91
N ASN F 25 9.63 -18.28 24.72
CA ASN F 25 8.77 -17.72 25.78
C ASN F 25 7.67 -18.66 26.23
N GLU F 26 7.23 -19.57 25.35
CA GLU F 26 6.11 -20.46 25.68
C GLU F 26 6.60 -21.68 26.45
N ALA F 27 7.72 -22.26 26.02
CA ALA F 27 8.25 -23.46 26.69
C ALA F 27 8.89 -23.11 28.02
N SER F 28 9.69 -22.04 28.03
CA SER F 28 10.44 -21.61 29.22
C SER F 28 9.56 -20.95 30.29
N GLY F 29 8.59 -20.15 29.84
CA GLY F 29 7.68 -19.43 30.75
C GLY F 29 8.34 -18.19 31.30
N PHE F 30 9.02 -17.46 30.42
CA PHE F 30 10.03 -16.47 30.79
C PHE F 30 10.19 -15.40 29.69
N PHE F 31 9.66 -14.20 29.93
CA PHE F 31 9.65 -13.09 28.96
C PHE F 31 11.05 -12.66 28.48
N GLY F 32 11.49 -13.19 27.34
CA GLY F 32 12.74 -12.79 26.69
C GLY F 32 12.47 -11.80 25.55
N ASN F 33 13.32 -10.78 25.45
CA ASN F 33 13.14 -9.66 24.50
C ASN F 33 11.93 -8.78 24.85
N GLY F 34 11.93 -8.27 26.08
CA GLY F 34 10.86 -7.38 26.57
C GLY F 34 11.01 -7.07 28.06
N LYS F 35 10.55 -5.89 28.47
CA LYS F 35 10.73 -5.44 29.86
C LYS F 35 9.44 -5.75 30.64
N PHE F 36 8.40 -4.91 30.53
CA PHE F 36 7.09 -5.19 31.16
C PHE F 36 6.27 -6.05 30.17
N SER F 37 5.52 -7.04 30.67
CA SER F 37 4.67 -7.92 29.85
C SER F 37 3.31 -8.14 30.49
N PHE F 38 2.24 -8.00 29.68
CA PHE F 38 0.86 -8.27 30.10
C PHE F 38 0.25 -9.27 29.16
N GLU F 39 -0.39 -10.28 29.73
CA GLU F 39 -0.88 -11.43 28.98
C GLU F 39 -2.33 -11.70 29.37
N THR F 40 -3.17 -11.83 28.35
CA THR F 40 -4.57 -12.16 28.55
C THR F 40 -4.94 -13.29 27.59
N GLY F 41 -5.64 -14.28 28.17
CA GLY F 41 -5.93 -15.54 27.51
C GLY F 41 -7.20 -16.16 28.04
N ILE F 42 -7.87 -16.91 27.15
CA ILE F 42 -9.13 -17.59 27.45
C ILE F 42 -8.94 -19.09 27.21
N THR F 43 -9.58 -19.93 28.03
CA THR F 43 -9.35 -21.38 27.95
C THR F 43 -10.61 -22.12 28.22
N TYR F 44 -10.97 -22.99 27.29
CA TYR F 44 -12.12 -23.89 27.43
C TYR F 44 -11.64 -25.31 27.66
N ALA F 45 -12.24 -26.00 28.63
CA ALA F 45 -11.95 -27.42 28.88
C ALA F 45 -13.24 -28.21 28.96
N ARG F 46 -13.33 -29.24 28.14
CA ARG F 46 -14.48 -30.15 28.12
C ARG F 46 -14.18 -31.34 29.03
N TYR F 47 -15.06 -31.62 29.99
CA TYR F 47 -14.90 -32.75 30.89
C TYR F 47 -16.16 -33.67 30.89
N ASP F 48 -16.03 -34.89 30.31
CA ASP F 48 -17.09 -35.92 30.29
C ASP F 48 -16.60 -37.18 31.00
N LYS F 74 -20.96 -34.54 32.77
CA LYS F 74 -20.64 -33.49 31.77
C LYS F 74 -20.35 -32.12 32.44
N ALA F 75 -19.27 -31.45 32.03
CA ALA F 75 -18.93 -30.12 32.57
C ALA F 75 -18.20 -29.30 31.50
N ASP F 76 -18.50 -28.00 31.45
CA ASP F 76 -17.93 -27.09 30.44
C ASP F 76 -17.27 -25.95 31.19
N ASN F 77 -15.95 -25.97 31.31
CA ASN F 77 -15.29 -24.98 32.12
C ASN F 77 -14.39 -24.03 31.31
N TRP F 78 -14.72 -22.74 31.36
CA TRP F 78 -13.94 -21.70 30.71
C TRP F 78 -13.15 -20.99 31.78
N THR F 79 -11.93 -20.58 31.45
CA THR F 79 -11.20 -19.66 32.29
C THR F 79 -10.67 -18.48 31.47
N LEU F 80 -10.76 -17.28 32.07
CA LEU F 80 -10.08 -16.09 31.60
C LEU F 80 -8.96 -15.87 32.59
N ASP F 81 -7.71 -15.94 32.12
CA ASP F 81 -6.53 -15.73 32.96
C ASP F 81 -5.86 -14.42 32.54
N LEU F 82 -5.62 -13.55 33.54
CA LEU F 82 -4.96 -12.25 33.35
C LEU F 82 -3.62 -12.29 34.09
N THR F 83 -2.52 -12.05 33.38
CA THR F 83 -1.15 -12.13 33.95
C THR F 83 -0.35 -10.87 33.59
N GLY F 84 0.30 -10.28 34.60
CA GLY F 84 1.30 -9.23 34.40
C GLY F 84 2.67 -9.72 34.85
N ALA F 85 3.74 -9.20 34.24
CA ALA F 85 5.12 -9.63 34.54
C ALA F 85 6.18 -8.58 34.26
N TYR F 86 7.23 -8.54 35.10
CA TYR F 86 8.46 -7.79 34.80
C TYR F 86 9.69 -8.71 34.56
N ASN F 87 10.60 -8.28 33.69
CA ASN F 87 11.84 -9.00 33.42
C ASN F 87 13.14 -8.14 33.57
N LEU F 88 13.77 -8.21 34.75
CA LEU F 88 15.03 -7.51 35.04
C LEU F 88 16.16 -8.11 34.26
N ASP F 89 16.64 -7.37 33.27
CA ASP F 89 17.91 -7.67 32.59
C ASP F 89 17.94 -9.12 32.17
N ASN F 90 16.90 -9.58 31.48
CA ASN F 90 16.74 -11.01 31.13
C ASN F 90 17.49 -12.03 32.04
N ARG F 91 17.33 -11.82 33.36
CA ARG F 91 17.94 -12.67 34.37
C ARG F 91 16.95 -13.02 35.46
N TRP F 92 16.29 -12.03 36.04
CA TRP F 92 15.15 -12.30 36.94
C TRP F 92 13.84 -11.95 36.21
N GLN F 93 12.76 -12.69 36.50
CA GLN F 93 11.40 -12.33 36.10
C GLN F 93 10.48 -12.37 37.32
N PHE F 94 9.50 -11.47 37.36
CA PHE F 94 8.51 -11.41 38.44
C PHE F 94 7.14 -11.23 37.83
N ASP F 95 6.14 -11.93 38.37
CA ASP F 95 4.83 -11.97 37.74
C ASP F 95 3.71 -12.42 38.66
N VAL F 96 2.51 -12.02 38.25
CA VAL F 96 1.32 -12.19 39.04
C VAL F 96 0.15 -12.52 38.07
N ASN F 97 -0.70 -13.48 38.46
CA ASN F 97 -1.77 -14.04 37.62
C ASN F 97 -3.10 -14.09 38.39
N VAL F 98 -4.15 -13.55 37.76
CA VAL F 98 -5.53 -13.59 38.28
C VAL F 98 -6.40 -14.46 37.36
N PRO F 99 -7.00 -15.54 37.88
CA PRO F 99 -7.90 -16.38 37.08
C PRO F 99 -9.37 -16.12 37.38
N VAL F 100 -10.11 -15.73 36.36
CA VAL F 100 -11.57 -15.56 36.46
C VAL F 100 -12.20 -16.78 35.83
N VAL F 101 -13.23 -17.33 36.49
CA VAL F 101 -13.69 -18.71 36.26
C VAL F 101 -15.19 -18.86 36.05
N TYR F 102 -15.61 -19.15 34.81
CA TYR F 102 -16.98 -19.56 34.49
C TYR F 102 -17.05 -21.08 34.24
N ARG F 103 -17.99 -21.75 34.93
CA ARG F 103 -18.17 -23.20 34.79
C ARG F 103 -19.62 -23.65 35.07
N GLU F 104 -20.14 -24.54 34.22
CA GLU F 104 -21.48 -25.11 34.34
C GLU F 104 -21.37 -26.63 34.22
N SER F 105 -21.65 -27.34 35.32
CA SER F 105 -21.52 -28.81 35.40
C SER F 105 -22.91 -29.40 35.34
N THR F 106 -23.21 -30.08 34.24
CA THR F 106 -24.53 -30.68 33.98
C THR F 106 -24.60 -32.13 34.53
N TYR F 107 -25.25 -32.28 35.68
CA TYR F 107 -25.25 -33.55 36.43
C TYR F 107 -26.11 -34.63 35.78
N SER F 124 -28.33 -29.77 37.11
CA SER F 124 -27.53 -28.85 36.28
C SER F 124 -27.09 -27.54 36.99
N VAL F 125 -25.87 -27.55 37.55
CA VAL F 125 -25.40 -26.46 38.44
C VAL F 125 -24.39 -25.52 37.77
N SER F 126 -24.52 -24.22 38.04
CA SER F 126 -23.66 -23.19 37.47
C SER F 126 -22.88 -22.39 38.53
N ARG F 127 -21.84 -21.72 38.05
CA ARG F 127 -21.06 -20.78 38.86
C ARG F 127 -20.74 -19.64 37.93
N ASP F 128 -21.32 -18.47 38.18
CA ASP F 128 -21.08 -17.27 37.37
C ASP F 128 -19.61 -16.87 37.58
N PRO F 129 -19.03 -16.05 36.67
CA PRO F 129 -17.60 -15.65 36.76
C PRO F 129 -17.13 -15.17 38.14
N THR F 130 -16.12 -15.81 38.71
CA THR F 130 -15.53 -15.39 39.98
C THR F 130 -14.02 -15.57 39.94
N ILE F 131 -13.31 -14.78 40.75
CA ILE F 131 -11.85 -14.87 40.83
C ILE F 131 -11.54 -16.29 41.37
N GLY F 132 -10.40 -16.84 40.98
CA GLY F 132 -9.95 -18.14 41.46
C GLY F 132 -8.83 -18.01 42.49
N ASP F 133 -7.71 -18.67 42.22
CA ASP F 133 -6.56 -18.65 43.10
C ASP F 133 -5.51 -17.78 42.48
N VAL F 134 -5.19 -16.66 43.13
CA VAL F 134 -4.26 -15.65 42.63
C VAL F 134 -2.84 -16.11 42.96
N ASN F 135 -1.90 -15.94 42.01
CA ASN F 135 -0.50 -16.40 42.24
C ASN F 135 0.64 -15.38 41.94
N PHE F 136 1.72 -15.49 42.73
CA PHE F 136 2.74 -14.44 42.96
C PHE F 136 4.11 -14.96 42.60
N GLY F 137 4.26 -15.44 41.38
CA GLY F 137 5.45 -16.24 41.01
C GLY F 137 6.77 -15.54 40.68
N ILE F 138 7.86 -15.93 41.36
CA ILE F 138 9.22 -15.46 41.05
C ILE F 138 9.96 -16.50 40.24
N ALA F 139 10.86 -16.05 39.36
CA ALA F 139 11.78 -16.96 38.65
C ALA F 139 13.08 -16.31 38.15
N TYR F 140 14.14 -17.14 38.12
CA TYR F 140 15.52 -16.74 37.86
C TYR F 140 16.15 -17.66 36.79
N LYS F 141 16.59 -17.10 35.68
CA LYS F 141 17.24 -17.88 34.61
C LYS F 141 18.73 -18.18 34.91
N PHE F 142 19.05 -19.41 35.30
CA PHE F 142 20.37 -19.72 35.91
C PHE F 142 21.43 -20.30 34.98
N LEU F 143 21.00 -20.80 33.84
CA LEU F 143 21.91 -21.05 32.73
C LEU F 143 21.37 -20.22 31.56
N ASP F 144 22.28 -19.82 30.68
CA ASP F 144 21.91 -19.15 29.45
C ASP F 144 22.30 -20.12 28.33
N GLU F 145 21.65 -19.93 27.18
CA GLU F 145 21.89 -20.75 25.98
C GLU F 145 23.36 -20.71 25.67
N SER F 146 23.93 -21.82 25.22
CA SER F 146 25.26 -21.78 24.57
C SER F 146 25.36 -22.81 23.42
N ALA F 147 26.58 -23.28 23.13
CA ALA F 147 26.74 -24.50 22.36
C ALA F 147 26.76 -25.66 23.36
N THR F 148 27.47 -25.51 24.47
CA THR F 148 27.43 -26.50 25.55
C THR F 148 26.09 -26.47 26.28
N MET F 149 25.80 -25.34 26.86
CA MET F 149 24.72 -25.19 27.84
C MET F 149 23.31 -24.98 27.22
N PRO F 150 22.25 -25.24 28.01
CA PRO F 150 20.88 -24.84 27.69
C PRO F 150 20.47 -23.53 28.35
N ASP F 151 19.31 -22.98 27.93
CA ASP F 151 18.60 -21.92 28.69
C ASP F 151 17.82 -22.63 29.80
N ALA F 152 18.24 -22.45 31.03
CA ALA F 152 17.53 -23.01 32.14
C ALA F 152 16.91 -21.91 32.99
N VAL F 153 15.76 -22.22 33.58
CA VAL F 153 15.12 -21.39 34.57
C VAL F 153 14.62 -22.24 35.71
N VAL F 154 14.76 -21.72 36.92
CA VAL F 154 14.13 -22.29 38.09
C VAL F 154 13.09 -21.28 38.47
N SER F 155 11.94 -21.72 38.96
CA SER F 155 10.87 -20.81 39.37
C SER F 155 10.42 -21.22 40.75
N VAL F 156 9.60 -20.37 41.37
CA VAL F 156 8.86 -20.72 42.59
C VAL F 156 7.55 -19.98 42.57
N ARG F 157 6.46 -20.71 42.63
CA ARG F 157 5.12 -20.15 42.48
C ARG F 157 4.32 -20.32 43.77
N VAL F 158 3.90 -19.19 44.34
CA VAL F 158 3.05 -19.17 45.51
C VAL F 158 1.59 -18.89 45.09
N LYS F 159 0.64 -19.62 45.69
CA LYS F 159 -0.75 -19.67 45.24
C LYS F 159 -1.62 -19.49 46.49
N ALA F 160 -2.17 -18.29 46.66
CA ALA F 160 -3.01 -17.99 47.80
C ALA F 160 -4.40 -18.53 47.54
N PRO F 161 -5.12 -18.95 48.60
CA PRO F 161 -6.48 -19.48 48.42
C PRO F 161 -7.57 -18.38 48.41
N THR F 162 -7.62 -17.61 47.32
CA THR F 162 -8.70 -16.64 47.14
C THR F 162 -9.90 -17.22 46.41
N GLY F 163 -9.80 -18.46 45.92
CA GLY F 163 -10.95 -19.11 45.27
C GLY F 163 -11.97 -19.55 46.31
N LYS F 164 -13.00 -20.25 45.83
CA LYS F 164 -14.11 -20.66 46.67
C LYS F 164 -13.76 -22.03 47.21
N GLU F 165 -13.64 -22.14 48.53
CA GLU F 165 -13.36 -23.40 49.20
C GLU F 165 -14.39 -24.45 48.73
N PRO F 166 -13.92 -25.63 48.28
CA PRO F 166 -14.84 -26.71 47.91
C PRO F 166 -15.42 -27.47 49.10
N PHE F 167 -14.81 -27.33 50.28
CA PHE F 167 -15.05 -28.26 51.38
C PHE F 167 -16.38 -28.06 52.13
N GLY F 168 -16.86 -26.81 52.21
CA GLY F 168 -18.21 -26.55 52.73
C GLY F 168 -19.39 -27.12 51.93
N ILE F 169 -19.20 -27.28 50.61
CA ILE F 169 -20.30 -27.56 49.66
C ILE F 169 -20.97 -28.91 49.97
N LYS F 170 -22.27 -29.01 49.67
CA LYS F 170 -23.06 -30.24 49.88
C LYS F 170 -23.64 -30.82 48.58
N VAL F 182 -27.13 -33.30 43.02
CA VAL F 182 -26.66 -31.97 42.60
C VAL F 182 -26.20 -31.19 43.84
N PRO F 183 -24.92 -30.72 43.87
CA PRO F 183 -24.39 -29.93 45.00
C PRO F 183 -24.69 -28.42 44.88
N GLU F 184 -24.83 -27.75 46.05
CA GLU F 184 -25.29 -26.33 46.14
C GLU F 184 -24.56 -25.31 45.26
N SER F 185 -23.25 -25.50 45.07
CA SER F 185 -22.43 -24.61 44.22
C SER F 185 -21.15 -25.32 43.75
N LEU F 186 -20.55 -24.82 42.67
CA LEU F 186 -19.29 -25.38 42.16
C LEU F 186 -18.13 -24.53 42.62
N PRO F 187 -17.06 -25.15 43.15
CA PRO F 187 -15.92 -24.40 43.67
C PRO F 187 -15.03 -23.82 42.57
N THR F 188 -14.18 -22.85 42.93
CA THR F 188 -13.21 -22.26 41.98
C THR F 188 -11.75 -22.18 42.51
N GLY F 189 -11.48 -22.93 43.59
CA GLY F 189 -10.15 -23.07 44.15
C GLY F 189 -10.11 -24.32 45.00
N ASN F 190 -8.93 -24.64 45.53
CA ASN F 190 -8.80 -25.76 46.45
C ASN F 190 -8.52 -25.31 47.88
N GLY F 191 -8.64 -24.00 48.14
CA GLY F 191 -8.76 -23.49 49.51
C GLY F 191 -7.56 -23.66 50.42
N VAL F 192 -6.38 -23.81 49.81
CA VAL F 192 -5.13 -23.93 50.56
C VAL F 192 -3.98 -23.20 49.84
N TRP F 193 -2.89 -23.02 50.59
CA TRP F 193 -1.68 -22.36 50.10
C TRP F 193 -0.76 -23.40 49.46
N SER F 194 -0.14 -23.04 48.35
CA SER F 194 0.75 -23.96 47.67
C SER F 194 2.01 -23.23 47.23
N ILE F 195 3.17 -23.87 47.44
CA ILE F 195 4.43 -23.39 46.90
C ILE F 195 4.76 -24.36 45.79
N THR F 196 5.28 -23.87 44.68
CA THR F 196 5.45 -24.72 43.50
C THR F 196 6.73 -24.40 42.73
N PRO F 197 7.85 -24.98 43.21
CA PRO F 197 9.11 -24.77 42.53
C PRO F 197 9.21 -25.66 41.28
N GLY F 198 10.01 -25.22 40.34
CA GLY F 198 10.11 -25.91 39.07
C GLY F 198 11.30 -25.56 38.19
N LEU F 199 11.55 -26.45 37.24
CA LEU F 199 12.73 -26.47 36.38
C LEU F 199 12.27 -26.28 34.93
N SER F 200 13.19 -25.93 34.04
CA SER F 200 12.84 -25.79 32.65
C SER F 200 14.07 -25.79 31.74
N MET F 201 14.22 -26.81 30.90
CA MET F 201 15.28 -26.78 29.89
C MET F 201 14.67 -26.37 28.58
N VAL F 202 15.44 -25.61 27.81
CA VAL F 202 15.18 -25.37 26.40
C VAL F 202 16.53 -25.24 25.69
N LYS F 203 16.63 -25.83 24.52
CA LYS F 203 17.89 -25.84 23.80
C LYS F 203 17.67 -26.16 22.36
N THR F 204 17.94 -25.17 21.53
CA THR F 204 17.94 -25.37 20.10
C THR F 204 18.97 -26.42 19.70
N PHE F 205 18.57 -27.27 18.77
CA PHE F 205 19.46 -28.03 17.89
C PHE F 205 18.85 -27.84 16.51
N ASP F 206 19.30 -26.79 15.83
CA ASP F 206 18.86 -26.42 14.47
C ASP F 206 18.36 -27.63 13.64
N PRO F 207 17.05 -27.74 13.33
CA PRO F 207 15.99 -26.72 13.57
C PRO F 207 14.99 -27.00 14.72
N ALA F 208 15.25 -28.01 15.55
CA ALA F 208 14.24 -28.52 16.47
C ALA F 208 14.51 -28.09 17.89
N VAL F 209 13.76 -27.14 18.41
CA VAL F 209 14.02 -26.68 19.78
C VAL F 209 13.50 -27.67 20.83
N LEU F 210 14.38 -28.45 21.46
CA LEU F 210 13.95 -29.38 22.51
C LEU F 210 13.70 -28.61 23.80
N PHE F 211 12.89 -29.17 24.66
CA PHE F 211 12.57 -28.55 25.92
C PHE F 211 11.85 -29.48 26.84
N GLY F 212 11.76 -29.09 28.11
CA GLY F 212 11.04 -29.86 29.10
C GLY F 212 11.04 -29.15 30.43
N SER F 213 10.38 -29.75 31.42
CA SER F 213 10.05 -29.06 32.68
C SER F 213 9.56 -30.02 33.74
N VAL F 214 9.92 -29.75 35.00
CA VAL F 214 9.52 -30.60 36.13
C VAL F 214 9.24 -29.72 37.35
N SER F 215 8.28 -30.11 38.18
CA SER F 215 7.85 -29.30 39.33
C SER F 215 7.06 -30.06 40.41
N TYR F 216 7.43 -29.82 41.67
CA TYR F 216 6.74 -30.34 42.83
C TYR F 216 5.73 -29.26 43.23
N THR F 217 4.59 -29.64 43.81
CA THR F 217 3.70 -28.66 44.45
C THR F 217 3.41 -29.14 45.87
N HIS F 218 3.92 -28.41 46.84
CA HIS F 218 3.60 -28.66 48.25
C HIS F 218 2.37 -27.85 48.67
N ASN F 219 1.33 -28.54 49.11
CA ASN F 219 0.15 -27.91 49.69
C ASN F 219 0.21 -27.78 51.21
N LEU F 220 0.15 -26.54 51.71
CA LEU F 220 0.09 -26.27 53.14
C LEU F 220 -1.26 -26.74 53.73
N GLU F 221 -1.28 -27.07 55.03
CA GLU F 221 -2.50 -27.51 55.71
C GLU F 221 -3.41 -26.30 55.95
N ASP F 222 -4.64 -26.53 56.40
CA ASP F 222 -5.54 -25.42 56.81
C ASP F 222 -6.63 -25.99 57.71
N SER F 223 -7.56 -25.12 58.15
CA SER F 223 -8.73 -25.54 58.99
C SER F 223 -10.06 -24.82 58.65
N PHE F 224 -11.16 -25.58 58.69
CA PHE F 224 -12.48 -25.11 58.23
C PHE F 224 -13.56 -25.39 59.29
N GLN F 233 -26.18 -32.39 59.17
CA GLN F 233 -25.01 -32.21 60.05
C GLN F 233 -23.87 -31.45 59.35
N LYS F 234 -23.03 -30.79 60.15
CA LYS F 234 -21.90 -29.94 59.67
C LYS F 234 -20.65 -30.07 60.57
N VAL F 235 -19.65 -30.87 60.14
CA VAL F 235 -18.42 -31.13 60.91
C VAL F 235 -17.32 -30.08 60.67
N GLY F 236 -16.18 -30.20 61.36
CA GLY F 236 -15.09 -29.20 61.25
C GLY F 236 -13.71 -29.52 61.84
N GLY F 237 -12.77 -29.89 60.94
CA GLY F 237 -11.35 -30.08 61.28
C GLY F 237 -10.39 -29.61 60.19
N LYS F 238 -9.24 -30.28 60.08
CA LYS F 238 -8.14 -29.84 59.19
C LYS F 238 -7.99 -30.76 57.96
N VAL F 239 -7.24 -30.28 56.96
CA VAL F 239 -7.05 -31.01 55.70
C VAL F 239 -5.64 -30.85 55.15
N ARG F 240 -5.07 -31.97 54.68
CA ARG F 240 -3.80 -32.00 53.93
C ARG F 240 -4.10 -32.50 52.54
N LEU F 241 -4.06 -31.61 51.55
CA LEU F 241 -4.20 -32.04 50.14
C LEU F 241 -2.93 -32.65 49.62
N GLY F 242 -3.10 -33.59 48.70
CA GLY F 242 -1.99 -34.33 48.14
C GLY F 242 -0.98 -33.41 47.50
N ASP F 243 0.29 -33.67 47.80
CA ASP F 243 1.38 -33.04 47.05
C ASP F 243 1.30 -33.56 45.59
N SER F 244 2.01 -32.88 44.68
CA SER F 244 1.90 -33.16 43.26
C SER F 244 3.24 -32.98 42.52
N PHE F 245 3.50 -33.88 41.57
CA PHE F 245 4.73 -33.93 40.74
C PHE F 245 4.22 -33.73 39.29
N GLN F 246 4.62 -32.65 38.63
CA GLN F 246 4.28 -32.40 37.21
C GLN F 246 5.56 -32.51 36.42
N PHE F 247 5.47 -32.98 35.19
CA PHE F 247 6.64 -32.99 34.29
C PHE F 247 6.28 -33.28 32.85
N GLY F 248 7.08 -32.75 31.94
CA GLY F 248 6.84 -32.88 30.53
C GLY F 248 8.02 -32.57 29.65
N VAL F 249 7.88 -32.88 28.37
CA VAL F 249 8.91 -32.74 27.38
C VAL F 249 8.18 -32.44 26.09
N GLY F 250 8.87 -31.84 25.14
CA GLY F 250 8.29 -31.60 23.82
C GLY F 250 9.30 -30.96 22.89
N VAL F 251 9.04 -31.03 21.60
CA VAL F 251 9.92 -30.42 20.63
C VAL F 251 9.10 -29.39 19.91
N ALA F 252 9.71 -28.25 19.59
CA ALA F 252 9.02 -27.15 18.89
C ALA F 252 9.84 -26.70 17.68
N PHE F 253 9.19 -26.12 16.69
CA PHE F 253 9.86 -25.68 15.47
C PHE F 253 9.55 -24.23 15.13
N ALA F 254 10.49 -23.60 14.41
CA ALA F 254 10.36 -22.25 13.87
C ALA F 254 10.01 -22.40 12.42
N LEU F 255 8.76 -22.09 12.08
CA LEU F 255 8.26 -22.40 10.75
C LEU F 255 8.72 -21.32 9.79
N ASN F 256 8.61 -20.08 10.23
CA ASN F 256 9.10 -18.94 9.45
C ASN F 256 9.36 -17.75 10.39
N GLU F 257 9.56 -16.54 9.85
CA GLU F 257 9.84 -15.38 10.69
C GLU F 257 8.77 -15.11 11.77
N ARG F 258 7.49 -15.23 11.41
CA ARG F 258 6.39 -14.86 12.32
C ARG F 258 5.73 -16.05 13.07
N MET F 259 5.99 -17.31 12.72
CA MET F 259 5.32 -18.41 13.42
C MET F 259 6.07 -19.73 13.65
N SER F 260 5.63 -20.43 14.70
CA SER F 260 6.27 -21.62 15.23
C SER F 260 5.22 -22.70 15.52
N MET F 261 5.67 -23.95 15.64
CA MET F 261 4.82 -25.08 16.11
C MET F 261 5.44 -25.88 17.26
N SER F 262 4.60 -26.49 18.09
CA SER F 262 5.06 -27.39 19.14
C SER F 262 4.24 -28.70 19.27
N PHE F 263 4.85 -29.71 19.87
CA PHE F 263 4.18 -30.93 20.24
C PHE F 263 4.77 -31.20 21.59
N SER F 264 3.99 -31.74 22.50
CA SER F 264 4.47 -31.89 23.88
C SER F 264 3.61 -32.88 24.65
N VAL F 265 4.21 -33.40 25.72
CA VAL F 265 3.54 -34.33 26.60
C VAL F 265 3.83 -33.93 28.01
N SER F 266 2.92 -34.25 28.91
CA SER F 266 3.16 -34.09 30.32
C SER F 266 2.28 -35.05 31.11
N ASP F 267 2.86 -35.73 32.11
CA ASP F 267 2.06 -36.34 33.16
C ASP F 267 2.05 -35.40 34.37
N LEU F 268 1.05 -35.57 35.23
CA LEU F 268 0.96 -34.90 36.54
C LEU F 268 0.52 -35.94 37.56
N ILE F 269 1.12 -35.96 38.75
CA ILE F 269 0.82 -37.03 39.72
C ILE F 269 0.51 -36.47 41.10
N GLN F 270 -0.79 -36.45 41.46
CA GLN F 270 -1.22 -36.02 42.82
C GLN F 270 -1.11 -37.22 43.77
N ARG F 271 -1.04 -36.96 45.08
CA ARG F 271 -0.76 -38.02 46.07
C ARG F 271 -1.95 -38.40 46.97
N SER F 273 -4.73 -37.15 49.55
CA SER F 273 -5.34 -36.18 50.48
C SER F 273 -5.97 -36.80 51.73
N LYS F 274 -5.42 -36.47 52.90
CA LYS F 274 -5.97 -36.89 54.18
C LYS F 274 -6.88 -35.76 54.72
N LEU F 275 -8.15 -36.08 55.05
CA LEU F 275 -9.08 -35.16 55.79
C LEU F 275 -9.09 -35.58 57.27
N LYS F 276 -9.65 -34.75 58.14
CA LYS F 276 -9.59 -35.00 59.60
C LYS F 276 -10.74 -34.36 60.38
N PRO F 277 -11.75 -35.16 60.77
CA PRO F 277 -12.83 -34.62 61.61
C PRO F 277 -12.37 -34.24 63.02
N ASP F 278 -12.85 -33.11 63.56
CA ASP F 278 -12.52 -32.69 64.93
C ASP F 278 -13.32 -33.49 65.97
N GLY F 280 -10.54 -36.64 66.28
CA GLY F 280 -10.42 -37.71 65.29
C GLY F 280 -9.00 -38.01 64.83
N GLY F 281 -8.89 -38.73 63.72
CA GLY F 281 -7.58 -39.08 63.10
C GLY F 281 -7.65 -39.14 61.58
N TRP F 282 -6.48 -39.24 60.94
CA TRP F 282 -6.39 -39.15 59.47
C TRP F 282 -6.90 -40.39 58.73
N ILE F 285 -10.12 -38.08 50.87
CA ILE F 285 -10.74 -39.15 50.10
C ILE F 285 -9.97 -40.49 50.11
N VAL F 286 -10.63 -41.54 49.62
CA VAL F 286 -9.98 -42.80 49.16
C VAL F 286 -9.67 -42.70 47.65
N SER F 287 -10.49 -41.97 46.90
CA SER F 287 -10.28 -41.72 45.48
C SER F 287 -9.16 -40.71 45.18
N SER F 288 -9.29 -39.49 45.71
CA SER F 288 -8.33 -38.35 45.60
C SER F 288 -7.14 -38.42 44.67
N ASP F 289 -6.30 -39.45 44.84
CA ASP F 289 -5.05 -39.58 44.07
C ASP F 289 -5.33 -39.63 42.58
N ALA F 290 -4.50 -38.96 41.80
CA ALA F 290 -4.84 -38.69 40.42
C ALA F 290 -3.67 -38.88 39.51
N ASN F 291 -3.95 -38.83 38.22
CA ASN F 291 -2.91 -38.85 37.21
C ASN F 291 -3.43 -38.27 35.90
N ALA F 292 -3.07 -37.01 35.65
CA ALA F 292 -3.55 -36.26 34.49
C ALA F 292 -2.47 -36.18 33.39
N GLY F 293 -2.55 -37.11 32.46
CA GLY F 293 -1.66 -37.14 31.30
C GLY F 293 -2.26 -36.27 30.23
N TYR F 294 -1.41 -35.56 29.49
CA TYR F 294 -1.85 -34.62 28.45
C TYR F 294 -0.98 -34.65 27.21
N PHE F 295 -1.60 -34.53 26.03
CA PHE F 295 -0.89 -34.36 24.75
C PHE F 295 -1.26 -33.04 24.04
N ASN F 296 -0.27 -32.16 23.82
CA ASN F 296 -0.48 -30.78 23.36
C ASN F 296 0.16 -30.41 22.03
N VAL F 297 -0.66 -29.98 21.08
CA VAL F 297 -0.16 -29.38 19.86
C VAL F 297 -0.43 -27.89 19.99
N GLY F 298 0.56 -27.09 19.57
CA GLY F 298 0.58 -25.67 19.86
C GLY F 298 1.25 -24.86 18.76
N MET F 299 1.09 -23.54 18.88
CA MET F 299 1.58 -22.59 17.89
C MET F 299 1.82 -21.26 18.57
N THR F 300 2.76 -20.49 18.00
CA THR F 300 2.80 -19.05 18.19
C THR F 300 2.71 -18.36 16.83
N ILE F 301 1.93 -17.28 16.79
CA ILE F 301 1.80 -16.42 15.62
C ILE F 301 2.12 -14.98 16.05
N ALA F 302 3.20 -14.43 15.48
CA ALA F 302 3.60 -13.04 15.71
C ALA F 302 2.64 -12.09 15.00
N ALA F 303 1.82 -11.37 15.78
CA ALA F 303 0.81 -10.45 15.22
C ALA F 303 1.36 -9.06 14.88
N SER F 304 1.69 -8.27 15.90
CA SER F 304 2.35 -6.98 15.74
C SER F 304 3.79 -7.22 16.20
N GLU F 305 4.56 -6.13 16.39
CA GLU F 305 5.89 -6.23 17.00
C GLU F 305 5.81 -6.74 18.44
N ASN F 306 4.73 -6.38 19.14
CA ASN F 306 4.52 -6.62 20.60
C ASN F 306 3.47 -7.70 20.99
N LEU F 307 2.60 -8.08 20.03
CA LEU F 307 1.55 -9.10 20.23
C LEU F 307 1.83 -10.44 19.52
N THR F 308 1.80 -11.52 20.30
CA THR F 308 1.74 -12.88 19.77
C THR F 308 0.30 -13.43 19.97
N ILE F 309 -0.03 -14.46 19.21
CA ILE F 309 -1.28 -15.21 19.41
C ILE F 309 -0.86 -16.64 19.68
N VAL F 310 -1.39 -17.22 20.74
CA VAL F 310 -0.94 -18.52 21.25
C VAL F 310 -2.12 -19.46 21.39
N PRO F 311 -2.46 -20.14 20.28
CA PRO F 311 -3.47 -21.18 20.33
C PRO F 311 -2.81 -22.52 20.63
N ASN F 312 -3.42 -23.32 21.51
CA ASN F 312 -2.89 -24.65 21.87
C ASN F 312 -3.95 -25.68 22.26
N LEU F 313 -3.86 -26.87 21.65
CA LEU F 313 -4.67 -28.02 22.03
C LEU F 313 -3.96 -28.83 23.11
N ALA F 314 -4.77 -29.48 23.94
CA ALA F 314 -4.32 -30.25 25.11
C ALA F 314 -5.27 -31.43 25.30
N ILE F 315 -4.96 -32.50 24.58
CA ILE F 315 -5.78 -33.71 24.53
C ILE F 315 -5.53 -34.47 25.82
N GLY F 316 -6.57 -34.67 26.62
CA GLY F 316 -6.50 -35.53 27.80
C GLY F 316 -6.17 -36.98 27.40
N MET F 317 -5.31 -37.62 28.20
CA MET F 317 -4.88 -39.00 27.94
C MET F 317 -5.48 -39.95 28.97
N THR F 318 -5.36 -39.58 30.24
CA THR F 318 -6.01 -40.29 31.33
C THR F 318 -7.40 -39.71 31.61
N ASP F 319 -8.22 -40.47 32.32
CA ASP F 319 -9.58 -40.08 32.74
C ASP F 319 -9.62 -38.76 33.52
N ASP F 320 -8.55 -38.45 34.25
CA ASP F 320 -8.55 -37.29 35.15
C ASP F 320 -8.09 -35.99 34.51
N ALA F 321 -7.42 -36.08 33.37
CA ALA F 321 -7.23 -34.93 32.53
C ALA F 321 -8.49 -34.82 31.70
N PRO F 322 -9.03 -33.59 31.52
CA PRO F 322 -10.35 -33.52 30.92
C PRO F 322 -10.27 -33.62 29.38
N ASP F 323 -11.04 -34.56 28.84
CA ASP F 323 -11.15 -34.88 27.40
C ASP F 323 -10.25 -34.03 26.51
N PHE F 324 -10.61 -32.77 26.31
CA PHE F 324 -9.75 -31.79 25.62
C PHE F 324 -9.77 -30.43 26.31
N THR F 325 -8.86 -29.56 25.85
CA THR F 325 -8.69 -28.21 26.41
C THR F 325 -8.11 -27.26 25.35
N PHE F 326 -8.97 -26.48 24.71
CA PHE F 326 -8.50 -25.42 23.82
C PHE F 326 -8.15 -24.18 24.68
N SER F 327 -7.18 -23.41 24.19
CA SER F 327 -6.60 -22.29 24.91
C SER F 327 -6.19 -21.24 23.89
N LEU F 328 -6.65 -20.00 24.04
CA LEU F 328 -6.08 -18.85 23.31
C LEU F 328 -5.45 -17.88 24.28
N LYS F 329 -4.24 -17.44 23.95
CA LYS F 329 -3.47 -16.57 24.82
C LYS F 329 -2.83 -15.48 23.98
N PHE F 330 -2.82 -14.26 24.54
CA PHE F 330 -2.31 -13.09 23.84
C PHE F 330 -1.33 -12.34 24.74
N PRO F 331 -0.04 -12.73 24.71
CA PRO F 331 0.95 -11.96 25.46
C PRO F 331 1.28 -10.64 24.74
N TYR F 332 1.21 -9.54 25.49
CA TYR F 332 1.58 -8.22 24.99
C TYR F 332 2.84 -7.73 25.73
N TYR F 333 3.93 -7.58 25.00
CA TYR F 333 5.18 -7.08 25.56
C TYR F 333 5.22 -5.57 25.36
N PHE F 334 4.93 -4.83 26.43
CA PHE F 334 5.06 -3.35 26.47
C PHE F 334 6.50 -2.88 26.18
N PRO G 16 18.23 -47.15 -16.48
CA PRO G 16 18.95 -45.87 -16.61
C PRO G 16 18.49 -45.04 -17.81
N ALA G 17 17.91 -43.87 -17.55
CA ALA G 17 17.27 -43.04 -18.58
C ALA G 17 18.19 -42.78 -19.76
N GLN G 18 17.60 -42.58 -20.94
CA GLN G 18 18.39 -42.44 -22.18
C GLN G 18 19.10 -41.08 -22.31
N SER G 19 18.56 -40.07 -21.61
CA SER G 19 19.26 -38.81 -21.46
C SER G 19 20.55 -39.01 -20.72
N VAL G 20 20.49 -39.81 -19.65
CA VAL G 20 21.65 -40.05 -18.76
C VAL G 20 22.67 -40.96 -19.44
N SER G 21 22.17 -41.95 -20.17
CA SER G 21 22.97 -42.86 -20.98
C SER G 21 23.68 -42.11 -22.09
N ASN G 22 22.94 -41.25 -22.79
CA ASN G 22 23.57 -40.38 -23.80
C ASN G 22 24.45 -39.21 -23.25
N LEU G 23 24.28 -38.81 -21.97
CA LEU G 23 25.21 -37.84 -21.31
C LEU G 23 26.56 -38.55 -21.07
N TYR G 24 26.53 -39.72 -20.40
CA TYR G 24 27.74 -40.52 -20.10
C TYR G 24 28.52 -41.04 -21.31
N ASN G 25 27.83 -41.33 -22.42
CA ASN G 25 28.46 -41.93 -23.60
C ASN G 25 29.26 -40.88 -24.37
N GLU G 26 28.64 -39.75 -24.69
CA GLU G 26 29.35 -38.67 -25.42
C GLU G 26 30.47 -38.04 -24.55
N ALA G 27 30.27 -37.98 -23.24
CA ALA G 27 31.30 -37.42 -22.33
C ALA G 27 32.52 -38.34 -22.09
N SER G 28 32.26 -39.63 -21.85
CA SER G 28 33.32 -40.61 -21.52
C SER G 28 34.06 -41.15 -22.73
N GLY G 29 33.35 -41.27 -23.86
CA GLY G 29 33.91 -41.89 -25.07
C GLY G 29 33.96 -43.40 -24.91
N PHE G 30 32.97 -43.91 -24.19
CA PHE G 30 32.87 -45.30 -23.82
C PHE G 30 31.38 -45.67 -23.93
N PHE G 31 31.03 -46.30 -25.04
CA PHE G 31 29.64 -46.44 -25.50
C PHE G 31 28.97 -47.55 -24.72
N GLY G 32 28.51 -47.23 -23.51
CA GLY G 32 28.02 -48.24 -22.54
C GLY G 32 26.54 -48.67 -22.57
N ASN G 33 25.84 -48.37 -23.66
CA ASN G 33 24.47 -48.87 -23.84
C ASN G 33 24.51 -50.39 -24.07
N GLY G 34 24.88 -50.82 -25.28
CA GLY G 34 24.83 -52.23 -25.68
C GLY G 34 26.18 -52.88 -25.96
N LYS G 35 26.18 -53.85 -26.87
CA LYS G 35 27.35 -54.65 -27.15
C LYS G 35 28.15 -54.12 -28.32
N PHE G 36 27.46 -53.67 -29.36
CA PHE G 36 28.10 -53.11 -30.55
C PHE G 36 27.54 -51.72 -30.86
N SER G 37 28.35 -50.87 -31.51
CA SER G 37 27.95 -49.49 -31.75
C SER G 37 28.58 -48.97 -33.02
N PHE G 38 27.75 -48.76 -34.04
CA PHE G 38 28.15 -48.07 -35.25
C PHE G 38 27.63 -46.64 -35.19
N GLU G 39 28.51 -45.68 -35.45
CA GLU G 39 28.25 -44.23 -35.32
C GLU G 39 28.58 -43.56 -36.64
N THR G 40 27.64 -42.77 -37.18
CA THR G 40 27.89 -41.93 -38.35
C THR G 40 27.88 -40.46 -37.94
N GLY G 41 29.03 -39.80 -38.13
CA GLY G 41 29.19 -38.36 -37.93
C GLY G 41 29.34 -37.60 -39.24
N ILE G 42 28.78 -36.41 -39.26
CA ILE G 42 29.04 -35.44 -40.30
C ILE G 42 29.50 -34.14 -39.61
N THR G 43 30.52 -33.48 -40.16
CA THR G 43 31.11 -32.31 -39.50
C THR G 43 31.52 -31.27 -40.55
N TYR G 44 31.06 -30.03 -40.37
CA TYR G 44 31.47 -28.86 -41.17
C TYR G 44 32.32 -27.94 -40.33
N ALA G 45 33.51 -27.56 -40.80
CA ALA G 45 34.34 -26.53 -40.11
C ALA G 45 34.91 -25.48 -41.09
N ARG G 46 34.84 -24.20 -40.70
CA ARG G 46 35.33 -23.04 -41.51
C ARG G 46 36.49 -22.25 -40.86
N TYR G 47 37.45 -21.84 -41.71
CA TYR G 47 38.61 -21.01 -41.34
C TYR G 47 38.57 -19.79 -42.24
N ASP G 48 39.12 -18.65 -41.75
CA ASP G 48 39.16 -17.39 -42.53
C ASP G 48 40.60 -17.03 -42.96
N ILE G 73 41.86 -15.92 -48.64
CA ILE G 73 42.15 -17.18 -47.95
C ILE G 73 40.94 -17.77 -47.13
N LYS G 74 39.90 -18.22 -47.84
CA LYS G 74 38.71 -18.88 -47.24
C LYS G 74 38.96 -20.41 -47.18
N ALA G 75 38.14 -21.14 -46.41
CA ALA G 75 38.26 -22.62 -46.31
C ALA G 75 37.04 -23.34 -45.74
N ASP G 76 36.22 -23.94 -46.60
CA ASP G 76 35.15 -24.85 -46.17
C ASP G 76 35.68 -26.30 -46.13
N ASN G 77 35.51 -26.96 -44.98
CA ASN G 77 35.96 -28.34 -44.76
C ASN G 77 34.87 -29.24 -44.19
N TRP G 78 34.42 -30.22 -45.00
CA TRP G 78 33.45 -31.24 -44.58
C TRP G 78 34.14 -32.54 -44.26
N THR G 79 33.59 -33.24 -43.28
CA THR G 79 34.16 -34.49 -42.78
C THR G 79 33.00 -35.42 -42.48
N LEU G 80 33.05 -36.63 -43.04
CA LEU G 80 32.10 -37.69 -42.70
C LEU G 80 32.83 -38.78 -41.93
N ASP G 81 32.60 -38.82 -40.62
CA ASP G 81 33.21 -39.83 -39.75
C ASP G 81 32.40 -41.15 -39.76
N LEU G 82 33.11 -42.27 -39.94
CA LEU G 82 32.54 -43.60 -39.79
C LEU G 82 33.26 -44.31 -38.65
N THR G 83 32.49 -44.72 -37.65
CA THR G 83 33.03 -45.29 -36.42
C THR G 83 32.19 -46.52 -36.06
N GLY G 84 32.86 -47.64 -35.79
CA GLY G 84 32.22 -48.83 -35.24
C GLY G 84 33.01 -49.28 -34.03
N ALA G 85 32.34 -49.81 -33.01
CA ALA G 85 33.02 -50.20 -31.76
C ALA G 85 32.43 -51.44 -31.10
N TYR G 86 33.29 -52.43 -30.83
CA TYR G 86 32.91 -53.63 -30.04
C TYR G 86 33.08 -53.27 -28.54
N ASN G 87 32.32 -53.92 -27.64
CA ASN G 87 32.59 -53.88 -26.21
C ASN G 87 32.46 -55.24 -25.54
N LEU G 88 33.39 -55.55 -24.62
CA LEU G 88 33.31 -56.75 -23.78
C LEU G 88 32.37 -56.47 -22.58
N ASP G 89 32.84 -56.56 -21.34
CA ASP G 89 31.96 -56.84 -20.18
C ASP G 89 31.33 -55.60 -19.54
N ASN G 90 31.02 -54.60 -20.36
CA ASN G 90 30.79 -53.23 -19.87
C ASN G 90 32.07 -52.76 -19.18
N ARG G 91 33.20 -53.02 -19.85
CA ARG G 91 34.53 -52.87 -19.25
C ARG G 91 35.68 -52.67 -20.25
N TRP G 92 35.72 -53.44 -21.32
CA TRP G 92 36.68 -53.23 -22.42
C TRP G 92 35.94 -52.81 -23.68
N GLN G 93 36.35 -51.68 -24.25
CA GLN G 93 35.84 -51.22 -25.55
C GLN G 93 36.95 -51.27 -26.60
N PHE G 94 36.57 -51.61 -27.83
CA PHE G 94 37.50 -51.64 -28.98
C PHE G 94 36.79 -50.89 -30.09
N ASP G 95 37.51 -50.09 -30.85
CA ASP G 95 36.89 -49.28 -31.89
C ASP G 95 37.80 -48.87 -33.02
N VAL G 96 37.21 -48.76 -34.21
CA VAL G 96 37.86 -48.22 -35.41
C VAL G 96 37.08 -46.98 -35.89
N ASN G 97 37.81 -45.98 -36.38
CA ASN G 97 37.23 -44.75 -36.95
C ASN G 97 37.84 -44.49 -38.32
N VAL G 98 37.01 -44.24 -39.31
CA VAL G 98 37.48 -43.90 -40.64
C VAL G 98 36.95 -42.50 -40.92
N PRO G 99 37.86 -41.51 -41.05
CA PRO G 99 37.38 -40.21 -41.56
C PRO G 99 37.35 -40.20 -43.08
N VAL G 100 36.39 -39.48 -43.65
CA VAL G 100 36.31 -39.22 -45.08
C VAL G 100 36.11 -37.70 -45.27
N VAL G 101 36.78 -37.14 -46.27
CA VAL G 101 37.06 -35.71 -46.30
C VAL G 101 36.89 -35.01 -47.65
N TYR G 102 35.94 -34.08 -47.69
CA TYR G 102 35.83 -33.09 -48.76
C TYR G 102 36.39 -31.80 -48.18
N ARG G 103 36.98 -30.96 -49.03
CA ARG G 103 37.77 -29.80 -48.59
C ARG G 103 37.95 -28.78 -49.70
N GLU G 104 37.63 -27.51 -49.45
CA GLU G 104 37.77 -26.46 -50.46
C GLU G 104 38.35 -25.18 -49.89
N SER G 105 39.67 -24.99 -50.07
CA SER G 105 40.41 -23.77 -49.68
C SER G 105 40.41 -22.78 -50.84
N THR G 106 39.92 -21.57 -50.60
CA THR G 106 40.04 -20.44 -51.53
C THR G 106 41.20 -19.52 -51.08
N TYR G 107 41.93 -18.95 -52.05
CA TYR G 107 43.10 -18.05 -51.81
C TYR G 107 42.89 -16.71 -52.52
N SER G 121 42.97 -12.61 -58.88
CA SER G 121 42.98 -12.14 -57.49
C SER G 121 42.33 -13.13 -56.49
N GLU G 122 41.74 -14.22 -56.99
CA GLU G 122 41.13 -15.28 -56.15
C GLU G 122 41.02 -16.60 -56.96
N GLU G 123 41.76 -17.64 -56.56
CA GLU G 123 41.71 -18.97 -57.22
C GLU G 123 41.76 -20.07 -56.16
N SER G 124 40.74 -20.93 -56.13
CA SER G 124 40.61 -21.97 -55.08
C SER G 124 41.11 -23.39 -55.47
N VAL G 125 41.42 -24.18 -54.44
CA VAL G 125 41.95 -25.54 -54.57
C VAL G 125 41.04 -26.49 -53.84
N SER G 126 40.68 -27.61 -54.46
CA SER G 126 39.79 -28.56 -53.80
C SER G 126 40.38 -29.96 -53.72
N ARG G 127 39.75 -30.76 -52.86
CA ARG G 127 40.10 -32.16 -52.64
C ARG G 127 38.81 -32.94 -52.41
N ASP G 128 38.48 -33.81 -53.37
CA ASP G 128 37.22 -34.55 -53.40
C ASP G 128 37.21 -35.63 -52.32
N PRO G 129 36.01 -36.15 -51.98
CA PRO G 129 35.93 -37.11 -50.89
C PRO G 129 37.03 -38.17 -51.00
N THR G 130 37.88 -38.20 -49.98
CA THR G 130 38.94 -39.19 -49.82
C THR G 130 39.02 -39.54 -48.32
N ILE G 131 39.65 -40.65 -47.96
CA ILE G 131 40.08 -40.86 -46.55
C ILE G 131 41.23 -39.87 -46.30
N GLY G 132 41.51 -39.45 -45.06
CA GLY G 132 41.05 -40.01 -43.80
C GLY G 132 42.30 -40.59 -43.16
N ASP G 133 42.68 -40.12 -41.97
CA ASP G 133 43.67 -40.82 -41.15
C ASP G 133 42.89 -41.75 -40.24
N VAL G 134 42.79 -43.01 -40.66
CA VAL G 134 42.05 -44.04 -39.94
C VAL G 134 42.86 -44.31 -38.69
N ASN G 135 42.15 -44.48 -37.60
CA ASN G 135 42.73 -44.68 -36.30
C ASN G 135 41.86 -45.67 -35.58
N PHE G 136 42.39 -46.25 -34.53
CA PHE G 136 41.64 -47.17 -33.70
C PHE G 136 42.14 -47.01 -32.29
N GLY G 137 41.41 -47.55 -31.33
CA GLY G 137 41.80 -47.40 -29.93
C GLY G 137 41.20 -48.45 -29.03
N ILE G 138 41.90 -48.70 -27.93
CA ILE G 138 41.44 -49.58 -26.89
C ILE G 138 41.09 -48.69 -25.72
N ALA G 139 40.15 -49.13 -24.90
CA ALA G 139 39.68 -48.33 -23.77
C ALA G 139 39.22 -49.23 -22.62
N TYR G 140 39.80 -48.99 -21.45
CA TYR G 140 39.46 -49.72 -20.23
C TYR G 140 38.83 -48.79 -19.19
N LYS G 141 37.60 -49.11 -18.80
CA LYS G 141 36.96 -48.53 -17.65
C LYS G 141 37.60 -49.09 -16.39
N PHE G 142 38.33 -48.26 -15.65
CA PHE G 142 39.02 -48.73 -14.42
C PHE G 142 38.35 -48.34 -13.09
N LEU G 143 37.27 -47.56 -13.14
CA LEU G 143 36.46 -47.23 -11.95
C LEU G 143 34.99 -47.13 -12.33
N ASP G 144 34.15 -47.89 -11.62
CA ASP G 144 32.70 -47.74 -11.65
C ASP G 144 32.41 -46.57 -10.72
N GLU G 145 31.36 -45.81 -11.01
CA GLU G 145 31.02 -44.63 -10.21
C GLU G 145 30.46 -45.05 -8.85
N SER G 146 30.90 -44.37 -7.80
CA SER G 146 30.44 -44.60 -6.44
C SER G 146 29.90 -43.26 -5.96
N ALA G 147 29.32 -43.25 -4.77
CA ALA G 147 29.01 -41.99 -4.09
C ALA G 147 30.29 -41.17 -3.81
N THR G 148 31.45 -41.85 -3.74
CA THR G 148 32.76 -41.22 -3.56
C THR G 148 33.76 -41.43 -4.71
N MET G 149 33.32 -41.90 -5.89
CA MET G 149 34.24 -42.10 -7.05
C MET G 149 33.65 -41.62 -8.38
N PRO G 150 34.50 -41.24 -9.34
CA PRO G 150 34.08 -40.89 -10.70
C PRO G 150 34.12 -42.08 -11.66
N ASP G 151 33.47 -41.93 -12.80
CA ASP G 151 33.51 -42.93 -13.86
C ASP G 151 34.76 -42.74 -14.72
N ALA G 152 35.85 -43.35 -14.26
CA ALA G 152 37.14 -43.15 -14.89
C ALA G 152 37.39 -44.18 -15.99
N VAL G 153 37.99 -43.74 -17.10
CA VAL G 153 38.25 -44.57 -18.28
C VAL G 153 39.60 -44.22 -18.91
N VAL G 154 40.52 -45.18 -18.89
CA VAL G 154 41.86 -44.97 -19.47
C VAL G 154 41.77 -45.37 -20.94
N SER G 155 42.72 -44.89 -21.75
CA SER G 155 42.73 -45.27 -23.18
C SER G 155 44.03 -45.04 -23.91
N VAL G 156 44.13 -45.69 -25.07
CA VAL G 156 45.22 -45.52 -26.03
C VAL G 156 44.59 -45.38 -27.42
N ARG G 157 45.10 -44.47 -28.23
CA ARG G 157 44.54 -44.25 -29.58
C ARG G 157 45.65 -44.13 -30.62
N VAL G 158 45.64 -45.07 -31.57
CA VAL G 158 46.70 -45.21 -32.55
C VAL G 158 46.17 -44.77 -33.91
N LYS G 159 46.88 -43.82 -34.53
CA LYS G 159 46.47 -43.24 -35.79
C LYS G 159 47.50 -43.57 -36.84
N ALA G 160 47.06 -43.80 -38.08
CA ALA G 160 47.95 -44.14 -39.16
C ALA G 160 47.89 -43.12 -40.30
N PRO G 161 48.98 -42.99 -41.06
CA PRO G 161 49.03 -42.04 -42.16
C PRO G 161 48.37 -42.55 -43.44
N THR G 162 47.09 -42.88 -43.36
CA THR G 162 46.35 -43.40 -44.51
C THR G 162 45.94 -42.27 -45.47
N GLY G 163 45.52 -41.13 -44.92
CA GLY G 163 45.17 -39.93 -45.71
C GLY G 163 46.37 -39.23 -46.34
N LYS G 164 46.13 -38.51 -47.45
CA LYS G 164 47.16 -37.83 -48.27
C LYS G 164 48.13 -37.00 -47.42
N GLU G 165 49.42 -37.07 -47.74
CA GLU G 165 50.48 -36.40 -46.95
C GLU G 165 50.58 -34.89 -47.30
N PRO G 166 50.83 -34.02 -46.30
CA PRO G 166 51.02 -32.60 -46.61
C PRO G 166 52.41 -32.25 -47.15
N PHE G 167 53.40 -33.14 -47.01
CA PHE G 167 54.78 -32.87 -47.44
C PHE G 167 54.95 -33.15 -48.93
N GLY G 168 55.84 -32.40 -49.57
CA GLY G 168 56.04 -32.50 -51.00
C GLY G 168 54.90 -31.99 -51.87
N ILE G 169 53.91 -31.32 -51.27
CA ILE G 169 52.85 -30.69 -52.04
C ILE G 169 53.46 -29.42 -52.61
N LYS G 170 53.64 -29.37 -53.93
CA LYS G 170 54.29 -28.23 -54.59
C LYS G 170 53.34 -27.02 -54.70
N LEU G 171 53.87 -25.88 -55.15
CA LEU G 171 53.07 -24.66 -55.36
C LEU G 171 53.08 -24.26 -56.83
N VAL G 172 52.09 -23.43 -57.18
CA VAL G 172 51.90 -22.87 -58.53
C VAL G 172 51.79 -21.33 -58.42
N VAL G 182 47.21 -21.06 -53.96
CA VAL G 182 48.57 -21.33 -54.45
C VAL G 182 48.87 -22.83 -54.62
N PRO G 183 48.53 -23.68 -53.61
CA PRO G 183 48.86 -25.13 -53.62
C PRO G 183 48.35 -25.99 -54.79
N GLU G 184 49.08 -27.06 -55.12
CA GLU G 184 48.70 -27.98 -56.18
C GLU G 184 47.70 -29.04 -55.74
N SER G 185 47.66 -29.33 -54.44
CA SER G 185 46.62 -30.17 -53.87
C SER G 185 46.46 -29.90 -52.37
N LEU G 186 45.41 -30.47 -51.79
CA LEU G 186 45.11 -30.34 -50.38
C LEU G 186 45.23 -31.69 -49.67
N PRO G 187 45.92 -31.72 -48.52
CA PRO G 187 46.15 -32.96 -47.81
C PRO G 187 44.92 -33.41 -47.06
N THR G 188 45.05 -34.56 -46.40
CA THR G 188 44.00 -35.07 -45.50
C THR G 188 44.47 -35.55 -44.11
N GLY G 189 45.75 -35.88 -43.96
CA GLY G 189 46.32 -36.20 -42.65
C GLY G 189 47.73 -35.70 -42.61
N ASN G 190 48.33 -35.72 -41.44
CA ASN G 190 49.67 -35.15 -41.26
C ASN G 190 50.83 -36.06 -41.72
N GLY G 191 50.52 -37.30 -42.12
CA GLY G 191 51.52 -38.21 -42.69
C GLY G 191 52.45 -38.91 -41.72
N VAL G 192 52.05 -39.00 -40.45
CA VAL G 192 52.80 -39.74 -39.45
C VAL G 192 51.88 -40.67 -38.65
N TRP G 193 52.50 -41.45 -37.75
CA TRP G 193 51.79 -42.31 -36.80
C TRP G 193 51.67 -41.53 -35.53
N SER G 194 50.62 -41.79 -34.76
CA SER G 194 50.42 -41.08 -33.50
C SER G 194 50.05 -42.07 -32.43
N ILE G 195 50.58 -41.90 -31.22
CA ILE G 195 50.14 -42.72 -30.11
C ILE G 195 49.64 -41.76 -29.04
N THR G 196 48.46 -42.05 -28.52
CA THR G 196 47.71 -41.07 -27.73
C THR G 196 47.09 -41.69 -26.50
N PRO G 197 47.87 -41.80 -25.43
CA PRO G 197 47.34 -42.15 -24.12
C PRO G 197 46.37 -41.11 -23.58
N GLY G 198 45.38 -41.56 -22.81
CA GLY G 198 44.25 -40.71 -22.42
C GLY G 198 43.32 -41.20 -21.32
N LEU G 199 42.95 -40.27 -20.47
CA LEU G 199 42.12 -40.51 -19.28
C LEU G 199 40.96 -39.54 -19.35
N SER G 200 39.73 -40.04 -19.19
CA SER G 200 38.55 -39.19 -19.06
C SER G 200 37.95 -39.41 -17.70
N MET G 201 36.95 -38.61 -17.35
CA MET G 201 36.21 -38.82 -16.10
C MET G 201 34.87 -38.14 -16.15
N VAL G 202 33.89 -38.78 -15.50
CA VAL G 202 32.54 -38.29 -15.50
C VAL G 202 31.99 -38.58 -14.11
N LYS G 203 31.21 -37.65 -13.57
CA LYS G 203 30.65 -37.81 -12.24
C LYS G 203 29.41 -36.97 -12.11
N THR G 204 28.34 -37.58 -11.59
CA THR G 204 27.08 -36.91 -11.41
C THR G 204 27.04 -36.42 -9.99
N PHE G 205 26.82 -35.11 -9.85
CA PHE G 205 26.25 -34.50 -8.64
C PHE G 205 24.92 -33.90 -9.10
N ASP G 206 23.83 -34.56 -8.71
CA ASP G 206 22.52 -34.28 -9.29
C ASP G 206 22.15 -32.81 -9.09
N PRO G 207 21.69 -32.09 -10.12
CA PRO G 207 21.35 -32.58 -11.46
C PRO G 207 22.44 -32.40 -12.52
N ALA G 208 23.64 -32.03 -12.09
CA ALA G 208 24.72 -31.79 -13.03
C ALA G 208 25.56 -33.05 -13.23
N VAL G 209 26.32 -33.07 -14.31
CA VAL G 209 27.35 -34.09 -14.50
C VAL G 209 28.62 -33.38 -14.94
N LEU G 210 29.59 -33.31 -14.02
CA LEU G 210 30.91 -32.76 -14.29
C LEU G 210 31.78 -33.81 -14.99
N PHE G 211 32.57 -33.37 -15.95
CA PHE G 211 33.40 -34.30 -16.66
C PHE G 211 34.63 -33.67 -17.25
N GLY G 212 35.67 -34.49 -17.35
CA GLY G 212 37.02 -34.05 -17.65
C GLY G 212 37.65 -34.97 -18.68
N SER G 213 38.77 -34.51 -19.24
CA SER G 213 39.35 -35.19 -20.38
C SER G 213 40.79 -34.70 -20.55
N VAL G 214 41.73 -35.63 -20.41
CA VAL G 214 43.15 -35.34 -20.57
C VAL G 214 43.85 -36.44 -21.37
N SER G 215 44.64 -36.04 -22.36
CA SER G 215 45.40 -36.98 -23.16
C SER G 215 46.70 -36.36 -23.64
N TYR G 216 47.52 -37.19 -24.28
CA TYR G 216 48.83 -36.76 -24.75
C TYR G 216 49.15 -37.49 -26.04
N THR G 217 49.63 -36.78 -27.04
CA THR G 217 49.91 -37.39 -28.32
C THR G 217 51.38 -37.29 -28.58
N HIS G 218 52.01 -38.46 -28.69
CA HIS G 218 53.33 -38.56 -29.26
C HIS G 218 53.22 -38.97 -30.73
N ASN G 219 53.92 -38.24 -31.59
CA ASN G 219 54.01 -38.54 -33.01
C ASN G 219 55.38 -39.16 -33.30
N LEU G 220 55.44 -40.00 -34.34
CA LEU G 220 56.66 -40.75 -34.66
C LEU G 220 57.42 -40.11 -35.81
N GLU G 221 58.75 -40.18 -35.72
CA GLU G 221 59.63 -39.70 -36.79
C GLU G 221 59.34 -40.59 -38.01
N ASP G 222 59.44 -40.01 -39.20
CA ASP G 222 59.37 -40.81 -40.43
C ASP G 222 60.07 -40.03 -41.55
N SER G 223 60.71 -40.75 -42.47
CA SER G 223 61.32 -40.14 -43.66
C SER G 223 60.33 -40.05 -44.84
N PHE G 224 60.63 -39.14 -45.78
CA PHE G 224 59.79 -38.87 -46.95
C PHE G 224 60.64 -38.60 -48.19
N ASP G 225 60.27 -39.20 -49.33
CA ASP G 225 61.00 -39.01 -50.60
C ASP G 225 61.11 -37.53 -51.04
N ASP G 226 60.14 -36.70 -50.65
CA ASP G 226 60.17 -35.25 -50.93
C ASP G 226 59.62 -34.39 -49.77
N ILE G 227 60.18 -33.20 -49.64
CA ILE G 227 59.87 -32.26 -48.56
C ILE G 227 59.74 -30.79 -49.03
N SER G 228 60.36 -30.47 -50.18
CA SER G 228 60.28 -29.13 -50.77
C SER G 228 58.90 -28.86 -51.38
N SER G 229 58.37 -27.67 -51.06
CA SER G 229 57.25 -27.08 -51.81
C SER G 229 57.77 -26.24 -52.97
N ASP G 230 59.09 -26.01 -53.03
CA ASP G 230 59.75 -25.47 -54.22
C ASP G 230 59.50 -26.37 -55.43
N VAL G 231 58.75 -25.84 -56.40
CA VAL G 231 58.28 -26.59 -57.56
C VAL G 231 59.37 -27.25 -58.44
N ASN G 232 60.63 -26.81 -58.36
CA ASN G 232 61.74 -27.43 -59.14
C ASN G 232 62.88 -28.01 -58.32
N GLN G 233 62.57 -28.51 -57.11
CA GLN G 233 63.54 -29.16 -56.22
C GLN G 233 62.98 -30.43 -55.58
N LYS G 234 63.86 -31.36 -55.23
CA LYS G 234 63.51 -32.52 -54.41
C LYS G 234 64.43 -32.58 -53.20
N VAL G 235 64.05 -31.89 -52.12
CA VAL G 235 64.69 -32.11 -50.81
C VAL G 235 64.21 -33.49 -50.29
N GLY G 236 64.34 -33.73 -48.99
CA GLY G 236 63.98 -35.02 -48.40
C GLY G 236 64.67 -35.21 -47.07
N GLY G 237 63.95 -35.79 -46.12
CA GLY G 237 64.46 -35.91 -44.76
C GLY G 237 63.44 -36.48 -43.81
N LYS G 238 63.81 -36.64 -42.55
CA LYS G 238 62.86 -37.11 -41.56
C LYS G 238 62.23 -35.92 -40.84
N VAL G 239 61.06 -36.17 -40.27
CA VAL G 239 60.19 -35.15 -39.69
C VAL G 239 59.77 -35.59 -38.30
N ARG G 240 60.19 -34.85 -37.29
CA ARG G 240 59.63 -34.97 -35.94
C ARG G 240 58.53 -33.94 -35.78
N LEU G 241 57.28 -34.36 -36.02
CA LEU G 241 56.12 -33.57 -35.60
C LEU G 241 56.13 -33.45 -34.10
N GLY G 242 55.65 -32.31 -33.60
CA GLY G 242 55.63 -32.02 -32.17
C GLY G 242 54.78 -33.04 -31.47
N ASP G 243 54.64 -32.88 -30.16
CA ASP G 243 53.75 -33.72 -29.37
C ASP G 243 52.65 -32.84 -28.84
N SER G 244 51.59 -33.37 -28.26
CA SER G 244 50.55 -32.47 -27.77
C SER G 244 49.80 -32.93 -26.54
N PHE G 245 49.25 -31.94 -25.84
CA PHE G 245 48.49 -32.08 -24.62
C PHE G 245 47.07 -31.56 -24.97
N GLN G 246 46.04 -32.27 -24.52
CA GLN G 246 44.64 -31.94 -24.81
C GLN G 246 43.94 -31.84 -23.48
N PHE G 247 43.74 -30.61 -23.02
CA PHE G 247 43.01 -30.35 -21.80
C PHE G 247 41.56 -30.05 -22.16
N GLY G 248 40.60 -30.62 -21.42
CA GLY G 248 39.17 -30.34 -21.60
C GLY G 248 38.27 -30.71 -20.43
N VAL G 249 37.40 -29.78 -20.04
CA VAL G 249 36.38 -30.02 -19.01
C VAL G 249 35.02 -29.46 -19.37
N GLY G 250 33.99 -29.91 -18.66
CA GLY G 250 32.59 -29.58 -18.96
C GLY G 250 31.55 -30.04 -17.93
N VAL G 251 30.33 -29.50 -18.11
CA VAL G 251 29.16 -29.85 -17.31
C VAL G 251 28.05 -30.24 -18.27
N ALA G 252 27.26 -31.23 -17.87
CA ALA G 252 26.14 -31.74 -18.67
C ALA G 252 24.89 -31.91 -17.81
N PHE G 253 23.72 -31.83 -18.45
CA PHE G 253 22.44 -31.95 -17.79
C PHE G 253 21.50 -32.87 -18.57
N ALA G 254 20.82 -33.76 -17.83
CA ALA G 254 19.68 -34.52 -18.36
C ALA G 254 18.44 -33.63 -18.28
N LEU G 255 18.03 -33.10 -19.43
CA LEU G 255 16.93 -32.14 -19.50
C LEU G 255 15.58 -32.81 -19.31
N ASN G 256 15.36 -33.86 -20.13
CA ASN G 256 14.21 -34.76 -19.97
C ASN G 256 14.66 -36.21 -20.18
N GLU G 257 13.83 -37.19 -19.84
CA GLU G 257 14.20 -38.61 -20.01
C GLU G 257 14.63 -39.07 -21.43
N ARG G 258 14.55 -38.21 -22.46
CA ARG G 258 15.10 -38.52 -23.79
C ARG G 258 16.11 -37.48 -24.39
N MET G 259 16.29 -36.32 -23.72
CA MET G 259 17.18 -35.23 -24.22
C MET G 259 18.15 -34.72 -23.16
N SER G 260 19.31 -34.26 -23.63
CA SER G 260 20.38 -33.74 -22.76
C SER G 260 21.19 -32.61 -23.41
N MET G 261 21.97 -31.91 -22.58
CA MET G 261 22.71 -30.71 -23.01
C MET G 261 23.99 -30.50 -22.18
N SER G 262 25.09 -30.12 -22.86
CA SER G 262 26.39 -29.95 -22.20
C SER G 262 27.20 -28.73 -22.66
N PHE G 263 27.79 -28.04 -21.68
CA PHE G 263 28.73 -26.97 -21.92
C PHE G 263 30.14 -27.48 -21.61
N SER G 264 31.08 -27.19 -22.51
CA SER G 264 32.47 -27.61 -22.29
C SER G 264 33.48 -26.71 -22.99
N VAL G 265 34.72 -26.82 -22.54
CA VAL G 265 35.84 -26.07 -23.08
C VAL G 265 36.96 -27.04 -23.29
N SER G 266 37.81 -26.78 -24.28
CA SER G 266 38.96 -27.63 -24.50
C SER G 266 40.11 -26.92 -25.21
N ASP G 267 41.34 -27.27 -24.80
CA ASP G 267 42.55 -26.71 -25.36
C ASP G 267 43.56 -27.76 -25.80
N LEU G 268 43.93 -27.69 -27.09
CA LEU G 268 45.02 -28.47 -27.67
C LEU G 268 46.23 -27.57 -27.82
N ILE G 269 47.40 -28.01 -27.35
CA ILE G 269 48.67 -27.29 -27.52
C ILE G 269 49.64 -28.17 -28.25
N GLN G 270 50.27 -27.67 -29.30
CA GLN G 270 50.87 -28.51 -30.33
C GLN G 270 52.38 -28.83 -30.24
N ARG G 271 53.19 -27.94 -29.66
CA ARG G 271 54.68 -28.07 -29.71
C ARG G 271 55.22 -27.87 -31.14
N LYS G 272 56.48 -27.45 -31.26
CA LYS G 272 57.09 -27.17 -32.60
C LYS G 272 57.44 -28.47 -33.32
N SER G 273 57.69 -28.34 -34.61
CA SER G 273 57.86 -29.48 -35.50
C SER G 273 59.19 -29.40 -36.23
N LYS G 274 60.18 -30.11 -35.69
CA LYS G 274 61.52 -30.20 -36.31
C LYS G 274 61.53 -31.03 -37.63
N LEU G 275 62.40 -30.65 -38.54
CA LEU G 275 62.44 -31.19 -39.89
C LEU G 275 63.90 -31.29 -40.31
N LYS G 276 64.38 -32.48 -40.68
CA LYS G 276 65.81 -32.68 -40.95
C LYS G 276 66.09 -33.01 -42.42
N PRO G 277 66.42 -32.01 -43.26
CA PRO G 277 66.65 -32.37 -44.65
C PRO G 277 68.01 -33.05 -44.86
N ASP G 278 68.17 -33.80 -45.96
CA ASP G 278 69.41 -34.54 -46.25
C ASP G 278 70.36 -33.70 -47.07
N GLY G 281 71.25 -31.05 -41.89
CA GLY G 281 71.15 -30.95 -40.43
C GLY G 281 69.83 -30.37 -39.92
N TRP G 282 69.50 -30.69 -38.65
CA TRP G 282 68.23 -30.29 -37.98
C TRP G 282 67.97 -28.79 -37.96
N GLN G 283 66.70 -28.42 -38.07
CA GLN G 283 66.27 -27.04 -37.96
C GLN G 283 64.78 -27.00 -37.68
N SER G 284 64.40 -26.17 -36.71
CA SER G 284 63.00 -26.06 -36.29
C SER G 284 62.16 -25.36 -37.38
N ILE G 285 60.91 -25.82 -37.57
CA ILE G 285 59.95 -25.20 -38.53
C ILE G 285 59.16 -24.10 -37.81
N VAL G 286 59.32 -22.84 -38.24
CA VAL G 286 58.63 -21.72 -37.61
C VAL G 286 57.12 -21.79 -37.91
N SER G 287 56.29 -21.32 -36.96
CA SER G 287 54.81 -21.42 -36.98
C SER G 287 54.29 -22.70 -36.28
N SER G 288 54.87 -23.85 -36.62
CA SER G 288 54.50 -25.17 -36.09
C SER G 288 53.67 -25.24 -34.80
N ASP G 289 54.14 -24.58 -33.74
CA ASP G 289 53.47 -24.61 -32.41
C ASP G 289 52.07 -24.08 -32.53
N ALA G 290 51.18 -24.54 -31.67
CA ALA G 290 49.78 -24.14 -31.78
C ALA G 290 49.05 -24.30 -30.46
N ASN G 291 48.06 -23.44 -30.25
CA ASN G 291 47.22 -23.45 -29.07
C ASN G 291 45.78 -23.33 -29.52
N ALA G 292 45.18 -24.44 -29.94
CA ALA G 292 43.81 -24.44 -30.46
C ALA G 292 42.76 -24.58 -29.32
N GLY G 293 42.03 -23.49 -29.08
CA GLY G 293 41.05 -23.40 -28.00
C GLY G 293 39.66 -23.60 -28.54
N TYR G 294 38.75 -24.04 -27.67
CA TYR G 294 37.41 -24.36 -28.09
C TYR G 294 36.41 -24.25 -26.97
N PHE G 295 35.24 -23.72 -27.31
CA PHE G 295 34.08 -23.75 -26.43
C PHE G 295 32.96 -24.43 -27.19
N ASN G 296 32.37 -25.47 -26.56
CA ASN G 296 31.32 -26.33 -27.15
C ASN G 296 29.98 -26.25 -26.43
N VAL G 297 28.93 -26.05 -27.23
CA VAL G 297 27.54 -26.31 -26.82
C VAL G 297 26.94 -27.44 -27.68
N GLY G 298 26.11 -28.29 -27.05
CA GLY G 298 25.57 -29.51 -27.68
C GLY G 298 24.46 -30.25 -26.93
N MET G 299 23.96 -31.30 -27.60
CA MET G 299 22.97 -32.31 -27.09
C MET G 299 23.50 -33.54 -27.89
N THR G 300 23.15 -34.85 -27.76
CA THR G 300 22.08 -35.63 -27.08
C THR G 300 20.61 -35.38 -27.33
N ILE G 301 20.10 -36.06 -28.36
CA ILE G 301 18.66 -36.30 -28.52
C ILE G 301 18.45 -37.78 -28.88
N ALA G 302 17.71 -38.52 -28.04
CA ALA G 302 17.45 -39.96 -28.26
C ALA G 302 16.23 -40.15 -29.17
N ALA G 303 16.47 -40.62 -30.40
CA ALA G 303 15.45 -40.68 -31.48
C ALA G 303 14.51 -41.88 -31.32
N SER G 304 15.06 -43.09 -31.43
CA SER G 304 14.36 -44.32 -31.08
C SER G 304 14.82 -44.68 -29.65
N GLU G 305 14.91 -45.98 -29.36
CA GLU G 305 15.89 -46.49 -28.39
C GLU G 305 16.80 -47.33 -29.29
N ASN G 306 18.01 -46.81 -29.53
CA ASN G 306 18.94 -47.32 -30.54
C ASN G 306 19.52 -46.13 -31.25
N LEU G 307 18.69 -45.38 -31.97
CA LEU G 307 19.15 -44.20 -32.69
C LEU G 307 19.20 -42.97 -31.78
N THR G 308 20.21 -42.15 -31.98
CA THR G 308 20.46 -41.00 -31.14
C THR G 308 21.09 -39.93 -32.04
N ILE G 309 20.69 -38.67 -31.82
CA ILE G 309 21.23 -37.54 -32.55
C ILE G 309 22.09 -36.73 -31.59
N VAL G 310 23.32 -36.46 -32.01
CA VAL G 310 24.26 -35.72 -31.22
C VAL G 310 24.65 -34.47 -32.02
N PRO G 311 23.92 -33.35 -31.80
CA PRO G 311 24.31 -32.07 -32.39
C PRO G 311 25.29 -31.35 -31.51
N ASN G 312 26.31 -30.77 -32.13
CA ASN G 312 27.35 -30.05 -31.39
C ASN G 312 28.05 -28.92 -32.15
N LEU G 313 27.95 -27.70 -31.58
CA LEU G 313 28.68 -26.53 -32.05
C LEU G 313 29.92 -26.38 -31.19
N ALA G 314 31.07 -26.29 -31.88
CA ALA G 314 32.37 -25.95 -31.28
C ALA G 314 32.83 -24.58 -31.78
N ILE G 315 32.72 -23.58 -30.90
CA ILE G 315 33.12 -22.20 -31.20
C ILE G 315 34.63 -22.12 -31.03
N GLY G 316 35.29 -21.59 -32.06
CA GLY G 316 36.74 -21.53 -32.12
C GLY G 316 37.21 -20.27 -31.45
N MET G 317 37.82 -20.40 -30.28
CA MET G 317 38.29 -19.24 -29.52
C MET G 317 39.80 -19.00 -29.58
N THR G 318 40.51 -19.66 -30.52
CA THR G 318 41.92 -19.31 -30.84
C THR G 318 42.20 -19.34 -32.32
N ASP G 319 43.14 -18.49 -32.74
CA ASP G 319 43.52 -18.30 -34.14
C ASP G 319 43.98 -19.61 -34.80
N ASP G 320 44.60 -20.48 -34.00
CA ASP G 320 45.04 -21.78 -34.47
C ASP G 320 43.88 -22.71 -34.77
N ALA G 321 42.75 -22.50 -34.08
CA ALA G 321 41.51 -23.27 -34.32
C ALA G 321 40.73 -22.74 -35.53
N PRO G 322 39.73 -23.50 -36.01
CA PRO G 322 38.84 -22.95 -37.02
C PRO G 322 37.81 -22.01 -36.40
N ASP G 323 37.17 -21.21 -37.25
CA ASP G 323 36.22 -20.20 -36.80
C ASP G 323 35.14 -20.89 -35.95
N PHE G 324 34.39 -21.81 -36.57
CA PHE G 324 33.35 -22.61 -35.86
C PHE G 324 33.27 -24.04 -36.44
N THR G 325 32.64 -24.95 -35.71
CA THR G 325 32.45 -26.33 -36.17
C THR G 325 31.08 -26.84 -35.70
N PHE G 326 30.24 -27.28 -36.66
CA PHE G 326 28.91 -27.92 -36.41
C PHE G 326 29.03 -29.43 -36.69
N SER G 327 28.52 -30.24 -35.76
CA SER G 327 28.68 -31.69 -35.82
C SER G 327 27.35 -32.36 -35.53
N LEU G 328 26.88 -33.21 -36.45
CA LEU G 328 25.75 -34.11 -36.21
C LEU G 328 26.22 -35.55 -36.18
N LYS G 329 25.94 -36.25 -35.08
CA LYS G 329 26.42 -37.61 -34.91
C LYS G 329 25.25 -38.53 -34.63
N PHE G 330 25.29 -39.67 -35.30
CA PHE G 330 24.18 -40.57 -35.42
C PHE G 330 24.58 -41.95 -34.95
N PRO G 331 24.74 -42.13 -33.63
CA PRO G 331 25.11 -43.43 -33.05
C PRO G 331 23.99 -44.43 -32.99
N TYR G 332 24.32 -45.69 -33.30
CA TYR G 332 23.36 -46.80 -33.32
C TYR G 332 23.93 -48.03 -32.57
N TYR G 333 23.11 -48.61 -31.67
CA TYR G 333 23.49 -49.67 -30.70
C TYR G 333 22.64 -50.93 -30.91
N PHE G 334 23.26 -52.12 -30.94
CA PHE G 334 22.53 -53.37 -31.21
C PHE G 334 22.96 -54.58 -30.37
N ALA H 17 22.05 -21.28 2.36
CA ALA H 17 22.09 -22.24 1.21
C ALA H 17 23.45 -22.17 0.54
N GLN H 18 24.31 -23.17 0.79
CA GLN H 18 25.76 -23.11 0.40
C GLN H 18 25.97 -22.57 -1.02
N SER H 19 25.20 -23.09 -1.97
CA SER H 19 25.24 -22.66 -3.38
C SER H 19 24.81 -21.21 -3.68
N VAL H 20 23.81 -20.73 -2.93
CA VAL H 20 23.30 -19.36 -3.08
C VAL H 20 24.36 -18.37 -2.61
N SER H 21 25.03 -18.67 -1.48
CA SER H 21 26.02 -17.78 -0.91
C SER H 21 27.12 -17.58 -1.92
N ASN H 22 27.70 -18.70 -2.35
CA ASN H 22 28.80 -18.67 -3.28
C ASN H 22 28.40 -18.12 -4.65
N LEU H 23 27.12 -18.30 -5.06
CA LEU H 23 26.53 -17.62 -6.24
C LEU H 23 26.54 -16.08 -6.07
N TYR H 24 26.02 -15.61 -4.94
CA TYR H 24 25.96 -14.16 -4.65
C TYR H 24 27.36 -13.55 -4.52
N ASN H 25 28.25 -14.22 -3.79
CA ASN H 25 29.60 -13.73 -3.57
C ASN H 25 30.33 -13.45 -4.88
N GLU H 26 30.46 -14.48 -5.69
CA GLU H 26 31.11 -14.39 -6.97
C GLU H 26 30.57 -13.21 -7.78
N ALA H 27 29.26 -12.98 -7.77
CA ALA H 27 28.67 -11.93 -8.62
C ALA H 27 28.85 -10.52 -8.06
N SER H 28 28.52 -10.35 -6.77
CA SER H 28 28.51 -9.03 -6.09
C SER H 28 29.88 -8.52 -5.58
N GLY H 29 30.85 -9.42 -5.48
CA GLY H 29 32.18 -9.10 -4.97
C GLY H 29 32.17 -8.73 -3.50
N PHE H 30 31.25 -9.34 -2.75
CA PHE H 30 31.05 -9.03 -1.35
C PHE H 30 30.95 -10.35 -0.56
N PHE H 31 32.13 -10.87 -0.17
CA PHE H 31 32.26 -12.16 0.55
C PHE H 31 31.70 -12.01 1.96
N GLY H 32 30.39 -12.17 2.05
CA GLY H 32 29.65 -11.94 3.28
C GLY H 32 29.61 -13.11 4.26
N ASN H 33 29.53 -14.35 3.76
CA ASN H 33 29.42 -15.57 4.60
C ASN H 33 30.62 -15.88 5.54
N GLY H 34 30.89 -14.97 6.49
CA GLY H 34 32.10 -14.98 7.34
C GLY H 34 32.73 -13.59 7.50
N LYS H 35 33.80 -13.52 8.32
CA LYS H 35 34.49 -12.25 8.65
C LYS H 35 35.83 -11.96 7.91
N PHE H 36 36.59 -13.00 7.53
CA PHE H 36 37.84 -12.85 6.71
C PHE H 36 37.86 -13.71 5.46
N SER H 37 38.82 -13.47 4.58
CA SER H 37 39.07 -14.41 3.49
C SER H 37 40.43 -14.31 2.78
N PHE H 38 41.21 -15.40 2.84
CA PHE H 38 42.30 -15.65 1.90
C PHE H 38 41.67 -16.22 0.62
N GLU H 39 42.36 -16.13 -0.51
CA GLU H 39 41.86 -16.64 -1.80
C GLU H 39 42.98 -16.76 -2.85
N THR H 40 43.48 -17.96 -3.09
CA THR H 40 44.45 -18.17 -4.17
C THR H 40 43.72 -18.32 -5.49
N GLY H 41 44.19 -17.62 -6.50
CA GLY H 41 43.68 -17.78 -7.87
C GLY H 41 44.81 -18.09 -8.83
N ILE H 42 44.53 -18.91 -9.83
CA ILE H 42 45.45 -19.10 -10.96
C ILE H 42 44.65 -18.82 -12.22
N THR H 43 45.28 -18.11 -13.15
CA THR H 43 44.64 -17.64 -14.37
C THR H 43 45.60 -17.92 -15.50
N TYR H 44 45.08 -17.86 -16.72
CA TYR H 44 45.90 -18.04 -17.90
C TYR H 44 45.20 -17.35 -19.04
N ALA H 45 45.96 -16.70 -19.91
CA ALA H 45 45.39 -15.95 -21.00
C ALA H 45 46.22 -16.12 -22.23
N ARG H 46 45.59 -16.50 -23.34
CA ARG H 46 46.30 -16.68 -24.59
C ARG H 46 46.02 -15.47 -25.47
N TYR H 47 47.06 -14.92 -26.11
CA TYR H 47 46.93 -13.83 -27.09
C TYR H 47 47.57 -14.24 -28.41
N ASP H 48 47.08 -13.66 -29.50
CA ASP H 48 47.71 -13.83 -30.83
C ASP H 48 47.36 -12.70 -31.81
N ALA H 49 48.27 -11.72 -31.94
CA ALA H 49 48.12 -10.63 -32.90
C ALA H 49 48.45 -11.13 -34.31
N ILE H 73 52.35 -12.79 -33.22
CA ILE H 73 52.72 -12.80 -31.79
C ILE H 73 51.94 -13.83 -30.89
N LYS H 74 52.41 -15.07 -30.77
CA LYS H 74 51.94 -15.95 -29.67
C LYS H 74 52.23 -15.22 -28.34
N ALA H 75 51.47 -15.50 -27.29
CA ALA H 75 51.69 -14.88 -25.97
C ALA H 75 50.92 -15.59 -24.85
N ASP H 76 51.61 -16.01 -23.78
CA ASP H 76 51.01 -16.78 -22.69
C ASP H 76 51.19 -16.16 -21.33
N ASN H 77 50.15 -15.50 -20.82
CA ASN H 77 50.21 -14.80 -19.53
C ASN H 77 49.56 -15.57 -18.40
N TRP H 78 50.40 -16.09 -17.51
CA TRP H 78 49.94 -16.66 -16.24
C TRP H 78 49.85 -15.61 -15.15
N THR H 79 49.17 -15.95 -14.06
CA THR H 79 48.82 -14.97 -12.99
C THR H 79 48.34 -15.71 -11.75
N LEU H 80 49.23 -15.90 -10.79
CA LEU H 80 48.86 -16.29 -9.44
C LEU H 80 48.35 -15.06 -8.72
N ASP H 81 47.15 -15.13 -8.14
CA ASP H 81 46.58 -14.03 -7.33
C ASP H 81 46.47 -14.42 -5.88
N LEU H 82 46.83 -13.51 -4.98
CA LEU H 82 46.56 -13.73 -3.56
C LEU H 82 45.71 -12.57 -3.09
N THR H 83 44.54 -12.86 -2.55
CA THR H 83 43.64 -11.80 -2.08
C THR H 83 43.30 -12.05 -0.65
N GLY H 84 43.41 -11.01 0.17
CA GLY H 84 42.96 -11.06 1.55
C GLY H 84 41.80 -10.09 1.69
N ALA H 85 40.75 -10.49 2.37
CA ALA H 85 39.61 -9.59 2.55
C ALA H 85 39.10 -9.65 3.97
N TYR H 86 38.61 -8.52 4.42
CA TYR H 86 38.12 -8.31 5.79
C TYR H 86 36.68 -7.73 5.69
N ASN H 87 35.73 -8.31 6.43
CA ASN H 87 34.32 -7.91 6.39
C ASN H 87 33.67 -7.87 7.79
N LEU H 88 33.76 -6.70 8.40
CA LEU H 88 32.99 -6.36 9.58
C LEU H 88 31.69 -5.75 9.09
N ASP H 89 30.59 -6.47 9.30
CA ASP H 89 29.21 -5.96 9.07
C ASP H 89 28.87 -5.75 7.58
N TRP H 92 30.14 -3.48 5.37
CA TRP H 92 31.53 -2.95 5.12
C TRP H 92 32.63 -4.02 4.84
N GLN H 93 33.43 -3.79 3.82
CA GLN H 93 34.45 -4.77 3.42
C GLN H 93 35.72 -4.14 2.81
N PHE H 94 36.86 -4.58 3.35
CA PHE H 94 38.17 -4.07 3.02
C PHE H 94 38.99 -5.23 2.46
N ASP H 95 39.76 -5.03 1.39
CA ASP H 95 40.55 -6.14 0.84
C ASP H 95 41.78 -5.72 0.05
N VAL H 96 42.71 -6.65 -0.08
CA VAL H 96 43.98 -6.42 -0.76
C VAL H 96 44.17 -7.55 -1.73
N ASN H 97 44.80 -7.24 -2.83
CA ASN H 97 45.07 -8.22 -3.85
C ASN H 97 46.50 -8.02 -4.30
N VAL H 98 47.24 -9.12 -4.48
CA VAL H 98 48.63 -9.07 -4.93
C VAL H 98 48.79 -10.05 -6.10
N PRO H 99 48.87 -9.52 -7.33
CA PRO H 99 49.16 -10.35 -8.49
C PRO H 99 50.60 -10.78 -8.57
N VAL H 100 50.83 -11.86 -9.31
CA VAL H 100 52.15 -12.44 -9.50
C VAL H 100 52.19 -12.97 -10.93
N VAL H 101 53.07 -12.46 -11.75
CA VAL H 101 52.96 -12.64 -13.16
C VAL H 101 54.16 -13.34 -13.75
N TYR H 102 54.03 -14.63 -14.04
CA TYR H 102 54.86 -15.26 -15.07
C TYR H 102 54.27 -14.75 -16.38
N ARG H 103 55.09 -14.60 -17.42
CA ARG H 103 54.58 -14.50 -18.80
C ARG H 103 55.64 -14.54 -19.90
N GLU H 104 55.33 -15.20 -21.01
CA GLU H 104 56.19 -15.32 -22.17
C GLU H 104 55.47 -14.80 -23.38
N SER H 105 56.16 -14.03 -24.22
CA SER H 105 55.66 -13.60 -25.53
C SER H 105 56.53 -14.24 -26.59
N THR H 106 56.28 -13.95 -27.87
CA THR H 106 56.94 -14.64 -29.00
C THR H 106 56.64 -13.91 -30.32
N TYR H 107 57.68 -13.43 -31.03
CA TYR H 107 57.54 -12.44 -32.11
C TYR H 107 58.12 -12.90 -33.44
N SER H 121 62.12 -17.31 -39.15
CA SER H 121 62.69 -16.32 -38.22
C SER H 121 61.69 -16.01 -37.12
N GLU H 122 61.99 -16.42 -35.89
CA GLU H 122 61.10 -16.23 -34.73
C GLU H 122 61.92 -16.14 -33.44
N GLU H 123 61.58 -15.20 -32.57
CA GLU H 123 62.34 -14.96 -31.35
C GLU H 123 61.37 -14.65 -30.25
N SER H 124 61.50 -15.34 -29.11
CA SER H 124 60.66 -15.12 -27.94
C SER H 124 61.31 -14.25 -26.87
N VAL H 125 60.50 -13.84 -25.89
CA VAL H 125 60.90 -13.03 -24.73
C VAL H 125 60.05 -13.49 -23.56
N SER H 126 60.50 -13.27 -22.34
CA SER H 126 59.67 -13.59 -21.19
C SER H 126 59.90 -12.71 -19.95
N ARG H 127 59.26 -13.11 -18.85
CA ARG H 127 59.33 -12.42 -17.57
C ARG H 127 59.00 -13.45 -16.50
N ASP H 128 59.98 -13.81 -15.69
CA ASP H 128 59.80 -14.79 -14.61
C ASP H 128 59.01 -14.14 -13.47
N PRO H 129 58.36 -14.96 -12.60
CA PRO H 129 57.42 -14.49 -11.57
C PRO H 129 57.82 -13.25 -10.75
N THR H 130 57.54 -12.06 -11.29
CA THR H 130 57.67 -10.80 -10.55
C THR H 130 56.35 -10.49 -9.84
N ILE H 131 56.26 -9.35 -9.15
CA ILE H 131 54.96 -8.84 -8.67
C ILE H 131 54.35 -7.96 -9.78
N GLY H 132 53.06 -7.66 -9.65
CA GLY H 132 52.37 -6.63 -10.44
C GLY H 132 51.61 -5.64 -9.56
N ASP H 133 50.67 -4.90 -10.16
CA ASP H 133 50.00 -3.77 -9.49
C ASP H 133 49.12 -4.30 -8.36
N VAL H 134 49.60 -4.10 -7.14
CA VAL H 134 48.84 -4.38 -5.90
C VAL H 134 47.62 -3.46 -5.86
N ASN H 135 46.50 -3.92 -5.31
CA ASN H 135 45.33 -3.03 -5.16
C ASN H 135 44.52 -3.25 -3.90
N PHE H 136 44.32 -2.18 -3.12
CA PHE H 136 43.42 -2.16 -1.94
C PHE H 136 42.02 -1.86 -2.51
N GLY H 137 41.00 -2.30 -1.79
CA GLY H 137 39.61 -2.04 -2.20
C GLY H 137 38.59 -2.03 -1.06
N ILE H 138 37.94 -0.88 -0.82
CA ILE H 138 36.87 -0.80 0.19
C ILE H 138 35.59 -1.11 -0.56
N ALA H 139 34.63 -1.72 0.13
CA ALA H 139 33.31 -2.02 -0.44
C ALA H 139 32.21 -1.98 0.65
N TYR H 140 31.06 -1.39 0.30
CA TYR H 140 29.97 -1.12 1.23
C TYR H 140 28.63 -1.58 0.65
N LYS H 141 27.89 -2.41 1.37
CA LYS H 141 26.55 -2.83 0.96
C LYS H 141 25.47 -1.87 1.49
N PHE H 142 24.84 -1.15 0.56
CA PHE H 142 23.91 -0.05 0.88
C PHE H 142 22.44 -0.37 0.61
N LEU H 143 22.16 -1.57 0.10
CA LEU H 143 20.79 -2.12 -0.01
C LEU H 143 20.84 -3.64 0.30
N ASP H 144 20.25 -4.02 1.44
CA ASP H 144 19.99 -5.43 1.76
C ASP H 144 18.74 -5.84 0.94
N GLU H 145 18.66 -7.08 0.46
CA GLU H 145 17.67 -7.47 -0.57
C GLU H 145 16.24 -7.62 -0.05
N SER H 146 15.26 -7.37 -0.92
CA SER H 146 13.83 -7.47 -0.59
C SER H 146 13.00 -7.73 -1.84
N ALA H 147 11.69 -7.91 -1.67
CA ALA H 147 10.80 -8.18 -2.81
C ALA H 147 10.86 -7.08 -3.87
N THR H 148 10.92 -5.82 -3.44
CA THR H 148 11.09 -4.67 -4.36
C THR H 148 12.57 -4.31 -4.67
N MET H 149 13.42 -4.29 -3.63
CA MET H 149 14.80 -3.78 -3.72
C MET H 149 15.84 -4.90 -3.91
N PRO H 150 16.90 -4.65 -4.72
CA PRO H 150 18.01 -5.62 -4.92
C PRO H 150 19.09 -5.70 -3.80
N ASP H 151 20.15 -6.48 -4.05
CA ASP H 151 21.35 -6.52 -3.22
C ASP H 151 22.47 -5.66 -3.86
N ALA H 152 22.50 -4.37 -3.51
CA ALA H 152 23.41 -3.41 -4.11
C ALA H 152 24.66 -3.24 -3.26
N VAL H 153 25.83 -3.27 -3.90
CA VAL H 153 27.10 -3.02 -3.23
C VAL H 153 27.85 -1.93 -4.01
N VAL H 154 28.49 -0.99 -3.29
CA VAL H 154 29.28 0.08 -3.91
C VAL H 154 30.70 0.13 -3.29
N SER H 155 31.68 0.61 -4.07
CA SER H 155 33.08 0.29 -3.81
C SER H 155 34.08 1.04 -4.70
N VAL H 156 35.12 1.63 -4.12
CA VAL H 156 36.28 2.10 -4.89
C VAL H 156 37.42 1.09 -4.77
N ARG H 157 38.33 1.13 -5.73
CA ARG H 157 39.50 0.26 -5.75
C ARG H 157 40.73 1.04 -6.22
N VAL H 158 41.65 1.25 -5.28
CA VAL H 158 42.87 2.00 -5.56
C VAL H 158 43.92 1.01 -6.01
N LYS H 159 44.51 1.25 -7.17
CA LYS H 159 45.52 0.34 -7.70
C LYS H 159 46.87 1.02 -7.83
N ALA H 160 47.87 0.51 -7.09
CA ALA H 160 49.21 1.11 -7.04
C ALA H 160 50.12 0.52 -8.12
N PRO H 161 51.01 1.37 -8.74
CA PRO H 161 51.98 0.89 -9.75
C PRO H 161 53.19 0.12 -9.18
N THR H 162 52.89 -0.85 -8.31
CA THR H 162 53.88 -1.70 -7.71
C THR H 162 54.62 -2.51 -8.79
N GLY H 163 53.91 -2.94 -9.86
CA GLY H 163 54.53 -3.75 -10.92
C GLY H 163 55.59 -3.01 -11.72
N LYS H 164 56.08 -3.66 -12.78
CA LYS H 164 57.11 -3.09 -13.67
C LYS H 164 56.57 -2.25 -14.83
N GLU H 165 56.87 -0.95 -14.81
CA GLU H 165 56.43 0.03 -15.83
C GLU H 165 56.62 -0.40 -17.30
N PRO H 166 55.57 -0.26 -18.13
CA PRO H 166 55.69 -0.60 -19.55
C PRO H 166 56.41 0.44 -20.37
N PHE H 167 56.53 1.66 -19.86
CA PHE H 167 57.27 2.71 -20.53
C PHE H 167 58.72 2.54 -20.10
N GLY H 168 59.61 2.80 -21.05
CA GLY H 168 61.03 2.62 -20.88
C GLY H 168 61.50 1.50 -21.76
N ILE H 169 60.69 0.44 -21.83
CA ILE H 169 61.16 -0.84 -22.32
C ILE H 169 61.65 -0.69 -23.76
N LYS H 170 62.89 -1.12 -24.00
CA LYS H 170 63.52 -0.90 -25.30
C LYS H 170 63.21 -2.04 -26.21
N LEU H 171 63.28 -1.77 -27.50
CA LEU H 171 63.10 -2.78 -28.52
C LEU H 171 64.46 -3.00 -29.18
N VAL H 172 65.15 -4.10 -28.85
CA VAL H 172 66.49 -4.43 -29.44
C VAL H 172 66.48 -4.98 -30.90
N ARG H 173 66.00 -4.14 -31.84
CA ARG H 173 65.86 -4.48 -33.28
C ARG H 173 67.21 -4.50 -33.98
N VAL H 182 61.48 -6.58 -31.40
CA VAL H 182 61.43 -7.42 -30.19
C VAL H 182 61.80 -6.67 -28.88
N PRO H 183 60.89 -6.67 -27.86
CA PRO H 183 61.19 -6.15 -26.52
C PRO H 183 62.37 -6.80 -25.81
N GLU H 184 63.05 -6.04 -24.97
CA GLU H 184 64.11 -6.56 -24.11
C GLU H 184 63.50 -7.28 -22.94
N SER H 185 62.28 -6.88 -22.58
CA SER H 185 61.60 -7.44 -21.42
C SER H 185 60.09 -7.21 -21.52
N LEU H 186 59.35 -7.84 -20.62
CA LEU H 186 57.89 -7.77 -20.66
C LEU H 186 57.42 -7.04 -19.43
N PRO H 187 56.56 -6.02 -19.62
CA PRO H 187 56.00 -5.28 -18.49
C PRO H 187 55.07 -6.11 -17.62
N THR H 188 54.58 -5.50 -16.57
CA THR H 188 53.76 -6.22 -15.57
C THR H 188 52.62 -5.36 -14.96
N GLY H 189 52.76 -4.03 -15.04
CA GLY H 189 51.66 -3.08 -14.84
C GLY H 189 51.72 -2.00 -15.90
N ASN H 190 51.08 -0.88 -15.61
CA ASN H 190 51.02 0.24 -16.58
C ASN H 190 51.75 1.52 -16.09
N GLY H 191 52.37 1.43 -14.91
CA GLY H 191 53.15 2.50 -14.35
C GLY H 191 52.35 3.56 -13.65
N VAL H 192 51.03 3.39 -13.54
CA VAL H 192 50.18 4.45 -13.00
C VAL H 192 49.24 4.03 -11.89
N TRP H 193 48.96 4.97 -11.01
CA TRP H 193 47.88 4.84 -10.05
C TRP H 193 46.53 4.88 -10.79
N SER H 194 45.54 4.21 -10.20
CA SER H 194 44.17 4.38 -10.64
C SER H 194 43.24 4.24 -9.45
N ILE H 195 42.16 4.99 -9.50
CA ILE H 195 41.11 4.95 -8.50
C ILE H 195 39.85 4.59 -9.31
N THR H 196 39.05 3.64 -8.77
CA THR H 196 37.99 2.95 -9.54
C THR H 196 36.70 2.73 -8.74
N PRO H 197 35.77 3.70 -8.81
CA PRO H 197 34.46 3.53 -8.18
C PRO H 197 33.57 2.60 -8.99
N GLY H 198 32.73 1.84 -8.28
CA GLY H 198 31.94 0.81 -8.93
C GLY H 198 30.69 0.45 -8.15
N LEU H 199 29.71 -0.03 -8.90
CA LEU H 199 28.41 -0.45 -8.38
C LEU H 199 28.12 -1.86 -8.87
N SER H 200 27.51 -2.67 -8.00
CA SER H 200 26.97 -3.96 -8.38
C SER H 200 25.58 -4.09 -7.78
N MET H 201 24.64 -4.53 -8.61
CA MET H 201 23.32 -4.94 -8.13
C MET H 201 23.04 -6.36 -8.63
N VAL H 202 22.65 -7.21 -7.69
CA VAL H 202 22.34 -8.62 -7.95
C VAL H 202 20.94 -8.90 -7.38
N LYS H 203 20.14 -9.67 -8.11
CA LYS H 203 18.84 -10.10 -7.60
C LYS H 203 18.35 -11.45 -8.15
N THR H 204 17.76 -12.21 -7.21
CA THR H 204 17.14 -13.49 -7.42
C THR H 204 15.65 -13.29 -7.65
N PHE H 205 15.20 -13.74 -8.80
CA PHE H 205 13.80 -14.05 -9.04
C PHE H 205 13.81 -15.55 -9.42
N ASP H 206 13.40 -16.40 -8.48
CA ASP H 206 13.74 -17.83 -8.48
C ASP H 206 13.52 -18.55 -9.80
N PRO H 207 14.44 -19.40 -10.30
CA PRO H 207 15.80 -19.61 -9.81
C PRO H 207 16.85 -18.82 -10.59
N ALA H 208 16.41 -17.99 -11.54
CA ALA H 208 17.29 -17.04 -12.18
C ALA H 208 17.85 -16.09 -11.12
N VAL H 209 19.12 -15.74 -11.29
CA VAL H 209 19.73 -14.69 -10.50
C VAL H 209 20.41 -13.78 -11.51
N LEU H 210 19.69 -12.73 -11.89
CA LEU H 210 20.25 -11.69 -12.74
C LEU H 210 21.17 -10.87 -11.86
N PHE H 211 22.40 -10.64 -12.34
CA PHE H 211 23.33 -9.67 -11.77
C PHE H 211 23.81 -8.71 -12.84
N GLY H 212 24.27 -7.56 -12.37
CA GLY H 212 24.86 -6.54 -13.24
C GLY H 212 25.77 -5.66 -12.41
N SER H 213 26.72 -5.03 -13.08
CA SER H 213 27.65 -4.10 -12.41
C SER H 213 28.30 -3.13 -13.39
N VAL H 214 28.64 -1.96 -12.87
CA VAL H 214 29.22 -0.87 -13.65
C VAL H 214 30.34 -0.28 -12.83
N SER H 215 31.44 0.09 -13.47
CA SER H 215 32.56 0.75 -12.78
C SER H 215 33.26 1.72 -13.68
N TYR H 216 34.00 2.62 -13.05
CA TYR H 216 34.72 3.67 -13.76
C TYR H 216 36.13 3.74 -13.20
N THR H 217 37.13 3.68 -14.10
CA THR H 217 38.53 3.71 -13.70
C THR H 217 39.11 5.03 -14.12
N HIS H 218 39.55 5.80 -13.13
CA HIS H 218 40.26 7.07 -13.34
C HIS H 218 41.76 6.86 -13.16
N ASN H 219 42.56 7.14 -14.21
CA ASN H 219 44.03 7.08 -14.14
C ASN H 219 44.66 8.41 -13.80
N LEU H 220 45.86 8.33 -13.22
CA LEU H 220 46.60 9.52 -12.81
C LEU H 220 47.79 9.78 -13.74
N GLU H 221 48.12 11.06 -13.84
CA GLU H 221 49.27 11.56 -14.60
C GLU H 221 50.53 11.21 -13.82
N ASP H 222 51.51 10.64 -14.50
CA ASP H 222 52.74 10.24 -13.83
C ASP H 222 53.94 10.45 -14.73
N SER H 223 55.08 10.69 -14.07
CA SER H 223 56.36 11.03 -14.70
C SER H 223 57.20 9.80 -14.78
N PHE H 224 58.08 9.77 -15.76
CA PHE H 224 58.97 8.64 -15.95
C PHE H 224 60.31 9.15 -16.42
N ASP H 225 61.36 8.51 -15.88
CA ASP H 225 62.73 8.71 -16.30
C ASP H 225 62.92 8.48 -17.82
N ASP H 226 62.29 7.44 -18.37
CA ASP H 226 62.42 7.08 -19.79
C ASP H 226 61.05 6.59 -20.26
N ILE H 227 60.48 7.27 -21.25
CA ILE H 227 59.27 6.81 -21.96
C ILE H 227 59.54 6.46 -23.40
N SER H 228 60.79 6.48 -23.85
CA SER H 228 61.13 6.01 -25.20
C SER H 228 61.40 4.51 -25.18
N SER H 229 61.25 3.88 -26.34
CA SER H 229 61.63 2.49 -26.55
C SER H 229 62.86 2.38 -27.47
N ASP H 230 63.49 3.53 -27.74
CA ASP H 230 64.65 3.64 -28.63
C ASP H 230 65.89 3.41 -27.75
N VAL H 231 66.62 2.33 -27.99
CA VAL H 231 67.85 2.07 -27.21
C VAL H 231 68.83 3.24 -27.24
N ASN H 232 68.93 3.92 -28.37
CA ASN H 232 69.88 5.00 -28.52
C ASN H 232 69.48 6.32 -27.88
N GLN H 233 68.25 6.46 -27.41
CA GLN H 233 67.81 7.71 -26.79
C GLN H 233 67.14 7.47 -25.46
N LYS H 234 67.16 8.50 -24.63
CA LYS H 234 66.48 8.50 -23.35
C LYS H 234 65.67 9.75 -23.38
N VAL H 235 64.36 9.62 -23.18
CA VAL H 235 63.47 10.79 -23.13
C VAL H 235 62.52 10.56 -22.01
N GLY H 236 62.76 11.20 -20.88
CA GLY H 236 61.78 11.22 -19.79
C GLY H 236 60.50 11.92 -20.22
N GLY H 237 59.51 11.93 -19.33
CA GLY H 237 58.27 12.63 -19.61
C GLY H 237 57.11 12.14 -18.80
N LYS H 238 55.95 12.76 -19.02
CA LYS H 238 54.71 12.40 -18.33
C LYS H 238 53.74 11.62 -19.26
N VAL H 239 53.00 10.69 -18.67
CA VAL H 239 51.98 9.94 -19.41
C VAL H 239 50.61 10.14 -18.73
N ARG H 240 49.56 10.17 -19.55
CA ARG H 240 48.19 10.13 -19.07
C ARG H 240 47.39 9.10 -19.89
N LEU H 241 47.09 7.96 -19.22
CA LEU H 241 46.34 6.87 -19.85
C LEU H 241 44.86 7.16 -19.81
N GLY H 242 44.20 6.93 -20.93
CA GLY H 242 42.76 7.10 -21.02
C GLY H 242 42.02 6.42 -19.91
N ASP H 243 40.99 7.11 -19.41
CA ASP H 243 40.08 6.52 -18.44
C ASP H 243 39.23 5.49 -19.14
N SER H 244 38.47 4.72 -18.37
CA SER H 244 37.73 3.58 -18.91
C SER H 244 36.46 3.25 -18.13
N PHE H 245 35.35 3.09 -18.89
CA PHE H 245 34.07 2.63 -18.36
C PHE H 245 33.97 1.09 -18.57
N GLN H 246 33.47 0.38 -17.54
CA GLN H 246 33.30 -1.10 -17.55
C GLN H 246 31.86 -1.43 -17.19
N PHE H 247 31.17 -2.11 -18.10
CA PHE H 247 29.81 -2.64 -17.89
C PHE H 247 29.86 -4.20 -17.87
N GLY H 248 28.89 -4.80 -17.18
CA GLY H 248 28.68 -6.24 -17.24
C GLY H 248 27.28 -6.63 -16.80
N VAL H 249 26.74 -7.69 -17.38
CA VAL H 249 25.51 -8.29 -16.86
C VAL H 249 25.54 -9.80 -17.06
N GLY H 250 24.71 -10.47 -16.25
CA GLY H 250 24.60 -11.92 -16.32
C GLY H 250 23.45 -12.57 -15.58
N VAL H 251 23.24 -13.84 -15.87
CA VAL H 251 22.33 -14.69 -15.12
C VAL H 251 23.15 -15.76 -14.50
N ALA H 252 22.64 -16.29 -13.40
CA ALA H 252 23.22 -17.48 -12.84
C ALA H 252 22.15 -18.31 -12.18
N PHE H 253 22.53 -19.54 -11.85
CA PHE H 253 21.60 -20.57 -11.38
C PHE H 253 22.24 -21.43 -10.33
N ALA H 254 21.47 -21.74 -9.28
CA ALA H 254 21.92 -22.67 -8.24
C ALA H 254 21.47 -24.10 -8.56
N LEU H 255 22.23 -24.77 -9.43
CA LEU H 255 22.02 -26.19 -9.78
C LEU H 255 21.64 -27.11 -8.61
N ASN H 256 22.27 -26.95 -7.43
CA ASN H 256 21.91 -27.75 -6.23
C ASN H 256 22.28 -27.12 -4.85
N GLU H 257 22.41 -27.94 -3.79
CA GLU H 257 22.91 -27.46 -2.48
C GLU H 257 24.37 -27.00 -2.49
N ARG H 258 25.17 -27.44 -3.46
CA ARG H 258 26.60 -27.11 -3.53
C ARG H 258 26.98 -26.26 -4.75
N MET H 259 26.42 -26.54 -5.92
CA MET H 259 26.94 -26.00 -7.17
C MET H 259 26.14 -24.86 -7.79
N SER H 260 26.85 -23.92 -8.42
CA SER H 260 26.24 -22.88 -9.28
C SER H 260 26.86 -22.86 -10.69
N MET H 261 26.15 -22.20 -11.59
CA MET H 261 26.60 -21.99 -12.95
C MET H 261 26.16 -20.58 -13.35
N SER H 262 27.04 -19.79 -13.97
CA SER H 262 26.67 -18.48 -14.49
C SER H 262 27.12 -18.26 -15.94
N PHE H 263 26.23 -17.67 -16.74
CA PHE H 263 26.55 -17.14 -18.04
C PHE H 263 26.48 -15.64 -17.84
N SER H 264 27.35 -14.88 -18.51
CA SER H 264 27.35 -13.40 -18.36
C SER H 264 28.19 -12.73 -19.43
N VAL H 265 28.03 -11.41 -19.55
CA VAL H 265 28.66 -10.62 -20.64
C VAL H 265 29.29 -9.32 -20.13
N SER H 266 30.46 -8.95 -20.67
CA SER H 266 31.04 -7.64 -20.31
C SER H 266 31.87 -6.94 -21.36
N ASP H 267 31.83 -5.62 -21.24
CA ASP H 267 32.51 -4.67 -22.13
C ASP H 267 33.34 -3.68 -21.34
N LEU H 268 34.53 -3.40 -21.85
CA LEU H 268 35.48 -2.47 -21.28
C LEU H 268 35.87 -1.48 -22.39
N ILE H 269 35.39 -0.24 -22.21
CA ILE H 269 35.65 0.86 -23.14
C ILE H 269 36.75 1.72 -22.48
N GLN H 270 37.87 1.88 -23.20
CA GLN H 270 39.01 2.66 -22.73
C GLN H 270 39.26 3.87 -23.64
N ARG H 271 39.32 5.07 -23.04
CA ARG H 271 39.67 6.32 -23.73
C ARG H 271 41.12 6.33 -24.28
N LYS H 272 41.46 7.33 -25.10
CA LYS H 272 42.81 7.45 -25.70
C LYS H 272 43.92 7.71 -24.64
N SER H 273 45.16 7.37 -24.97
CA SER H 273 46.33 7.63 -24.11
C SER H 273 47.18 8.75 -24.72
N LYS H 274 47.86 9.50 -23.83
CA LYS H 274 48.66 10.66 -24.20
C LYS H 274 50.03 10.65 -23.49
N LEU H 275 51.10 10.95 -24.25
CA LEU H 275 52.48 11.10 -23.75
C LEU H 275 52.93 12.56 -23.86
N LYS H 276 53.73 13.04 -22.90
CA LYS H 276 54.43 14.32 -23.05
C LYS H 276 55.92 14.12 -22.84
N PRO H 277 56.69 14.01 -23.94
CA PRO H 277 58.12 13.78 -23.81
C PRO H 277 58.77 15.10 -23.45
N ASP H 278 59.10 15.28 -22.17
CA ASP H 278 59.56 16.58 -21.67
C ASP H 278 60.75 17.13 -22.53
N GLY H 279 60.81 18.44 -22.81
CA GLY H 279 59.73 19.40 -22.59
C GLY H 279 59.09 19.64 -23.93
N GLY H 280 58.01 18.90 -24.21
CA GLY H 280 57.22 19.08 -25.45
C GLY H 280 55.74 19.24 -25.13
N GLY H 281 54.90 19.01 -26.13
CA GLY H 281 53.44 19.06 -25.94
C GLY H 281 52.84 17.68 -25.81
N TRP H 282 51.69 17.57 -25.11
CA TRP H 282 50.93 16.32 -25.06
C TRP H 282 50.60 15.90 -26.48
N GLN H 283 50.88 14.64 -26.82
CA GLN H 283 50.49 14.04 -28.12
C GLN H 283 49.84 12.67 -27.85
N SER H 284 48.62 12.46 -28.36
CA SER H 284 47.95 11.15 -28.19
C SER H 284 48.55 10.09 -29.13
N ILE H 285 48.26 8.84 -28.80
CA ILE H 285 48.89 7.70 -29.44
C ILE H 285 47.89 6.98 -30.35
N VAL H 286 48.34 6.60 -31.55
CA VAL H 286 47.54 5.79 -32.48
C VAL H 286 47.19 4.41 -31.88
N SER H 287 45.91 4.06 -31.99
CA SER H 287 45.37 2.80 -31.46
C SER H 287 45.75 2.52 -29.99
N SER H 288 45.60 3.53 -29.14
CA SER H 288 45.69 3.37 -27.69
C SER H 288 44.33 3.10 -27.07
N ASP H 289 43.27 3.68 -27.63
CA ASP H 289 41.89 3.36 -27.21
C ASP H 289 41.58 1.87 -27.32
N ALA H 290 40.51 1.42 -26.69
CA ALA H 290 40.17 0.00 -26.73
C ALA H 290 38.75 -0.37 -26.34
N ASN H 291 38.22 -1.38 -27.06
CA ASN H 291 36.98 -2.05 -26.71
C ASN H 291 37.36 -3.48 -26.32
N ALA H 292 37.47 -3.78 -25.03
CA ALA H 292 37.68 -5.15 -24.62
C ALA H 292 36.33 -5.79 -24.38
N GLY H 293 36.04 -6.88 -25.10
CA GLY H 293 34.76 -7.64 -25.00
C GLY H 293 34.91 -9.08 -24.51
N TYR H 294 33.95 -9.51 -23.69
CA TYR H 294 34.04 -10.79 -22.99
C TYR H 294 32.68 -11.49 -22.78
N PHE H 295 32.65 -12.79 -23.05
CA PHE H 295 31.52 -13.67 -22.64
C PHE H 295 32.02 -14.66 -21.62
N ASN H 296 31.21 -14.91 -20.59
CA ASN H 296 31.60 -15.78 -19.46
C ASN H 296 30.73 -16.97 -19.17
N VAL H 297 31.35 -18.14 -19.13
CA VAL H 297 30.75 -19.33 -18.55
C VAL H 297 31.61 -19.69 -17.36
N GLY H 298 30.98 -20.01 -16.24
CA GLY H 298 31.72 -20.38 -15.05
C GLY H 298 30.85 -21.12 -14.07
N MET H 299 31.45 -21.50 -12.94
CA MET H 299 30.74 -22.30 -11.98
C MET H 299 31.26 -22.01 -10.56
N THR H 300 30.66 -22.69 -9.57
CA THR H 300 30.92 -22.50 -8.15
C THR H 300 30.72 -23.84 -7.44
N ILE H 301 31.73 -24.38 -6.75
CA ILE H 301 31.63 -25.75 -6.19
C ILE H 301 32.10 -25.87 -4.73
N ALA H 302 31.17 -25.89 -3.77
CA ALA H 302 31.54 -26.06 -2.36
C ALA H 302 32.26 -27.39 -2.15
N ALA H 303 33.48 -27.31 -1.59
CA ALA H 303 34.35 -28.48 -1.38
C ALA H 303 34.21 -28.97 0.05
N SER H 304 34.33 -28.07 1.02
CA SER H 304 34.14 -28.42 2.44
C SER H 304 33.53 -27.27 3.25
N GLU H 305 32.39 -26.74 2.76
CA GLU H 305 31.61 -25.69 3.46
C GLU H 305 32.43 -24.42 3.81
N ASN H 306 33.67 -24.35 3.32
CA ASN H 306 34.70 -23.42 3.78
C ASN H 306 35.67 -23.10 2.62
N LEU H 307 36.29 -24.13 2.03
CA LEU H 307 36.93 -23.99 0.71
C LEU H 307 35.86 -23.86 -0.38
N THR H 308 36.20 -23.18 -1.48
CA THR H 308 35.33 -23.13 -2.68
C THR H 308 36.23 -23.30 -3.91
N ILE H 309 35.65 -23.64 -5.05
CA ILE H 309 36.39 -23.70 -6.32
C ILE H 309 35.56 -22.93 -7.35
N VAL H 310 36.17 -21.94 -8.00
CA VAL H 310 35.48 -21.13 -9.00
C VAL H 310 36.17 -21.28 -10.35
N PRO H 311 35.78 -22.31 -11.12
CA PRO H 311 36.17 -22.30 -12.55
C PRO H 311 35.44 -21.18 -13.32
N ASN H 312 36.13 -20.51 -14.23
CA ASN H 312 35.50 -19.56 -15.17
C ASN H 312 36.30 -19.45 -16.48
N LEU H 313 35.63 -19.61 -17.62
CA LEU H 313 36.20 -19.35 -18.93
C LEU H 313 35.70 -17.97 -19.31
N ALA H 314 36.52 -17.23 -20.04
CA ALA H 314 36.13 -15.95 -20.62
C ALA H 314 36.60 -15.94 -22.06
N ILE H 315 35.67 -15.64 -22.99
CA ILE H 315 35.98 -15.59 -24.43
C ILE H 315 36.12 -14.15 -24.96
N GLY H 316 37.35 -13.80 -25.33
CA GLY H 316 37.65 -12.55 -25.98
C GLY H 316 36.88 -12.42 -27.27
N MET H 317 35.76 -11.71 -27.18
CA MET H 317 34.95 -11.40 -28.34
C MET H 317 35.68 -10.39 -29.22
N THR H 318 36.22 -9.34 -28.62
CA THR H 318 36.95 -8.27 -29.35
C THR H 318 38.42 -8.59 -29.63
N ASP H 319 38.95 -7.99 -30.70
CA ASP H 319 40.40 -8.06 -31.06
C ASP H 319 41.36 -7.51 -29.97
N ASP H 320 40.86 -6.59 -29.15
CA ASP H 320 41.61 -6.03 -28.02
C ASP H 320 41.73 -6.95 -26.85
N ALA H 321 40.90 -7.99 -26.76
CA ALA H 321 40.89 -8.87 -25.57
C ALA H 321 41.75 -10.15 -25.71
N PRO H 322 42.03 -10.85 -24.60
CA PRO H 322 42.71 -12.14 -24.72
C PRO H 322 41.86 -13.20 -25.47
N ASP H 323 42.43 -13.96 -26.40
CA ASP H 323 41.69 -15.04 -27.10
C ASP H 323 40.80 -15.89 -26.18
N PHE H 324 41.32 -16.27 -25.04
CA PHE H 324 40.50 -16.86 -24.01
C PHE H 324 41.22 -16.72 -22.69
N THR H 325 40.56 -17.11 -21.61
CA THR H 325 41.12 -17.03 -20.28
C THR H 325 40.45 -18.06 -19.37
N PHE H 326 41.15 -19.16 -19.05
CA PHE H 326 40.75 -20.07 -17.95
C PHE H 326 40.99 -19.40 -16.60
N SER H 327 40.38 -19.92 -15.55
CA SER H 327 40.59 -19.39 -14.23
C SER H 327 40.09 -20.34 -13.13
N LEU H 328 41.01 -20.75 -12.25
CA LEU H 328 40.66 -21.45 -11.02
C LEU H 328 40.89 -20.48 -9.84
N LYS H 329 39.91 -20.38 -8.94
CA LYS H 329 40.09 -19.60 -7.70
C LYS H 329 39.54 -20.37 -6.50
N PHE H 330 40.19 -20.18 -5.35
CA PHE H 330 39.97 -20.98 -4.14
C PHE H 330 39.73 -20.13 -2.89
N PRO H 331 38.54 -19.50 -2.78
CA PRO H 331 38.08 -18.84 -1.55
C PRO H 331 38.14 -19.72 -0.30
N TYR H 332 38.68 -19.19 0.79
CA TYR H 332 38.66 -19.87 2.07
C TYR H 332 38.22 -18.90 3.17
N TYR H 333 36.94 -18.93 3.54
CA TYR H 333 36.42 -18.08 4.61
C TYR H 333 36.89 -18.62 5.97
N PHE H 334 37.06 -17.72 6.94
CA PHE H 334 37.32 -18.11 8.35
C PHE H 334 36.96 -17.03 9.36
N ALA I 17 1.70 -20.45 -19.50
CA ALA I 17 2.44 -19.45 -18.64
C ALA I 17 3.03 -18.31 -19.47
N GLN I 18 3.01 -17.10 -18.90
CA GLN I 18 3.35 -15.86 -19.64
C GLN I 18 4.67 -15.92 -20.42
N SER I 19 5.69 -16.49 -19.79
CA SER I 19 7.02 -16.75 -20.39
C SER I 19 6.97 -17.44 -21.74
N VAL I 20 6.20 -18.53 -21.81
CA VAL I 20 6.34 -19.46 -22.93
C VAL I 20 5.96 -18.78 -24.23
N SER I 21 4.97 -17.87 -24.18
CA SER I 21 4.58 -17.05 -25.35
C SER I 21 5.77 -16.26 -25.83
N ASN I 22 6.32 -15.44 -24.94
CA ASN I 22 7.52 -14.62 -25.22
C ASN I 22 8.68 -15.46 -25.81
N LEU I 23 8.82 -16.70 -25.32
CA LEU I 23 9.78 -17.70 -25.86
C LEU I 23 9.45 -17.91 -27.31
N TYR I 24 8.25 -18.46 -27.50
CA TYR I 24 7.72 -18.84 -28.81
C TYR I 24 7.71 -17.64 -29.74
N ASN I 25 7.33 -16.49 -29.19
CA ASN I 25 7.33 -15.20 -29.91
C ASN I 25 8.67 -14.85 -30.52
N GLU I 26 9.73 -14.95 -29.72
CA GLU I 26 11.04 -14.58 -30.23
C GLU I 26 11.58 -15.62 -31.19
N ALA I 27 11.42 -16.90 -30.86
CA ALA I 27 11.85 -18.00 -31.75
C ALA I 27 11.22 -17.91 -33.13
N SER I 28 9.88 -17.81 -33.17
CA SER I 28 9.13 -17.86 -34.43
C SER I 28 9.18 -16.57 -35.24
N GLY I 29 9.25 -15.44 -34.56
CA GLY I 29 9.01 -14.13 -35.19
C GLY I 29 7.52 -13.81 -35.41
N PHE I 30 6.66 -14.59 -34.77
CA PHE I 30 5.22 -14.54 -34.96
C PHE I 30 4.64 -14.05 -33.65
N PHE I 31 4.59 -12.73 -33.51
CA PHE I 31 4.23 -12.06 -32.25
C PHE I 31 2.75 -12.28 -31.95
N GLY I 32 2.44 -13.53 -31.61
CA GLY I 32 1.08 -14.03 -31.44
C GLY I 32 0.63 -13.90 -30.00
N ASN I 33 -0.57 -14.43 -29.72
CA ASN I 33 -1.24 -14.22 -28.42
C ASN I 33 -1.49 -12.72 -28.04
N GLY I 34 -1.75 -11.91 -29.07
CA GLY I 34 -2.18 -10.51 -28.95
C GLY I 34 -2.92 -10.09 -30.22
N LYS I 35 -2.93 -8.78 -30.51
CA LYS I 35 -3.44 -8.33 -31.79
C LYS I 35 -2.54 -7.24 -32.38
N PHE I 36 -2.65 -5.97 -31.96
CA PHE I 36 -1.63 -4.96 -32.34
C PHE I 36 -0.43 -5.13 -31.38
N SER I 37 0.78 -5.01 -31.94
CA SER I 37 2.03 -4.98 -31.18
C SER I 37 3.03 -3.98 -31.77
N PHE I 38 3.68 -3.23 -30.89
CA PHE I 38 4.74 -2.29 -31.25
C PHE I 38 6.00 -2.64 -30.46
N GLU I 39 7.15 -2.46 -31.09
CA GLU I 39 8.43 -2.86 -30.51
C GLU I 39 9.55 -1.89 -30.90
N THR I 40 10.11 -1.21 -29.88
CA THR I 40 11.31 -0.41 -30.02
C THR I 40 12.47 -1.26 -29.47
N GLY I 41 13.52 -1.38 -30.28
CA GLY I 41 14.73 -2.09 -29.90
C GLY I 41 15.97 -1.33 -30.33
N ILE I 42 16.98 -1.35 -29.46
CA ILE I 42 18.27 -0.67 -29.67
C ILE I 42 19.30 -1.75 -29.86
N THR I 43 20.34 -1.47 -30.67
CA THR I 43 21.31 -2.48 -31.03
C THR I 43 22.67 -1.87 -31.27
N TYR I 44 23.68 -2.36 -30.55
CA TYR I 44 25.09 -1.99 -30.72
C TYR I 44 25.87 -3.11 -31.47
N ALA I 45 26.72 -2.75 -32.43
CA ALA I 45 27.47 -3.73 -33.23
C ALA I 45 28.89 -3.28 -33.51
N ARG I 46 29.84 -3.81 -32.73
CA ARG I 46 31.31 -3.57 -32.86
C ARG I 46 31.99 -4.34 -33.98
N TYR I 47 32.80 -3.67 -34.79
CA TYR I 47 33.69 -4.33 -35.78
C TYR I 47 35.16 -3.89 -35.55
N ASP I 48 36.11 -4.86 -35.61
CA ASP I 48 37.56 -4.59 -35.38
C ASP I 48 38.29 -4.11 -36.65
N LYS I 74 38.21 -0.73 -36.81
CA LYS I 74 37.40 -0.15 -35.71
C LYS I 74 36.14 0.58 -36.26
N ALA I 75 34.94 0.17 -35.81
CA ALA I 75 33.66 0.74 -36.28
C ALA I 75 32.55 0.46 -35.27
N ASP I 76 31.83 1.50 -34.83
CA ASP I 76 30.83 1.41 -33.74
C ASP I 76 29.43 1.83 -34.14
N ASN I 77 28.56 0.85 -34.37
CA ASN I 77 27.26 1.06 -34.99
C ASN I 77 26.11 0.83 -34.01
N TRP I 78 25.20 1.80 -33.97
CA TRP I 78 23.92 1.71 -33.26
C TRP I 78 22.78 1.66 -34.28
N THR I 79 21.81 0.77 -34.06
CA THR I 79 20.60 0.73 -34.88
C THR I 79 19.39 0.74 -33.97
N LEU I 80 18.48 1.67 -34.25
CA LEU I 80 17.17 1.74 -33.63
C LEU I 80 16.19 1.15 -34.62
N ASP I 81 15.39 0.21 -34.12
CA ASP I 81 14.36 -0.47 -34.90
C ASP I 81 13.00 -0.21 -34.28
N LEU I 82 12.09 0.32 -35.11
CA LEU I 82 10.72 0.57 -34.74
C LEU I 82 9.90 -0.39 -35.56
N THR I 83 9.18 -1.28 -34.89
CA THR I 83 8.39 -2.34 -35.55
C THR I 83 6.93 -2.30 -35.11
N GLY I 84 6.06 -2.04 -36.09
CA GLY I 84 4.62 -2.19 -35.93
C GLY I 84 4.19 -3.50 -36.53
N ALA I 85 3.21 -4.14 -35.89
CA ALA I 85 2.75 -5.47 -36.30
C ALA I 85 1.34 -5.76 -35.80
N TYR I 86 0.55 -6.48 -36.63
CA TYR I 86 -0.75 -7.02 -36.19
C TYR I 86 -0.97 -8.50 -36.58
N ASN I 87 -1.77 -9.20 -35.77
CA ASN I 87 -1.96 -10.66 -35.86
C ASN I 87 -3.42 -11.17 -35.84
N LEU I 88 -3.80 -11.97 -36.84
CA LEU I 88 -5.19 -12.46 -37.01
C LEU I 88 -5.39 -13.91 -36.55
N ASP I 89 -6.30 -14.12 -35.58
CA ASP I 89 -6.73 -15.45 -35.13
C ASP I 89 -5.64 -16.44 -34.71
N ASN I 90 -4.39 -15.99 -34.58
CA ASN I 90 -3.17 -16.83 -34.54
C ASN I 90 -2.89 -17.55 -35.89
N ARG I 91 -3.16 -16.85 -37.00
CA ARG I 91 -3.07 -17.43 -38.35
C ARG I 91 -2.29 -16.56 -39.35
N TRP I 92 -2.68 -15.31 -39.53
CA TRP I 92 -1.90 -14.40 -40.38
C TRP I 92 -1.25 -13.31 -39.52
N GLN I 93 -0.10 -12.81 -39.97
CA GLN I 93 0.53 -11.63 -39.37
C GLN I 93 1.14 -10.68 -40.41
N PHE I 94 1.00 -9.39 -40.11
CA PHE I 94 1.47 -8.31 -40.96
C PHE I 94 2.26 -7.41 -40.07
N ASP I 95 3.44 -7.00 -40.54
CA ASP I 95 4.31 -6.08 -39.81
C ASP I 95 5.22 -5.28 -40.69
N VAL I 96 5.55 -4.08 -40.22
CA VAL I 96 6.53 -3.20 -40.84
C VAL I 96 7.53 -2.75 -39.78
N ASN I 97 8.80 -2.69 -40.22
CA ASN I 97 9.92 -2.26 -39.42
C ASN I 97 10.60 -1.06 -40.06
N VAL I 98 10.84 0.00 -39.27
CA VAL I 98 11.60 1.16 -39.71
C VAL I 98 12.89 1.21 -38.90
N PRO I 99 14.02 0.95 -39.56
CA PRO I 99 15.31 1.09 -38.91
C PRO I 99 15.91 2.49 -39.08
N VAL I 100 16.41 3.07 -37.99
CA VAL I 100 17.23 4.30 -38.05
C VAL I 100 18.64 3.97 -37.60
N VAL I 101 19.62 4.48 -38.36
CA VAL I 101 21.01 4.03 -38.34
C VAL I 101 21.89 5.14 -37.78
N TYR I 102 22.65 4.82 -36.73
CA TYR I 102 23.77 5.66 -36.26
C TYR I 102 25.12 4.93 -36.44
N ARG I 103 26.14 5.65 -36.94
CA ARG I 103 27.43 5.03 -37.34
C ARG I 103 28.64 5.93 -37.08
N GLU I 104 29.78 5.28 -36.79
CA GLU I 104 31.05 5.93 -36.43
C GLU I 104 32.27 5.06 -36.77
N SER I 105 32.57 4.92 -38.06
CA SER I 105 33.67 4.06 -38.56
C SER I 105 35.02 4.79 -38.55
N THR I 106 35.98 4.27 -37.77
CA THR I 106 37.28 4.90 -37.57
C THR I 106 38.41 4.21 -38.36
N TYR I 107 39.01 4.98 -39.28
CA TYR I 107 40.08 4.51 -40.13
C TYR I 107 41.39 5.05 -39.58
N SER I 124 38.40 8.85 -39.13
CA SER I 124 37.03 8.85 -38.60
C SER I 124 35.96 9.43 -39.55
N VAL I 125 34.80 8.76 -39.60
CA VAL I 125 33.66 9.18 -40.42
C VAL I 125 32.38 8.88 -39.65
N SER I 126 31.56 9.90 -39.45
CA SER I 126 30.26 9.74 -38.80
C SER I 126 29.19 9.58 -39.85
N ARG I 127 28.06 9.04 -39.41
CA ARG I 127 26.81 9.15 -40.14
C ARG I 127 25.74 9.24 -39.07
N ASP I 128 25.06 10.37 -39.05
CA ASP I 128 24.12 10.69 -37.99
C ASP I 128 22.79 10.05 -38.32
N PRO I 129 21.89 9.91 -37.31
CA PRO I 129 20.59 9.22 -37.50
C PRO I 129 19.81 9.49 -38.82
N THR I 130 20.18 8.75 -39.86
CA THR I 130 19.44 8.69 -41.12
C THR I 130 18.68 7.38 -41.11
N ILE I 131 17.62 7.28 -41.91
CA ILE I 131 16.79 6.07 -41.92
C ILE I 131 17.44 5.01 -42.80
N GLY I 132 17.45 3.78 -42.28
CA GLY I 132 17.94 2.60 -43.00
C GLY I 132 16.97 2.07 -44.05
N ASP I 133 16.88 0.75 -44.15
CA ASP I 133 16.08 0.10 -45.17
C ASP I 133 14.81 -0.37 -44.52
N VAL I 134 13.69 0.24 -44.89
CA VAL I 134 12.38 -0.11 -44.34
C VAL I 134 11.83 -1.33 -45.07
N ASN I 135 11.26 -2.25 -44.29
CA ASN I 135 10.84 -3.58 -44.73
C ASN I 135 9.42 -3.92 -44.25
N PHE I 136 8.70 -4.66 -45.09
CA PHE I 136 7.28 -4.98 -44.90
C PHE I 136 7.29 -6.49 -44.69
N GLY I 137 6.46 -6.98 -43.77
CA GLY I 137 6.46 -8.40 -43.38
C GLY I 137 5.13 -9.15 -43.33
N ILE I 138 4.90 -10.09 -44.27
CA ILE I 138 3.70 -10.96 -44.29
C ILE I 138 4.08 -12.35 -43.80
N ALA I 139 3.22 -12.95 -42.99
CA ALA I 139 3.55 -14.22 -42.35
C ALA I 139 2.30 -15.03 -42.02
N TYR I 140 2.44 -16.35 -42.12
CA TYR I 140 1.31 -17.29 -42.04
C TYR I 140 1.71 -18.51 -41.22
N LYS I 141 0.96 -18.80 -40.16
CA LYS I 141 1.22 -20.00 -39.34
C LYS I 141 0.46 -21.27 -39.85
N PHE I 142 1.12 -22.05 -40.71
CA PHE I 142 0.49 -23.17 -41.41
C PHE I 142 0.42 -24.45 -40.58
N LEU I 143 1.38 -24.69 -39.69
CA LEU I 143 1.21 -25.74 -38.66
C LEU I 143 1.05 -25.14 -37.28
N ASP I 144 0.24 -25.78 -36.45
CA ASP I 144 0.03 -25.37 -35.06
C ASP I 144 0.54 -26.48 -34.18
N GLU I 145 1.26 -26.12 -33.14
CA GLU I 145 1.94 -27.12 -32.34
C GLU I 145 0.83 -28.01 -31.76
N SER I 146 0.96 -29.30 -32.00
CA SER I 146 0.11 -30.34 -31.41
C SER I 146 1.02 -31.32 -30.70
N ALA I 147 0.43 -32.34 -30.10
CA ALA I 147 1.21 -33.46 -29.57
C ALA I 147 2.21 -34.03 -30.60
N THR I 148 1.82 -34.07 -31.87
CA THR I 148 2.67 -34.58 -32.96
C THR I 148 3.54 -33.50 -33.59
N MET I 149 2.96 -32.32 -33.87
CA MET I 149 3.53 -31.36 -34.85
C MET I 149 4.24 -30.13 -34.24
N PRO I 150 5.09 -29.44 -35.03
CA PRO I 150 5.60 -28.12 -34.64
C PRO I 150 4.64 -26.96 -34.95
N ASP I 151 4.87 -25.81 -34.31
CA ASP I 151 4.42 -24.55 -34.88
C ASP I 151 5.31 -24.33 -36.10
N ALA I 152 4.70 -24.11 -37.25
CA ALA I 152 5.44 -23.75 -38.44
C ALA I 152 4.88 -22.41 -38.91
N VAL I 153 5.76 -21.54 -39.42
CA VAL I 153 5.34 -20.31 -40.07
C VAL I 153 6.21 -20.10 -41.29
N VAL I 154 5.60 -20.19 -42.46
CA VAL I 154 6.24 -19.64 -43.66
C VAL I 154 6.02 -18.15 -43.55
N SER I 155 6.91 -17.39 -44.16
CA SER I 155 6.75 -15.94 -44.20
C SER I 155 7.48 -15.32 -45.37
N VAL I 156 7.29 -14.01 -45.53
CA VAL I 156 7.94 -13.27 -46.58
C VAL I 156 8.22 -11.86 -46.10
N ARG I 157 9.40 -11.37 -46.46
CA ARG I 157 9.84 -10.02 -46.18
C ARG I 157 10.22 -9.38 -47.49
N VAL I 158 9.64 -8.21 -47.71
CA VAL I 158 10.08 -7.32 -48.76
C VAL I 158 10.82 -6.20 -48.05
N LYS I 159 12.01 -5.89 -48.52
CA LYS I 159 12.82 -4.82 -47.97
C LYS I 159 13.10 -3.87 -49.10
N ALA I 160 12.69 -2.63 -48.88
CA ALA I 160 12.72 -1.59 -49.87
C ALA I 160 13.96 -0.71 -49.62
N PRO I 161 14.65 -0.25 -50.68
CA PRO I 161 15.85 0.56 -50.55
C PRO I 161 15.54 2.05 -50.33
N THR I 162 15.05 2.35 -49.13
CA THR I 162 14.91 3.71 -48.70
C THR I 162 16.29 4.25 -48.31
N GLY I 163 16.94 3.56 -47.37
CA GLY I 163 18.24 3.95 -46.83
C GLY I 163 19.34 4.30 -47.83
N LYS I 164 20.33 5.03 -47.34
CA LYS I 164 21.37 5.63 -48.19
C LYS I 164 22.33 4.56 -48.66
N GLU I 165 22.56 4.49 -49.97
CA GLU I 165 23.27 3.35 -50.53
C GLU I 165 24.76 3.58 -50.59
N PRO I 166 25.53 2.50 -50.79
CA PRO I 166 26.97 2.61 -51.05
C PRO I 166 27.35 2.93 -52.50
N PHE I 167 26.63 2.34 -53.46
CA PHE I 167 27.01 2.39 -54.88
C PHE I 167 27.10 3.83 -55.40
N GLY I 168 28.28 4.42 -55.25
CA GLY I 168 28.48 5.84 -55.49
C GLY I 168 29.52 6.51 -54.61
N ILE I 169 29.67 6.05 -53.36
CA ILE I 169 30.44 6.79 -52.34
C ILE I 169 31.96 6.74 -52.60
N LYS I 170 32.64 7.85 -52.28
CA LYS I 170 34.10 7.97 -52.44
C LYS I 170 34.89 7.62 -51.16
N PRO I 183 36.30 7.53 -47.86
CA PRO I 183 34.89 7.29 -47.60
C PRO I 183 34.17 8.58 -47.18
N GLU I 184 33.66 9.32 -48.17
CA GLU I 184 32.96 10.62 -47.96
C GLU I 184 31.73 10.54 -47.02
N SER I 185 31.13 9.35 -46.96
CA SER I 185 30.00 9.06 -46.10
C SER I 185 29.89 7.54 -45.94
N LEU I 186 29.07 7.11 -44.99
CA LEU I 186 28.79 5.70 -44.79
C LEU I 186 27.31 5.49 -45.15
N PRO I 187 26.99 4.34 -45.79
CA PRO I 187 25.60 4.04 -46.16
C PRO I 187 24.74 3.58 -44.97
N THR I 188 23.42 3.49 -45.18
CA THR I 188 22.50 2.92 -44.19
C THR I 188 21.68 1.77 -44.75
N GLY I 189 22.10 1.22 -45.88
CA GLY I 189 21.34 0.18 -46.55
C GLY I 189 22.00 -0.19 -47.86
N ASN I 190 21.65 -1.36 -48.38
CA ASN I 190 22.32 -1.93 -49.55
C ASN I 190 21.96 -1.26 -50.88
N GLY I 191 20.75 -0.70 -50.95
CA GLY I 191 20.30 0.07 -52.10
C GLY I 191 19.68 -0.73 -53.22
N VAL I 192 19.13 -1.90 -52.88
CA VAL I 192 18.33 -2.66 -53.82
C VAL I 192 17.12 -3.24 -53.09
N TRP I 193 16.11 -3.62 -53.87
CA TRP I 193 14.94 -4.31 -53.37
C TRP I 193 15.31 -5.77 -53.08
N SER I 194 14.64 -6.38 -52.11
CA SER I 194 14.96 -7.74 -51.74
C SER I 194 13.79 -8.52 -51.12
N ILE I 195 13.18 -9.38 -51.95
CA ILE I 195 12.20 -10.37 -51.50
C ILE I 195 12.92 -11.43 -50.68
N THR I 196 12.26 -11.96 -49.68
CA THR I 196 12.94 -12.73 -48.66
C THR I 196 12.00 -13.71 -47.95
N PRO I 197 11.77 -14.88 -48.55
CA PRO I 197 10.94 -15.89 -47.91
C PRO I 197 11.72 -16.71 -46.89
N GLY I 198 11.00 -17.36 -45.97
CA GLY I 198 11.60 -18.21 -44.95
C GLY I 198 10.64 -19.08 -44.14
N LEU I 199 11.16 -20.17 -43.59
CA LEU I 199 10.42 -21.09 -42.74
C LEU I 199 10.93 -20.99 -41.28
N SER I 200 10.18 -21.48 -40.29
CA SER I 200 10.66 -21.48 -38.89
C SER I 200 9.91 -22.43 -37.93
N MET I 201 10.63 -23.44 -37.41
CA MET I 201 10.06 -24.45 -36.51
C MET I 201 10.21 -24.04 -35.09
N VAL I 202 9.27 -24.47 -34.25
CA VAL I 202 9.38 -24.44 -32.80
C VAL I 202 8.47 -25.54 -32.23
N LYS I 203 9.04 -26.42 -31.38
CA LYS I 203 8.24 -27.45 -30.72
C LYS I 203 8.81 -27.76 -29.35
N THR I 204 7.92 -27.87 -28.36
CA THR I 204 8.34 -28.22 -27.02
C THR I 204 8.66 -29.73 -26.92
N PHE I 205 9.63 -30.02 -26.06
CA PHE I 205 9.90 -31.35 -25.52
C PHE I 205 10.26 -31.08 -24.06
N ASP I 206 9.23 -30.80 -23.26
CA ASP I 206 9.41 -30.15 -21.94
C ASP I 206 10.57 -30.77 -21.13
N PRO I 207 11.53 -29.99 -20.60
CA PRO I 207 11.50 -28.54 -20.52
C PRO I 207 12.22 -27.78 -21.63
N ALA I 208 12.84 -28.48 -22.56
CA ALA I 208 13.53 -27.80 -23.69
C ALA I 208 12.51 -27.29 -24.68
N VAL I 209 12.76 -26.14 -25.30
CA VAL I 209 12.01 -25.75 -26.50
C VAL I 209 12.98 -25.68 -27.67
N LEU I 210 13.01 -26.72 -28.49
CA LEU I 210 13.83 -26.68 -29.70
C LEU I 210 13.15 -25.71 -30.70
N PHE I 211 13.96 -25.17 -31.61
CA PHE I 211 13.50 -24.26 -32.64
C PHE I 211 14.57 -24.06 -33.69
N GLY I 212 14.14 -23.72 -34.88
CA GLY I 212 15.08 -23.43 -35.95
C GLY I 212 14.37 -22.67 -37.03
N SER I 213 15.13 -22.30 -38.07
CA SER I 213 14.66 -21.42 -39.15
C SER I 213 15.63 -21.41 -40.33
N VAL I 214 15.19 -20.83 -41.43
CA VAL I 214 15.92 -20.88 -42.69
C VAL I 214 15.29 -19.89 -43.65
N SER I 215 16.10 -19.31 -44.54
CA SER I 215 15.60 -18.32 -45.51
C SER I 215 16.58 -18.02 -46.66
N TYR I 216 16.08 -18.09 -47.90
CA TYR I 216 16.76 -17.55 -49.07
C TYR I 216 16.49 -16.04 -49.13
N THR I 217 17.27 -15.29 -49.91
CA THR I 217 17.02 -13.88 -50.18
C THR I 217 17.39 -13.50 -51.62
N HIS I 218 16.39 -13.19 -52.46
CA HIS I 218 16.65 -12.65 -53.78
C HIS I 218 16.75 -11.13 -53.73
N ASN I 219 17.84 -10.60 -54.31
CA ASN I 219 18.05 -9.16 -54.51
C ASN I 219 17.72 -8.77 -55.94
N LEU I 220 17.20 -7.57 -56.12
CA LEU I 220 16.64 -7.15 -57.42
C LEU I 220 17.55 -6.12 -58.10
N GLU I 221 17.84 -6.33 -59.38
CA GLU I 221 18.89 -5.59 -60.10
C GLU I 221 18.48 -4.15 -60.36
N ASP I 222 19.16 -3.19 -59.71
CA ASP I 222 19.00 -1.75 -59.97
C ASP I 222 20.14 -1.25 -60.89
N SER I 223 20.08 0.03 -61.29
CA SER I 223 21.16 0.70 -62.04
C SER I 223 21.45 2.07 -61.44
N PHE I 224 22.66 2.56 -61.68
CA PHE I 224 23.21 3.71 -60.96
C PHE I 224 24.07 4.58 -61.89
N SER I 229 34.33 3.39 -56.04
CA SER I 229 34.53 4.49 -56.96
C SER I 229 35.58 5.48 -56.43
N ASP I 230 36.70 5.57 -57.13
CA ASP I 230 37.69 6.64 -56.94
C ASP I 230 37.16 7.95 -57.57
N VAL I 231 37.46 9.08 -56.92
CA VAL I 231 36.87 10.36 -57.27
C VAL I 231 37.31 10.86 -58.67
N ASN I 232 38.49 10.42 -59.12
CA ASN I 232 38.92 10.55 -60.52
C ASN I 232 38.24 9.49 -61.38
N LYS I 234 32.09 9.65 -62.53
CA LYS I 234 30.76 9.05 -62.74
C LYS I 234 30.79 7.97 -63.85
N VAL I 235 31.01 6.72 -63.44
CA VAL I 235 30.80 5.52 -64.26
C VAL I 235 29.53 4.82 -63.75
N GLY I 236 28.41 5.06 -64.41
CA GLY I 236 27.15 4.39 -64.07
C GLY I 236 27.14 2.95 -64.54
N GLY I 237 26.16 2.19 -64.07
CA GLY I 237 26.02 0.77 -64.44
C GLY I 237 24.89 0.08 -63.70
N LYS I 238 24.72 -1.22 -63.98
CA LYS I 238 23.77 -2.08 -63.28
C LYS I 238 24.51 -3.03 -62.31
N VAL I 239 23.97 -3.20 -61.09
CA VAL I 239 24.57 -4.08 -60.08
C VAL I 239 23.60 -5.13 -59.55
N ARG I 240 24.15 -6.30 -59.22
CA ARG I 240 23.41 -7.43 -58.68
C ARG I 240 24.08 -7.89 -57.41
N LEU I 241 23.49 -7.55 -56.27
CA LEU I 241 23.94 -8.08 -55.01
C LEU I 241 23.82 -9.59 -55.04
N GLY I 242 24.74 -10.26 -54.35
CA GLY I 242 24.68 -11.70 -54.26
C GLY I 242 23.50 -12.16 -53.43
N ASP I 243 22.86 -13.24 -53.86
CA ASP I 243 21.80 -13.87 -53.09
C ASP I 243 22.33 -14.40 -51.75
N SER I 244 21.43 -14.78 -50.85
CA SER I 244 21.83 -15.17 -49.51
C SER I 244 20.98 -16.27 -48.91
N PHE I 245 21.65 -17.20 -48.24
CA PHE I 245 21.00 -18.27 -47.53
C PHE I 245 21.28 -18.00 -46.07
N GLN I 246 20.24 -17.96 -45.26
CA GLN I 246 20.37 -17.84 -43.82
C GLN I 246 19.80 -19.13 -43.26
N PHE I 247 20.38 -19.61 -42.18
CA PHE I 247 19.70 -20.61 -41.33
C PHE I 247 20.22 -20.54 -39.90
N GLY I 248 19.55 -21.26 -39.00
CA GLY I 248 19.96 -21.28 -37.60
C GLY I 248 19.11 -22.20 -36.73
N VAL I 249 19.66 -22.57 -35.58
CA VAL I 249 19.02 -23.48 -34.66
C VAL I 249 19.33 -23.04 -33.20
N GLY I 250 18.53 -23.51 -32.25
CA GLY I 250 18.77 -23.22 -30.83
C GLY I 250 17.86 -23.97 -29.85
N VAL I 251 18.27 -24.02 -28.60
CA VAL I 251 17.41 -24.50 -27.54
C VAL I 251 16.99 -23.30 -26.69
N ALA I 252 15.89 -23.43 -25.95
CA ALA I 252 15.44 -22.37 -25.05
C ALA I 252 14.60 -22.95 -23.90
N PHE I 253 14.58 -22.27 -22.75
CA PHE I 253 13.92 -22.81 -21.54
C PHE I 253 13.14 -21.72 -20.80
N ALA I 254 12.02 -22.12 -20.23
CA ALA I 254 11.20 -21.23 -19.42
C ALA I 254 11.66 -21.44 -18.00
N LEU I 255 12.21 -20.40 -17.39
CA LEU I 255 12.82 -20.52 -16.08
C LEU I 255 11.81 -20.32 -14.93
N ASN I 256 10.74 -19.56 -15.21
CA ASN I 256 9.67 -19.31 -14.23
C ASN I 256 8.42 -18.71 -14.94
N GLU I 257 7.52 -18.08 -14.19
CA GLU I 257 6.43 -17.33 -14.80
C GLU I 257 6.86 -16.25 -15.81
N ARG I 258 7.96 -15.55 -15.56
CA ARG I 258 8.29 -14.31 -16.32
C ARG I 258 9.50 -14.35 -17.27
N MET I 259 10.55 -15.04 -16.83
CA MET I 259 11.83 -15.09 -17.51
C MET I 259 12.05 -16.44 -18.25
N SER I 260 12.64 -16.35 -19.43
CA SER I 260 13.11 -17.51 -20.18
C SER I 260 14.52 -17.22 -20.65
N MET I 261 15.14 -18.20 -21.30
CA MET I 261 16.55 -18.10 -21.72
C MET I 261 16.79 -18.93 -22.99
N SER I 262 17.74 -18.50 -23.82
CA SER I 262 18.04 -19.24 -25.06
C SER I 262 19.51 -19.41 -25.28
N PHE I 263 19.85 -20.37 -26.13
CA PHE I 263 21.15 -20.41 -26.74
C PHE I 263 20.89 -20.71 -28.22
N SER I 264 21.74 -20.21 -29.12
CA SER I 264 21.48 -20.42 -30.57
C SER I 264 22.67 -20.11 -31.49
N VAL I 265 22.75 -20.86 -32.59
CA VAL I 265 23.73 -20.57 -33.64
C VAL I 265 22.99 -20.25 -34.94
N SER I 266 23.63 -19.44 -35.78
CA SER I 266 23.10 -19.16 -37.11
C SER I 266 24.24 -18.83 -38.08
N ASP I 267 24.21 -19.41 -39.26
CA ASP I 267 25.13 -19.02 -40.30
C ASP I 267 24.33 -18.20 -41.30
N LEU I 268 25.04 -17.32 -42.01
CA LEU I 268 24.49 -16.52 -43.11
C LEU I 268 25.48 -16.61 -44.25
N ILE I 269 25.04 -17.04 -45.41
CA ILE I 269 25.95 -17.30 -46.51
C ILE I 269 25.51 -16.49 -47.71
N GLN I 270 26.39 -15.61 -48.18
CA GLN I 270 26.11 -14.72 -49.31
C GLN I 270 26.90 -15.06 -50.59
N ARG I 271 26.19 -15.22 -51.72
CA ARG I 271 26.81 -15.50 -53.01
C ARG I 271 27.59 -14.27 -53.45
N LYS I 272 28.44 -14.44 -54.46
CA LYS I 272 29.23 -13.32 -55.00
C LYS I 272 28.32 -12.27 -55.73
N SER I 273 28.71 -10.98 -55.65
CA SER I 273 27.94 -9.85 -56.20
C SER I 273 28.57 -9.33 -57.50
N LYS I 274 27.78 -9.28 -58.58
CA LYS I 274 28.23 -8.83 -59.93
C LYS I 274 27.91 -7.32 -60.21
N LEU I 275 28.83 -6.61 -60.90
CA LEU I 275 28.66 -5.16 -61.27
C LEU I 275 29.05 -4.87 -62.74
N LYS I 276 28.06 -4.52 -63.59
CA LYS I 276 28.27 -4.24 -65.03
C LYS I 276 28.12 -2.74 -65.34
N PRO I 277 29.15 -2.12 -65.96
CA PRO I 277 29.06 -0.73 -66.40
C PRO I 277 28.70 -0.61 -67.88
N ASP I 278 28.16 0.53 -68.27
CA ASP I 278 27.80 0.80 -69.67
C ASP I 278 29.06 0.94 -70.54
N GLY I 281 30.32 -5.00 -69.25
CA GLY I 281 30.18 -6.44 -69.09
C GLY I 281 30.54 -6.87 -67.67
N TRP I 282 29.83 -7.90 -67.16
CA TRP I 282 29.92 -8.35 -65.74
C TRP I 282 31.27 -8.99 -65.38
N SER I 284 31.84 -8.59 -61.10
CA SER I 284 32.04 -9.37 -59.87
C SER I 284 33.11 -8.79 -58.92
N ILE I 285 32.67 -8.02 -57.92
CA ILE I 285 33.54 -7.54 -56.82
C ILE I 285 34.20 -8.76 -56.11
N VAL I 286 35.51 -8.94 -56.35
CA VAL I 286 36.25 -10.17 -56.05
C VAL I 286 36.30 -10.61 -54.58
N SER I 287 36.07 -9.68 -53.64
CA SER I 287 35.85 -10.07 -52.23
C SER I 287 34.41 -10.56 -52.03
N SER I 288 33.45 -9.65 -52.25
CA SER I 288 32.02 -9.71 -51.78
C SER I 288 31.43 -10.97 -51.14
N ASP I 289 31.79 -12.17 -51.61
CA ASP I 289 31.26 -13.43 -51.05
C ASP I 289 31.57 -13.50 -49.56
N ALA I 290 30.56 -13.82 -48.76
CA ALA I 290 30.65 -13.69 -47.32
C ALA I 290 30.02 -14.84 -46.59
N ASN I 291 30.44 -15.01 -45.33
CA ASN I 291 29.93 -16.02 -44.42
C ASN I 291 30.02 -15.49 -42.99
N ALA I 292 28.86 -15.23 -42.37
CA ALA I 292 28.76 -14.62 -41.04
C ALA I 292 28.13 -15.60 -40.07
N GLY I 293 28.94 -16.06 -39.11
CA GLY I 293 28.48 -17.00 -38.09
C GLY I 293 28.08 -16.25 -36.86
N TYR I 294 27.11 -16.78 -36.13
CA TYR I 294 26.66 -16.18 -34.86
C TYR I 294 26.28 -17.22 -33.80
N PHE I 295 26.88 -17.10 -32.63
CA PHE I 295 26.40 -17.74 -31.44
C PHE I 295 25.59 -16.71 -30.63
N ASN I 296 24.43 -17.13 -30.17
CA ASN I 296 23.45 -16.22 -29.61
C ASN I 296 23.03 -16.71 -28.24
N VAL I 297 23.25 -15.88 -27.22
CA VAL I 297 22.68 -16.14 -25.90
C VAL I 297 21.65 -15.07 -25.72
N GLY I 298 20.50 -15.42 -25.15
CA GLY I 298 19.44 -14.47 -24.83
C GLY I 298 18.45 -14.84 -23.75
N MET I 299 17.60 -13.86 -23.46
CA MET I 299 16.50 -14.01 -22.51
C MET I 299 15.29 -13.19 -22.92
N THR I 300 14.22 -13.41 -22.17
CA THR I 300 13.04 -12.57 -22.22
C THR I 300 12.56 -12.36 -20.80
N ILE I 301 12.14 -11.14 -20.50
CA ILE I 301 11.73 -10.76 -19.15
C ILE I 301 10.40 -9.98 -19.18
N ALA I 302 9.41 -10.53 -18.48
CA ALA I 302 8.13 -9.88 -18.31
C ALA I 302 8.22 -8.67 -17.37
N ALA I 303 8.07 -7.48 -17.96
CA ALA I 303 7.96 -6.23 -17.19
C ALA I 303 6.55 -6.02 -16.64
N SER I 304 5.63 -5.59 -17.50
CA SER I 304 4.36 -4.93 -17.10
C SER I 304 3.66 -5.56 -15.91
N ASN I 306 2.05 -7.12 -20.15
CA ASN I 306 2.11 -6.85 -21.60
C ASN I 306 3.37 -6.10 -22.17
N LEU I 307 4.52 -6.20 -21.46
CA LEU I 307 5.84 -5.72 -21.97
C LEU I 307 7.00 -6.71 -21.71
N THR I 308 7.46 -7.40 -22.76
CA THR I 308 8.71 -8.18 -22.70
C THR I 308 9.95 -7.27 -22.86
N ILE I 309 11.04 -7.65 -22.19
CA ILE I 309 12.34 -7.01 -22.37
C ILE I 309 13.26 -8.08 -22.89
N VAL I 310 13.89 -7.83 -24.02
CA VAL I 310 14.54 -8.91 -24.73
C VAL I 310 15.98 -8.54 -25.00
N PRO I 311 16.88 -8.79 -23.99
CA PRO I 311 18.33 -8.71 -24.20
C PRO I 311 18.87 -9.90 -24.96
N ASN I 312 19.89 -9.66 -25.76
CA ASN I 312 20.48 -10.71 -26.56
C ASN I 312 21.94 -10.48 -27.02
N LEU I 313 22.89 -11.16 -26.37
CA LEU I 313 24.26 -11.19 -26.91
C LEU I 313 24.28 -12.01 -28.19
N ALA I 314 25.13 -11.59 -29.12
CA ALA I 314 25.38 -12.33 -30.34
C ALA I 314 26.86 -12.28 -30.72
N ILE I 315 27.58 -13.31 -30.31
CA ILE I 315 29.01 -13.38 -30.50
C ILE I 315 29.31 -13.73 -31.95
N GLY I 316 30.28 -13.05 -32.55
CA GLY I 316 30.67 -13.37 -33.92
C GLY I 316 31.48 -14.64 -33.98
N MET I 317 31.52 -15.27 -35.14
CA MET I 317 32.30 -16.48 -35.31
C MET I 317 33.27 -16.39 -36.49
N THR I 318 32.85 -15.74 -37.56
CA THR I 318 33.69 -15.55 -38.73
C THR I 318 34.18 -14.10 -38.84
N ASP I 319 35.22 -13.89 -39.67
CA ASP I 319 35.81 -12.57 -39.91
C ASP I 319 34.81 -11.59 -40.53
N ASP I 320 33.84 -12.10 -41.31
CA ASP I 320 32.82 -11.26 -42.01
C ASP I 320 31.58 -10.91 -41.18
N ALA I 321 31.69 -10.97 -39.85
CA ALA I 321 30.60 -10.62 -38.96
C ALA I 321 31.16 -9.86 -37.77
N PRO I 322 30.31 -9.10 -37.06
CA PRO I 322 30.75 -8.38 -35.87
C PRO I 322 31.58 -9.18 -34.92
N ASP I 323 32.60 -8.57 -34.36
CA ASP I 323 33.19 -9.12 -33.16
C ASP I 323 32.00 -9.44 -32.30
N PHE I 324 31.13 -8.46 -32.03
CA PHE I 324 29.95 -8.72 -31.19
C PHE I 324 28.81 -7.75 -31.39
N THR I 325 27.63 -8.15 -30.88
CA THR I 325 26.39 -7.37 -30.97
C THR I 325 25.54 -7.53 -29.72
N PHE I 326 25.16 -6.42 -29.10
CA PHE I 326 24.24 -6.47 -27.98
C PHE I 326 22.93 -5.86 -28.48
N SER I 327 21.89 -6.69 -28.57
CA SER I 327 20.51 -6.21 -28.79
C SER I 327 19.82 -5.99 -27.45
N LEU I 328 18.78 -5.18 -27.50
CA LEU I 328 17.90 -4.97 -26.35
C LEU I 328 16.59 -4.45 -26.95
N LYS I 329 15.55 -5.27 -26.85
CA LYS I 329 14.30 -5.00 -27.55
C LYS I 329 13.13 -5.02 -26.58
N PHE I 330 12.25 -4.03 -26.76
CA PHE I 330 11.11 -3.78 -25.90
C PHE I 330 9.79 -3.86 -26.71
N PRO I 331 9.23 -5.07 -26.89
CA PRO I 331 7.90 -5.22 -27.49
C PRO I 331 6.73 -5.03 -26.51
N TYR I 332 5.77 -4.18 -26.91
CA TYR I 332 4.52 -3.94 -26.21
C TYR I 332 3.37 -4.61 -26.97
N TYR I 333 2.40 -5.16 -26.22
CA TYR I 333 1.23 -5.83 -26.78
C TYR I 333 -0.06 -5.18 -26.28
N PHE I 334 -1.03 -5.00 -27.17
CA PHE I 334 -2.38 -4.49 -26.83
C PHE I 334 -3.40 -5.61 -26.62
N PRO J 16 -22.41 -2.68 60.97
CA PRO J 16 -21.30 -1.78 60.65
C PRO J 16 -21.62 -0.80 59.50
N ALA J 17 -22.10 0.39 59.87
CA ALA J 17 -22.63 1.40 58.93
C ALA J 17 -21.78 1.57 57.69
N GLN J 18 -22.41 1.84 56.56
CA GLN J 18 -21.71 1.83 55.27
C GLN J 18 -20.88 3.09 54.99
N SER J 19 -21.43 4.25 55.33
CA SER J 19 -20.70 5.54 55.29
C SER J 19 -19.38 5.52 56.04
N VAL J 20 -19.35 4.81 57.17
CA VAL J 20 -18.17 4.64 58.01
C VAL J 20 -17.15 3.75 57.29
N SER J 21 -17.66 2.63 56.77
CA SER J 21 -16.89 1.70 55.99
C SER J 21 -16.28 2.37 54.79
N ASN J 22 -16.99 3.29 54.18
CA ASN J 22 -16.39 4.14 53.13
C ASN J 22 -15.31 5.20 53.60
N LEU J 23 -15.54 5.85 54.76
CA LEU J 23 -14.60 6.85 55.35
C LEU J 23 -13.29 6.20 55.71
N TYR J 24 -13.37 5.01 56.32
CA TYR J 24 -12.18 4.19 56.63
C TYR J 24 -11.44 3.67 55.40
N ASN J 25 -12.18 3.30 54.36
CA ASN J 25 -11.57 2.81 53.11
C ASN J 25 -10.79 3.94 52.44
N GLU J 26 -11.42 5.12 52.29
CA GLU J 26 -10.75 6.28 51.67
C GLU J 26 -9.51 6.70 52.48
N ALA J 27 -9.70 6.87 53.78
CA ALA J 27 -8.65 7.40 54.63
C ALA J 27 -7.50 6.42 54.83
N SER J 28 -7.81 5.20 55.32
CA SER J 28 -6.78 4.20 55.67
C SER J 28 -6.12 3.57 54.44
N GLY J 29 -6.88 3.40 53.37
CA GLY J 29 -6.37 2.79 52.14
C GLY J 29 -6.18 1.29 52.23
N PHE J 30 -6.88 0.68 53.19
CA PHE J 30 -6.91 -0.75 53.38
C PHE J 30 -8.34 -1.19 53.05
N PHE J 31 -8.48 -1.87 51.91
CA PHE J 31 -9.75 -2.03 51.18
C PHE J 31 -10.52 -3.20 51.79
N GLY J 32 -11.10 -2.94 52.97
CA GLY J 32 -11.63 -3.98 53.87
C GLY J 32 -13.13 -4.01 54.10
N ASN J 33 -13.90 -3.93 53.01
CA ASN J 33 -15.33 -4.22 53.02
C ASN J 33 -15.61 -5.73 52.79
N GLY J 34 -15.12 -6.24 51.66
CA GLY J 34 -15.28 -7.65 51.28
C GLY J 34 -13.94 -8.29 51.00
N LYS J 35 -13.93 -9.39 50.24
CA LYS J 35 -12.71 -10.13 49.90
C LYS J 35 -12.01 -9.62 48.63
N PHE J 36 -12.74 -8.98 47.72
CA PHE J 36 -12.15 -8.39 46.51
C PHE J 36 -12.50 -6.93 46.34
N SER J 37 -11.82 -6.28 45.39
CA SER J 37 -12.13 -4.89 45.04
C SER J 37 -11.45 -4.45 43.74
N PHE J 38 -12.26 -4.21 42.70
CA PHE J 38 -11.83 -3.48 41.52
C PHE J 38 -12.40 -2.08 41.62
N GLU J 39 -11.63 -1.09 41.18
CA GLU J 39 -11.96 0.32 41.39
C GLU J 39 -11.51 1.14 40.20
N THR J 40 -12.45 1.87 39.59
CA THR J 40 -12.14 2.72 38.44
C THR J 40 -12.07 4.20 38.83
N GLY J 41 -10.93 4.83 38.55
CA GLY J 41 -10.73 6.27 38.74
C GLY J 41 -10.69 7.08 37.44
N ILE J 42 -11.24 8.28 37.51
CA ILE J 42 -11.05 9.29 36.47
C ILE J 42 -10.60 10.57 37.17
N THR J 43 -9.63 11.23 36.56
CA THR J 43 -8.85 12.26 37.24
C THR J 43 -8.51 13.38 36.27
N TYR J 44 -8.93 14.60 36.62
CA TYR J 44 -8.52 15.80 35.87
C TYR J 44 -7.66 16.72 36.74
N ALA J 45 -6.64 17.29 36.12
CA ALA J 45 -5.79 18.26 36.77
C ALA J 45 -5.24 19.30 35.78
N ARG J 46 -5.15 20.55 36.25
CA ARG J 46 -4.77 21.70 35.42
C ARG J 46 -3.52 22.41 35.99
N TYR J 47 -2.63 22.85 35.09
CA TYR J 47 -1.35 23.48 35.45
C TYR J 47 -1.18 24.80 34.73
N ASP J 48 -0.41 25.71 35.32
CA ASP J 48 0.05 26.96 34.68
C ASP J 48 1.57 27.01 34.50
N ILE J 73 1.83 28.81 28.54
CA ILE J 73 2.18 27.54 29.21
C ILE J 73 1.00 26.84 29.98
N LYS J 74 -0.04 26.48 29.23
CA LYS J 74 -1.22 25.78 29.75
C LYS J 74 -1.05 24.23 29.68
N ALA J 75 -1.78 23.47 30.52
CA ALA J 75 -1.75 21.98 30.49
C ALA J 75 -2.94 21.27 31.16
N ASP J 76 -3.78 20.62 30.34
CA ASP J 76 -4.99 19.86 30.78
C ASP J 76 -4.75 18.34 30.82
N ASN J 77 -4.39 17.81 31.99
CA ASN J 77 -4.01 16.39 32.13
C ASN J 77 -5.13 15.48 32.68
N TRP J 78 -5.41 14.40 31.97
CA TRP J 78 -6.41 13.41 32.34
C TRP J 78 -5.76 12.07 32.62
N THR J 79 -6.15 11.43 33.71
CA THR J 79 -5.73 10.05 33.99
C THR J 79 -6.96 9.23 34.29
N LEU J 80 -6.91 7.98 33.85
CA LEU J 80 -7.87 6.96 34.26
C LEU J 80 -7.07 5.86 34.98
N ASP J 81 -7.34 5.71 36.28
CA ASP J 81 -6.65 4.74 37.14
C ASP J 81 -7.49 3.48 37.24
N LEU J 82 -6.92 2.36 36.82
CA LEU J 82 -7.52 1.05 37.01
C LEU J 82 -6.77 0.43 38.17
N THR J 83 -7.49 0.14 39.25
CA THR J 83 -6.91 -0.44 40.46
C THR J 83 -7.69 -1.72 40.76
N GLY J 84 -7.00 -2.71 41.31
CA GLY J 84 -7.60 -4.01 41.59
C GLY J 84 -6.84 -4.64 42.73
N ALA J 85 -7.55 -5.00 43.79
CA ALA J 85 -6.92 -5.46 45.03
C ALA J 85 -7.70 -6.57 45.68
N TYR J 86 -7.07 -7.26 46.63
CA TYR J 86 -7.75 -8.27 47.45
C TYR J 86 -7.19 -8.35 48.88
N ASN J 87 -8.10 -8.36 49.86
CA ASN J 87 -7.74 -8.44 51.26
C ASN J 87 -7.84 -9.90 51.67
N LEU J 88 -6.84 -10.35 52.44
CA LEU J 88 -6.79 -11.71 52.97
C LEU J 88 -7.55 -11.70 54.33
N ASP J 89 -6.97 -12.13 55.46
CA ASP J 89 -7.76 -12.47 56.66
C ASP J 89 -8.33 -11.26 57.41
N ASN J 90 -8.97 -10.33 56.68
CA ASN J 90 -9.20 -8.96 57.13
C ASN J 90 -7.91 -8.23 57.56
N ARG J 91 -6.75 -8.65 57.01
CA ARG J 91 -5.41 -8.32 57.59
C ARG J 91 -4.28 -8.02 56.59
N TRP J 92 -4.10 -8.88 55.59
CA TRP J 92 -3.11 -8.65 54.51
C TRP J 92 -3.80 -8.25 53.21
N GLN J 93 -3.31 -7.20 52.58
CA GLN J 93 -3.86 -6.75 51.32
C GLN J 93 -2.79 -6.63 50.25
N PHE J 94 -3.14 -7.08 49.05
CA PHE J 94 -2.31 -6.97 47.87
C PHE J 94 -3.14 -6.18 46.86
N ASP J 95 -2.49 -5.29 46.12
CA ASP J 95 -3.18 -4.43 45.15
C ASP J 95 -2.32 -4.12 43.91
N VAL J 96 -2.95 -4.09 42.74
CA VAL J 96 -2.33 -3.65 41.49
C VAL J 96 -2.88 -2.26 41.15
N ASN J 97 -2.15 -1.51 40.34
CA ASN J 97 -2.60 -0.23 39.81
C ASN J 97 -2.00 0.05 38.44
N VAL J 98 -2.87 0.21 37.45
CA VAL J 98 -2.47 0.68 36.13
C VAL J 98 -3.13 2.05 35.93
N PRO J 99 -2.33 3.12 35.77
CA PRO J 99 -2.86 4.38 35.26
C PRO J 99 -2.65 4.49 33.76
N VAL J 100 -3.57 5.20 33.11
CA VAL J 100 -3.50 5.45 31.68
C VAL J 100 -3.70 6.95 31.52
N VAL J 101 -2.77 7.62 30.82
CA VAL J 101 -2.68 9.07 30.85
C VAL J 101 -2.81 9.71 29.47
N TYR J 102 -3.85 10.54 29.30
CA TYR J 102 -3.96 11.50 28.20
C TYR J 102 -3.59 12.90 28.70
N ARG J 103 -2.79 13.64 27.94
CA ARG J 103 -2.43 15.01 28.31
C ARG J 103 -1.97 15.87 27.15
N GLU J 104 -2.47 17.11 27.12
CA GLU J 104 -2.06 18.10 26.15
C GLU J 104 -1.46 19.27 26.91
N SER J 105 -0.27 19.69 26.50
CA SER J 105 0.37 20.92 26.98
C SER J 105 0.25 22.00 25.90
N THR J 106 0.34 23.27 26.29
CA THR J 106 0.32 24.40 25.35
C THR J 106 1.30 25.47 25.81
N TYR J 107 2.23 25.87 24.93
CA TYR J 107 3.30 26.87 25.23
C TYR J 107 3.07 28.19 24.51
N GLU J 122 1.76 30.27 21.20
CA GLU J 122 1.01 29.05 21.52
C GLU J 122 1.12 27.96 20.45
N GLU J 123 1.81 26.86 20.79
CA GLU J 123 1.75 25.60 20.00
C GLU J 123 1.55 24.41 20.95
N SER J 124 0.60 23.55 20.63
CA SER J 124 0.24 22.45 21.53
C SER J 124 1.07 21.19 21.24
N VAL J 125 1.14 20.32 22.25
CA VAL J 125 1.83 19.02 22.20
C VAL J 125 1.03 17.94 22.92
N SER J 126 0.23 17.17 22.20
CA SER J 126 -0.62 16.14 22.83
C SER J 126 0.17 14.86 23.12
N ARG J 127 -0.45 14.01 23.94
CA ARG J 127 -0.01 12.63 24.21
C ARG J 127 -1.24 11.76 24.37
N ASP J 128 -1.52 10.91 23.39
CA ASP J 128 -2.78 10.13 23.34
C ASP J 128 -2.77 9.04 24.42
N PRO J 129 -3.96 8.53 24.83
CA PRO J 129 -3.96 7.68 26.02
C PRO J 129 -2.93 6.56 25.89
N THR J 130 -2.05 6.50 26.88
CA THR J 130 -1.06 5.45 27.06
C THR J 130 -0.78 5.31 28.55
N ILE J 131 -0.51 4.09 29.00
CA ILE J 131 0.14 3.86 30.31
C ILE J 131 1.33 4.82 30.50
N GLY J 132 1.67 5.27 31.72
CA GLY J 132 1.27 4.72 33.00
C GLY J 132 2.53 4.29 33.69
N ASP J 133 2.63 4.44 35.01
CA ASP J 133 3.60 3.68 35.81
C ASP J 133 2.80 2.73 36.65
N VAL J 134 2.83 1.47 36.25
CA VAL J 134 2.10 0.44 36.97
C VAL J 134 2.83 0.27 38.31
N ASN J 135 2.06 0.11 39.38
CA ASN J 135 2.63 -0.06 40.71
C ASN J 135 1.81 -1.08 41.46
N PHE J 136 2.36 -1.62 42.54
CA PHE J 136 1.67 -2.65 43.30
C PHE J 136 2.16 -2.66 44.73
N GLY J 137 1.24 -3.00 45.64
CA GLY J 137 1.48 -2.76 47.04
C GLY J 137 0.95 -3.84 47.95
N ILE J 138 1.79 -4.24 48.88
CA ILE J 138 1.41 -5.16 49.92
C ILE J 138 1.08 -4.23 51.07
N ALA J 139 0.15 -4.64 51.93
CA ALA J 139 -0.26 -3.81 53.05
C ALA J 139 -0.80 -4.63 54.22
N TYR J 140 -0.15 -4.47 55.38
CA TYR J 140 -0.47 -5.18 56.63
C TYR J 140 -1.14 -4.19 57.58
N LYS J 141 -2.29 -4.59 58.14
CA LYS J 141 -2.99 -3.81 59.16
C LYS J 141 -2.52 -4.28 60.55
N PHE J 142 -1.59 -3.54 61.16
CA PHE J 142 -0.93 -4.01 62.42
C PHE J 142 -1.62 -3.64 63.75
N LEU J 143 -2.75 -2.93 63.70
CA LEU J 143 -3.50 -2.57 64.90
C LEU J 143 -4.97 -2.37 64.56
N ASP J 144 -5.82 -3.22 65.15
CA ASP J 144 -7.26 -3.03 65.10
C ASP J 144 -7.58 -1.91 66.08
N GLU J 145 -8.62 -1.14 65.78
CA GLU J 145 -8.98 -0.01 66.61
C GLU J 145 -9.63 -0.48 67.90
N SER J 146 -9.24 0.15 69.00
CA SER J 146 -9.88 -0.03 70.31
C SER J 146 -10.10 1.32 70.92
N ALA J 147 -10.78 1.38 72.05
CA ALA J 147 -11.07 2.66 72.73
C ALA J 147 -9.81 3.51 72.93
N THR J 148 -8.69 2.84 73.23
CA THR J 148 -7.39 3.50 73.35
C THR J 148 -6.62 3.62 72.03
N MET J 149 -6.66 2.58 71.19
CA MET J 149 -5.80 2.48 69.99
C MET J 149 -6.43 2.98 68.67
N PRO J 150 -5.60 3.27 67.65
CA PRO J 150 -6.07 3.66 66.33
C PRO J 150 -5.86 2.57 65.26
N ASP J 151 -6.59 2.70 64.15
CA ASP J 151 -6.53 1.74 63.05
C ASP J 151 -5.26 1.95 62.19
N ALA J 152 -4.14 1.48 62.73
CA ALA J 152 -2.85 1.61 62.07
C ALA J 152 -2.68 0.60 60.91
N VAL J 153 -2.05 1.02 59.82
CA VAL J 153 -1.84 0.19 58.63
C VAL J 153 -0.51 0.49 57.93
N VAL J 154 0.46 -0.44 58.07
CA VAL J 154 1.75 -0.33 57.39
C VAL J 154 1.63 -0.75 55.92
N SER J 155 2.56 -0.29 55.08
CA SER J 155 2.50 -0.59 53.65
C SER J 155 3.82 -0.43 52.90
N VAL J 156 3.87 -1.07 51.72
CA VAL J 156 5.00 -0.98 50.78
C VAL J 156 4.43 -0.85 49.38
N ARG J 157 5.05 -0.06 48.53
CA ARG J 157 4.48 0.24 47.23
C ARG J 157 5.54 0.43 46.16
N VAL J 158 5.66 -0.61 45.35
CA VAL J 158 6.70 -0.71 44.36
C VAL J 158 6.15 -0.21 43.05
N LYS J 159 6.95 0.56 42.34
CA LYS J 159 6.52 1.25 41.14
C LYS J 159 7.58 1.07 40.09
N ALA J 160 7.15 0.81 38.86
CA ALA J 160 8.05 0.46 37.77
C ALA J 160 8.03 1.47 36.63
N PRO J 161 9.16 1.66 35.96
CA PRO J 161 9.21 2.57 34.83
C PRO J 161 8.56 1.98 33.57
N THR J 162 7.22 1.96 33.52
CA THR J 162 6.50 1.46 32.36
C THR J 162 6.08 2.56 31.39
N GLY J 163 5.77 3.76 31.90
CA GLY J 163 5.34 4.89 31.07
C GLY J 163 6.47 5.55 30.31
N LYS J 164 6.14 6.16 29.16
CA LYS J 164 7.12 6.92 28.36
C LYS J 164 7.84 7.86 29.30
N GLU J 165 9.16 7.94 29.16
CA GLU J 165 10.00 8.61 30.17
C GLU J 165 10.57 9.97 29.65
N PRO J 166 10.83 10.93 30.57
CA PRO J 166 11.21 12.30 30.19
C PRO J 166 12.54 12.47 29.47
N PHE J 167 13.54 11.65 29.81
CA PHE J 167 14.91 11.86 29.37
C PHE J 167 15.07 11.60 27.86
N GLY J 168 15.90 12.41 27.21
CA GLY J 168 16.09 12.32 25.77
C GLY J 168 14.93 12.78 24.90
N ILE J 169 13.90 13.40 25.52
CA ILE J 169 12.84 14.04 24.76
C ILE J 169 13.42 15.35 24.25
N LYS J 170 13.51 15.49 22.91
CA LYS J 170 14.19 16.65 22.29
C LYS J 170 13.28 17.89 22.22
N LEU J 171 13.87 19.05 21.86
CA LEU J 171 13.16 20.35 21.79
C LEU J 171 13.24 20.97 20.39
N PRO J 183 8.93 21.06 21.73
CA PRO J 183 9.04 19.82 22.56
C PRO J 183 8.34 18.59 21.93
N GLU J 184 9.10 17.52 21.65
CA GLU J 184 8.64 16.47 20.70
C GLU J 184 7.47 15.60 21.14
N SER J 185 7.34 15.37 22.43
CA SER J 185 6.24 14.57 23.01
C SER J 185 6.32 14.60 24.51
N LEU J 186 5.20 14.39 25.17
CA LEU J 186 5.16 14.46 26.62
C LEU J 186 5.35 13.09 27.25
N PRO J 187 6.07 13.03 28.39
CA PRO J 187 6.28 11.77 29.09
C PRO J 187 5.04 11.29 29.82
N THR J 188 5.14 10.15 30.48
CA THR J 188 4.08 9.59 31.33
C THR J 188 4.49 8.95 32.67
N GLY J 189 5.78 8.92 32.97
CA GLY J 189 6.29 8.44 34.24
C GLY J 189 7.71 8.91 34.36
N ASN J 190 8.24 8.94 35.58
CA ASN J 190 9.57 9.53 35.82
C ASN J 190 10.76 8.66 35.37
N GLY J 191 10.48 7.42 34.93
CA GLY J 191 11.47 6.61 34.21
C GLY J 191 12.42 5.81 35.09
N VAL J 192 12.19 5.86 36.40
CA VAL J 192 12.98 5.09 37.37
C VAL J 192 12.03 4.25 38.22
N TRP J 193 12.60 3.29 38.94
CA TRP J 193 11.86 2.43 39.86
C TRP J 193 11.72 3.16 41.15
N SER J 194 10.74 2.76 41.94
CA SER J 194 10.53 3.39 43.23
C SER J 194 9.97 2.40 44.24
N ILE J 195 10.44 2.54 45.49
CA ILE J 195 9.92 1.77 46.61
C ILE J 195 9.41 2.81 47.63
N THR J 196 8.29 2.52 48.30
CA THR J 196 7.57 3.54 49.06
C THR J 196 6.88 2.99 50.30
N PRO J 197 7.62 2.85 51.41
CA PRO J 197 7.00 2.56 52.72
C PRO J 197 6.08 3.69 53.23
N GLY J 198 5.07 3.31 54.01
CA GLY J 198 4.06 4.25 54.50
C GLY J 198 3.21 3.74 55.65
N LEU J 199 2.82 4.65 56.52
CA LEU J 199 2.05 4.35 57.71
C LEU J 199 0.77 5.16 57.63
N SER J 200 -0.28 4.70 58.32
CA SER J 200 -1.58 5.34 58.23
C SER J 200 -2.51 4.93 59.37
N MET J 201 -2.89 5.90 60.19
CA MET J 201 -3.79 5.61 61.30
C MET J 201 -5.09 6.28 61.03
N VAL J 202 -6.16 5.72 61.61
CA VAL J 202 -7.48 6.34 61.59
C VAL J 202 -8.14 6.14 62.96
N LYS J 203 -8.74 7.18 63.52
CA LYS J 203 -9.41 7.02 64.79
C LYS J 203 -10.66 7.85 64.93
N THR J 204 -11.73 7.18 65.38
CA THR J 204 -13.00 7.83 65.66
C THR J 204 -12.96 8.35 67.08
N PHE J 205 -13.14 9.66 67.21
CA PHE J 205 -13.59 10.30 68.42
C PHE J 205 -14.92 10.88 67.99
N ASP J 206 -15.98 10.20 68.43
CA ASP J 206 -17.28 10.30 67.83
C ASP J 206 -17.86 11.70 68.09
N PRO J 207 -18.35 12.43 67.07
CA PRO J 207 -18.57 11.98 65.70
C PRO J 207 -17.46 12.33 64.71
N ALA J 208 -16.33 12.80 65.20
CA ALA J 208 -15.23 13.15 64.32
C ALA J 208 -14.47 11.87 64.00
N VAL J 209 -13.81 11.86 62.85
CA VAL J 209 -12.86 10.80 62.54
C VAL J 209 -11.57 11.42 62.02
N LEU J 210 -10.61 11.58 62.93
CA LEU J 210 -9.29 12.07 62.60
C LEU J 210 -8.46 10.98 61.94
N PHE J 211 -7.52 11.41 61.12
CA PHE J 211 -6.67 10.52 60.37
C PHE J 211 -5.49 11.22 59.76
N GLY J 212 -4.52 10.40 59.38
CA GLY J 212 -3.36 10.89 58.71
C GLY J 212 -2.49 9.73 58.30
N SER J 213 -1.32 10.08 57.76
CA SER J 213 -0.45 9.12 57.12
C SER J 213 0.88 9.75 56.81
N VAL J 214 1.94 8.95 56.82
CA VAL J 214 3.27 9.40 56.38
C VAL J 214 3.86 8.32 55.49
N SER J 215 4.77 8.70 54.61
CA SER J 215 5.37 7.75 53.71
C SER J 215 6.63 8.32 53.13
N TYR J 216 7.38 7.50 52.45
CA TYR J 216 8.70 7.87 51.95
C TYR J 216 9.02 7.18 50.63
N THR J 217 9.28 7.93 49.56
CA THR J 217 9.72 7.32 48.32
C THR J 217 11.23 7.28 48.34
N HIS J 218 11.83 6.11 48.07
CA HIS J 218 13.22 6.04 47.62
C HIS J 218 13.27 5.67 46.12
N ASN J 219 13.54 6.66 45.26
CA ASN J 219 13.85 6.40 43.84
C ASN J 219 15.27 5.83 43.75
N LEU J 220 15.61 5.15 42.65
CA LEU J 220 16.89 4.42 42.62
C LEU J 220 17.53 4.18 41.25
N GLU J 221 18.86 3.98 41.26
CA GLU J 221 19.67 3.43 40.16
C GLU J 221 19.31 4.02 38.78
N ASP J 222 19.32 3.22 37.72
CA ASP J 222 18.88 3.63 36.37
C ASP J 222 19.88 4.54 35.58
N SER J 223 20.43 3.98 34.50
CA SER J 223 21.21 4.71 33.49
C SER J 223 20.44 4.77 32.13
N PHE J 224 20.71 5.75 31.28
CA PHE J 224 19.91 5.97 30.07
C PHE J 224 20.74 6.22 28.81
N ASP J 225 20.34 5.56 27.71
CA ASP J 225 20.97 5.75 26.37
C ASP J 225 21.32 7.20 26.01
N ASP J 226 20.38 8.11 26.29
CA ASP J 226 20.49 9.55 26.03
C ASP J 226 19.76 10.35 27.13
N ILE J 227 20.29 11.51 27.50
CA ILE J 227 19.63 12.41 28.46
C ILE J 227 19.76 13.89 28.06
N SER J 228 19.89 14.15 26.76
CA SER J 228 20.03 15.51 26.22
C SER J 228 18.66 16.02 25.74
N SER J 229 18.27 17.21 26.19
CA SER J 229 17.15 17.96 25.58
C SER J 229 17.56 18.57 24.24
N ASP J 230 18.87 18.83 24.11
CA ASP J 230 19.52 19.28 22.88
C ASP J 230 19.32 18.29 21.72
N VAL J 231 18.78 18.80 20.61
CA VAL J 231 18.44 17.97 19.43
C VAL J 231 19.64 17.42 18.63
N ASN J 232 20.89 17.72 19.03
CA ASN J 232 22.10 17.15 18.39
C ASN J 232 23.14 16.65 19.41
N GLN J 233 22.84 15.50 20.03
CA GLN J 233 23.76 14.84 20.99
C GLN J 233 23.10 13.60 21.60
N LYS J 234 23.81 12.46 21.61
CA LYS J 234 23.34 11.27 22.33
C LYS J 234 24.03 11.18 23.70
N VAL J 235 24.11 12.32 24.39
CA VAL J 235 24.84 12.39 25.65
C VAL J 235 24.09 11.55 26.69
N GLY J 236 24.53 10.30 26.88
CA GLY J 236 23.98 9.45 27.92
C GLY J 236 24.52 9.80 29.31
N GLY J 237 24.13 9.00 30.30
CA GLY J 237 24.57 9.16 31.70
C GLY J 237 23.61 8.46 32.63
N LYS J 238 23.87 8.50 33.93
CA LYS J 238 22.91 7.98 34.91
C LYS J 238 22.27 9.05 35.81
N VAL J 239 21.07 8.75 36.30
CA VAL J 239 20.18 9.70 36.96
C VAL J 239 19.85 9.23 38.37
N ARG J 240 19.91 10.15 39.34
CA ARG J 240 19.34 9.94 40.68
C ARG J 240 18.23 10.94 40.95
N LEU J 241 16.99 10.50 40.89
CA LEU J 241 15.88 11.30 41.38
C LEU J 241 16.00 11.43 42.87
N GLY J 242 15.56 12.57 43.39
CA GLY J 242 15.59 12.79 44.83
C GLY J 242 14.57 11.93 45.52
N ASP J 243 14.58 11.94 46.84
CA ASP J 243 13.63 11.14 47.63
C ASP J 243 12.43 11.99 48.02
N SER J 244 11.54 11.50 48.87
CA SER J 244 10.31 12.21 49.13
C SER J 244 9.73 11.90 50.49
N PHE J 245 9.77 12.87 51.39
CA PHE J 245 8.94 12.83 52.59
C PHE J 245 7.53 13.23 52.08
N GLN J 246 6.51 12.45 52.46
CA GLN J 246 5.11 12.74 52.13
C GLN J 246 4.27 12.59 53.37
N PHE J 247 3.58 13.65 53.76
CA PHE J 247 2.65 13.59 54.89
C PHE J 247 1.38 14.44 54.74
N GLY J 248 0.34 14.00 55.45
CA GLY J 248 -0.95 14.67 55.43
C GLY J 248 -1.83 14.22 56.57
N VAL J 249 -2.69 15.13 57.01
CA VAL J 249 -3.66 14.85 58.07
C VAL J 249 -5.05 15.38 57.67
N GLY J 250 -6.05 14.86 58.37
CA GLY J 250 -7.44 15.11 58.02
C GLY J 250 -8.48 14.69 59.06
N VAL J 251 -9.72 14.86 58.65
CA VAL J 251 -10.83 14.60 59.52
C VAL J 251 -12.03 14.34 58.63
N ALA J 252 -12.71 13.24 58.92
CA ALA J 252 -13.89 12.77 58.20
C ALA J 252 -15.08 12.69 59.15
N PHE J 253 -16.26 12.97 58.59
CA PHE J 253 -17.55 12.76 59.23
C PHE J 253 -18.44 11.85 58.39
N ALA J 254 -19.05 10.88 59.06
CA ALA J 254 -20.17 10.14 58.50
C ALA J 254 -21.41 11.04 58.59
N LEU J 255 -21.83 11.60 57.46
CA LEU J 255 -22.96 12.55 57.43
C LEU J 255 -24.25 11.84 57.73
N ASN J 256 -24.45 10.70 57.07
CA ASN J 256 -25.64 9.85 57.22
C ASN J 256 -25.28 8.39 56.91
N GLU J 257 -26.26 7.50 56.99
CA GLU J 257 -26.06 6.09 56.64
C GLU J 257 -25.31 5.88 55.31
N ARG J 258 -25.79 6.46 54.20
CA ARG J 258 -25.23 6.15 52.89
C ARG J 258 -23.99 6.99 52.47
N MET J 259 -23.79 8.20 53.01
CA MET J 259 -22.76 9.13 52.47
C MET J 259 -22.00 10.01 53.47
N SER J 260 -20.76 10.38 53.10
CA SER J 260 -19.83 11.06 54.02
C SER J 260 -18.96 12.20 53.40
N MET J 261 -18.31 12.97 54.28
CA MET J 261 -17.51 14.15 53.86
C MET J 261 -16.17 14.26 54.61
N SER J 262 -15.17 14.82 53.92
CA SER J 262 -13.78 14.85 54.39
C SER J 262 -13.04 16.20 54.17
N PHE J 263 -12.06 16.45 55.04
CA PHE J 263 -11.19 17.61 54.93
C PHE J 263 -9.76 17.19 55.28
N SER J 264 -8.79 17.59 54.46
CA SER J 264 -7.40 17.20 54.70
C SER J 264 -6.37 18.04 53.96
N VAL J 265 -5.14 17.94 54.44
CA VAL J 265 -4.02 18.67 53.90
C VAL J 265 -2.92 17.67 53.61
N SER J 266 -2.08 17.93 52.62
CA SER J 266 -0.97 17.03 52.27
C SER J 266 0.17 17.83 51.68
N ASP J 267 1.40 17.37 51.89
CA ASP J 267 2.55 18.04 51.33
C ASP J 267 3.59 17.06 50.79
N LEU J 268 3.97 17.20 49.52
CA LEU J 268 5.09 16.47 48.92
C LEU J 268 6.38 17.31 48.95
N ILE J 269 7.39 16.79 49.63
CA ILE J 269 8.73 17.39 49.70
C ILE J 269 9.68 16.42 49.01
N GLN J 270 10.53 16.96 48.16
CA GLN J 270 11.17 16.15 47.16
C GLN J 270 12.56 16.70 46.95
N ARG J 271 13.56 15.96 47.43
CA ARG J 271 14.94 16.40 47.38
C ARG J 271 15.42 16.50 45.90
N LYS J 272 16.48 17.29 45.64
CA LYS J 272 16.99 17.56 44.27
C LYS J 272 17.40 16.28 43.54
N SER J 273 17.60 16.39 42.23
CA SER J 273 17.81 15.22 41.43
C SER J 273 19.10 15.35 40.68
N LYS J 274 20.15 14.80 41.28
CA LYS J 274 21.47 14.65 40.65
C LYS J 274 21.46 13.89 39.30
N LEU J 275 22.45 14.21 38.46
CA LEU J 275 22.51 13.74 37.09
C LEU J 275 23.80 12.93 36.95
N LYS J 276 24.83 13.46 36.29
CA LYS J 276 26.07 12.72 35.87
C LYS J 276 25.93 12.24 34.42
N PRO J 277 26.72 12.81 33.49
CA PRO J 277 26.88 12.27 32.14
C PRO J 277 28.27 11.68 31.88
N ASP J 278 28.35 10.67 31.01
CA ASP J 278 29.62 9.99 30.70
C ASP J 278 30.52 10.86 29.84
N GLY J 281 31.16 13.73 35.18
CA GLY J 281 31.00 13.72 36.63
C GLY J 281 29.67 14.30 37.10
N TRP J 282 29.31 14.06 38.37
CA TRP J 282 27.97 14.38 38.94
C TRP J 282 27.67 15.88 38.96
N GLN J 283 26.38 16.24 38.94
CA GLN J 283 25.93 17.65 38.92
C GLN J 283 24.42 17.76 39.20
N SER J 284 24.06 18.58 40.17
CA SER J 284 22.64 18.73 40.57
C SER J 284 21.81 19.35 39.42
N ILE J 285 20.63 18.79 39.14
CA ILE J 285 19.66 19.39 38.21
C ILE J 285 19.01 20.56 38.96
N VAL J 286 19.10 21.76 38.38
CA VAL J 286 18.71 23.01 39.05
C VAL J 286 17.18 23.14 39.07
N SER J 287 16.69 23.95 40.02
CA SER J 287 15.24 24.15 40.36
C SER J 287 14.36 22.88 40.27
N SER J 288 14.94 21.72 40.62
CA SER J 288 14.32 20.40 40.43
C SER J 288 13.59 19.91 41.68
N ASP J 289 14.01 20.41 42.86
CA ASP J 289 13.32 20.11 44.13
C ASP J 289 11.94 20.76 44.17
N ALA J 290 10.99 20.10 44.80
CA ALA J 290 9.62 20.59 44.85
C ALA J 290 9.01 20.55 46.26
N ASN J 291 8.06 21.45 46.46
CA ASN J 291 7.13 21.36 47.55
C ASN J 291 5.77 21.41 46.92
N ALA J 292 4.95 20.39 47.16
CA ALA J 292 3.62 20.32 46.59
C ALA J 292 2.58 20.20 47.71
N GLY J 293 1.98 21.33 48.04
CA GLY J 293 0.92 21.38 49.03
C GLY J 293 -0.40 21.07 48.35
N TYR J 294 -1.37 20.63 49.16
CA TYR J 294 -2.72 20.31 48.70
C TYR J 294 -3.71 20.45 49.83
N PHE J 295 -4.86 21.07 49.55
CA PHE J 295 -6.03 21.04 50.42
C PHE J 295 -7.11 20.26 49.69
N ASN J 296 -7.69 19.27 50.37
CA ASN J 296 -8.69 18.35 49.78
C ASN J 296 -10.03 18.40 50.47
N VAL J 297 -11.06 18.70 49.68
CA VAL J 297 -12.47 18.48 50.07
C VAL J 297 -13.05 17.36 49.21
N GLY J 298 -13.65 16.37 49.87
CA GLY J 298 -14.19 15.20 49.16
C GLY J 298 -15.37 14.52 49.82
N MET J 299 -16.04 13.66 49.04
CA MET J 299 -17.13 12.86 49.56
C MET J 299 -16.96 11.38 49.27
N THR J 300 -17.74 10.62 50.04
CA THR J 300 -18.05 9.23 49.82
C THR J 300 -19.50 9.26 49.42
N ILE J 301 -19.91 8.44 48.46
CA ILE J 301 -21.36 8.23 48.22
C ILE J 301 -21.70 6.76 47.98
N ALA J 302 -22.28 6.05 48.97
CA ALA J 302 -22.69 4.66 48.77
C ALA J 302 -23.88 4.66 47.84
N ALA J 303 -23.65 4.16 46.62
CA ALA J 303 -24.66 4.16 45.56
C ALA J 303 -25.59 2.94 45.66
N SER J 304 -25.01 1.77 45.95
CA SER J 304 -25.76 0.52 45.98
C SER J 304 -24.96 -0.55 46.70
N GLU J 305 -25.42 -1.80 46.58
CA GLU J 305 -24.59 -2.97 46.86
C GLU J 305 -23.29 -2.82 46.08
N ASN J 306 -22.17 -2.76 46.80
CA ASN J 306 -20.83 -2.79 46.20
C ASN J 306 -20.32 -1.44 45.64
N LEU J 307 -21.18 -0.67 44.96
CA LEU J 307 -20.79 0.57 44.25
C LEU J 307 -20.78 1.86 45.09
N THR J 308 -19.58 2.41 45.29
CA THR J 308 -19.37 3.67 46.03
C THR J 308 -18.77 4.73 45.05
N ILE J 309 -19.22 5.98 45.17
CA ILE J 309 -18.67 7.09 44.38
C ILE J 309 -17.82 7.95 45.30
N VAL J 310 -16.67 8.34 44.78
CA VAL J 310 -15.68 9.13 45.52
C VAL J 310 -15.40 10.42 44.75
N PRO J 311 -16.20 11.48 45.01
CA PRO J 311 -15.81 12.76 44.41
C PRO J 311 -14.74 13.35 45.30
N ASN J 312 -13.80 14.05 44.69
CA ASN J 312 -12.77 14.76 45.46
C ASN J 312 -12.07 15.90 44.70
N LEU J 313 -12.10 17.08 45.34
CA LEU J 313 -11.38 18.25 44.89
C LEU J 313 -10.08 18.34 45.70
N ALA J 314 -8.96 18.53 45.00
CA ALA J 314 -7.64 18.78 45.61
C ALA J 314 -7.08 20.11 45.10
N ILE J 315 -7.11 21.14 45.96
CA ILE J 315 -6.69 22.50 45.59
C ILE J 315 -5.20 22.61 45.84
N GLY J 316 -4.46 23.12 44.84
CA GLY J 316 -3.01 23.33 44.93
C GLY J 316 -2.64 24.54 45.76
N MET J 317 -1.63 24.37 46.59
CA MET J 317 -1.10 25.44 47.44
C MET J 317 0.22 25.99 46.89
N THR J 318 0.86 25.29 45.96
CA THR J 318 2.26 25.59 45.62
C THR J 318 2.51 25.58 44.12
N ASP J 319 3.44 26.44 43.69
CA ASP J 319 3.81 26.59 42.28
C ASP J 319 4.12 25.24 41.62
N ASP J 320 4.75 24.32 42.36
CA ASP J 320 5.05 22.96 41.89
C ASP J 320 3.77 22.16 41.72
N ALA J 321 2.88 22.22 42.71
CA ALA J 321 1.61 21.49 42.65
C ALA J 321 0.76 21.96 41.47
N PRO J 322 -0.24 21.16 41.06
CA PRO J 322 -1.16 21.65 40.05
C PRO J 322 -2.21 22.57 40.68
N ASP J 323 -2.83 23.39 39.85
CA ASP J 323 -3.75 24.42 40.34
C ASP J 323 -4.99 23.80 41.01
N PHE J 324 -5.55 22.76 40.42
CA PHE J 324 -6.61 21.98 41.08
C PHE J 324 -6.74 20.60 40.45
N THR J 325 -7.43 19.73 41.17
CA THR J 325 -7.70 18.38 40.71
C THR J 325 -9.08 17.94 41.17
N PHE J 326 -9.98 17.67 40.22
CA PHE J 326 -11.25 17.01 40.50
C PHE J 326 -11.13 15.56 40.06
N SER J 327 -11.92 14.69 40.69
CA SER J 327 -11.84 13.26 40.43
C SER J 327 -13.00 12.46 40.95
N LEU J 328 -13.31 11.40 40.22
CA LEU J 328 -14.31 10.40 40.62
C LEU J 328 -13.71 9.00 40.59
N LYS J 329 -13.79 8.30 41.72
CA LYS J 329 -13.39 6.90 41.83
C LYS J 329 -14.61 6.05 42.15
N PHE J 330 -14.59 4.82 41.68
CA PHE J 330 -15.72 3.94 41.77
C PHE J 330 -15.27 2.57 42.27
N PRO J 331 -14.96 2.46 43.59
CA PRO J 331 -14.65 1.16 44.19
C PRO J 331 -15.83 0.20 44.27
N TYR J 332 -15.71 -0.89 43.51
CA TYR J 332 -16.68 -1.98 43.41
C TYR J 332 -16.19 -3.15 44.28
N TYR J 333 -17.08 -3.72 45.10
CA TYR J 333 -16.74 -4.83 46.00
C TYR J 333 -17.44 -6.14 45.62
N PHE J 334 -16.70 -7.25 45.66
CA PHE J 334 -17.22 -8.55 45.24
C PHE J 334 -16.37 -9.71 45.76
N ALA K 17 -17.99 23.50 79.21
CA ALA K 17 -17.87 22.51 78.09
C ALA K 17 -16.49 22.63 77.45
N GLN K 18 -15.63 21.61 77.66
CA GLN K 18 -14.18 21.70 77.33
C GLN K 18 -13.85 22.06 75.86
N SER K 19 -14.71 21.71 74.90
CA SER K 19 -14.52 22.11 73.47
C SER K 19 -15.15 23.48 73.14
N VAL K 20 -16.11 23.89 73.97
CA VAL K 20 -16.69 25.22 73.91
C VAL K 20 -15.68 26.22 74.44
N SER K 21 -14.94 25.84 75.49
CA SER K 21 -13.94 26.75 76.08
C SER K 21 -12.79 26.98 75.14
N ASN K 22 -12.20 25.89 74.67
CA ASN K 22 -11.14 26.00 73.67
C ASN K 22 -11.57 26.70 72.38
N LEU K 23 -12.81 26.49 71.92
CA LEU K 23 -13.37 27.17 70.71
C LEU K 23 -13.34 28.72 70.82
N TYR K 24 -13.98 29.25 71.87
CA TYR K 24 -14.00 30.69 72.16
C TYR K 24 -12.60 31.29 72.16
N ASN K 25 -11.65 30.58 72.74
CA ASN K 25 -10.32 31.13 72.98
C ASN K 25 -9.51 31.42 71.73
N GLU K 26 -9.37 30.48 70.82
CA GLU K 26 -8.61 30.76 69.59
C GLU K 26 -9.30 31.86 68.74
N ALA K 27 -10.63 32.00 68.88
CA ALA K 27 -11.36 33.09 68.21
C ALA K 27 -11.16 34.44 68.92
N SER K 28 -11.61 34.51 70.18
CA SER K 28 -11.64 35.76 70.95
C SER K 28 -10.27 36.31 71.38
N GLY K 29 -9.24 35.46 71.42
CA GLY K 29 -7.88 35.85 71.85
C GLY K 29 -7.71 35.95 73.35
N PHE K 30 -8.72 35.52 74.11
CA PHE K 30 -8.85 35.77 75.54
C PHE K 30 -9.21 34.46 76.27
N PHE K 31 -8.22 33.90 76.98
CA PHE K 31 -8.26 32.54 77.60
C PHE K 31 -9.42 32.30 78.61
N GLY K 32 -9.68 31.02 78.90
CA GLY K 32 -10.90 30.62 79.60
C GLY K 32 -10.67 30.33 81.08
N ASN K 33 -10.28 29.09 81.37
CA ASN K 33 -10.03 28.61 82.74
C ASN K 33 -8.56 28.80 83.14
N LYS K 35 -6.43 31.52 85.24
CA LYS K 35 -5.57 32.58 85.76
C LYS K 35 -4.28 32.78 84.94
N PHE K 36 -3.67 31.70 84.45
CA PHE K 36 -2.46 31.77 83.58
C PHE K 36 -2.58 30.98 82.29
N SER K 37 -1.61 31.12 81.43
CA SER K 37 -1.48 30.24 80.28
C SER K 37 -0.07 30.36 79.70
N PHE K 38 0.63 29.23 79.61
CA PHE K 38 1.83 29.10 78.75
C PHE K 38 1.30 28.52 77.45
N GLU K 39 2.10 28.57 76.40
CA GLU K 39 1.68 28.09 75.08
C GLU K 39 2.88 28.04 74.11
N THR K 40 3.25 26.85 73.67
CA THR K 40 4.30 26.70 72.68
C THR K 40 3.69 26.39 71.32
N GLY K 41 4.03 27.20 70.32
CA GLY K 41 3.60 26.96 68.95
C GLY K 41 4.75 26.51 68.08
N ILE K 42 4.44 26.12 66.86
CA ILE K 42 5.45 25.82 65.86
C ILE K 42 4.74 25.96 64.52
N THR K 43 5.37 26.64 63.57
CA THR K 43 4.73 27.01 62.31
C THR K 43 5.66 26.76 61.16
N TYR K 44 5.10 26.58 59.97
CA TYR K 44 5.87 26.46 58.76
C TYR K 44 5.16 27.22 57.69
N ALA K 45 5.88 28.01 56.91
CA ALA K 45 5.29 28.79 55.84
C ALA K 45 6.10 28.67 54.57
N ARG K 46 5.47 28.24 53.47
CA ARG K 46 6.16 28.01 52.21
C ARG K 46 5.95 29.25 51.35
N TYR K 47 6.93 29.62 50.50
CA TYR K 47 6.88 30.82 49.62
C TYR K 47 7.41 30.55 48.20
N ASP K 48 6.74 31.10 47.17
CA ASP K 48 7.14 30.99 45.73
C ASP K 48 6.98 32.33 44.94
N ALA K 49 8.01 32.68 44.16
CA ALA K 49 8.01 33.89 43.32
C ALA K 49 9.10 33.83 42.25
N ILE K 73 12.67 32.54 43.48
CA ILE K 73 12.78 32.40 44.95
C ILE K 73 11.84 31.36 45.58
N LYS K 74 12.40 30.46 46.37
CA LYS K 74 11.65 29.54 47.20
C LYS K 74 12.09 29.79 48.66
N ALA K 75 11.15 29.74 49.61
CA ALA K 75 11.48 30.02 51.02
C ALA K 75 10.78 29.10 52.03
N ASP K 76 11.54 28.64 53.03
CA ASP K 76 11.01 27.82 54.11
C ASP K 76 11.23 28.56 55.42
N ASN K 77 10.15 28.85 56.15
CA ASN K 77 10.22 29.67 57.39
C ASN K 77 9.58 28.99 58.59
N TRP K 78 10.42 28.44 59.45
CA TRP K 78 9.96 27.88 60.71
C TRP K 78 9.88 28.94 61.80
N THR K 79 9.04 28.71 62.80
CA THR K 79 8.77 29.73 63.82
C THR K 79 8.27 29.05 65.09
N LEU K 80 9.15 28.97 66.09
CA LEU K 80 8.80 28.56 67.46
C LEU K 80 8.36 29.79 68.23
N ASP K 81 7.10 29.81 68.68
CA ASP K 81 6.56 30.95 69.44
C ASP K 81 6.32 30.52 70.87
N LEU K 82 6.96 31.18 71.83
CA LEU K 82 6.69 30.93 73.24
C LEU K 82 5.82 32.04 73.76
N THR K 83 4.60 31.74 74.19
CA THR K 83 3.68 32.74 74.71
C THR K 83 3.32 32.37 76.13
N GLY K 84 3.24 33.38 76.98
CA GLY K 84 2.70 33.20 78.32
C GLY K 84 1.81 34.36 78.57
N ALA K 85 0.74 34.15 79.35
CA ALA K 85 -0.12 35.26 79.71
C ALA K 85 -0.72 35.02 81.03
N TYR K 86 -1.19 36.09 81.65
CA TYR K 86 -2.02 35.96 82.84
C TYR K 86 -3.29 36.78 82.71
N ASN K 87 -4.21 36.52 83.63
CA ASN K 87 -5.57 37.05 83.61
C ASN K 87 -6.00 37.34 85.02
N LEU K 88 -6.36 38.61 85.26
CA LEU K 88 -7.00 39.07 86.50
C LEU K 88 -8.51 39.35 86.29
N ASP K 89 -9.34 38.42 86.76
CA ASP K 89 -10.83 38.55 86.97
C ASP K 89 -11.73 38.05 85.84
N ASN K 90 -11.16 37.33 84.87
CA ASN K 90 -11.85 37.00 83.60
C ASN K 90 -12.25 38.28 82.82
N ARG K 91 -11.49 39.35 83.04
CA ARG K 91 -11.76 40.69 82.48
C ARG K 91 -10.51 41.27 81.83
N TRP K 92 -9.38 41.19 82.53
CA TRP K 92 -8.11 41.76 82.08
C TRP K 92 -7.11 40.67 81.79
N GLN K 93 -6.30 40.89 80.75
CA GLN K 93 -5.33 39.90 80.31
C GLN K 93 -4.10 40.53 79.67
N PHE K 94 -2.98 40.35 80.37
CA PHE K 94 -1.64 40.74 79.91
C PHE K 94 -0.91 39.47 79.42
N ASP K 95 -0.26 39.56 78.26
CA ASP K 95 0.45 38.44 77.65
C ASP K 95 1.78 38.83 77.06
N VAL K 96 2.62 37.84 76.82
CA VAL K 96 3.94 38.04 76.22
C VAL K 96 4.13 36.93 75.20
N ASN K 97 4.61 37.29 74.04
CA ASN K 97 4.93 36.31 73.02
C ASN K 97 6.37 36.57 72.69
N VAL K 98 7.13 35.50 72.43
CA VAL K 98 8.52 35.63 72.00
C VAL K 98 8.72 34.65 70.88
N PRO K 99 8.80 35.15 69.65
CA PRO K 99 9.06 34.28 68.51
C PRO K 99 10.52 33.91 68.40
N VAL K 100 10.76 32.75 67.77
CA VAL K 100 12.10 32.23 67.46
C VAL K 100 12.14 31.75 66.00
N VAL K 101 12.66 32.60 65.13
CA VAL K 101 12.65 32.42 63.69
C VAL K 101 13.80 31.52 63.20
N TYR K 102 13.48 30.57 62.30
CA TYR K 102 14.45 29.80 61.49
C TYR K 102 14.05 30.01 60.03
N ARG K 103 14.99 30.28 59.15
CA ARG K 103 14.66 30.50 57.73
C ARG K 103 15.73 29.96 56.77
N GLU K 104 15.30 29.46 55.61
CA GLU K 104 16.16 29.27 54.44
C GLU K 104 15.45 29.83 53.25
N SER K 105 16.09 30.73 52.54
CA SER K 105 15.63 31.20 51.25
C SER K 105 16.51 30.54 50.19
N THR K 106 16.08 30.65 48.93
CA THR K 106 16.73 29.97 47.79
C THR K 106 16.50 30.78 46.50
N TYR K 107 17.57 31.38 45.96
CA TYR K 107 17.51 32.39 44.90
C TYR K 107 17.98 31.84 43.56
N THR K 120 20.79 27.22 35.34
CA THR K 120 21.55 26.22 36.11
C THR K 120 22.17 26.80 37.40
N SER K 121 21.54 27.85 37.96
CA SER K 121 22.14 28.71 39.00
C SER K 121 21.36 28.78 40.33
N GLU K 122 21.74 27.94 41.30
CA GLU K 122 21.02 27.81 42.59
C GLU K 122 21.87 28.31 43.77
N GLU K 123 21.51 29.46 44.34
CA GLU K 123 22.13 29.95 45.57
C GLU K 123 21.12 29.91 46.69
N SER K 124 21.57 29.74 47.93
CA SER K 124 20.68 29.73 49.11
C SER K 124 21.23 30.62 50.23
N VAL K 125 20.39 30.87 51.25
CA VAL K 125 20.73 31.77 52.37
C VAL K 125 19.95 31.35 53.59
N SER K 126 20.64 30.94 54.66
CA SER K 126 19.96 30.51 55.89
C SER K 126 19.94 31.59 56.99
N ARG K 127 19.29 31.27 58.10
CA ARG K 127 19.35 32.05 59.33
C ARG K 127 18.93 31.11 60.44
N ASP K 128 19.90 30.73 61.26
CA ASP K 128 19.71 29.71 62.30
C ASP K 128 19.01 30.37 63.50
N PRO K 129 18.43 29.58 64.42
CA PRO K 129 17.53 30.08 65.48
C PRO K 129 17.94 31.35 66.22
N THR K 130 17.60 32.47 65.60
CA THR K 130 17.72 33.82 66.15
C THR K 130 16.31 34.18 66.57
N ILE K 131 16.11 35.23 67.37
CA ILE K 131 14.75 35.59 67.80
C ILE K 131 14.14 36.73 67.00
N GLY K 132 12.82 36.71 66.83
CA GLY K 132 12.06 37.77 66.15
C GLY K 132 11.57 38.86 67.07
N ASP K 133 10.44 39.45 66.73
CA ASP K 133 9.95 40.65 67.43
C ASP K 133 9.08 40.24 68.62
N VAL K 134 9.61 40.38 69.82
CA VAL K 134 8.83 40.23 71.07
C VAL K 134 7.56 41.12 71.04
N ASN K 135 6.52 40.73 71.78
CA ASN K 135 5.35 41.62 71.94
C ASN K 135 4.54 41.46 73.24
N PHE K 136 4.27 42.58 73.90
CA PHE K 136 3.39 42.65 75.06
C PHE K 136 2.00 42.92 74.48
N GLY K 137 0.96 42.38 75.13
CA GLY K 137 -0.44 42.62 74.74
C GLY K 137 -1.45 42.68 75.88
N ILE K 138 -2.04 43.85 76.13
CA ILE K 138 -3.10 43.97 77.14
C ILE K 138 -4.40 43.59 76.43
N ALA K 139 -5.35 43.05 77.18
CA ALA K 139 -6.67 42.76 76.64
C ALA K 139 -7.76 42.79 77.71
N TYR K 140 -8.91 43.32 77.30
CA TYR K 140 -10.01 43.64 78.18
C TYR K 140 -11.33 43.17 77.59
N LYS K 141 -11.96 42.18 78.23
CA LYS K 141 -13.32 41.75 77.89
C LYS K 141 -14.36 42.76 78.41
N PHE K 142 -15.09 43.40 77.48
CA PHE K 142 -15.96 44.54 77.81
C PHE K 142 -17.46 44.28 77.62
N LEU K 143 -17.84 43.01 77.40
CA LEU K 143 -19.25 42.58 77.22
C LEU K 143 -19.56 41.17 77.81
N GLU K 145 -21.40 37.95 77.08
CA GLU K 145 -22.37 37.41 76.12
C GLU K 145 -23.72 37.09 76.76
N SER K 146 -24.78 37.28 75.97
CA SER K 146 -26.16 37.00 76.34
C SER K 146 -26.94 36.72 75.07
N ALA K 147 -28.23 36.42 75.20
CA ALA K 147 -29.09 36.36 74.02
C ALA K 147 -29.00 37.67 73.23
N THR K 148 -29.07 38.80 73.93
CA THR K 148 -29.08 40.16 73.34
C THR K 148 -27.73 40.58 72.66
N MET K 149 -26.60 40.51 73.39
CA MET K 149 -25.28 40.96 72.86
C MET K 149 -24.17 39.87 73.01
N PRO K 150 -23.10 39.90 72.16
CA PRO K 150 -22.02 38.88 72.13
C PRO K 150 -20.93 38.89 73.24
N ASP K 151 -20.01 37.93 73.18
CA ASP K 151 -18.69 38.02 73.85
C ASP K 151 -17.81 38.93 72.97
N ALA K 152 -17.26 40.00 73.54
CA ALA K 152 -16.40 40.93 72.76
C ALA K 152 -15.25 41.49 73.58
N VAL K 153 -14.02 41.27 73.11
CA VAL K 153 -12.81 41.63 73.84
C VAL K 153 -12.05 42.67 73.04
N VAL K 154 -11.63 43.75 73.70
CA VAL K 154 -10.78 44.81 73.09
C VAL K 154 -9.36 44.77 73.72
N SER K 155 -8.34 45.20 72.98
CA SER K 155 -6.94 44.88 73.33
C SER K 155 -5.91 45.61 72.46
N VAL K 156 -4.89 46.20 73.10
CA VAL K 156 -3.74 46.79 72.38
C VAL K 156 -2.59 45.77 72.39
N ARG K 157 -1.78 45.81 71.33
CA ARG K 157 -0.65 44.92 71.16
C ARG K 157 0.56 45.77 70.73
N VAL K 158 1.56 45.80 71.60
CA VAL K 158 2.77 46.56 71.36
C VAL K 158 3.84 45.61 70.87
N LYS K 159 4.41 45.87 69.69
CA LYS K 159 5.49 45.06 69.14
C LYS K 159 6.82 45.84 69.07
N ALA K 160 7.86 45.27 69.70
CA ALA K 160 9.16 45.89 69.83
C ALA K 160 10.09 45.25 68.82
N PRO K 161 10.98 46.04 68.17
CA PRO K 161 11.91 45.43 67.21
C PRO K 161 13.08 44.66 67.89
N THR K 162 12.77 43.62 68.66
CA THR K 162 13.84 42.83 69.24
C THR K 162 14.50 41.98 68.16
N GLY K 163 13.87 41.77 67.02
CA GLY K 163 14.42 40.87 66.00
C GLY K 163 15.54 41.47 65.22
N LYS K 164 16.03 40.74 64.22
CA LYS K 164 17.11 41.21 63.32
C LYS K 164 16.59 41.94 62.08
N GLU K 165 17.14 43.12 61.84
CA GLU K 165 16.49 44.11 60.99
C GLU K 165 16.65 43.85 59.48
N PRO K 166 15.61 44.14 58.69
CA PRO K 166 15.72 43.96 57.26
C PRO K 166 16.63 44.96 56.61
N PHE K 167 16.78 46.14 57.21
CA PHE K 167 17.47 47.27 56.58
C PHE K 167 18.99 47.19 56.75
N GLY K 168 19.70 47.57 55.68
CA GLY K 168 21.17 47.51 55.63
C GLY K 168 21.75 46.21 55.10
N ILE K 169 20.92 45.18 54.94
CA ILE K 169 21.38 43.87 54.51
C ILE K 169 21.84 44.03 53.06
N LYS K 170 23.03 43.53 52.77
CA LYS K 170 23.69 43.77 51.51
C LYS K 170 23.45 42.62 50.57
N LEU K 171 23.10 42.97 49.32
CA LEU K 171 22.95 42.00 48.26
C LEU K 171 24.35 41.76 47.70
N VAL K 172 25.02 40.70 48.17
CA VAL K 172 26.35 40.31 47.67
C VAL K 172 26.24 39.35 46.49
N VAL K 182 21.78 38.30 45.88
CA VAL K 182 21.55 37.36 46.98
C VAL K 182 21.92 37.93 48.39
N PRO K 183 20.96 37.97 49.33
CA PRO K 183 21.19 38.53 50.68
C PRO K 183 22.32 37.90 51.46
N GLU K 184 23.13 38.71 52.12
CA GLU K 184 24.09 38.21 53.10
C GLU K 184 23.35 37.55 54.26
N SER K 185 22.15 38.04 54.57
CA SER K 185 21.32 37.50 55.66
C SER K 185 19.81 37.67 55.42
N LEU K 186 19.05 36.87 56.14
CA LEU K 186 17.61 37.01 56.19
C LEU K 186 17.31 37.70 57.50
N PRO K 187 16.41 38.70 57.50
CA PRO K 187 16.00 39.35 58.74
C PRO K 187 15.00 38.52 59.51
N THR K 188 14.49 39.04 60.60
CA THR K 188 13.73 38.23 61.54
C THR K 188 12.59 39.06 62.20
N GLY K 189 12.31 40.20 61.57
CA GLY K 189 11.57 41.33 62.17
C GLY K 189 11.78 42.53 61.25
N ASN K 190 10.92 43.55 61.31
CA ASN K 190 10.93 44.64 60.30
C ASN K 190 11.70 45.96 60.63
N GLY K 191 12.29 46.04 61.82
CA GLY K 191 13.03 47.21 62.28
C GLY K 191 12.29 48.14 63.25
N VAL K 192 10.95 48.11 63.22
CA VAL K 192 10.18 49.16 63.88
C VAL K 192 9.32 48.71 65.07
N TRP K 193 8.91 49.71 65.83
CA TRP K 193 7.93 49.54 66.88
C TRP K 193 6.53 49.68 66.28
N SER K 194 5.60 48.84 66.72
CA SER K 194 4.21 49.03 66.38
C SER K 194 3.25 48.93 67.57
N ILE K 195 2.14 49.64 67.45
CA ILE K 195 1.08 49.62 68.43
C ILE K 195 -0.16 49.25 67.61
N THR K 196 -1.00 48.38 68.19
CA THR K 196 -2.06 47.67 67.44
C THR K 196 -3.28 47.43 68.32
N PRO K 197 -4.30 48.31 68.20
CA PRO K 197 -5.57 48.07 68.88
C PRO K 197 -6.45 47.16 68.02
N GLY K 198 -7.26 46.33 68.67
CA GLY K 198 -8.13 45.38 67.98
C GLY K 198 -9.44 45.07 68.71
N LEU K 199 -10.40 44.61 67.90
CA LEU K 199 -11.70 44.12 68.37
C LEU K 199 -11.92 42.70 67.88
N SER K 200 -12.55 41.89 68.72
CA SER K 200 -13.07 40.59 68.34
C SER K 200 -14.48 40.46 68.92
N MET K 201 -15.44 40.01 68.11
CA MET K 201 -16.70 39.55 68.63
C MET K 201 -16.89 38.08 68.30
N VAL K 202 -17.55 37.40 69.24
CA VAL K 202 -17.85 35.99 69.15
C VAL K 202 -19.25 35.78 69.72
N LYS K 203 -20.18 35.30 68.90
CA LYS K 203 -21.45 34.81 69.41
C LYS K 203 -21.80 33.43 68.85
N THR K 204 -22.37 32.64 69.77
CA THR K 204 -22.86 31.32 69.50
C THR K 204 -24.35 31.44 69.28
N PHE K 205 -24.76 31.06 68.08
CA PHE K 205 -26.15 30.87 67.68
C PHE K 205 -26.25 29.38 67.37
N ASP K 206 -26.73 28.59 68.34
CA ASP K 206 -26.41 27.15 68.39
C ASP K 206 -26.60 26.34 67.08
N PRO K 207 -25.66 25.47 66.69
CA PRO K 207 -24.37 25.24 67.33
C PRO K 207 -23.23 25.80 66.50
N ALA K 208 -23.56 26.54 65.44
CA ALA K 208 -22.59 27.38 64.76
C ALA K 208 -22.19 28.47 65.73
N VAL K 209 -20.90 28.77 65.80
CA VAL K 209 -20.39 29.86 66.61
C VAL K 209 -19.78 30.85 65.63
N LEU K 210 -20.38 32.04 65.52
CA LEU K 210 -19.91 33.06 64.60
C LEU K 210 -18.89 33.88 65.32
N PHE K 211 -17.90 34.37 64.59
CA PHE K 211 -16.90 35.29 65.15
C PHE K 211 -16.28 36.18 64.10
N GLY K 212 -15.83 37.34 64.55
CA GLY K 212 -15.21 38.31 63.67
C GLY K 212 -14.24 39.09 64.50
N SER K 213 -13.26 39.70 63.83
CA SER K 213 -12.27 40.55 64.51
C SER K 213 -11.63 41.52 63.52
N VAL K 214 -11.28 42.71 64.00
CA VAL K 214 -10.73 43.75 63.15
C VAL K 214 -9.66 44.47 63.94
N SER K 215 -8.56 44.87 63.27
CA SER K 215 -7.48 45.62 63.94
C SER K 215 -6.77 46.61 63.03
N TYR K 216 -6.03 47.51 63.67
CA TYR K 216 -5.26 48.56 63.02
C TYR K 216 -3.84 48.50 63.59
N THR K 217 -2.82 48.64 62.74
CA THR K 217 -1.41 48.63 63.18
C THR K 217 -0.73 49.92 62.78
N HIS K 218 -0.48 50.78 63.76
CA HIS K 218 0.34 51.98 63.56
C HIS K 218 1.81 51.57 63.71
N ASN K 219 2.64 51.91 62.72
CA ASN K 219 4.12 51.74 62.78
C ASN K 219 4.83 53.05 63.05
N LEU K 220 5.97 52.94 63.72
CA LEU K 220 6.70 54.10 64.19
C LEU K 220 7.91 54.36 63.31
N GLU K 221 8.15 55.65 63.09
CA GLU K 221 9.27 56.14 62.30
C GLU K 221 10.51 55.76 63.10
N ASP K 222 11.53 55.29 62.42
CA ASP K 222 12.74 54.87 63.09
C ASP K 222 13.96 55.23 62.28
N SER K 223 15.07 55.42 63.01
CA SER K 223 16.38 55.79 62.47
C SER K 223 17.20 54.55 62.31
N PHE K 224 18.09 54.56 61.33
CA PHE K 224 18.92 53.41 61.03
C PHE K 224 20.31 53.84 60.60
N ASP K 225 21.31 53.11 61.09
CA ASP K 225 22.70 53.34 60.72
C ASP K 225 22.93 53.14 59.22
N ASP K 226 22.24 52.17 58.61
CA ASP K 226 22.44 51.81 57.19
C ASP K 226 21.10 51.34 56.61
N ILE K 227 20.71 51.86 55.45
CA ILE K 227 19.48 51.45 54.77
C ILE K 227 19.75 51.28 53.31
N SER K 228 20.86 50.66 52.97
CA SER K 228 21.21 50.42 51.58
C SER K 228 21.50 48.94 51.41
N SER K 229 21.29 48.46 50.19
CA SER K 229 21.66 47.10 49.82
C SER K 229 23.01 47.06 49.12
N ASP K 230 23.61 48.23 48.92
CA ASP K 230 24.85 48.38 48.18
C ASP K 230 25.99 48.07 49.16
N VAL K 231 26.59 46.88 49.06
CA VAL K 231 27.82 46.55 49.83
C VAL K 231 28.85 47.70 49.92
N ASN K 232 28.87 48.54 48.88
CA ASN K 232 29.83 49.62 48.72
C ASN K 232 29.40 51.00 49.21
N GLN K 233 28.10 51.19 49.45
CA GLN K 233 27.61 52.43 50.05
C GLN K 233 27.03 52.15 51.43
N LYS K 234 27.10 53.16 52.28
CA LYS K 234 26.40 53.18 53.55
C LYS K 234 25.66 54.50 53.51
N VAL K 235 24.34 54.41 53.44
CA VAL K 235 23.45 55.56 53.44
C VAL K 235 22.52 55.29 54.56
N GLY K 236 22.82 55.82 55.74
CA GLY K 236 21.92 55.75 56.88
C GLY K 236 20.68 56.59 56.65
N GLY K 237 19.65 56.39 57.46
CA GLY K 237 18.40 57.12 57.24
C GLY K 237 17.25 56.76 58.14
N LYS K 238 16.06 57.26 57.80
CA LYS K 238 14.84 56.92 58.51
C LYS K 238 13.86 56.20 57.59
N VAL K 239 13.01 55.37 58.21
CA VAL K 239 11.98 54.62 57.47
C VAL K 239 10.59 54.80 58.11
N ARG K 240 9.55 54.81 57.27
CA ARG K 240 8.15 54.77 57.70
C ARG K 240 7.41 53.66 56.93
N LEU K 241 7.23 52.53 57.61
CA LEU K 241 6.48 51.39 57.09
C LEU K 241 5.01 51.73 57.13
N GLY K 242 4.34 51.60 55.98
CA GLY K 242 2.93 51.96 55.91
C GLY K 242 2.09 51.18 56.87
N ASP K 243 1.14 51.86 57.51
CA ASP K 243 0.24 51.24 58.49
C ASP K 243 -0.65 50.23 57.79
N SER K 244 -1.36 49.42 58.55
CA SER K 244 -2.11 48.29 57.99
C SER K 244 -3.45 48.00 58.68
N PHE K 245 -4.48 47.79 57.84
CA PHE K 245 -5.83 47.44 58.27
C PHE K 245 -5.93 45.90 58.18
N GLN K 246 -6.38 45.26 59.27
CA GLN K 246 -6.56 43.79 59.32
C GLN K 246 -7.91 43.43 59.87
N PHE K 247 -8.50 42.39 59.29
CA PHE K 247 -9.74 41.83 59.81
C PHE K 247 -9.99 40.42 59.26
N GLY K 248 -10.96 39.73 59.86
CA GLY K 248 -11.39 38.44 59.38
C GLY K 248 -12.65 37.97 60.05
N VAL K 249 -13.29 36.98 59.44
CA VAL K 249 -14.48 36.38 60.04
C VAL K 249 -14.49 34.88 59.82
N GLY K 250 -15.29 34.20 60.62
CA GLY K 250 -15.31 32.78 60.58
C GLY K 250 -16.32 32.16 61.50
N VAL K 251 -16.58 30.88 61.24
CA VAL K 251 -17.54 30.09 61.99
C VAL K 251 -16.84 28.86 62.55
N ALA K 252 -17.18 28.52 63.79
CA ALA K 252 -16.64 27.35 64.44
C ALA K 252 -17.77 26.47 64.91
N PHE K 253 -17.45 25.20 65.15
CA PHE K 253 -18.41 24.18 65.51
C PHE K 253 -17.83 23.34 66.59
N ALA K 254 -18.60 23.11 67.65
CA ALA K 254 -18.18 22.19 68.70
C ALA K 254 -18.61 20.76 68.30
N LEU K 255 -17.67 19.95 67.82
CA LEU K 255 -17.97 18.58 67.35
C LEU K 255 -18.34 17.60 68.46
N ASN K 256 -17.75 17.77 69.65
CA ASN K 256 -18.04 16.92 70.82
C ASN K 256 -17.49 17.55 72.14
N GLU K 257 -17.36 16.78 73.21
CA GLU K 257 -16.81 17.31 74.47
C GLU K 257 -15.35 17.77 74.37
N ARG K 258 -14.56 17.22 73.44
CA ARG K 258 -13.12 17.54 73.34
C ARG K 258 -12.68 18.33 72.07
N MET K 259 -13.40 18.18 70.97
CA MET K 259 -12.96 18.72 69.70
C MET K 259 -13.81 19.89 69.21
N SER K 260 -13.19 20.81 68.48
CA SER K 260 -13.88 21.89 67.80
C SER K 260 -13.30 22.01 66.41
N MET K 261 -14.04 22.65 65.51
CA MET K 261 -13.59 22.93 64.15
C MET K 261 -14.02 24.33 63.67
N SER K 262 -13.03 25.16 63.29
CA SER K 262 -13.26 26.49 62.72
C SER K 262 -12.86 26.58 61.23
N PHE K 263 -13.77 27.09 60.42
CA PHE K 263 -13.47 27.60 59.10
C PHE K 263 -13.42 29.11 59.27
N SER K 264 -12.50 29.79 58.60
CA SER K 264 -12.28 31.25 58.81
C SER K 264 -11.73 31.91 57.55
N VAL K 265 -11.90 33.22 57.45
CA VAL K 265 -11.33 34.03 56.35
C VAL K 265 -10.70 35.28 56.95
N SER K 266 -9.64 35.76 56.33
CA SER K 266 -8.94 36.95 56.83
C SER K 266 -8.16 37.71 55.78
N ASP K 267 -8.02 39.01 56.03
CA ASP K 267 -7.40 39.89 55.08
C ASP K 267 -6.65 41.01 55.76
N LEU K 268 -5.55 41.40 55.13
CA LEU K 268 -4.62 42.40 55.66
C LEU K 268 -4.27 43.36 54.49
N ILE K 269 -4.61 44.64 54.67
CA ILE K 269 -4.23 45.66 53.71
C ILE K 269 -3.22 46.54 54.39
N GLN K 270 -2.16 46.88 53.65
CA GLN K 270 -1.01 47.60 54.15
C GLN K 270 -0.63 48.75 53.22
N ARG K 271 -0.64 49.99 53.74
CA ARG K 271 -0.33 51.19 52.99
C ARG K 271 1.15 51.19 52.57
N LYS K 272 1.50 51.96 51.52
CA LYS K 272 2.89 51.99 50.97
C LYS K 272 3.95 52.39 52.02
N SER K 273 5.19 51.93 51.86
CA SER K 273 6.29 52.29 52.79
C SER K 273 7.13 53.45 52.24
N LYS K 274 7.77 54.18 53.15
CA LYS K 274 8.58 55.34 52.79
C LYS K 274 9.94 55.32 53.50
N LEU K 275 10.96 55.82 52.78
CA LEU K 275 12.36 55.91 53.25
C LEU K 275 12.79 57.35 53.22
N LYS K 276 13.74 57.72 54.08
CA LYS K 276 14.46 59.00 53.95
C LYS K 276 15.96 58.77 54.18
N PRO K 277 16.73 58.70 53.08
CA PRO K 277 18.17 58.52 53.22
C PRO K 277 18.79 59.85 53.60
N ASP K 278 19.43 59.93 54.78
CA ASP K 278 19.96 61.24 55.21
C ASP K 278 21.08 61.78 54.24
N GLY K 279 21.12 63.09 53.96
CA GLY K 279 20.09 64.08 54.30
C GLY K 279 19.29 64.34 53.05
N GLY K 280 18.22 63.57 52.85
CA GLY K 280 17.39 63.65 51.63
C GLY K 280 15.91 63.91 51.94
N GLY K 281 15.05 63.61 50.95
CA GLY K 281 13.61 63.74 51.12
C GLY K 281 12.95 62.38 51.17
N TRP K 282 11.75 62.29 51.77
CA TRP K 282 10.98 61.03 51.83
C TRP K 282 10.68 60.56 50.43
N GLN K 283 11.17 59.37 50.08
CA GLN K 283 10.89 58.68 48.80
C GLN K 283 10.14 57.36 49.09
N SER K 284 8.89 57.25 48.65
CA SER K 284 8.13 56.01 48.82
C SER K 284 8.67 54.90 47.88
N ILE K 285 8.48 53.66 48.31
CA ILE K 285 9.06 52.49 47.64
C ILE K 285 7.98 51.83 46.77
N VAL K 286 8.32 51.46 45.53
CA VAL K 286 7.39 50.74 44.63
C VAL K 286 7.16 49.28 45.09
N SER K 287 5.95 48.79 44.83
CA SER K 287 5.45 47.48 45.32
C SER K 287 5.84 47.14 46.77
N SER K 288 5.71 48.12 47.67
CA SER K 288 5.83 47.92 49.12
C SER K 288 4.47 47.72 49.76
N ASP K 289 3.43 48.37 49.21
CA ASP K 289 2.03 48.12 49.61
C ASP K 289 1.65 46.64 49.42
N ALA K 290 0.57 46.19 50.05
CA ALA K 290 0.17 44.78 49.94
C ALA K 290 -1.23 44.46 50.40
N ASN K 291 -1.78 43.38 49.85
CA ASN K 291 -3.01 42.73 50.35
C ASN K 291 -2.77 41.24 50.64
N ALA K 292 -2.68 40.88 51.92
CA ALA K 292 -2.48 39.48 52.28
C ALA K 292 -3.83 38.80 52.55
N GLY K 293 -4.20 37.85 51.70
CA GLY K 293 -5.42 37.07 51.90
C GLY K 293 -5.22 35.64 52.40
N TYR K 294 -5.96 35.27 53.45
CA TYR K 294 -5.86 33.93 54.05
C TYR K 294 -7.23 33.21 54.10
N PHE K 295 -7.19 31.86 54.17
CA PHE K 295 -8.38 31.01 54.40
C PHE K 295 -7.99 29.98 55.41
N ASN K 296 -8.76 29.88 56.47
CA ASN K 296 -8.38 29.08 57.63
C ASN K 296 -9.33 27.94 57.89
N VAL K 297 -8.77 26.74 57.90
CA VAL K 297 -9.42 25.57 58.39
C VAL K 297 -8.59 25.23 59.60
N GLY K 298 -9.24 24.85 60.70
CA GLY K 298 -8.49 24.45 61.88
C GLY K 298 -9.31 23.60 62.81
N MET K 299 -8.66 23.05 63.84
CA MET K 299 -9.34 22.36 64.91
C MET K 299 -8.81 22.79 66.30
N THR K 300 -9.59 22.41 67.32
CA THR K 300 -9.16 22.33 68.71
C THR K 300 -9.19 20.85 68.97
N ILE K 301 -8.30 20.35 69.84
CA ILE K 301 -8.35 18.94 70.33
C ILE K 301 -7.94 18.90 71.80
N ALA K 302 -8.89 18.77 72.73
CA ALA K 302 -8.56 18.65 74.16
C ALA K 302 -7.71 17.42 74.43
N ALA K 303 -6.38 17.62 74.42
CA ALA K 303 -5.35 16.62 74.78
C ALA K 303 -5.62 15.99 76.16
N SER K 304 -5.71 16.84 77.17
CA SER K 304 -5.99 16.41 78.52
C SER K 304 -6.32 17.58 79.46
N GLU K 305 -7.56 18.10 79.36
CA GLU K 305 -8.18 19.02 80.36
C GLU K 305 -7.42 20.33 80.56
N ASN K 306 -6.19 20.21 81.07
CA ASN K 306 -5.25 21.33 81.19
C ASN K 306 -4.51 21.65 79.87
N LEU K 307 -4.30 20.65 79.01
CA LEU K 307 -3.67 20.84 77.67
C LEU K 307 -4.70 20.93 76.54
N THR K 308 -4.27 21.49 75.41
CA THR K 308 -5.03 21.50 74.16
C THR K 308 -4.07 21.36 72.98
N ILE K 309 -4.61 21.01 71.81
CA ILE K 309 -3.85 21.03 70.55
C ILE K 309 -4.66 21.77 69.50
N VAL K 310 -4.06 22.83 68.94
CA VAL K 310 -4.69 23.66 67.92
C VAL K 310 -3.89 23.52 66.63
N PRO K 311 -4.10 22.42 65.90
CA PRO K 311 -3.63 22.45 64.55
C PRO K 311 -4.51 23.41 63.76
N ASN K 312 -3.91 24.09 62.80
CA ASN K 312 -4.63 25.04 61.98
C ASN K 312 -3.86 25.28 60.68
N LEU K 313 -4.58 25.14 59.56
CA LEU K 313 -4.08 25.43 58.23
C LEU K 313 -4.55 26.82 57.90
N ALA K 314 -3.79 27.47 57.04
CA ALA K 314 -4.09 28.81 56.55
C ALA K 314 -3.55 28.86 55.14
N ILE K 315 -4.44 29.10 54.19
CA ILE K 315 -4.07 29.06 52.79
C ILE K 315 -3.98 30.50 52.35
N GLY K 316 -2.88 30.82 51.69
CA GLY K 316 -2.65 32.11 51.09
C GLY K 316 -3.50 32.17 49.86
N MET K 317 -4.03 33.35 49.59
CA MET K 317 -4.83 33.59 48.42
C MET K 317 -4.12 34.53 47.48
N THR K 318 -3.65 35.67 48.01
CA THR K 318 -2.72 36.56 47.31
C THR K 318 -1.23 36.19 47.46
N ASP K 319 -0.38 36.75 46.59
CA ASP K 319 1.09 36.58 46.68
C ASP K 319 1.68 37.12 47.99
N ASP K 320 1.12 38.22 48.44
CA ASP K 320 1.62 38.90 49.58
C ASP K 320 1.46 38.07 50.87
N ALA K 321 0.58 37.05 50.87
CA ALA K 321 0.61 35.98 51.89
C ALA K 321 1.33 34.76 51.34
N PRO K 322 1.95 33.96 52.22
CA PRO K 322 2.61 32.74 51.80
C PRO K 322 1.64 31.68 51.27
N ASP K 323 1.96 31.14 50.09
CA ASP K 323 1.37 29.90 49.53
C ASP K 323 0.51 29.03 50.51
N PHE K 324 1.13 28.57 51.60
CA PHE K 324 0.40 27.97 52.73
C PHE K 324 1.17 28.08 54.04
N THR K 325 0.49 27.75 55.14
CA THR K 325 1.02 27.93 56.49
C THR K 325 0.31 26.94 57.41
N PHE K 326 1.00 25.86 57.76
CA PHE K 326 0.50 24.91 58.77
C PHE K 326 1.08 25.25 60.14
N SER K 327 0.28 25.03 61.19
CA SER K 327 0.65 25.38 62.55
C SER K 327 0.22 24.28 63.51
N LEU K 328 1.06 23.99 64.50
CA LEU K 328 0.71 23.22 65.70
C LEU K 328 0.96 24.09 66.93
N LYS K 329 -0.01 24.15 67.84
CA LYS K 329 0.14 24.90 69.08
C LYS K 329 -0.44 24.11 70.25
N PHE K 330 -0.02 24.47 71.47
CA PHE K 330 -0.22 23.63 72.67
C PHE K 330 -0.45 24.45 73.96
N PRO K 331 -1.61 25.08 74.12
CA PRO K 331 -2.06 25.78 75.35
C PRO K 331 -2.09 24.99 76.71
N TYR K 332 -1.25 25.36 77.68
CA TYR K 332 -1.28 24.84 79.07
C TYR K 332 -2.01 25.88 79.98
N TYR K 333 -2.69 25.45 81.05
CA TYR K 333 -3.56 26.39 81.80
C TYR K 333 -3.36 26.64 83.32
N PHE K 334 -2.49 25.90 84.00
CA PHE K 334 -2.11 26.16 85.44
C PHE K 334 -3.32 26.33 86.39
N ALA L 17 -38.52 24.26 57.17
CA ALA L 17 -37.65 25.16 58.01
C ALA L 17 -37.10 26.38 57.25
N GLN L 18 -36.98 27.53 57.93
CA GLN L 18 -36.62 28.82 57.30
C GLN L 18 -35.27 28.83 56.56
N SER L 19 -34.27 28.20 57.16
CA SER L 19 -32.94 28.06 56.56
C SER L 19 -32.92 27.20 55.31
N VAL L 20 -33.71 26.14 55.28
CA VAL L 20 -33.70 25.19 54.16
C VAL L 20 -34.18 25.85 52.86
N SER L 21 -35.14 26.76 52.98
CA SER L 21 -35.63 27.55 51.83
C SER L 21 -34.50 28.37 51.18
N ASN L 22 -33.67 28.98 52.05
CA ASN L 22 -32.55 29.81 51.63
C ASN L 22 -31.38 29.00 51.06
N LEU L 23 -31.05 27.85 51.67
CA LEU L 23 -30.03 26.90 51.12
C LEU L 23 -30.37 26.71 49.65
N TYR L 24 -31.64 26.37 49.47
CA TYR L 24 -32.24 26.11 48.16
C TYR L 24 -32.25 27.33 47.25
N ASN L 25 -32.62 28.49 47.78
CA ASN L 25 -32.60 29.70 46.99
C ASN L 25 -31.24 29.93 46.36
N GLU L 26 -30.19 29.85 47.17
CA GLU L 26 -28.84 30.18 46.71
C GLU L 26 -28.27 29.07 45.83
N ALA L 27 -28.44 27.80 46.22
CA ALA L 27 -27.91 26.69 45.41
C ALA L 27 -28.48 26.75 43.99
N SER L 28 -29.81 26.92 43.89
CA SER L 28 -30.61 26.84 42.63
C SER L 28 -30.80 28.13 41.85
N GLY L 29 -30.60 29.27 42.51
CA GLY L 29 -30.86 30.57 41.91
C GLY L 29 -32.32 30.77 41.56
N PHE L 30 -33.21 30.27 42.42
CA PHE L 30 -34.64 30.25 42.16
C PHE L 30 -35.41 30.69 43.41
N PHE L 31 -35.61 32.00 43.54
CA PHE L 31 -36.04 32.62 44.80
C PHE L 31 -37.47 32.33 45.18
N GLY L 32 -37.75 31.07 45.54
CA GLY L 32 -39.10 30.57 45.87
C GLY L 32 -39.65 31.00 47.22
N ASN L 33 -40.71 30.33 47.65
CA ASN L 33 -41.51 30.77 48.82
C ASN L 33 -41.73 32.30 49.01
N GLY L 34 -42.01 32.99 47.89
CA GLY L 34 -42.29 34.44 47.85
C GLY L 34 -42.67 34.94 46.45
N LYS L 35 -43.31 36.09 46.34
CA LYS L 35 -43.74 36.64 45.05
C LYS L 35 -42.74 37.65 44.43
N PHE L 36 -42.83 38.96 44.75
CA PHE L 36 -41.77 39.91 44.36
C PHE L 36 -40.53 39.73 45.29
N SER L 37 -39.33 39.98 44.74
CA SER L 37 -38.07 39.85 45.51
C SER L 37 -36.90 40.73 45.01
N PHE L 38 -36.43 41.63 45.87
CA PHE L 38 -35.31 42.52 45.58
C PHE L 38 -34.06 42.01 46.31
N GLU L 39 -32.91 42.13 45.64
CA GLU L 39 -31.63 41.68 46.21
C GLU L 39 -30.52 42.71 45.94
N THR L 40 -29.99 43.26 47.02
CA THR L 40 -28.82 44.13 46.97
C THR L 40 -27.63 43.38 47.56
N GLY L 41 -26.61 43.20 46.72
CA GLY L 41 -25.36 42.58 47.11
C GLY L 41 -24.14 43.37 46.68
N ILE L 42 -23.12 43.33 47.54
CA ILE L 42 -21.84 44.01 47.32
C ILE L 42 -20.80 42.95 47.11
N THR L 43 -19.79 43.25 46.28
CA THR L 43 -18.83 42.25 45.85
C THR L 43 -17.47 42.88 45.66
N TYR L 44 -16.47 42.36 46.36
CA TYR L 44 -15.06 42.77 46.21
C TYR L 44 -14.24 41.61 45.62
N ALA L 45 -13.37 41.92 44.64
CA ALA L 45 -12.49 40.93 44.04
C ALA L 45 -11.11 41.48 43.76
N ARG L 46 -10.14 40.93 44.47
CA ARG L 46 -8.72 41.23 44.27
C ARG L 46 -8.12 40.39 43.18
N TYR L 47 -7.26 40.94 42.33
CA TYR L 47 -6.25 40.11 41.65
C TYR L 47 -4.83 40.70 41.45
N ASP L 48 -3.82 39.87 41.76
CA ASP L 48 -2.41 40.28 41.84
C ASP L 48 -1.57 39.61 40.75
N LYS L 74 -1.67 44.40 39.87
CA LYS L 74 -2.54 44.60 41.04
C LYS L 74 -3.85 45.33 40.62
N ALA L 75 -5.01 44.75 40.95
CA ALA L 75 -6.31 45.36 40.65
C ALA L 75 -7.30 45.15 41.81
N ASP L 76 -8.09 46.18 42.13
CA ASP L 76 -9.07 46.18 43.21
C ASP L 76 -10.48 46.54 42.67
N ASN L 77 -11.31 45.53 42.38
CA ASN L 77 -12.63 45.76 41.77
C ASN L 77 -13.81 45.55 42.71
N TRP L 78 -14.69 46.54 42.79
CA TRP L 78 -15.96 46.38 43.47
C TRP L 78 -17.09 46.23 42.47
N THR L 79 -18.15 45.55 42.90
CA THR L 79 -19.39 45.43 42.15
C THR L 79 -20.56 45.41 43.12
N LEU L 80 -21.51 46.32 42.88
CA LEU L 80 -22.81 46.34 43.53
C LEU L 80 -23.82 45.77 42.51
N ASP L 81 -24.61 44.80 42.96
CA ASP L 81 -25.66 44.16 42.15
C ASP L 81 -27.03 44.44 42.75
N LEU L 82 -27.93 44.91 41.88
CA LEU L 82 -29.31 45.21 42.22
C LEU L 82 -30.15 44.29 41.37
N THR L 83 -30.77 43.31 42.04
CA THR L 83 -31.54 42.24 41.38
C THR L 83 -33.02 42.33 41.80
N GLY L 84 -33.87 42.70 40.84
CA GLY L 84 -35.33 42.64 40.98
C GLY L 84 -35.81 41.34 40.36
N ALA L 85 -36.77 40.67 41.01
CA ALA L 85 -37.33 39.42 40.51
C ALA L 85 -38.76 39.14 41.00
N TYR L 86 -39.51 38.35 40.24
CA TYR L 86 -40.77 37.74 40.73
C TYR L 86 -40.93 36.23 40.37
N ASN L 87 -41.76 35.53 41.15
CA ASN L 87 -41.93 34.08 41.02
C ASN L 87 -43.39 33.60 41.13
N LEU L 88 -43.86 32.92 40.08
CA LEU L 88 -45.23 32.36 39.97
C LEU L 88 -45.31 30.91 40.43
N ASP L 89 -46.02 30.66 41.53
CA ASP L 89 -46.44 29.30 41.91
C ASP L 89 -45.31 28.25 42.01
N ASN L 90 -44.11 28.65 42.44
CA ASN L 90 -42.90 27.81 42.34
C ASN L 90 -42.58 27.23 40.93
N ARG L 91 -43.06 27.90 39.89
CA ARG L 91 -42.96 27.36 38.53
C ARG L 91 -42.20 28.23 37.54
N TRP L 92 -42.41 29.55 37.60
CA TRP L 92 -41.71 30.48 36.71
C TRP L 92 -41.03 31.56 37.54
N GLN L 93 -39.88 32.05 37.08
CA GLN L 93 -39.21 33.18 37.69
C GLN L 93 -38.69 34.12 36.61
N PHE L 94 -38.96 35.39 36.83
CA PHE L 94 -38.46 36.45 35.96
C PHE L 94 -37.63 37.37 36.82
N ASP L 95 -36.52 37.84 36.25
CA ASP L 95 -35.70 38.82 36.93
C ASP L 95 -34.80 39.60 35.99
N VAL L 96 -34.51 40.82 36.44
CA VAL L 96 -33.59 41.73 35.79
C VAL L 96 -32.50 42.09 36.83
N ASN L 97 -31.29 42.24 36.34
CA ASN L 97 -30.16 42.61 37.15
C ASN L 97 -29.51 43.89 36.61
N VAL L 98 -29.08 44.74 37.56
CA VAL L 98 -28.39 45.98 37.26
C VAL L 98 -27.08 46.00 38.07
N PRO L 99 -25.94 45.73 37.39
CA PRO L 99 -24.63 45.80 38.01
C PRO L 99 -24.01 47.22 37.92
N VAL L 100 -23.59 47.74 39.06
CA VAL L 100 -22.80 48.98 39.15
C VAL L 100 -21.38 48.58 39.54
N VAL L 101 -20.38 49.25 38.94
CA VAL L 101 -18.99 48.78 38.90
C VAL L 101 -17.95 49.85 39.34
N TYR L 102 -17.22 49.56 40.42
CA TYR L 102 -16.00 50.30 40.84
C TYR L 102 -14.74 49.52 40.42
N ARG L 103 -13.73 50.22 39.92
CA ARG L 103 -12.49 49.60 39.46
C ARG L 103 -11.27 50.51 39.64
N GLU L 104 -10.14 49.92 40.08
CA GLU L 104 -8.89 50.63 40.34
C GLU L 104 -7.67 49.80 39.92
N SER L 105 -7.34 49.81 38.63
CA SER L 105 -6.30 48.91 38.06
C SER L 105 -4.94 49.60 38.05
N THR L 106 -3.94 48.95 38.63
CA THR L 106 -2.62 49.55 38.91
C THR L 106 -1.46 48.90 38.12
N TYR L 107 -0.90 49.68 37.18
CA TYR L 107 0.26 49.31 36.36
C TYR L 107 1.40 50.26 36.70
N SER L 124 -1.65 53.43 37.61
CA SER L 124 -2.93 53.51 38.33
C SER L 124 -4.03 54.18 37.47
N VAL L 125 -5.18 53.50 37.36
CA VAL L 125 -6.28 53.90 36.48
C VAL L 125 -7.58 53.49 37.16
N SER L 126 -8.63 54.33 37.08
CA SER L 126 -9.83 54.17 37.92
C SER L 126 -11.20 54.51 37.27
N ARG L 127 -12.02 53.49 37.00
CA ARG L 127 -13.40 53.70 36.56
C ARG L 127 -14.37 53.83 37.75
N ASP L 128 -14.81 55.06 38.00
CA ASP L 128 -15.75 55.37 39.10
C ASP L 128 -17.14 54.84 38.72
N PRO L 129 -18.00 54.52 39.72
CA PRO L 129 -19.28 53.84 39.53
C PRO L 129 -19.98 54.05 38.16
N THR L 130 -20.03 52.99 37.37
CA THR L 130 -20.68 52.97 36.06
C THR L 130 -21.57 51.73 35.97
N ILE L 131 -22.61 51.82 35.16
CA ILE L 131 -23.51 50.68 34.98
C ILE L 131 -22.73 49.66 34.15
N GLY L 132 -22.90 48.38 34.49
CA GLY L 132 -22.24 47.29 33.79
C GLY L 132 -23.12 46.76 32.66
N ASP L 133 -23.18 45.45 32.54
CA ASP L 133 -24.00 44.79 31.53
C ASP L 133 -25.26 44.30 32.21
N VAL L 134 -26.36 45.04 31.98
CA VAL L 134 -27.69 44.68 32.47
C VAL L 134 -28.14 43.45 31.73
N ASN L 135 -28.80 42.56 32.48
CA ASN L 135 -29.23 41.24 31.99
C ASN L 135 -30.64 40.91 32.51
N PHE L 136 -31.39 40.15 31.71
CA PHE L 136 -32.81 39.80 31.95
C PHE L 136 -32.81 38.33 32.26
N GLY L 137 -33.81 37.81 32.98
CA GLY L 137 -33.73 36.40 33.44
C GLY L 137 -34.95 35.49 33.56
N ILE L 138 -35.09 34.56 32.60
CA ILE L 138 -36.25 33.65 32.57
C ILE L 138 -35.88 32.28 33.13
N ALA L 139 -36.68 31.76 34.06
CA ALA L 139 -36.39 30.45 34.67
C ALA L 139 -37.66 29.66 34.88
N TYR L 140 -37.60 28.35 34.61
CA TYR L 140 -38.73 27.40 34.69
C TYR L 140 -38.31 26.18 35.51
N LYS L 141 -39.12 25.80 36.52
CA LYS L 141 -38.80 24.64 37.38
C LYS L 141 -39.43 23.29 36.94
N PHE L 142 -38.73 22.57 36.04
CA PHE L 142 -39.30 21.42 35.30
C PHE L 142 -39.42 20.10 36.08
N LEU L 143 -38.80 20.01 37.24
CA LEU L 143 -39.10 18.96 38.23
C LEU L 143 -39.19 19.58 39.63
N ASP L 144 -40.24 19.26 40.38
CA ASP L 144 -40.25 19.52 41.84
C ASP L 144 -39.73 18.26 42.51
N GLU L 145 -38.95 18.41 43.57
CA GLU L 145 -38.26 17.25 44.11
C GLU L 145 -39.25 16.41 44.92
N SER L 146 -39.20 15.11 44.65
CA SER L 146 -39.94 14.08 45.38
C SER L 146 -38.88 13.14 45.91
N ALA L 147 -39.28 12.06 46.59
CA ALA L 147 -38.30 11.07 47.03
C ALA L 147 -37.42 10.60 45.85
N THR L 148 -38.01 10.33 44.70
CA THR L 148 -37.25 9.89 43.51
C THR L 148 -36.40 10.99 42.83
N MET L 149 -36.91 12.21 42.81
CA MET L 149 -36.42 13.24 41.89
C MET L 149 -35.72 14.43 42.58
N PRO L 150 -35.02 15.28 41.82
CA PRO L 150 -34.50 16.54 42.32
C PRO L 150 -35.36 17.76 41.98
N ASP L 151 -35.05 18.92 42.57
CA ASP L 151 -35.45 20.21 41.98
C ASP L 151 -34.59 20.46 40.75
N ALA L 152 -35.24 20.66 39.62
CA ALA L 152 -34.55 20.98 38.39
C ALA L 152 -35.08 22.32 37.94
N VAL L 153 -34.19 23.21 37.52
CA VAL L 153 -34.57 24.45 36.87
C VAL L 153 -33.71 24.65 35.64
N VAL L 154 -34.35 24.66 34.48
CA VAL L 154 -33.71 25.17 33.28
C VAL L 154 -33.95 26.68 33.32
N SER L 155 -32.99 27.44 32.80
CA SER L 155 -33.07 28.90 32.78
C SER L 155 -32.36 29.50 31.58
N VAL L 156 -32.71 30.74 31.28
CA VAL L 156 -32.10 31.50 30.20
C VAL L 156 -31.86 32.90 30.72
N ARG L 157 -30.64 33.38 30.47
CA ARG L 157 -30.25 34.74 30.82
C ARG L 157 -29.78 35.43 29.52
N VAL L 158 -30.35 36.59 29.25
CA VAL L 158 -29.92 37.41 28.13
C VAL L 158 -29.20 38.57 28.76
N LYS L 159 -28.24 39.13 28.03
CA LYS L 159 -27.34 40.14 28.54
C LYS L 159 -27.12 41.27 27.52
N ALA L 160 -27.56 42.46 27.90
CA ALA L 160 -27.44 43.63 27.05
C ALA L 160 -26.02 44.13 27.15
N PRO L 161 -25.43 44.64 26.05
CA PRO L 161 -24.12 45.32 26.09
C PRO L 161 -24.21 46.81 26.49
N THR L 162 -24.93 47.08 27.59
CA THR L 162 -25.11 48.44 28.06
C THR L 162 -23.78 48.95 28.61
N GLY L 163 -23.06 48.08 29.32
CA GLY L 163 -21.77 48.40 29.93
C GLY L 163 -20.68 48.79 28.94
N LYS L 164 -19.86 49.78 29.35
CA LYS L 164 -18.79 50.39 28.53
C LYS L 164 -17.72 49.37 28.14
N GLU L 165 -17.48 49.22 26.84
CA GLU L 165 -16.72 48.07 26.34
C GLU L 165 -15.21 48.28 26.28
N PRO L 166 -14.43 47.18 26.21
CA PRO L 166 -12.97 47.25 26.06
C PRO L 166 -12.41 47.64 24.69
N PHE L 167 -13.09 47.21 23.63
CA PHE L 167 -12.50 47.11 22.29
C PHE L 167 -11.83 48.35 21.67
N GLY L 168 -12.38 49.52 21.90
CA GLY L 168 -11.75 50.77 21.44
C GLY L 168 -10.60 51.33 22.27
N ILE L 169 -10.43 50.83 23.50
CA ILE L 169 -9.59 51.51 24.50
C ILE L 169 -8.14 51.62 24.04
N LYS L 170 -7.51 52.75 24.34
CA LYS L 170 -6.11 53.03 23.97
C LYS L 170 -5.09 52.71 25.08
N LEU L 171 -4.00 52.00 24.69
CA LEU L 171 -2.96 51.51 25.63
C LEU L 171 -2.00 52.61 26.03
N PRO L 183 -3.41 52.30 29.17
CA PRO L 183 -4.85 52.04 29.35
C PRO L 183 -5.67 53.30 29.74
N GLU L 184 -6.12 54.06 28.74
CA GLU L 184 -6.87 55.35 28.92
C GLU L 184 -8.11 55.27 29.85
N SER L 185 -8.80 54.13 29.79
CA SER L 185 -9.90 53.79 30.68
C SER L 185 -9.93 52.26 30.90
N LEU L 186 -10.76 51.82 31.86
CA LEU L 186 -11.06 50.39 32.04
C LEU L 186 -12.53 50.13 31.67
N PRO L 187 -12.83 48.98 31.04
CA PRO L 187 -14.21 48.67 30.68
C PRO L 187 -15.10 48.30 31.88
N THR L 188 -16.40 48.17 31.64
CA THR L 188 -17.31 47.68 32.67
C THR L 188 -18.27 46.58 32.14
N GLY L 189 -17.80 45.84 31.14
CA GLY L 189 -18.59 44.79 30.49
C GLY L 189 -18.00 44.47 29.13
N ASN L 190 -18.24 43.25 28.64
CA ASN L 190 -17.60 42.77 27.41
C ASN L 190 -18.15 43.35 26.10
N GLY L 191 -19.27 44.06 26.18
CA GLY L 191 -19.78 44.82 25.05
C GLY L 191 -20.36 44.03 23.89
N VAL L 192 -20.91 42.86 24.16
CA VAL L 192 -21.70 42.14 23.16
C VAL L 192 -22.91 41.48 23.81
N TRP L 193 -23.83 41.04 22.95
CA TRP L 193 -25.02 40.29 23.37
C TRP L 193 -24.68 38.86 23.73
N SER L 194 -25.33 38.32 24.76
CA SER L 194 -25.08 36.94 25.15
C SER L 194 -26.31 36.28 25.77
N ILE L 195 -26.79 35.24 25.08
CA ILE L 195 -27.80 34.33 25.62
C ILE L 195 -27.09 33.21 26.44
N THR L 196 -27.74 32.76 27.49
CA THR L 196 -27.10 31.93 28.51
C THR L 196 -28.09 30.91 29.07
N PRO L 197 -28.25 29.76 28.37
CA PRO L 197 -29.06 28.64 28.82
C PRO L 197 -28.34 27.87 29.90
N GLY L 198 -29.11 27.19 30.76
CA GLY L 198 -28.54 26.49 31.90
C GLY L 198 -29.47 25.70 32.80
N LEU L 199 -28.93 24.61 33.34
CA LEU L 199 -29.63 23.64 34.17
C LEU L 199 -29.13 23.74 35.62
N SER L 200 -29.91 23.28 36.60
CA SER L 200 -29.44 23.21 37.98
C SER L 200 -30.22 22.21 38.89
N MET L 201 -29.59 21.07 39.19
CA MET L 201 -30.13 20.11 40.18
C MET L 201 -29.85 20.52 41.60
N VAL L 202 -30.81 20.24 42.48
CA VAL L 202 -30.62 20.24 43.93
C VAL L 202 -31.48 19.10 44.48
N LYS L 203 -30.89 18.29 45.34
CA LYS L 203 -31.63 17.22 46.01
C LYS L 203 -31.05 16.98 47.39
N THR L 204 -31.96 16.81 48.35
CA THR L 204 -31.58 16.42 49.69
C THR L 204 -31.27 14.94 49.76
N PHE L 205 -30.16 14.60 50.42
CA PHE L 205 -29.96 13.30 51.02
C PHE L 205 -29.55 13.58 52.47
N ASP L 206 -30.57 13.76 53.32
CA ASP L 206 -30.41 14.31 54.68
C ASP L 206 -29.17 13.82 55.47
N PRO L 207 -28.42 14.68 56.18
CA PRO L 207 -28.63 16.13 56.28
C PRO L 207 -27.94 16.93 55.17
N ALA L 208 -27.31 16.22 54.23
CA ALA L 208 -26.67 16.84 53.08
C ALA L 208 -27.69 17.33 52.07
N VAL L 209 -27.42 18.49 51.46
CA VAL L 209 -28.14 18.91 50.26
C VAL L 209 -27.12 19.01 49.12
N LEU L 210 -27.03 17.95 48.32
CA LEU L 210 -26.22 18.02 47.11
C LEU L 210 -26.91 18.95 46.11
N PHE L 211 -26.11 19.52 45.20
CA PHE L 211 -26.59 20.46 44.20
C PHE L 211 -25.54 20.70 43.14
N GLY L 212 -26.01 20.95 41.93
CA GLY L 212 -25.13 21.11 40.81
C GLY L 212 -25.78 21.98 39.79
N SER L 213 -24.93 22.49 38.89
CA SER L 213 -25.24 23.57 37.94
C SER L 213 -24.36 23.36 36.72
N VAL L 214 -24.86 23.75 35.56
CA VAL L 214 -24.13 23.66 34.29
C VAL L 214 -24.74 24.65 33.30
N SER L 215 -23.90 25.27 32.47
CA SER L 215 -24.32 26.48 31.78
C SER L 215 -23.43 26.79 30.56
N TYR L 216 -24.06 27.17 29.46
CA TYR L 216 -23.37 27.47 28.21
C TYR L 216 -23.61 28.96 27.91
N THR L 217 -22.74 29.60 27.15
CA THR L 217 -22.94 31.00 26.74
C THR L 217 -22.46 31.30 25.33
N HIS L 218 -23.41 31.47 24.42
CA HIS L 218 -23.11 32.03 23.12
C HIS L 218 -22.99 33.52 23.33
N ASN L 219 -21.95 34.12 22.76
CA ASN L 219 -21.92 35.56 22.56
C ASN L 219 -22.23 35.80 21.10
N LEU L 220 -22.88 36.91 20.82
CA LEU L 220 -23.15 37.30 19.44
C LEU L 220 -22.00 38.15 18.92
N GLU L 221 -21.87 38.21 17.60
CA GLU L 221 -20.87 39.09 16.96
C GLU L 221 -21.30 40.54 17.17
N ASP L 222 -20.48 41.46 16.69
CA ASP L 222 -20.79 42.89 16.64
C ASP L 222 -19.67 43.52 15.81
N SER L 223 -19.78 44.81 15.55
CA SER L 223 -18.74 45.56 14.82
C SER L 223 -18.41 46.83 15.56
N PHE L 224 -17.21 47.33 15.30
CA PHE L 224 -16.65 48.41 16.10
C PHE L 224 -15.76 49.31 15.23
N SER L 229 -4.84 49.53 21.51
CA SER L 229 -4.58 49.71 20.09
C SER L 229 -4.58 51.22 19.74
N VAL L 231 -2.45 53.39 19.11
CA VAL L 231 -3.08 54.50 19.83
C VAL L 231 -3.29 55.71 18.91
N ASN L 232 -2.42 55.88 17.90
CA ASN L 232 -2.67 56.80 16.78
C ASN L 232 -3.35 56.13 15.58
N GLN L 233 -3.66 54.83 15.70
CA GLN L 233 -4.41 54.05 14.68
C GLN L 233 -5.89 53.91 15.09
N LYS L 234 -6.79 53.94 14.10
CA LYS L 234 -8.24 53.64 14.28
C LYS L 234 -8.77 52.74 13.14
N VAL L 235 -8.67 51.42 13.32
CA VAL L 235 -9.17 50.40 12.38
C VAL L 235 -10.44 49.71 12.93
N GLY L 236 -11.57 49.89 12.24
CA GLY L 236 -12.83 49.23 12.62
C GLY L 236 -12.91 47.79 12.13
N GLY L 237 -13.86 47.05 12.67
CA GLY L 237 -14.05 45.64 12.30
C GLY L 237 -15.07 44.89 13.15
N LYS L 238 -15.22 43.60 12.85
CA LYS L 238 -16.13 42.70 13.57
C LYS L 238 -15.38 41.74 14.54
N VAL L 239 -15.96 41.49 15.72
CA VAL L 239 -15.38 40.57 16.73
C VAL L 239 -16.37 39.54 17.28
N ARG L 240 -15.89 38.31 17.49
CA ARG L 240 -16.69 37.19 18.00
C ARG L 240 -16.05 36.65 19.29
N LEU L 241 -16.58 37.06 20.44
CA LEU L 241 -16.10 36.55 21.70
C LEU L 241 -16.37 35.08 21.80
N GLY L 242 -15.35 34.34 22.24
CA GLY L 242 -15.43 32.89 22.28
C GLY L 242 -16.47 32.45 23.27
N ASP L 243 -17.13 31.36 22.95
CA ASP L 243 -18.22 30.83 23.80
C ASP L 243 -17.64 30.17 25.07
N SER L 244 -18.52 29.74 25.98
CA SER L 244 -18.09 29.52 27.34
C SER L 244 -18.92 28.49 28.10
N PHE L 245 -18.28 27.38 28.43
CA PHE L 245 -18.93 26.33 29.19
C PHE L 245 -18.72 26.68 30.65
N GLN L 246 -19.70 26.35 31.47
CA GLN L 246 -19.64 26.58 32.91
C GLN L 246 -20.30 25.39 33.60
N PHE L 247 -19.71 24.92 34.69
CA PHE L 247 -20.34 23.91 35.53
C PHE L 247 -19.83 23.99 36.96
N GLY L 248 -20.58 23.36 37.86
CA GLY L 248 -20.24 23.34 39.27
C GLY L 248 -21.02 22.32 40.07
N VAL L 249 -20.50 22.03 41.26
CA VAL L 249 -21.05 21.04 42.15
C VAL L 249 -20.72 21.51 43.57
N GLY L 250 -21.51 21.08 44.55
CA GLY L 250 -21.25 21.44 45.94
C GLY L 250 -22.19 20.73 46.86
N VAL L 251 -21.90 20.72 48.15
CA VAL L 251 -22.83 20.21 49.16
C VAL L 251 -23.11 21.33 50.13
N ALA L 252 -24.19 21.21 50.90
CA ALA L 252 -24.57 22.21 51.91
C ALA L 252 -25.37 21.63 53.07
N PHE L 253 -25.49 22.39 54.16
CA PHE L 253 -26.08 21.91 55.42
C PHE L 253 -26.93 23.00 56.07
N ALA L 254 -28.15 22.64 56.48
CA ALA L 254 -28.94 23.51 57.31
C ALA L 254 -28.52 23.22 58.73
N LEU L 255 -27.79 24.17 59.30
CA LEU L 255 -27.17 24.04 60.63
C LEU L 255 -28.14 24.33 61.78
N ASN L 256 -29.20 25.10 61.52
CA ASN L 256 -30.28 25.35 62.49
C ASN L 256 -31.50 26.00 61.77
N GLU L 257 -32.48 26.53 62.52
CA GLU L 257 -33.63 27.21 61.88
C GLU L 257 -33.19 28.42 61.02
N ARG L 258 -32.10 29.11 61.38
CA ARG L 258 -31.72 30.40 60.74
C ARG L 258 -30.52 30.40 59.74
N MET L 259 -29.63 29.42 59.83
CA MET L 259 -28.43 29.43 58.99
C MET L 259 -28.02 28.11 58.32
N SER L 260 -27.37 28.25 57.17
CA SER L 260 -26.90 27.15 56.37
C SER L 260 -25.41 27.27 56.17
N MET L 261 -24.84 26.32 55.48
CA MET L 261 -23.48 26.46 55.01
C MET L 261 -23.29 25.67 53.73
N SER L 262 -22.58 26.23 52.75
CA SER L 262 -22.24 25.47 51.54
C SER L 262 -20.75 25.26 51.50
N PHE L 263 -20.36 24.32 50.65
CA PHE L 263 -19.02 24.25 50.10
C PHE L 263 -19.28 23.96 48.63
N SER L 264 -18.52 24.57 47.73
CA SER L 264 -18.78 24.35 46.29
C SER L 264 -17.57 24.64 45.41
N VAL L 265 -17.62 24.11 44.19
CA VAL L 265 -16.55 24.31 43.20
C VAL L 265 -17.14 24.43 41.83
N SER L 266 -16.96 25.57 41.21
CA SER L 266 -17.28 25.73 39.80
C SER L 266 -15.99 25.69 39.02
N ASP L 267 -16.10 25.42 37.73
CA ASP L 267 -15.07 25.71 36.81
C ASP L 267 -15.75 26.48 35.70
N LEU L 268 -14.98 27.34 35.03
CA LEU L 268 -15.46 28.10 33.87
C LEU L 268 -14.45 27.96 32.75
N ILE L 269 -14.89 27.46 31.60
CA ILE L 269 -14.04 27.29 30.43
C ILE L 269 -14.53 28.19 29.31
N GLN L 270 -13.69 29.14 28.88
CA GLN L 270 -13.95 29.99 27.71
C GLN L 270 -13.11 29.57 26.50
N ARG L 271 -13.80 29.38 25.36
CA ARG L 271 -13.16 29.12 24.05
C ARG L 271 -12.53 30.42 23.54
N LYS L 272 -11.69 30.33 22.50
CA LYS L 272 -10.91 31.50 22.05
C LYS L 272 -11.77 32.58 21.28
N SER L 273 -11.41 33.86 21.44
CA SER L 273 -12.11 35.01 20.82
C SER L 273 -11.40 35.45 19.57
N LYS L 274 -12.15 35.65 18.48
CA LYS L 274 -11.63 36.04 17.16
C LYS L 274 -11.99 37.51 16.79
N LEU L 275 -11.01 38.27 16.28
CA LEU L 275 -11.19 39.64 15.72
C LEU L 275 -10.96 39.64 14.19
N LYS L 276 -11.75 40.43 13.45
CA LYS L 276 -11.60 40.57 12.00
C LYS L 276 -11.52 42.06 11.64
N PRO L 277 -10.47 42.47 10.91
CA PRO L 277 -10.37 43.85 10.48
C PRO L 277 -11.08 44.04 9.15
N ASP L 278 -11.44 45.29 8.83
CA ASP L 278 -12.09 45.65 7.55
C ASP L 278 -11.06 45.71 6.41
N GLY L 281 -8.85 39.15 7.19
CA GLY L 281 -9.87 38.27 7.74
C GLY L 281 -9.60 37.90 9.18
N TRP L 282 -10.20 36.79 9.64
CA TRP L 282 -10.08 36.30 11.04
C TRP L 282 -8.72 35.65 11.32
N SER L 284 -7.66 35.82 15.76
CA SER L 284 -7.86 35.38 17.15
C SER L 284 -6.79 35.91 18.06
N ILE L 285 -7.22 36.54 19.18
CA ILE L 285 -6.32 37.03 20.22
C ILE L 285 -5.65 35.83 20.95
N VAL L 286 -4.32 35.75 20.88
CA VAL L 286 -3.54 34.58 21.36
C VAL L 286 -3.78 34.22 22.82
N SER L 287 -3.91 35.22 23.70
CA SER L 287 -4.18 34.94 25.10
C SER L 287 -5.59 34.44 25.40
N SER L 288 -6.58 34.91 24.64
CA SER L 288 -7.99 35.00 25.09
C SER L 288 -8.62 33.81 25.82
N ASP L 289 -8.29 32.57 25.42
CA ASP L 289 -8.88 31.33 26.06
C ASP L 289 -8.67 31.29 27.58
N ALA L 290 -9.54 30.61 28.31
CA ALA L 290 -9.49 30.73 29.78
C ALA L 290 -10.16 29.61 30.53
N ASN L 291 -9.45 29.01 31.47
CA ASN L 291 -10.08 28.23 32.53
C ASN L 291 -10.02 28.94 33.89
N ALA L 292 -11.14 29.51 34.35
CA ALA L 292 -11.24 30.10 35.69
C ALA L 292 -11.92 29.14 36.67
N GLY L 293 -11.14 28.60 37.59
CA GLY L 293 -11.67 27.69 38.61
C GLY L 293 -12.01 28.46 39.86
N TYR L 294 -12.86 27.87 40.71
CA TYR L 294 -13.27 28.48 42.00
C TYR L 294 -13.56 27.45 43.11
N PHE L 295 -13.15 27.74 44.35
CA PHE L 295 -13.59 26.99 45.51
C PHE L 295 -14.35 27.94 46.43
N ASN L 296 -15.54 27.54 46.81
CA ASN L 296 -16.53 28.45 47.37
C ASN L 296 -17.05 27.98 48.73
N VAL L 297 -16.71 28.73 49.75
CA VAL L 297 -17.34 28.52 51.03
C VAL L 297 -18.38 29.63 51.13
N GLY L 298 -19.49 29.38 51.81
CA GLY L 298 -20.58 30.35 51.93
C GLY L 298 -21.54 29.99 53.04
N MET L 299 -22.35 30.97 53.46
CA MET L 299 -23.36 30.79 54.51
C MET L 299 -24.61 31.54 54.14
N THR L 300 -25.70 31.25 54.88
CA THR L 300 -26.97 31.97 54.74
C THR L 300 -27.61 32.22 56.11
N ILE L 301 -27.64 33.48 56.53
CA ILE L 301 -28.10 33.86 57.89
C ILE L 301 -29.40 34.68 57.86
N ALA L 302 -30.47 34.07 58.38
CA ALA L 302 -31.79 34.71 58.54
C ALA L 302 -31.76 35.92 59.47
N ALA L 303 -31.74 37.11 58.86
CA ALA L 303 -31.90 38.38 59.57
C ALA L 303 -33.30 38.47 60.19
N SER L 304 -34.22 39.22 59.59
CA SER L 304 -35.59 39.37 60.11
C SER L 304 -36.46 38.20 59.64
N GLU L 305 -37.77 38.31 59.86
CA GLU L 305 -38.75 37.43 59.19
C GLU L 305 -38.59 37.36 57.64
N ASN L 306 -38.13 38.46 57.02
CA ASN L 306 -38.05 38.65 55.55
C ASN L 306 -36.66 38.72 54.88
N LEU L 307 -35.63 39.09 55.65
CA LEU L 307 -34.30 39.35 55.09
C LEU L 307 -33.35 38.14 55.27
N THR L 308 -32.61 37.83 54.21
CA THR L 308 -31.48 36.90 54.25
C THR L 308 -30.12 37.67 54.08
N ILE L 309 -29.07 37.20 54.77
CA ILE L 309 -27.73 37.78 54.71
C ILE L 309 -26.80 36.69 54.19
N VAL L 310 -26.14 36.92 53.05
CA VAL L 310 -25.45 35.83 52.32
C VAL L 310 -23.96 36.12 52.12
N PRO L 311 -23.11 35.80 53.13
CA PRO L 311 -21.66 35.93 52.89
C PRO L 311 -21.16 34.76 52.09
N ASN L 312 -20.10 34.99 51.31
CA ASN L 312 -19.53 33.95 50.45
C ASN L 312 -18.09 34.22 50.01
N LEU L 313 -17.15 33.39 50.47
CA LEU L 313 -15.80 33.40 49.90
C LEU L 313 -15.79 32.70 48.54
N ALA L 314 -14.92 33.15 47.65
CA ALA L 314 -14.63 32.38 46.44
C ALA L 314 -13.15 32.46 46.20
N ILE L 315 -12.45 31.36 46.48
CA ILE L 315 -11.01 31.30 46.29
C ILE L 315 -10.72 30.98 44.83
N GLY L 316 -9.63 31.51 44.32
CA GLY L 316 -9.25 31.24 42.94
C GLY L 316 -8.26 30.11 42.93
N MET L 317 -8.40 29.22 41.97
CA MET L 317 -7.48 28.10 41.85
C MET L 317 -6.50 28.33 40.70
N THR L 318 -6.96 28.90 39.59
CA THR L 318 -6.12 29.14 38.43
C THR L 318 -5.78 30.63 38.22
N ASP L 319 -4.80 30.88 37.34
CA ASP L 319 -4.29 32.24 37.03
C ASP L 319 -5.35 33.17 36.44
N ASP L 320 -6.36 32.65 35.75
CA ASP L 320 -7.37 33.49 35.09
C ASP L 320 -8.56 33.79 35.97
N ALA L 321 -8.37 33.76 37.28
CA ALA L 321 -9.46 34.00 38.20
C ALA L 321 -8.96 34.75 39.40
N PRO L 322 -9.77 35.68 39.89
CA PRO L 322 -9.34 36.50 40.99
C PRO L 322 -8.73 35.69 42.12
N ASP L 323 -7.52 36.05 42.54
CA ASP L 323 -6.90 35.53 43.77
C ASP L 323 -8.00 35.14 44.74
N PHE L 324 -8.87 36.10 45.05
CA PHE L 324 -10.08 35.84 45.83
C PHE L 324 -11.22 36.82 45.54
N THR L 325 -12.40 36.46 46.02
CA THR L 325 -13.58 37.27 45.85
C THR L 325 -14.41 37.18 47.11
N PHE L 326 -14.37 38.22 47.92
CA PHE L 326 -15.26 38.29 49.07
C PHE L 326 -16.58 38.69 48.45
N SER L 327 -17.65 38.56 49.24
CA SER L 327 -19.01 38.80 48.74
C SER L 327 -20.03 38.84 49.86
N LEU L 328 -21.03 39.71 49.69
CA LEU L 328 -22.09 39.87 50.67
C LEU L 328 -23.33 40.29 49.91
N LYS L 329 -24.35 39.43 49.90
CA LYS L 329 -25.64 39.74 49.27
C LYS L 329 -26.79 39.68 50.28
N PHE L 330 -27.74 40.61 50.12
CA PHE L 330 -28.91 40.74 50.99
C PHE L 330 -30.23 40.64 50.17
N PRO L 331 -30.78 39.42 49.98
CA PRO L 331 -32.09 39.30 49.33
C PRO L 331 -33.28 39.53 50.27
N TYR L 332 -34.30 40.23 49.77
CA TYR L 332 -35.52 40.51 50.51
C TYR L 332 -36.69 39.92 49.77
N TYR L 333 -37.57 39.25 50.51
CA TYR L 333 -38.78 38.63 49.97
C TYR L 333 -39.94 39.38 50.62
N PHE L 334 -40.77 40.02 49.80
CA PHE L 334 -41.95 40.78 50.28
C PHE L 334 -43.04 39.85 50.83
C1 C8E M . -9.85 5.69 -42.70
C2 C8E M . -9.05 6.92 -43.05
C3 C8E M . -9.82 8.24 -42.88
C4 C8E M . -10.36 8.79 -44.20
C5 C8E M . -9.39 9.77 -44.87
C6 C8E M . -9.56 9.78 -46.38
C7 C8E M . -8.97 11.04 -47.01
C8 C8E M . -8.20 10.74 -48.30
O9 C8E M . -8.18 11.91 -49.14
C10 C8E M . -7.06 12.05 -50.03
C11 C8E M . -6.46 13.46 -49.89
O12 C8E M . -6.09 13.72 -48.52
C13 C8E M . -5.55 15.02 -48.26
C14 C8E M . -4.68 15.06 -46.99
O15 C8E M . -4.36 13.74 -46.50
C16 C8E M . -3.07 13.59 -45.89
C17 C8E M . -2.90 12.22 -45.20
O18 C8E M . -1.67 11.58 -45.57
C19 C8E M . -0.47 12.13 -45.01
C20 C8E M . 0.63 12.22 -46.08
O21 C8E M . 1.56 13.30 -45.88
C1 C8E N . -7.14 0.46 -59.85
C2 C8E N . -6.36 1.43 -58.99
C3 C8E N . -4.87 1.58 -59.39
C4 C8E N . -3.84 0.98 -58.38
C5 C8E N . -2.41 1.53 -58.46
C6 C8E N . -1.40 0.74 -59.34
C7 C8E N . -1.26 1.25 -60.79
C8 C8E N . 0.02 0.84 -61.51
C8 C8E O . -1.88 29.97 -34.92
O9 C8E O . -0.81 30.25 -35.84
C10 C8E O . -1.13 31.12 -36.93
C11 C8E O . -0.19 32.34 -36.98
O12 C8E O . 1.15 31.96 -37.31
C13 C8E O . 2.20 32.66 -36.62
C14 C8E O . 3.60 32.14 -37.01
O15 C8E O . 4.32 33.14 -37.75
C16 C8E O . 5.52 32.74 -38.42
C17 C8E O . 5.55 33.28 -39.86
O18 C8E O . 6.89 33.47 -40.35
C19 C8E O . 7.53 32.32 -40.95
N1 LDA P . -7.19 19.89 -20.22
O1 LDA P . -6.77 18.72 -20.09
CM1 LDA P . -7.54 20.38 -18.87
CM2 LDA P . -8.40 19.88 -21.06
C1 LDA P . -6.12 20.78 -20.77
C2 LDA P . -5.73 20.58 -22.24
C3 LDA P . -5.09 19.22 -22.53
C4 LDA P . -4.14 19.30 -23.72
C5 LDA P . -3.74 17.93 -24.24
C6 LDA P . -2.65 18.04 -25.32
C8 LDA P . 1.77 18.06 -25.09
C10 LDA P . 2.50 15.45 -22.73
N1 LDA Q . -29.77 38.70 -56.94
O1 LDA Q . -30.11 37.57 -57.36
CM1 LDA Q . -30.97 39.54 -56.73
CM2 LDA Q . -28.96 39.34 -57.97
C1 LDA Q . -29.04 38.59 -55.64
C2 LDA Q . -27.73 37.78 -55.66
C3 LDA Q . -27.26 37.41 -54.24
C4 LDA Q . -28.07 36.25 -53.62
C5 LDA Q . -27.17 35.28 -52.85
C13 C8E R . -7.21 61.34 -22.38
C14 C8E R . -6.54 60.28 -21.51
O15 C8E R . -5.85 60.87 -20.39
C16 C8E R . -4.53 61.31 -20.75
C17 C8E R . -3.85 62.01 -19.56
O18 C8E R . -2.98 63.05 -20.02
C19 C8E R . -1.86 62.63 -20.81
C20 C8E R . -0.64 63.44 -20.40
O21 C8E R . -0.27 64.36 -21.43
C1 C8E S . -20.51 58.54 -19.45
C2 C8E S . -19.18 57.96 -18.95
C3 C8E S . -17.97 58.91 -19.13
C4 C8E S . -16.94 58.84 -17.99
C5 C8E S . -15.48 59.16 -18.38
C6 C8E S . -14.55 59.39 -17.18
C7 C8E S . -13.25 58.59 -17.24
C8 C8E S . -12.45 58.59 -15.93
O9 C8E S . -11.91 57.28 -15.57
C10 C8E S . -12.83 56.24 -15.14
C11 C8E S . -12.39 55.54 -13.85
N1 LDA T . -9.05 43.51 -29.87
O1 LDA T . -10.21 43.65 -29.43
CM1 LDA T . -8.72 44.76 -30.59
CM2 LDA T . -8.98 42.40 -30.82
C1 LDA T . -8.06 43.35 -28.75
C2 LDA T . -8.43 42.27 -27.72
C3 LDA T . -8.58 42.81 -26.29
C4 LDA T . -9.87 43.61 -26.07
C5 LDA T . -9.66 45.12 -26.10
N1 LDA U . 8.91 6.41 -42.30
O1 LDA U . 8.91 6.75 -41.10
CM1 LDA U . 10.01 5.48 -42.57
CM2 LDA U . 9.20 7.65 -43.02
C1 LDA U . 7.56 5.83 -42.56
C2 LDA U . 7.38 4.76 -43.66
C3 LDA U . 6.39 3.70 -43.15
C4 LDA U . 5.82 2.80 -44.24
C5 LDA U . 4.42 2.36 -43.82
C6 LDA U . 4.01 1.06 -44.53
C7 LDA U . 2.52 0.81 -44.53
C8 LDA U . 2.05 0.27 -45.87
C9 LDA U . 2.50 -1.18 -46.08
C10 LDA U . 2.66 -1.56 -47.56
C11 LDA U . 4.11 -1.79 -47.93
C12 LDA U . 4.32 -2.23 -49.36
#